data_9PGT
#
_entry.id   9PGT
#
_cell.length_a   93.800
_cell.length_b   156.660
_cell.length_c   118.870
_cell.angle_alpha   90.000
_cell.angle_beta   97.751
_cell.angle_gamma   90.000
#
_symmetry.space_group_name_H-M   'P 1 21 1'
#
loop_
_entity.id
_entity.type
_entity.pdbx_description
1 polymer 'HIV-1 capsid'
2 non-polymer N-[(1S)-1-[3-(4-chlorophenyl)pyridin-2-yl]-2-(3,5-difluorophenyl)ethyl]-2-(5-hydroxy-1H-indol-3-yl)acetamide
3 water water
#
_entity_poly.entity_id   1
_entity_poly.type   'polypeptide(L)'
_entity_poly.pdbx_seq_one_letter_code
;MPIVQNLQGQMVHQCISPRTLNAWVKVVEEKAFSPEVIPMFSALSCGATPQDLNTMLNTVGGHQAAMQMLKETINEEAAE
WDRLHPVHAGPIAPGQMREPRGSDIAGTTSTLQEQIGWMTHNPPIPVGEIYKRWIILGLNKIVRMYSPTSILDIRQGPKE
PFRDYVDRFYKTLRAEQASQEVKNAATETLLVQNANPDCKTILKALGPGATLEEMMTACQGVGGPGHKARVL
;
_entity_poly.pdbx_strand_id   A,B,C,D,E,F,G,H,I,J,K,L
#
loop_
_chem_comp.id
_chem_comp.type
_chem_comp.name
_chem_comp.formula
A1CH5 non-polymer N-[(1S)-1-[3-(4-chlorophenyl)pyridin-2-yl]-2-(3,5-difluorophenyl)ethyl]-2-(5-hydroxy-1H-indol-3-yl)acetamide 'C29 H22 Cl F2 N3 O2'
#
# COMPACT_ATOMS: atom_id res chain seq x y z
N PRO A 2 22.09 -6.07 -3.67
CA PRO A 2 21.55 -7.17 -2.86
C PRO A 2 20.06 -7.39 -3.07
N ILE A 3 19.57 -8.57 -2.71
CA ILE A 3 18.16 -8.91 -2.81
C ILE A 3 17.56 -8.79 -1.43
N VAL A 4 16.71 -7.78 -1.22
CA VAL A 4 16.13 -7.49 0.09
C VAL A 4 14.63 -7.73 0.05
N GLN A 5 13.91 -7.22 1.06
CA GLN A 5 12.48 -7.46 1.20
C GLN A 5 11.69 -6.17 1.01
N ASN A 6 10.94 -6.11 -0.07
CA ASN A 6 9.88 -5.12 -0.22
C ASN A 6 8.75 -5.43 0.76
N LEU A 7 8.00 -4.39 1.15
CA LEU A 7 7.01 -4.53 2.22
C LEU A 7 5.90 -5.51 1.89
N GLN A 8 5.69 -5.83 0.61
CA GLN A 8 4.82 -6.93 0.24
C GLN A 8 5.43 -8.29 0.51
N GLY A 9 6.36 -8.44 1.45
CA GLY A 9 7.10 -9.69 1.58
C GLY A 9 7.80 -10.15 0.31
N GLN A 10 7.96 -9.26 -0.68
CA GLN A 10 8.51 -9.64 -1.97
C GLN A 10 10.02 -9.45 -2.01
N MET A 11 10.71 -10.33 -2.71
CA MET A 11 12.17 -10.26 -2.83
C MET A 11 12.51 -9.43 -4.05
N VAL A 12 13.03 -8.23 -3.83
CA VAL A 12 13.39 -7.31 -4.90
C VAL A 12 14.90 -7.10 -4.89
N HIS A 13 15.41 -6.64 -6.02
CA HIS A 13 16.81 -6.27 -6.13
C HIS A 13 16.98 -4.79 -5.84
N GLN A 14 18.05 -4.46 -5.10
CA GLN A 14 18.38 -3.09 -4.78
C GLN A 14 19.85 -2.83 -5.08
N CYS A 15 20.16 -1.57 -5.37
CA CYS A 15 21.53 -1.17 -5.62
C CYS A 15 22.31 -1.14 -4.32
N ILE A 16 23.60 -1.50 -4.39
CA ILE A 16 24.46 -1.35 -3.23
C ILE A 16 24.57 0.12 -2.89
N SER A 17 24.39 0.45 -1.62
CA SER A 17 24.42 1.84 -1.20
C SER A 17 25.84 2.38 -1.25
N PRO A 18 26.00 3.69 -1.44
CA PRO A 18 27.34 4.28 -1.32
C PRO A 18 27.93 4.13 0.06
N ARG A 19 27.09 4.08 1.10
CA ARG A 19 27.61 3.91 2.45
C ARG A 19 28.24 2.53 2.63
N THR A 20 27.64 1.49 2.06
CA THR A 20 28.23 0.15 2.12
C THR A 20 29.51 0.09 1.31
N LEU A 21 29.49 0.63 0.09
CA LEU A 21 30.69 0.66 -0.75
C LEU A 21 31.85 1.31 -0.02
N ASN A 22 31.63 2.52 0.51
CA ASN A 22 32.69 3.23 1.20
C ASN A 22 33.12 2.49 2.46
N ALA A 23 32.18 1.86 3.15
CA ALA A 23 32.52 1.15 4.39
C ALA A 23 33.49 0.00 4.12
N TRP A 24 33.20 -0.83 3.11
CA TRP A 24 34.09 -1.94 2.79
C TRP A 24 35.45 -1.45 2.32
N VAL A 25 35.48 -0.35 1.56
CA VAL A 25 36.76 0.20 1.09
C VAL A 25 37.60 0.68 2.27
N LYS A 26 36.98 1.44 3.18
CA LYS A 26 37.71 1.96 4.33
C LYS A 26 38.16 0.85 5.26
N VAL A 27 37.40 -0.24 5.37
CA VAL A 27 37.80 -1.35 6.22
C VAL A 27 39.10 -1.97 5.71
N VAL A 28 39.22 -2.13 4.39
CA VAL A 28 40.43 -2.73 3.82
C VAL A 28 41.62 -1.79 3.96
N GLU A 29 41.41 -0.49 3.69
CA GLU A 29 42.52 0.45 3.77
C GLU A 29 43.07 0.58 5.19
N GLU A 30 42.22 0.46 6.20
CA GLU A 30 42.62 0.70 7.58
C GLU A 30 43.02 -0.57 8.32
N LYS A 31 42.42 -1.71 7.99
CA LYS A 31 42.64 -2.95 8.72
C LYS A 31 43.37 -4.02 7.91
N ALA A 32 43.65 -3.76 6.63
CA ALA A 32 44.34 -4.72 5.77
C ALA A 32 43.62 -6.06 5.79
N PHE A 33 44.31 -7.10 6.27
CA PHE A 33 43.72 -8.43 6.40
C PHE A 33 43.89 -8.95 7.82
N SER A 34 43.70 -8.06 8.80
CA SER A 34 43.48 -8.52 10.17
C SER A 34 42.25 -9.42 10.21
N PRO A 35 42.22 -10.41 11.11
CA PRO A 35 41.14 -11.42 11.05
C PRO A 35 39.73 -10.84 11.11
N GLU A 36 39.53 -9.67 11.72
CA GLU A 36 38.20 -9.11 11.85
C GLU A 36 37.68 -8.53 10.53
N VAL A 37 38.50 -8.48 9.49
CA VAL A 37 38.02 -8.01 8.19
C VAL A 37 37.03 -9.00 7.59
N ILE A 38 37.24 -10.30 7.81
CA ILE A 38 36.34 -11.30 7.24
C ILE A 38 34.91 -11.16 7.74
N PRO A 39 34.64 -11.10 9.05
CA PRO A 39 33.24 -10.92 9.47
C PRO A 39 32.65 -9.58 9.05
N MET A 40 33.50 -8.57 8.86
CA MET A 40 33.00 -7.30 8.33
C MET A 40 32.59 -7.44 6.87
N PHE A 41 33.34 -8.24 6.10
CA PHE A 41 32.97 -8.49 4.70
C PHE A 41 31.64 -9.22 4.61
N SER A 42 31.46 -10.27 5.43
CA SER A 42 30.24 -11.05 5.38
C SER A 42 29.02 -10.21 5.78
N ALA A 43 29.19 -9.34 6.79
CA ALA A 43 28.08 -8.51 7.24
C ALA A 43 27.73 -7.44 6.21
N LEU A 44 28.75 -6.82 5.60
CA LEU A 44 28.49 -5.80 4.59
C LEU A 44 27.98 -6.38 3.28
N SER A 45 28.08 -7.69 3.07
CA SER A 45 27.61 -8.34 1.87
C SER A 45 26.33 -9.16 2.13
N CYS A 46 25.55 -8.73 3.11
CA CYS A 46 24.32 -9.44 3.48
C CYS A 46 23.32 -9.37 2.33
N GLY A 47 22.88 -10.54 1.86
CA GLY A 47 21.91 -10.62 0.78
C GLY A 47 22.46 -10.34 -0.60
N ALA A 48 23.77 -10.43 -0.78
CA ALA A 48 24.39 -10.00 -2.02
C ALA A 48 24.27 -11.05 -3.11
N THR A 49 24.07 -10.58 -4.33
CA THR A 49 24.21 -11.43 -5.50
C THR A 49 25.69 -11.58 -5.84
N PRO A 50 26.05 -12.59 -6.63
CA PRO A 50 27.45 -12.69 -7.11
C PRO A 50 27.97 -11.41 -7.73
N GLN A 51 27.12 -10.65 -8.44
CA GLN A 51 27.55 -9.38 -9.00
C GLN A 51 27.94 -8.39 -7.92
N ASP A 52 27.20 -8.38 -6.80
CA ASP A 52 27.53 -7.49 -5.69
C ASP A 52 28.87 -7.86 -5.06
N LEU A 53 29.13 -9.16 -4.93
CA LEU A 53 30.38 -9.61 -4.33
C LEU A 53 31.57 -9.22 -5.21
N ASN A 54 31.44 -9.37 -6.52
CA ASN A 54 32.51 -8.97 -7.43
C ASN A 54 32.70 -7.46 -7.40
N THR A 55 31.61 -6.70 -7.28
CA THR A 55 31.73 -5.25 -7.12
C THR A 55 32.54 -4.90 -5.88
N MET A 56 32.28 -5.59 -4.77
CA MET A 56 33.00 -5.29 -3.54
C MET A 56 34.48 -5.64 -3.66
N LEU A 57 34.79 -6.81 -4.21
CA LEU A 57 36.19 -7.16 -4.43
C LEU A 57 36.87 -6.22 -5.42
N ASN A 58 36.11 -5.71 -6.41
CA ASN A 58 36.72 -4.86 -7.44
C ASN A 58 37.06 -3.48 -6.90
N THR A 59 36.28 -2.96 -5.95
CA THR A 59 36.57 -1.64 -5.41
C THR A 59 37.85 -1.60 -4.59
N VAL A 60 38.44 -2.75 -4.26
CA VAL A 60 39.70 -2.76 -3.52
C VAL A 60 40.80 -2.25 -4.43
N GLY A 61 41.48 -1.20 -4.00
CA GLY A 61 42.51 -0.59 -4.81
C GLY A 61 43.86 -1.29 -4.72
N GLY A 62 44.34 -1.49 -3.50
CA GLY A 62 45.61 -2.15 -3.26
C GLY A 62 45.44 -3.64 -3.03
N HIS A 63 46.44 -4.23 -2.38
CA HIS A 63 46.42 -5.65 -1.99
C HIS A 63 46.17 -6.55 -3.19
N GLN A 64 46.73 -6.18 -4.34
CA GLN A 64 46.44 -6.95 -5.56
C GLN A 64 47.09 -8.32 -5.55
N ALA A 65 48.08 -8.56 -4.67
CA ALA A 65 48.61 -9.90 -4.51
C ALA A 65 47.59 -10.81 -3.85
N ALA A 66 46.98 -10.32 -2.76
CA ALA A 66 45.94 -11.10 -2.10
C ALA A 66 44.76 -11.35 -3.02
N MET A 67 44.41 -10.36 -3.86
CA MET A 67 43.27 -10.52 -4.76
C MET A 67 43.53 -11.62 -5.79
N GLN A 68 44.76 -11.73 -6.28
CA GLN A 68 45.09 -12.81 -7.20
C GLN A 68 45.00 -14.17 -6.50
N MET A 69 45.47 -14.25 -5.26
CA MET A 69 45.32 -15.46 -4.47
C MET A 69 43.84 -15.80 -4.27
N LEU A 70 43.02 -14.79 -4.02
CA LEU A 70 41.58 -15.01 -3.88
C LEU A 70 40.99 -15.63 -5.13
N LYS A 71 41.40 -15.15 -6.31
CA LYS A 71 40.91 -15.73 -7.55
C LYS A 71 41.30 -17.19 -7.69
N GLU A 72 42.54 -17.53 -7.31
CA GLU A 72 43.00 -18.91 -7.44
C GLU A 72 42.22 -19.85 -6.54
N THR A 73 41.83 -19.38 -5.35
CA THR A 73 40.96 -20.18 -4.49
C THR A 73 39.56 -20.30 -5.07
N ILE A 74 39.02 -19.21 -5.59
CA ILE A 74 37.69 -19.24 -6.19
C ILE A 74 37.65 -20.21 -7.37
N ASN A 75 38.74 -20.27 -8.14
CA ASN A 75 38.78 -21.18 -9.28
C ASN A 75 38.89 -22.63 -8.85
N GLU A 76 39.55 -22.91 -7.73
CA GLU A 76 39.64 -24.30 -7.29
C GLU A 76 38.33 -24.77 -6.66
N GLU A 77 37.56 -23.86 -6.05
CA GLU A 77 36.25 -24.23 -5.52
C GLU A 77 35.23 -24.35 -6.64
N ALA A 78 35.33 -23.48 -7.66
CA ALA A 78 34.43 -23.58 -8.81
C ALA A 78 34.63 -24.88 -9.56
N ALA A 79 35.88 -25.35 -9.64
CA ALA A 79 36.14 -26.63 -10.28
C ALA A 79 35.50 -27.78 -9.52
N GLU A 80 35.52 -27.70 -8.18
CA GLU A 80 34.89 -28.74 -7.38
C GLU A 80 33.37 -28.71 -7.51
N TRP A 81 32.80 -27.52 -7.69
CA TRP A 81 31.35 -27.43 -7.89
C TRP A 81 30.94 -28.05 -9.22
N ASP A 82 31.73 -27.83 -10.27
CA ASP A 82 31.45 -28.45 -11.57
C ASP A 82 31.61 -29.96 -11.54
N ARG A 83 32.23 -30.50 -10.50
CA ARG A 83 32.29 -31.94 -10.27
C ARG A 83 31.07 -32.45 -9.53
N LEU A 84 30.77 -31.89 -8.35
CA LEU A 84 29.69 -32.39 -7.52
C LEU A 84 28.31 -32.02 -8.06
N HIS A 85 28.22 -30.99 -8.90
CA HIS A 85 26.95 -30.60 -9.53
C HIS A 85 27.21 -30.33 -11.01
N PRO A 86 27.42 -31.39 -11.81
CA PRO A 86 27.72 -31.24 -13.24
C PRO A 86 26.58 -30.57 -14.02
N GLY A 90 21.10 -26.47 -23.03
CA GLY A 90 20.15 -27.44 -22.54
C GLY A 90 18.76 -26.88 -22.34
N PRO A 91 17.74 -27.72 -22.50
CA PRO A 91 16.36 -27.24 -22.36
C PRO A 91 16.05 -26.82 -20.94
N ILE A 92 15.18 -25.81 -20.83
CA ILE A 92 14.76 -25.25 -19.56
C ILE A 92 13.24 -25.30 -19.48
N ALA A 93 12.72 -25.99 -18.48
CA ALA A 93 11.27 -26.10 -18.32
C ALA A 93 10.66 -24.72 -18.05
N PRO A 94 9.42 -24.50 -18.48
CA PRO A 94 8.77 -23.20 -18.26
C PRO A 94 8.61 -22.88 -16.77
N GLY A 95 8.86 -21.62 -16.44
CA GLY A 95 8.82 -21.19 -15.04
C GLY A 95 10.02 -21.60 -14.23
N GLN A 96 11.04 -22.21 -14.84
CA GLN A 96 12.21 -22.72 -14.16
C GLN A 96 13.46 -22.00 -14.67
N MET A 97 14.62 -22.47 -14.24
CA MET A 97 15.89 -21.85 -14.61
C MET A 97 16.95 -22.94 -14.83
N ARG A 98 18.03 -22.54 -15.50
CA ARG A 98 19.13 -23.45 -15.80
C ARG A 98 19.84 -23.87 -14.50
N GLU A 99 20.65 -24.92 -14.60
CA GLU A 99 21.43 -25.27 -13.42
C GLU A 99 22.77 -24.53 -13.43
N PRO A 100 23.20 -24.03 -12.27
CA PRO A 100 24.41 -23.17 -12.25
C PRO A 100 25.69 -23.97 -12.32
N ARG A 101 26.65 -23.44 -13.07
CA ARG A 101 28.01 -23.94 -13.09
C ARG A 101 28.88 -23.07 -12.19
N GLY A 102 30.13 -23.51 -11.99
CA GLY A 102 31.04 -22.77 -11.13
C GLY A 102 31.26 -21.34 -11.60
N SER A 103 31.39 -21.14 -12.91
CA SER A 103 31.56 -19.80 -13.45
C SER A 103 30.28 -18.96 -13.29
N ASP A 104 29.12 -19.62 -13.26
CA ASP A 104 27.88 -18.89 -13.02
C ASP A 104 27.80 -18.40 -11.58
N ILE A 105 28.25 -19.22 -10.62
CA ILE A 105 28.22 -18.81 -9.22
C ILE A 105 29.19 -17.66 -8.99
N ALA A 106 30.38 -17.72 -9.61
CA ALA A 106 31.35 -16.65 -9.45
C ALA A 106 30.99 -15.39 -10.22
N GLY A 107 30.01 -15.45 -11.13
CA GLY A 107 29.59 -14.27 -11.85
C GLY A 107 30.42 -13.96 -13.08
N THR A 108 31.23 -14.90 -13.56
CA THR A 108 32.03 -14.67 -14.74
C THR A 108 31.27 -14.95 -16.03
N THR A 109 30.28 -15.85 -15.99
CA THR A 109 29.50 -16.20 -17.17
C THR A 109 28.00 -16.01 -16.98
N SER A 110 27.56 -15.49 -15.84
CA SER A 110 26.15 -15.30 -15.56
C SER A 110 25.81 -13.81 -15.55
N THR A 111 24.52 -13.53 -15.70
CA THR A 111 24.00 -12.17 -15.68
C THR A 111 23.29 -11.89 -14.36
N LEU A 112 23.02 -10.61 -14.11
CA LEU A 112 22.23 -10.24 -12.94
C LEU A 112 20.82 -10.82 -13.00
N GLN A 113 20.26 -10.94 -14.21
CA GLN A 113 18.93 -11.54 -14.34
C GLN A 113 18.95 -13.01 -13.97
N GLU A 114 19.96 -13.74 -14.42
CA GLU A 114 20.10 -15.15 -14.05
C GLU A 114 20.35 -15.32 -12.55
N GLN A 115 21.10 -14.40 -11.95
CA GLN A 115 21.37 -14.51 -10.51
C GLN A 115 20.12 -14.20 -9.69
N ILE A 116 19.41 -13.12 -10.05
CA ILE A 116 18.17 -12.78 -9.35
C ILE A 116 17.18 -13.93 -9.44
N GLY A 117 17.08 -14.57 -10.60
CA GLY A 117 16.16 -15.68 -10.77
C GLY A 117 16.50 -16.87 -9.89
N TRP A 118 17.79 -17.18 -9.77
CA TRP A 118 18.20 -18.29 -8.91
C TRP A 118 17.90 -18.00 -7.45
N MET A 119 18.05 -16.75 -7.02
CA MET A 119 17.89 -16.39 -5.63
C MET A 119 16.45 -16.10 -5.23
N THR A 120 15.55 -15.91 -6.20
CA THR A 120 14.12 -15.75 -5.93
C THR A 120 13.31 -16.95 -6.41
N HIS A 121 13.97 -18.01 -6.88
CA HIS A 121 13.27 -19.22 -7.26
C HIS A 121 12.52 -19.80 -6.07
N ASN A 122 11.31 -20.31 -6.32
CA ASN A 122 10.54 -20.94 -5.26
C ASN A 122 11.25 -22.23 -4.80
N PRO A 123 11.88 -22.98 -5.71
CA PRO A 123 12.96 -23.86 -5.29
C PRO A 123 14.29 -23.12 -5.36
N PRO A 124 14.68 -22.42 -4.29
CA PRO A 124 15.74 -21.43 -4.40
C PRO A 124 17.13 -22.05 -4.47
N ILE A 125 18.04 -21.31 -5.10
CA ILE A 125 19.45 -21.65 -5.13
C ILE A 125 20.24 -20.41 -4.75
N PRO A 126 20.90 -20.38 -3.60
CA PRO A 126 21.62 -19.17 -3.14
C PRO A 126 23.03 -19.08 -3.71
N VAL A 127 23.11 -18.65 -4.98
CA VAL A 127 24.41 -18.54 -5.64
C VAL A 127 25.27 -17.48 -4.96
N GLY A 128 24.64 -16.46 -4.36
CA GLY A 128 25.41 -15.47 -3.62
C GLY A 128 26.01 -16.04 -2.34
N GLU A 129 25.28 -16.94 -1.67
CA GLU A 129 25.80 -17.55 -0.46
C GLU A 129 26.87 -18.58 -0.78
N ILE A 130 26.71 -19.33 -1.88
CA ILE A 130 27.72 -20.29 -2.29
C ILE A 130 29.00 -19.57 -2.68
N TYR A 131 28.88 -18.47 -3.44
CA TYR A 131 30.04 -17.69 -3.83
C TYR A 131 30.71 -17.06 -2.61
N LYS A 132 29.91 -16.53 -1.68
CA LYS A 132 30.49 -15.90 -0.49
C LYS A 132 31.29 -16.91 0.32
N ARG A 133 30.83 -18.16 0.39
CA ARG A 133 31.58 -19.18 1.11
C ARG A 133 32.93 -19.41 0.46
N TRP A 134 32.98 -19.41 -0.88
CA TRP A 134 34.25 -19.56 -1.58
C TRP A 134 35.17 -18.36 -1.30
N ILE A 135 34.61 -17.16 -1.28
CA ILE A 135 35.41 -15.97 -0.99
C ILE A 135 35.97 -16.02 0.41
N ILE A 136 35.15 -16.39 1.39
CA ILE A 136 35.61 -16.43 2.78
C ILE A 136 36.70 -17.48 2.95
N LEU A 137 36.58 -18.61 2.25
CA LEU A 137 37.63 -19.62 2.28
C LEU A 137 38.96 -19.05 1.80
N GLY A 138 38.93 -18.21 0.77
CA GLY A 138 40.15 -17.60 0.29
C GLY A 138 40.64 -16.48 1.20
N LEU A 139 39.71 -15.73 1.79
CA LEU A 139 40.10 -14.69 2.73
C LEU A 139 40.75 -15.27 3.98
N ASN A 140 40.33 -16.47 4.39
CA ASN A 140 40.98 -17.15 5.51
C ASN A 140 42.45 -17.41 5.20
N LYS A 141 42.73 -17.93 4.00
CA LYS A 141 44.11 -18.16 3.58
C LYS A 141 44.92 -16.86 3.61
N ILE A 142 44.34 -15.77 3.14
CA ILE A 142 45.03 -14.49 3.10
C ILE A 142 45.32 -13.99 4.51
N VAL A 143 44.37 -14.19 5.44
CA VAL A 143 44.60 -13.78 6.83
C VAL A 143 45.73 -14.60 7.45
N ARG A 144 45.76 -15.91 7.18
CA ARG A 144 46.88 -16.72 7.66
C ARG A 144 48.20 -16.23 7.10
N MET A 145 48.23 -15.88 5.81
CA MET A 145 49.46 -15.42 5.18
C MET A 145 49.94 -14.11 5.78
N TYR A 146 49.01 -13.19 6.05
CA TYR A 146 49.37 -11.87 6.55
C TYR A 146 49.75 -11.86 8.03
N SER A 147 49.54 -12.95 8.75
CA SER A 147 49.93 -13.00 10.15
C SER A 147 51.45 -13.05 10.27
N PRO A 148 52.09 -12.07 10.92
CA PRO A 148 53.56 -12.04 10.89
C PRO A 148 54.20 -13.17 11.69
N THR A 149 53.62 -13.52 12.83
CA THR A 149 54.25 -14.43 13.78
C THR A 149 53.42 -15.70 13.93
N SER A 150 54.11 -16.81 14.13
CA SER A 150 53.45 -18.07 14.46
C SER A 150 53.02 -18.06 15.92
N ILE A 151 52.06 -18.94 16.24
CA ILE A 151 51.60 -19.05 17.62
C ILE A 151 52.70 -19.59 18.53
N LEU A 152 53.67 -20.32 17.97
CA LEU A 152 54.76 -20.86 18.77
C LEU A 152 55.75 -19.79 19.22
N ASP A 153 55.84 -18.68 18.51
CA ASP A 153 56.80 -17.62 18.78
C ASP A 153 56.23 -16.51 19.64
N ILE A 154 54.99 -16.64 20.12
CA ILE A 154 54.39 -15.65 21.00
C ILE A 154 54.83 -15.96 22.42
N ARG A 155 55.71 -15.12 22.97
CA ARG A 155 56.27 -15.34 24.29
C ARG A 155 56.19 -14.06 25.10
N GLN A 156 55.75 -14.18 26.36
CA GLN A 156 55.60 -13.02 27.22
C GLN A 156 56.96 -12.41 27.53
N GLY A 157 57.02 -11.07 27.46
CA GLY A 157 58.22 -10.35 27.78
C GLY A 157 58.53 -10.40 29.26
N PRO A 158 59.75 -9.98 29.64
CA PRO A 158 60.09 -9.98 31.07
C PRO A 158 59.29 -8.98 31.87
N LYS A 159 59.05 -7.79 31.31
CA LYS A 159 58.28 -6.75 31.99
C LYS A 159 56.99 -6.44 31.24
N GLU A 160 56.45 -7.42 30.51
CA GLU A 160 55.19 -7.20 29.81
C GLU A 160 54.03 -7.76 30.61
N PRO A 161 52.95 -6.99 30.78
CA PRO A 161 51.80 -7.49 31.55
C PRO A 161 51.21 -8.74 30.93
N PHE A 162 50.62 -9.58 31.78
CA PHE A 162 50.01 -10.82 31.31
C PHE A 162 48.85 -10.55 30.37
N ARG A 163 48.13 -9.45 30.57
CA ARG A 163 47.00 -9.14 29.69
C ARG A 163 47.46 -8.88 28.27
N ASP A 164 48.51 -8.07 28.12
CA ASP A 164 49.02 -7.76 26.79
C ASP A 164 49.61 -8.99 26.10
N TYR A 165 50.17 -9.92 26.87
CA TYR A 165 50.69 -11.14 26.28
C TYR A 165 49.56 -12.05 25.79
N VAL A 166 48.49 -12.17 26.58
CA VAL A 166 47.36 -12.98 26.15
C VAL A 166 46.65 -12.33 24.97
N ASP A 167 46.65 -10.99 24.89
CA ASP A 167 46.09 -10.30 23.73
C ASP A 167 46.81 -10.71 22.46
N ARG A 168 48.14 -10.70 22.48
CA ARG A 168 48.90 -11.09 21.29
C ARG A 168 48.76 -12.57 21.01
N PHE A 169 48.64 -13.40 22.04
CA PHE A 169 48.51 -14.84 21.85
C PHE A 169 47.25 -15.17 21.07
N TYR A 170 46.09 -14.69 21.54
CA TYR A 170 44.82 -15.06 20.93
C TYR A 170 44.55 -14.33 19.62
N LYS A 171 45.15 -13.15 19.40
CA LYS A 171 45.02 -12.53 18.08
C LYS A 171 45.84 -13.29 17.04
N THR A 172 47.02 -13.78 17.43
CA THR A 172 47.78 -14.65 16.55
C THR A 172 47.04 -15.95 16.30
N LEU A 173 46.43 -16.51 17.35
CA LEU A 173 45.67 -17.76 17.20
C LEU A 173 44.47 -17.58 16.29
N ARG A 174 43.84 -16.39 16.32
CA ARG A 174 42.69 -16.15 15.46
C ARG A 174 43.09 -16.16 13.99
N ALA A 175 44.22 -15.52 13.67
CA ALA A 175 44.67 -15.47 12.29
C ALA A 175 45.06 -16.85 11.76
N GLU A 176 45.68 -17.68 12.61
CA GLU A 176 46.12 -18.98 12.15
C GLU A 176 44.95 -19.95 11.98
N GLN A 177 44.02 -19.95 12.94
CA GLN A 177 42.93 -20.91 12.93
C GLN A 177 41.75 -20.34 12.16
N ALA A 178 42.04 -19.55 11.13
CA ALA A 178 41.02 -18.84 10.35
C ALA A 178 40.00 -19.79 9.74
N ASN A 184 40.84 -25.67 23.68
CA ASN A 184 41.74 -26.75 23.32
C ASN A 184 42.91 -26.83 24.31
N ALA A 185 43.32 -28.06 24.65
CA ALA A 185 44.36 -28.24 25.65
C ALA A 185 45.74 -27.82 25.13
N ALA A 186 46.00 -27.99 23.84
CA ALA A 186 47.29 -27.60 23.29
C ALA A 186 47.51 -26.09 23.37
N THR A 187 46.44 -25.31 23.23
CA THR A 187 46.57 -23.86 23.34
C THR A 187 46.75 -23.44 24.79
N GLU A 188 46.10 -24.14 25.73
CA GLU A 188 46.26 -23.82 27.14
C GLU A 188 47.66 -24.14 27.63
N THR A 189 48.18 -25.32 27.26
CA THR A 189 49.54 -25.68 27.64
C THR A 189 50.56 -24.75 26.98
N LEU A 190 50.29 -24.32 25.74
CA LEU A 190 51.20 -23.40 25.07
C LEU A 190 51.14 -22.01 25.67
N LEU A 191 49.96 -21.59 26.14
CA LEU A 191 49.83 -20.26 26.73
C LEU A 191 50.63 -20.14 28.02
N VAL A 192 50.53 -21.14 28.89
CA VAL A 192 51.25 -21.09 30.16
C VAL A 192 52.74 -21.36 29.95
N GLN A 193 53.09 -22.15 28.93
CA GLN A 193 54.49 -22.51 28.71
C GLN A 193 55.32 -21.29 28.31
N ASN A 194 54.73 -20.33 27.60
CA ASN A 194 55.49 -19.19 27.08
C ASN A 194 55.23 -17.91 27.85
N ALA A 195 54.63 -17.99 29.03
CA ALA A 195 54.64 -16.84 29.93
C ALA A 195 56.05 -16.64 30.49
N ASN A 196 56.31 -15.42 30.97
CA ASN A 196 57.62 -15.16 31.55
C ASN A 196 57.79 -16.03 32.80
N PRO A 197 59.03 -16.33 33.20
CA PRO A 197 59.23 -17.38 34.21
C PRO A 197 58.51 -17.14 35.53
N ASP A 198 58.34 -15.88 35.93
CA ASP A 198 57.64 -15.58 37.18
C ASP A 198 56.16 -15.92 37.05
N CYS A 199 55.47 -15.22 36.16
CA CYS A 199 54.07 -15.50 35.84
C CYS A 199 53.86 -16.98 35.56
N LYS A 200 54.84 -17.62 34.92
CA LYS A 200 54.74 -19.04 34.58
C LYS A 200 54.60 -19.89 35.83
N THR A 201 55.41 -19.62 36.85
CA THR A 201 55.37 -20.42 38.08
C THR A 201 54.02 -20.28 38.77
N ILE A 202 53.49 -19.06 38.86
CA ILE A 202 52.19 -18.86 39.51
C ILE A 202 51.09 -19.56 38.73
N LEU A 203 51.21 -19.61 37.40
CA LEU A 203 50.23 -20.34 36.61
C LEU A 203 50.31 -21.84 36.88
N LYS A 204 51.52 -22.36 37.10
CA LYS A 204 51.65 -23.76 37.50
C LYS A 204 51.14 -23.99 38.91
N ALA A 205 51.23 -22.97 39.77
CA ALA A 205 50.79 -23.11 41.16
C ALA A 205 49.28 -23.09 41.29
N LEU A 206 48.58 -22.42 40.37
CA LEU A 206 47.12 -22.41 40.40
C LEU A 206 46.53 -23.79 40.15
N GLY A 207 47.31 -24.72 39.61
CA GLY A 207 46.79 -26.02 39.26
C GLY A 207 46.23 -26.03 37.85
N PRO A 208 45.72 -27.17 37.42
CA PRO A 208 45.14 -27.29 36.08
C PRO A 208 43.67 -26.90 36.06
N GLY A 209 43.13 -26.81 34.84
CA GLY A 209 41.72 -26.53 34.65
C GLY A 209 41.25 -25.17 35.12
N ALA A 210 42.15 -24.22 35.30
CA ALA A 210 41.77 -22.89 35.76
C ALA A 210 41.30 -22.03 34.58
N THR A 211 40.26 -21.26 34.81
CA THR A 211 39.74 -20.38 33.78
C THR A 211 40.73 -19.27 33.46
N LEU A 212 40.59 -18.70 32.25
CA LEU A 212 41.46 -17.60 31.86
C LEU A 212 41.30 -16.41 32.80
N GLU A 213 40.08 -16.16 33.26
CA GLU A 213 39.86 -15.07 34.22
C GLU A 213 40.69 -15.29 35.48
N GLU A 214 40.79 -16.54 35.94
CA GLU A 214 41.57 -16.85 37.13
C GLU A 214 43.06 -16.67 36.88
N MET A 215 43.55 -17.11 35.73
CA MET A 215 44.97 -16.97 35.43
C MET A 215 45.38 -15.51 35.33
N MET A 216 44.51 -14.67 34.78
CA MET A 216 44.91 -13.28 34.54
C MET A 216 44.88 -12.47 35.83
N THR A 217 43.95 -12.77 36.74
CA THR A 217 43.91 -12.03 38.00
C THR A 217 45.01 -12.51 38.94
N ALA A 218 45.48 -13.75 38.80
CA ALA A 218 46.58 -14.25 39.61
C ALA A 218 47.92 -13.74 39.09
N CYS A 219 48.07 -13.65 37.78
CA CYS A 219 49.26 -13.11 37.14
C CYS A 219 49.29 -11.58 37.13
N GLN A 220 48.30 -10.93 37.76
CA GLN A 220 48.20 -9.47 37.67
C GLN A 220 49.33 -8.75 38.41
N GLY A 221 50.05 -9.45 39.27
CA GLY A 221 51.12 -8.83 40.04
C GLY A 221 52.19 -8.13 39.22
N PRO B 2 18.80 -8.07 12.34
CA PRO B 2 17.81 -8.12 13.42
C PRO B 2 16.40 -8.40 12.90
N ILE B 3 15.45 -8.56 13.81
CA ILE B 3 14.05 -8.80 13.48
C ILE B 3 13.28 -7.51 13.72
N VAL B 4 12.65 -6.97 12.67
CA VAL B 4 11.97 -5.70 12.72
C VAL B 4 10.53 -5.87 12.23
N GLN B 5 9.75 -4.80 12.34
CA GLN B 5 8.35 -4.81 11.98
C GLN B 5 8.16 -4.35 10.54
N ASN B 6 7.45 -5.14 9.75
CA ASN B 6 7.03 -4.76 8.41
C ASN B 6 5.76 -3.91 8.50
N LEU B 7 5.53 -3.12 7.45
CA LEU B 7 4.25 -2.42 7.32
C LEU B 7 3.08 -3.38 7.14
N GLN B 8 3.37 -4.64 6.76
CA GLN B 8 2.37 -5.70 6.76
C GLN B 8 2.14 -6.29 8.14
N GLY B 9 2.81 -5.77 9.17
CA GLY B 9 2.67 -6.27 10.52
C GLY B 9 3.42 -7.53 10.83
N GLN B 10 4.24 -8.03 9.90
CA GLN B 10 4.99 -9.27 10.11
C GLN B 10 6.40 -8.96 10.58
N MET B 11 6.91 -9.81 11.47
CA MET B 11 8.28 -9.70 11.95
C MET B 11 9.20 -10.25 10.87
N VAL B 12 9.99 -9.38 10.24
CA VAL B 12 10.87 -9.77 9.14
C VAL B 12 12.31 -9.54 9.55
N HIS B 13 13.20 -10.29 8.91
CA HIS B 13 14.64 -10.20 9.17
C HIS B 13 15.25 -9.14 8.27
N GLN B 14 16.04 -8.24 8.86
CA GLN B 14 16.76 -7.22 8.14
C GLN B 14 18.26 -7.41 8.35
N CYS B 15 19.03 -7.04 7.34
CA CYS B 15 20.48 -7.02 7.47
C CYS B 15 20.90 -5.96 8.47
N ILE B 16 21.94 -6.26 9.26
CA ILE B 16 22.48 -5.25 10.16
C ILE B 16 23.05 -4.11 9.33
N SER B 17 22.77 -2.88 9.75
CA SER B 17 23.13 -1.76 8.90
C SER B 17 24.62 -1.43 9.03
N PRO B 18 25.22 -0.90 7.96
CA PRO B 18 26.64 -0.50 8.06
C PRO B 18 26.89 0.59 9.09
N ARG B 19 25.94 1.50 9.29
CA ARG B 19 26.13 2.52 10.31
C ARG B 19 26.15 1.93 11.71
N THR B 20 25.37 0.86 11.94
CA THR B 20 25.39 0.21 13.25
C THR B 20 26.70 -0.55 13.46
N LEU B 21 27.20 -1.20 12.42
CA LEU B 21 28.49 -1.89 12.51
C LEU B 21 29.62 -0.93 12.83
N ASN B 22 29.65 0.21 12.12
CA ASN B 22 30.72 1.16 12.32
C ASN B 22 30.62 1.86 13.67
N ALA B 23 29.40 2.11 14.16
CA ALA B 23 29.23 2.71 15.47
C ALA B 23 29.75 1.80 16.58
N TRP B 24 29.54 0.49 16.45
CA TRP B 24 30.00 -0.43 17.48
C TRP B 24 31.53 -0.56 17.46
N VAL B 25 32.12 -0.59 16.28
CA VAL B 25 33.58 -0.63 16.16
C VAL B 25 34.20 0.64 16.73
N LYS B 26 33.58 1.80 16.44
CA LYS B 26 34.10 3.06 16.96
C LYS B 26 34.04 3.11 18.48
N VAL B 27 32.97 2.58 19.05
CA VAL B 27 32.81 2.62 20.51
C VAL B 27 33.91 1.79 21.18
N VAL B 28 34.15 0.59 20.68
CA VAL B 28 35.17 -0.27 21.26
C VAL B 28 36.56 0.34 21.12
N GLU B 29 36.83 0.99 19.97
CA GLU B 29 38.17 1.52 19.75
C GLU B 29 38.43 2.78 20.57
N GLU B 30 37.40 3.58 20.84
CA GLU B 30 37.59 4.83 21.56
C GLU B 30 37.37 4.70 23.06
N LYS B 31 36.61 3.69 23.51
CA LYS B 31 36.26 3.55 24.91
C LYS B 31 36.75 2.25 25.53
N ALA B 32 37.30 1.32 24.74
CA ALA B 32 37.71 0.01 25.21
C ALA B 32 36.57 -0.68 25.94
N PHE B 33 36.75 -0.95 27.24
CA PHE B 33 35.71 -1.54 28.06
C PHE B 33 35.37 -0.64 29.24
N SER B 34 35.29 0.66 28.98
CA SER B 34 34.71 1.57 29.93
C SER B 34 33.26 1.16 30.19
N PRO B 35 32.73 1.42 31.39
CA PRO B 35 31.39 0.90 31.73
C PRO B 35 30.30 1.24 30.72
N GLU B 36 30.32 2.46 30.16
CA GLU B 36 29.25 2.90 29.27
C GLU B 36 29.25 2.15 27.92
N VAL B 37 30.20 1.26 27.68
CA VAL B 37 30.21 0.51 26.43
C VAL B 37 29.12 -0.54 26.42
N ILE B 38 28.77 -1.09 27.58
CA ILE B 38 27.79 -2.17 27.68
C ILE B 38 26.39 -1.67 27.32
N PRO B 39 25.89 -0.56 27.87
CA PRO B 39 24.58 -0.08 27.41
C PRO B 39 24.57 0.31 25.94
N MET B 40 25.69 0.81 25.42
CA MET B 40 25.76 1.11 23.99
C MET B 40 25.70 -0.17 23.17
N PHE B 41 26.29 -1.25 23.66
CA PHE B 41 26.21 -2.53 22.96
C PHE B 41 24.77 -3.03 22.93
N SER B 42 24.07 -2.95 24.06
CA SER B 42 22.69 -3.40 24.13
C SER B 42 21.79 -2.58 23.21
N ALA B 43 22.02 -1.27 23.15
CA ALA B 43 21.18 -0.43 22.30
C ALA B 43 21.44 -0.67 20.82
N LEU B 44 22.72 -0.80 20.44
CA LEU B 44 23.06 -1.05 19.05
C LEU B 44 22.66 -2.45 18.58
N SER B 45 22.35 -3.36 19.50
CA SER B 45 21.95 -4.72 19.14
C SER B 45 20.46 -4.96 19.40
N CYS B 46 19.65 -3.91 19.31
CA CYS B 46 18.22 -4.03 19.54
C CYS B 46 17.58 -4.89 18.46
N GLY B 47 16.87 -5.94 18.89
CA GLY B 47 16.24 -6.88 17.98
C GLY B 47 17.17 -7.87 17.33
N ALA B 48 18.41 -7.99 17.80
CA ALA B 48 19.41 -8.79 17.11
C ALA B 48 19.17 -10.28 17.28
N THR B 49 19.38 -11.02 16.20
CA THR B 49 19.45 -12.48 16.25
C THR B 49 20.80 -12.90 16.82
N PRO B 50 20.94 -14.16 17.24
CA PRO B 50 22.26 -14.64 17.66
C PRO B 50 23.35 -14.44 16.61
N GLN B 51 23.02 -14.60 15.34
CA GLN B 51 24.00 -14.36 14.28
C GLN B 51 24.46 -12.91 14.28
N ASP B 52 23.54 -11.96 14.49
CA ASP B 52 23.92 -10.54 14.53
C ASP B 52 24.82 -10.26 15.72
N LEU B 53 24.54 -10.88 16.87
CA LEU B 53 25.37 -10.66 18.04
C LEU B 53 26.78 -11.21 17.81
N ASN B 54 26.89 -12.37 17.15
CA ASN B 54 28.21 -12.90 16.85
C ASN B 54 28.96 -12.02 15.86
N THR B 55 28.25 -11.40 14.91
CA THR B 55 28.89 -10.48 13.98
C THR B 55 29.48 -9.29 14.72
N MET B 56 28.72 -8.71 15.65
CA MET B 56 29.23 -7.58 16.42
C MET B 56 30.46 -7.97 17.24
N LEU B 57 30.43 -9.13 17.88
CA LEU B 57 31.59 -9.56 18.65
C LEU B 57 32.78 -9.84 17.73
N ASN B 58 32.52 -10.39 16.54
CA ASN B 58 33.61 -10.72 15.62
C ASN B 58 34.30 -9.48 15.05
N THR B 59 33.63 -8.33 15.01
CA THR B 59 34.25 -7.14 14.45
C THR B 59 35.19 -6.44 15.43
N VAL B 60 35.30 -6.93 16.66
CA VAL B 60 36.25 -6.36 17.61
C VAL B 60 37.66 -6.75 17.19
N GLY B 61 38.52 -5.75 17.02
CA GLY B 61 39.89 -5.99 16.59
C GLY B 61 40.78 -6.59 17.66
N GLY B 62 41.22 -5.77 18.61
CA GLY B 62 42.07 -6.22 19.69
C GLY B 62 41.28 -6.84 20.82
N HIS B 63 41.79 -6.67 22.04
CA HIS B 63 41.12 -7.13 23.27
C HIS B 63 40.79 -8.62 23.23
N GLN B 64 41.64 -9.41 22.57
CA GLN B 64 41.31 -10.82 22.37
C GLN B 64 41.39 -11.63 23.65
N ALA B 65 42.13 -11.16 24.66
CA ALA B 65 42.06 -11.80 25.98
C ALA B 65 40.66 -11.67 26.56
N ALA B 66 40.10 -10.46 26.50
CA ALA B 66 38.73 -10.26 26.97
C ALA B 66 37.73 -11.05 26.13
N MET B 67 37.97 -11.15 24.83
CA MET B 67 37.06 -11.90 23.97
C MET B 67 37.06 -13.38 24.32
N GLN B 68 38.24 -13.94 24.63
CA GLN B 68 38.30 -15.32 25.06
C GLN B 68 37.63 -15.51 26.41
N MET B 69 37.82 -14.56 27.34
CA MET B 69 37.08 -14.59 28.61
C MET B 69 35.59 -14.56 28.38
N LEU B 70 35.13 -13.74 27.42
CA LEU B 70 33.71 -13.66 27.11
C LEU B 70 33.19 -15.00 26.60
N LYS B 71 33.97 -15.68 25.76
CA LYS B 71 33.58 -16.99 25.28
C LYS B 71 33.44 -17.98 26.43
N GLU B 72 34.35 -17.93 27.41
CA GLU B 72 34.27 -18.84 28.54
C GLU B 72 33.02 -18.58 29.37
N THR B 73 32.63 -17.32 29.53
CA THR B 73 31.38 -17.00 30.21
C THR B 73 30.18 -17.52 29.42
N ILE B 74 30.18 -17.28 28.11
CA ILE B 74 29.09 -17.78 27.27
C ILE B 74 29.00 -19.30 27.35
N ASN B 75 30.15 -19.97 27.33
CA ASN B 75 30.17 -21.43 27.44
C ASN B 75 29.54 -21.90 28.74
N GLU B 76 29.84 -21.21 29.84
CA GLU B 76 29.28 -21.61 31.13
C GLU B 76 27.79 -21.37 31.19
N GLU B 77 27.32 -20.24 30.64
CA GLU B 77 25.89 -19.96 30.63
C GLU B 77 25.15 -20.96 29.75
N ALA B 78 25.77 -21.39 28.65
CA ALA B 78 25.14 -22.38 27.78
C ALA B 78 25.07 -23.73 28.46
N ALA B 79 26.09 -24.08 29.25
CA ALA B 79 26.08 -25.33 29.98
C ALA B 79 25.01 -25.31 31.07
N GLU B 80 24.88 -24.19 31.79
CA GLU B 80 23.84 -24.08 32.80
C GLU B 80 22.45 -24.08 32.17
N TRP B 81 22.32 -23.50 30.98
CA TRP B 81 21.04 -23.56 30.27
C TRP B 81 20.66 -25.00 29.98
N ASP B 82 21.63 -25.83 29.61
CA ASP B 82 21.33 -27.23 29.30
C ASP B 82 20.92 -27.99 30.56
N ARG B 83 21.57 -27.72 31.69
CA ARG B 83 21.19 -28.39 32.93
C ARG B 83 19.81 -27.95 33.41
N LEU B 84 19.40 -26.73 33.09
CA LEU B 84 18.08 -26.23 33.48
C LEU B 84 16.99 -26.57 32.47
N HIS B 85 17.35 -27.09 31.29
CA HIS B 85 16.39 -27.51 30.27
C HIS B 85 16.75 -28.90 29.79
N PRO B 86 16.52 -29.93 30.62
CA PRO B 86 16.81 -31.30 30.20
C PRO B 86 15.69 -31.91 29.38
N ALA B 93 4.66 -36.00 21.33
CA ALA B 93 3.70 -35.06 20.76
C ALA B 93 3.92 -34.90 19.26
N PRO B 94 2.82 -34.88 18.49
CA PRO B 94 2.94 -34.64 17.04
C PRO B 94 2.93 -33.16 16.70
N GLY B 95 4.06 -32.65 16.22
CA GLY B 95 4.24 -31.23 16.02
C GLY B 95 5.00 -30.52 17.12
N GLN B 96 5.60 -31.27 18.05
CA GLN B 96 6.40 -30.67 19.11
C GLN B 96 7.66 -30.05 18.51
N MET B 97 7.85 -28.75 18.71
CA MET B 97 8.99 -28.06 18.15
C MET B 97 10.25 -28.35 18.96
N ARG B 98 11.35 -28.59 18.25
CA ARG B 98 12.64 -28.78 18.90
C ARG B 98 13.08 -27.47 19.53
N GLU B 99 13.36 -27.50 20.81
CA GLU B 99 13.78 -26.36 21.60
C GLU B 99 15.30 -26.19 21.52
N PRO B 100 15.79 -24.96 21.62
CA PRO B 100 17.22 -24.73 21.43
C PRO B 100 18.04 -25.19 22.62
N ARG B 101 19.25 -25.68 22.32
CA ARG B 101 20.22 -25.95 23.36
C ARG B 101 21.08 -24.71 23.56
N GLY B 102 22.00 -24.78 24.52
CA GLY B 102 22.88 -23.65 24.77
C GLY B 102 23.66 -23.24 23.53
N SER B 103 24.10 -24.22 22.75
CA SER B 103 24.86 -23.92 21.53
C SER B 103 23.97 -23.32 20.45
N ASP B 104 22.67 -23.66 20.45
CA ASP B 104 21.76 -23.04 19.50
C ASP B 104 21.54 -21.57 19.81
N ILE B 105 21.35 -21.24 21.09
CA ILE B 105 21.19 -19.85 21.49
C ILE B 105 22.44 -19.05 21.18
N ALA B 106 23.62 -19.59 21.48
CA ALA B 106 24.87 -18.92 21.18
C ALA B 106 25.17 -18.85 19.69
N GLY B 107 24.48 -19.64 18.87
CA GLY B 107 24.64 -19.57 17.43
C GLY B 107 25.74 -20.43 16.85
N THR B 108 26.33 -21.34 17.64
CA THR B 108 27.38 -22.23 17.13
C THR B 108 26.84 -23.45 16.41
N THR B 109 25.62 -23.89 16.75
CA THR B 109 25.02 -25.06 16.13
C THR B 109 23.66 -24.78 15.50
N SER B 110 23.29 -23.51 15.32
CA SER B 110 22.00 -23.14 14.78
C SER B 110 22.19 -22.25 13.56
N THR B 111 21.29 -22.40 12.59
CA THR B 111 21.28 -21.57 11.40
C THR B 111 20.47 -20.29 11.66
N LEU B 112 20.59 -19.33 10.74
CA LEU B 112 19.78 -18.12 10.82
C LEU B 112 18.30 -18.46 10.73
N GLN B 113 17.94 -19.40 9.85
CA GLN B 113 16.55 -19.79 9.69
C GLN B 113 16.00 -20.41 10.97
N GLU B 114 16.79 -21.22 11.66
CA GLU B 114 16.36 -21.78 12.94
C GLU B 114 16.21 -20.69 13.99
N GLN B 115 17.14 -19.72 14.00
CA GLN B 115 17.06 -18.63 14.97
C GLN B 115 15.81 -17.79 14.75
N ILE B 116 15.49 -17.50 13.49
CA ILE B 116 14.26 -16.77 13.18
C ILE B 116 13.04 -17.58 13.58
N GLY B 117 13.09 -18.90 13.39
CA GLY B 117 11.96 -19.74 13.75
C GLY B 117 11.61 -19.66 15.23
N TRP B 118 12.63 -19.74 16.09
CA TRP B 118 12.38 -19.63 17.52
C TRP B 118 11.88 -18.25 17.90
N MET B 119 12.51 -17.20 17.37
CA MET B 119 12.18 -15.84 17.80
C MET B 119 10.78 -15.42 17.35
N THR B 120 10.31 -15.90 16.21
CA THR B 120 9.00 -15.52 15.67
C THR B 120 7.97 -16.62 15.84
N HIS B 121 8.23 -17.61 16.69
CA HIS B 121 7.28 -18.67 16.94
C HIS B 121 6.15 -18.16 17.85
N ASN B 122 5.05 -18.91 17.88
CA ASN B 122 3.93 -18.61 18.77
C ASN B 122 3.65 -19.84 19.63
N PRO B 123 4.09 -19.87 20.90
CA PRO B 123 4.82 -18.82 21.62
C PRO B 123 6.29 -18.74 21.24
N PRO B 124 6.92 -17.57 21.39
CA PRO B 124 8.30 -17.41 20.93
C PRO B 124 9.33 -17.81 21.98
N ILE B 125 10.52 -18.13 21.49
CA ILE B 125 11.70 -18.32 22.31
C ILE B 125 12.73 -17.29 21.88
N PRO B 126 12.91 -16.22 22.67
CA PRO B 126 13.80 -15.10 22.27
C PRO B 126 15.28 -15.43 22.44
N VAL B 127 15.80 -16.25 21.51
CA VAL B 127 17.18 -16.70 21.59
C VAL B 127 18.15 -15.54 21.48
N GLY B 128 17.77 -14.47 20.78
CA GLY B 128 18.62 -13.29 20.73
C GLY B 128 18.70 -12.58 22.07
N GLU B 129 17.56 -12.46 22.75
CA GLU B 129 17.53 -11.82 24.06
C GLU B 129 18.24 -12.68 25.11
N ILE B 130 18.09 -14.00 25.02
CA ILE B 130 18.78 -14.89 25.94
C ILE B 130 20.29 -14.79 25.73
N TYR B 131 20.73 -14.88 24.47
CA TYR B 131 22.15 -14.78 24.16
C TYR B 131 22.71 -13.43 24.59
N LYS B 132 21.96 -12.36 24.37
CA LYS B 132 22.43 -11.04 24.77
C LYS B 132 22.61 -10.94 26.27
N ARG B 133 21.78 -11.66 27.03
CA ARG B 133 21.92 -11.69 28.49
C ARG B 133 23.25 -12.32 28.89
N TRP B 134 23.63 -13.42 28.22
CA TRP B 134 24.92 -14.05 28.52
C TRP B 134 26.08 -13.14 28.15
N ILE B 135 25.98 -12.45 27.01
CA ILE B 135 27.06 -11.56 26.57
C ILE B 135 27.24 -10.41 27.55
N ILE B 136 26.14 -9.80 28.00
CA ILE B 136 26.25 -8.68 28.91
C ILE B 136 26.84 -9.12 30.25
N LEU B 137 26.53 -10.35 30.70
CA LEU B 137 27.16 -10.87 31.91
C LEU B 137 28.67 -10.96 31.75
N GLY B 138 29.13 -11.49 30.61
CA GLY B 138 30.56 -11.58 30.38
C GLY B 138 31.21 -10.22 30.21
N LEU B 139 30.50 -9.28 29.58
CA LEU B 139 31.03 -7.93 29.43
C LEU B 139 31.15 -7.24 30.80
N ASN B 140 30.21 -7.53 31.70
CA ASN B 140 30.30 -7.01 33.06
C ASN B 140 31.54 -7.52 33.76
N LYS B 141 31.87 -8.80 33.58
CA LYS B 141 33.11 -9.33 34.14
C LYS B 141 34.32 -8.60 33.57
N ILE B 142 34.33 -8.35 32.26
CA ILE B 142 35.49 -7.72 31.64
C ILE B 142 35.65 -6.28 32.12
N VAL B 143 34.53 -5.55 32.24
CA VAL B 143 34.60 -4.17 32.72
C VAL B 143 35.18 -4.12 34.13
N ARG B 144 34.74 -5.02 35.00
CA ARG B 144 35.23 -5.05 36.38
C ARG B 144 36.72 -5.35 36.43
N MET B 145 37.16 -6.37 35.71
CA MET B 145 38.59 -6.71 35.70
C MET B 145 39.42 -5.60 35.09
N TYR B 146 38.90 -4.93 34.07
CA TYR B 146 39.63 -3.86 33.39
C TYR B 146 39.68 -2.56 34.20
N SER B 147 38.87 -2.44 35.24
CA SER B 147 38.88 -1.22 36.05
C SER B 147 40.25 -1.04 36.70
N PRO B 148 40.95 0.07 36.45
CA PRO B 148 42.33 0.21 36.92
C PRO B 148 42.42 0.40 38.43
N THR B 149 41.59 1.29 38.97
CA THR B 149 41.71 1.76 40.34
C THR B 149 40.60 1.18 41.21
N SER B 150 40.95 0.85 42.44
CA SER B 150 39.96 0.47 43.45
C SER B 150 39.24 1.71 43.97
N ILE B 151 37.98 1.52 44.36
CA ILE B 151 37.20 2.63 44.91
C ILE B 151 37.83 3.14 46.20
N LEU B 152 38.57 2.29 46.91
CA LEU B 152 39.20 2.70 48.16
C LEU B 152 40.37 3.65 47.94
N ASP B 153 40.90 3.72 46.71
CA ASP B 153 42.05 4.54 46.41
C ASP B 153 41.70 5.88 45.77
N ILE B 154 40.40 6.20 45.67
CA ILE B 154 39.96 7.46 45.10
C ILE B 154 39.90 8.49 46.22
N ARG B 155 40.84 9.45 46.19
CA ARG B 155 40.97 10.44 47.25
C ARG B 155 41.04 11.83 46.63
N GLN B 156 40.36 12.79 47.25
CA GLN B 156 40.34 14.14 46.74
C GLN B 156 41.69 14.82 46.95
N GLY B 157 42.21 15.43 45.89
CA GLY B 157 43.43 16.18 45.97
C GLY B 157 43.28 17.43 46.80
N PRO B 158 44.40 17.96 47.30
CA PRO B 158 44.31 19.18 48.12
C PRO B 158 43.85 20.40 47.35
N LYS B 159 44.07 20.43 46.03
CA LYS B 159 43.62 21.53 45.18
C LYS B 159 42.62 21.04 44.14
N GLU B 160 42.07 19.84 44.31
CA GLU B 160 41.10 19.30 43.36
C GLU B 160 39.69 19.76 43.72
N PRO B 161 38.95 20.33 42.77
CA PRO B 161 37.56 20.71 43.06
C PRO B 161 36.73 19.49 43.44
N PHE B 162 35.82 19.69 44.39
CA PHE B 162 35.02 18.58 44.90
C PHE B 162 34.25 17.87 43.79
N ARG B 163 33.79 18.61 42.78
CA ARG B 163 33.00 17.99 41.71
C ARG B 163 33.84 17.01 40.90
N ASP B 164 35.09 17.39 40.59
CA ASP B 164 35.97 16.48 39.85
C ASP B 164 36.27 15.22 40.66
N TYR B 165 36.40 15.36 41.98
CA TYR B 165 36.62 14.19 42.84
C TYR B 165 35.43 13.26 42.83
N VAL B 166 34.21 13.81 42.90
CA VAL B 166 33.02 12.97 42.86
C VAL B 166 32.85 12.33 41.49
N ASP B 167 33.25 13.02 40.42
CA ASP B 167 33.21 12.40 39.08
C ASP B 167 34.09 11.17 39.02
N ARG B 168 35.34 11.28 39.49
CA ARG B 168 36.23 10.13 39.50
C ARG B 168 35.68 9.03 40.42
N PHE B 169 35.11 9.42 41.56
CA PHE B 169 34.60 8.44 42.52
C PHE B 169 33.49 7.60 41.90
N TYR B 170 32.44 8.24 41.38
CA TYR B 170 31.31 7.47 40.89
C TYR B 170 31.61 6.78 39.56
N LYS B 171 32.53 7.32 38.76
CA LYS B 171 32.93 6.58 37.56
C LYS B 171 33.71 5.32 37.94
N THR B 172 34.55 5.40 38.97
CA THR B 172 35.25 4.22 39.45
C THR B 172 34.27 3.21 40.03
N LEU B 173 33.31 3.69 40.82
CA LEU B 173 32.30 2.80 41.39
C LEU B 173 31.51 2.09 40.30
N ARG B 174 31.24 2.79 39.19
CA ARG B 174 30.49 2.17 38.08
C ARG B 174 31.26 1.02 37.46
N ALA B 175 32.58 1.19 37.27
CA ALA B 175 33.37 0.11 36.69
C ALA B 175 33.48 -1.08 37.65
N GLU B 176 33.59 -0.81 38.95
CA GLU B 176 33.80 -1.90 39.91
C GLU B 176 32.53 -2.69 40.17
N GLN B 177 31.36 -2.06 40.06
CA GLN B 177 30.10 -2.77 40.16
C GLN B 177 29.48 -3.07 38.80
N ALA B 178 30.18 -2.75 37.71
CA ALA B 178 29.70 -2.99 36.34
C ALA B 178 28.32 -2.39 36.09
N SER B 179 28.09 -1.19 36.65
CA SER B 179 26.86 -0.41 36.51
C SER B 179 25.68 -0.99 37.28
N GLN B 180 25.94 -1.78 38.32
CA GLN B 180 24.88 -2.28 39.20
C GLN B 180 24.77 -1.38 40.42
N GLU B 181 23.58 -1.38 41.01
CA GLU B 181 23.29 -0.51 42.15
C GLU B 181 24.05 -0.94 43.40
N ASN B 184 23.33 3.65 48.36
CA ASN B 184 24.01 3.12 49.54
C ASN B 184 24.74 4.22 50.32
N ALA B 185 24.48 4.29 51.63
CA ALA B 185 25.23 5.19 52.50
C ALA B 185 26.65 4.69 52.76
N ALA B 186 26.92 3.41 52.47
CA ALA B 186 28.29 2.92 52.55
C ALA B 186 29.18 3.57 51.52
N THR B 187 28.63 3.90 50.34
CA THR B 187 29.39 4.69 49.38
C THR B 187 29.48 6.15 49.82
N GLU B 188 28.45 6.65 50.51
CA GLU B 188 28.49 8.02 51.01
C GLU B 188 29.58 8.20 52.07
N THR B 189 29.78 7.18 52.92
CA THR B 189 30.80 7.31 53.96
C THR B 189 32.20 7.25 53.36
N LEU B 190 32.41 6.39 52.36
CA LEU B 190 33.69 6.38 51.68
C LEU B 190 33.93 7.68 50.92
N LEU B 191 32.85 8.29 50.40
CA LEU B 191 32.99 9.56 49.68
C LEU B 191 33.38 10.69 50.62
N VAL B 192 32.74 10.75 51.80
CA VAL B 192 33.08 11.78 52.78
C VAL B 192 34.46 11.52 53.38
N GLN B 193 34.76 10.25 53.68
CA GLN B 193 36.03 9.91 54.33
C GLN B 193 37.23 10.27 53.46
N ASN B 194 37.11 10.13 52.14
CA ASN B 194 38.23 10.37 51.24
C ASN B 194 38.22 11.77 50.62
N ALA B 195 37.33 12.65 51.08
CA ALA B 195 37.43 14.05 50.72
C ALA B 195 38.59 14.70 51.48
N ASN B 196 39.09 15.81 50.93
CA ASN B 196 40.22 16.47 51.56
C ASN B 196 39.78 17.12 52.86
N PRO B 197 40.74 17.47 53.74
CA PRO B 197 40.35 17.94 55.09
C PRO B 197 39.36 19.10 55.10
N ASP B 198 39.52 20.08 54.21
CA ASP B 198 38.64 21.25 54.24
C ASP B 198 37.20 20.88 53.89
N CYS B 199 37.00 20.11 52.82
CA CYS B 199 35.63 19.75 52.47
CA CYS B 199 35.65 19.70 52.44
C CYS B 199 35.05 18.69 53.39
N LYS B 200 35.89 17.80 53.94
CA LYS B 200 35.38 16.80 54.87
C LYS B 200 34.77 17.47 56.10
N THR B 201 35.38 18.56 56.57
CA THR B 201 34.83 19.28 57.70
C THR B 201 33.44 19.82 57.39
N ILE B 202 33.26 20.41 56.21
CA ILE B 202 31.96 20.97 55.83
C ILE B 202 30.93 19.86 55.66
N LEU B 203 31.34 18.72 55.12
CA LEU B 203 30.40 17.61 54.93
C LEU B 203 29.96 17.03 56.26
N LYS B 204 30.89 16.92 57.23
CA LYS B 204 30.50 16.47 58.56
C LYS B 204 29.50 17.43 59.19
N ALA B 205 29.72 18.74 59.03
CA ALA B 205 28.82 19.73 59.60
C ALA B 205 27.44 19.73 58.95
N LEU B 206 27.33 19.24 57.70
CA LEU B 206 26.04 19.16 57.04
C LEU B 206 25.08 18.20 57.73
N GLY B 207 25.55 17.37 58.66
CA GLY B 207 24.73 16.36 59.26
C GLY B 207 24.50 15.20 58.33
N PRO B 208 24.06 14.07 58.88
CA PRO B 208 23.83 12.89 58.04
C PRO B 208 22.60 13.06 57.14
N GLY B 209 22.52 12.20 56.13
CA GLY B 209 21.36 12.19 55.26
C GLY B 209 21.24 13.35 54.30
N ALA B 210 22.35 14.01 53.98
CA ALA B 210 22.32 15.11 53.03
C ALA B 210 22.36 14.59 51.60
N THR B 211 21.70 15.30 50.70
CA THR B 211 21.75 14.94 49.29
C THR B 211 23.11 15.27 48.71
N LEU B 212 23.45 14.59 47.61
CA LEU B 212 24.70 14.90 46.92
C LEU B 212 24.70 16.34 46.41
N GLU B 213 23.53 16.85 45.99
CA GLU B 213 23.45 18.22 45.52
C GLU B 213 23.84 19.20 46.62
N GLU B 214 23.36 18.99 47.84
CA GLU B 214 23.74 19.85 48.95
C GLU B 214 25.22 19.71 49.28
N MET B 215 25.77 18.48 49.18
CA MET B 215 27.16 18.26 49.52
C MET B 215 28.09 19.05 48.59
N MET B 216 27.83 19.01 47.29
CA MET B 216 28.72 19.67 46.35
C MET B 216 28.54 21.17 46.35
N THR B 217 27.34 21.66 46.70
CA THR B 217 27.16 23.10 46.86
C THR B 217 27.90 23.62 48.09
N ALA B 218 27.99 22.81 49.15
CA ALA B 218 28.72 23.21 50.34
C ALA B 218 30.23 23.22 50.13
N CYS B 219 30.75 22.42 49.20
CA CYS B 219 32.19 22.32 48.95
C CYS B 219 32.60 22.97 47.63
N GLN B 220 32.06 24.16 47.34
CA GLN B 220 32.35 24.83 46.08
C GLN B 220 33.34 25.98 46.21
N GLY B 221 33.42 26.60 47.39
CA GLY B 221 34.24 27.80 47.58
C GLY B 221 35.72 27.65 47.24
N PRO C 2 11.81 4.08 20.71
CA PRO C 2 10.69 5.00 20.90
C PRO C 2 9.39 4.47 20.29
N ILE C 3 8.31 5.23 20.46
CA ILE C 3 6.99 4.88 19.93
C ILE C 3 6.66 5.86 18.82
N VAL C 4 6.64 5.38 17.58
CA VAL C 4 6.24 6.15 16.42
C VAL C 4 5.05 5.47 15.77
N GLN C 5 4.44 6.13 14.79
CA GLN C 5 3.28 5.56 14.12
C GLN C 5 3.67 4.96 12.78
N ASN C 6 3.06 3.82 12.46
CA ASN C 6 3.29 3.15 11.18
C ASN C 6 2.25 3.65 10.17
N LEU C 7 2.11 2.93 9.06
CA LEU C 7 1.21 3.34 7.99
C LEU C 7 -0.16 2.70 8.11
N GLN C 8 -0.57 2.31 9.33
CA GLN C 8 -1.92 1.82 9.59
C GLN C 8 -2.58 2.60 10.72
N GLY C 9 -2.04 3.76 11.08
CA GLY C 9 -2.55 4.53 12.19
C GLY C 9 -2.25 3.97 13.55
N GLN C 10 -1.45 2.90 13.63
CA GLN C 10 -1.12 2.27 14.89
C GLN C 10 0.23 2.80 15.40
N MET C 11 0.38 2.80 16.71
CA MET C 11 1.64 3.19 17.34
C MET C 11 2.51 1.95 17.49
N VAL C 12 3.67 1.96 16.84
CA VAL C 12 4.59 0.84 16.79
C VAL C 12 5.87 1.22 17.51
N HIS C 13 6.52 0.23 18.11
CA HIS C 13 7.79 0.43 18.77
C HIS C 13 8.94 0.30 17.77
N GLN C 14 9.89 1.22 17.84
CA GLN C 14 11.09 1.20 17.02
C GLN C 14 12.33 1.16 17.91
N CYS C 15 13.37 0.49 17.43
CA CYS C 15 14.65 0.55 18.10
C CYS C 15 15.20 1.97 18.04
N ILE C 16 15.89 2.37 19.11
CA ILE C 16 16.53 3.68 19.13
C ILE C 16 17.62 3.72 18.07
N SER C 17 17.72 4.87 17.36
CA SER C 17 18.64 4.74 16.24
C SER C 17 20.07 5.10 16.64
N PRO C 18 21.05 4.52 15.96
CA PRO C 18 22.46 4.87 16.26
C PRO C 18 22.77 6.34 16.12
N ARG C 19 22.17 7.03 15.14
CA ARG C 19 22.47 8.44 14.98
C ARG C 19 21.90 9.28 16.11
N THR C 20 20.75 8.88 16.66
CA THR C 20 20.22 9.56 17.85
C THR C 20 21.12 9.33 19.05
N LEU C 21 21.57 8.09 19.26
CA LEU C 21 22.47 7.79 20.37
C LEU C 21 23.74 8.61 20.29
N ASN C 22 24.39 8.59 19.11
CA ASN C 22 25.65 9.32 18.94
C ASN C 22 25.44 10.82 19.12
N ALA C 23 24.30 11.34 18.66
CA ALA C 23 24.05 12.78 18.80
C ALA C 23 23.96 13.18 20.27
N TRP C 24 23.37 12.33 21.11
CA TRP C 24 23.24 12.68 22.53
C TRP C 24 24.58 12.59 23.24
N VAL C 25 25.41 11.61 22.88
CA VAL C 25 26.74 11.49 23.48
C VAL C 25 27.58 12.71 23.13
N LYS C 26 27.55 13.12 21.86
CA LYS C 26 28.37 14.25 21.44
C LYS C 26 27.88 15.57 22.03
N VAL C 27 26.58 15.67 22.32
CA VAL C 27 26.06 16.88 22.95
C VAL C 27 26.62 17.04 24.36
N VAL C 28 26.66 15.95 25.12
CA VAL C 28 27.18 16.02 26.49
C VAL C 28 28.69 16.28 26.48
N GLU C 29 29.40 15.68 25.51
CA GLU C 29 30.85 15.89 25.44
C GLU C 29 31.18 17.32 25.03
N GLU C 30 30.42 17.90 24.10
CA GLU C 30 30.70 19.26 23.63
C GLU C 30 30.24 20.31 24.63
N LYS C 31 28.95 20.31 24.98
CA LYS C 31 28.33 21.41 25.70
C LYS C 31 28.25 21.19 27.21
N ALA C 32 28.78 20.06 27.71
CA ALA C 32 28.73 19.74 29.12
C ALA C 32 27.30 19.86 29.65
N PHE C 33 27.06 20.82 30.54
CA PHE C 33 25.72 21.09 31.04
C PHE C 33 25.36 22.56 30.88
N SER C 34 25.71 23.12 29.72
CA SER C 34 25.17 24.41 29.33
C SER C 34 23.64 24.29 29.25
N PRO C 35 22.92 25.38 29.50
CA PRO C 35 21.44 25.27 29.54
C PRO C 35 20.82 24.67 28.29
N GLU C 36 21.40 24.91 27.11
CA GLU C 36 20.81 24.41 25.88
C GLU C 36 20.90 22.89 25.74
N VAL C 37 21.55 22.20 26.68
CA VAL C 37 21.63 20.74 26.61
C VAL C 37 20.27 20.12 26.89
N ILE C 38 19.47 20.76 27.73
CA ILE C 38 18.18 20.22 28.17
C ILE C 38 17.18 20.17 27.01
N PRO C 39 16.94 21.26 26.26
CA PRO C 39 16.03 21.14 25.11
C PRO C 39 16.55 20.18 24.05
N MET C 40 17.87 20.02 23.93
CA MET C 40 18.41 19.03 23.01
C MET C 40 18.05 17.61 23.48
N PHE C 41 18.12 17.36 24.79
CA PHE C 41 17.74 16.06 25.32
C PHE C 41 16.27 15.77 25.05
N SER C 42 15.40 16.76 25.26
CA SER C 42 13.97 16.56 25.05
C SER C 42 13.65 16.30 23.58
N ALA C 43 14.41 16.92 22.67
CA ALA C 43 14.19 16.68 21.24
C ALA C 43 14.71 15.31 20.80
N LEU C 44 15.88 14.90 21.31
CA LEU C 44 16.44 13.61 20.91
C LEU C 44 15.68 12.45 21.52
N SER C 45 14.96 12.66 22.62
CA SER C 45 14.17 11.62 23.27
C SER C 45 12.70 11.70 22.88
N CYS C 46 12.40 12.23 21.69
CA CYS C 46 11.03 12.37 21.23
C CYS C 46 10.38 10.98 21.08
N GLY C 47 9.31 10.75 21.85
CA GLY C 47 8.61 9.49 21.83
C GLY C 47 9.26 8.36 22.59
N ALA C 48 10.27 8.66 23.40
CA ALA C 48 11.04 7.60 24.04
C ALA C 48 10.22 6.88 25.11
N THR C 49 10.45 5.59 25.24
CA THR C 49 9.97 4.82 26.38
C THR C 49 10.92 5.02 27.55
N PRO C 50 10.51 4.64 28.76
CA PRO C 50 11.47 4.67 29.89
C PRO C 50 12.74 3.89 29.61
N GLN C 51 12.65 2.76 28.91
CA GLN C 51 13.85 2.01 28.55
C GLN C 51 14.79 2.85 27.69
N ASP C 52 14.24 3.61 26.74
CA ASP C 52 15.08 4.45 25.89
C ASP C 52 15.70 5.61 26.66
N LEU C 53 14.94 6.18 27.60
CA LEU C 53 15.49 7.24 28.43
C LEU C 53 16.63 6.73 29.30
N ASN C 54 16.51 5.52 29.85
CA ASN C 54 17.61 4.95 30.61
C ASN C 54 18.81 4.64 29.71
N THR C 55 18.55 4.26 28.46
CA THR C 55 19.66 4.04 27.52
C THR C 55 20.44 5.32 27.30
N MET C 56 19.74 6.43 27.04
CA MET C 56 20.41 7.70 26.79
C MET C 56 21.26 8.14 27.98
N LEU C 57 20.70 8.03 29.19
CA LEU C 57 21.46 8.39 30.38
C LEU C 57 22.63 7.43 30.62
N ASN C 58 22.47 6.15 30.24
CA ASN C 58 23.52 5.17 30.48
C ASN C 58 24.71 5.38 29.55
N THR C 59 24.51 5.95 28.37
CA THR C 59 25.60 6.14 27.43
C THR C 59 26.48 7.33 27.76
N VAL C 60 26.09 8.16 28.74
CA VAL C 60 26.96 9.21 29.23
C VAL C 60 28.14 8.57 29.96
N GLY C 61 29.35 8.97 29.58
CA GLY C 61 30.55 8.37 30.14
C GLY C 61 31.06 9.08 31.36
N GLY C 62 31.28 10.39 31.25
CA GLY C 62 31.71 11.20 32.36
C GLY C 62 30.53 11.76 33.13
N HIS C 63 30.79 12.85 33.86
CA HIS C 63 29.76 13.59 34.57
C HIS C 63 28.98 12.67 35.51
N GLN C 64 29.68 11.70 36.09
CA GLN C 64 29.00 10.74 36.95
C GLN C 64 28.51 11.37 38.25
N ALA C 65 29.07 12.50 38.66
CA ALA C 65 28.51 13.22 39.80
C ALA C 65 27.13 13.77 39.46
N ALA C 66 26.98 14.31 38.25
CA ALA C 66 25.68 14.79 37.80
C ALA C 66 24.68 13.64 37.66
N MET C 67 25.14 12.49 37.16
CA MET C 67 24.25 11.35 36.98
C MET C 67 23.75 10.80 38.31
N GLN C 68 24.59 10.82 39.36
CA GLN C 68 24.11 10.41 40.67
C GLN C 68 23.09 11.40 41.22
N MET C 69 23.35 12.70 41.06
CA MET C 69 22.37 13.72 41.41
C MET C 69 21.05 13.48 40.68
N LEU C 70 21.13 13.11 39.40
CA LEU C 70 19.92 12.85 38.62
C LEU C 70 19.15 11.67 39.20
N LYS C 71 19.85 10.61 39.60
CA LYS C 71 19.17 9.48 40.22
C LYS C 71 18.46 9.89 41.49
N GLU C 72 19.05 10.80 42.27
CA GLU C 72 18.43 11.23 43.51
C GLU C 72 17.19 12.07 43.24
N THR C 73 17.21 12.88 42.18
CA THR C 73 16.01 13.62 41.80
C THR C 73 14.92 12.68 41.31
N ILE C 74 15.29 11.71 40.48
CA ILE C 74 14.32 10.74 39.99
C ILE C 74 13.72 9.95 41.14
N ASN C 75 14.53 9.60 42.15
CA ASN C 75 14.03 8.83 43.27
C ASN C 75 12.99 9.61 44.07
N GLU C 76 13.20 10.93 44.22
CA GLU C 76 12.23 11.75 44.95
C GLU C 76 10.95 11.95 44.15
N GLU C 77 11.05 12.06 42.82
CA GLU C 77 9.84 12.19 42.01
C GLU C 77 9.04 10.90 42.02
N ALA C 78 9.71 9.75 41.99
CA ALA C 78 9.00 8.47 42.03
C ALA C 78 8.30 8.28 43.37
N ALA C 79 8.96 8.64 44.47
CA ALA C 79 8.33 8.51 45.78
C ALA C 79 7.12 9.44 45.89
N GLU C 80 7.20 10.63 45.32
CA GLU C 80 6.06 11.53 45.34
C GLU C 80 4.93 11.05 44.45
N TRP C 81 5.26 10.37 43.34
CA TRP C 81 4.22 9.75 42.52
C TRP C 81 3.48 8.67 43.31
N ASP C 82 4.22 7.84 44.04
CA ASP C 82 3.59 6.80 44.85
C ASP C 82 2.73 7.40 45.95
N ARG C 83 3.15 8.54 46.50
CA ARG C 83 2.33 9.20 47.52
C ARG C 83 1.03 9.70 46.92
N LEU C 84 1.07 10.20 45.69
CA LEU C 84 -0.11 10.75 45.03
C LEU C 84 -0.93 9.69 44.30
N HIS C 85 -0.47 8.44 44.27
CA HIS C 85 -1.21 7.34 43.65
C HIS C 85 -1.15 6.13 44.59
N PRO C 86 -1.86 6.19 45.71
CA PRO C 86 -1.85 5.04 46.64
C PRO C 86 -2.68 3.89 46.09
N VAL C 87 -2.36 2.69 46.58
CA VAL C 87 -3.10 1.51 46.15
C VAL C 87 -4.46 1.50 46.85
N HIS C 88 -5.49 1.09 46.12
CA HIS C 88 -6.85 1.06 46.67
C HIS C 88 -7.14 -0.26 47.37
N GLY C 95 -11.15 -6.40 35.05
CA GLY C 95 -11.24 -5.49 33.92
C GLY C 95 -10.48 -4.20 34.10
N GLN C 96 -10.00 -3.96 35.32
CA GLN C 96 -9.27 -2.75 35.65
C GLN C 96 -7.78 -2.94 35.38
N MET C 97 -7.19 -2.01 34.63
CA MET C 97 -5.77 -2.10 34.30
C MET C 97 -4.90 -1.71 35.48
N ARG C 98 -3.81 -2.45 35.67
CA ARG C 98 -2.84 -2.10 36.69
C ARG C 98 -2.11 -0.82 36.31
N GLU C 99 -2.04 0.13 37.25
CA GLU C 99 -1.43 1.41 36.99
C GLU C 99 0.03 1.41 37.45
N PRO C 100 0.89 2.22 36.82
CA PRO C 100 2.32 2.12 37.13
C PRO C 100 2.66 2.72 38.49
N ARG C 101 3.70 2.16 39.10
CA ARG C 101 4.33 2.76 40.26
C ARG C 101 5.43 3.70 39.81
N GLY C 102 6.03 4.40 40.78
CA GLY C 102 7.13 5.28 40.47
C GLY C 102 8.31 4.55 39.85
N SER C 103 8.60 3.35 40.37
CA SER C 103 9.67 2.54 39.79
C SER C 103 9.30 1.99 38.42
N ASP C 104 8.00 1.89 38.11
CA ASP C 104 7.58 1.46 36.78
C ASP C 104 7.81 2.56 35.75
N ILE C 105 7.56 3.81 36.14
CA ILE C 105 7.79 4.94 35.24
C ILE C 105 9.28 5.13 35.00
N ALA C 106 10.10 4.93 36.04
CA ALA C 106 11.55 5.07 35.93
C ALA C 106 12.22 3.88 35.25
N GLY C 107 11.49 2.79 35.01
CA GLY C 107 12.06 1.67 34.29
C GLY C 107 12.88 0.71 35.11
N THR C 108 12.84 0.79 36.45
CA THR C 108 13.57 -0.15 37.28
C THR C 108 12.80 -1.43 37.57
N THR C 109 11.46 -1.40 37.48
CA THR C 109 10.65 -2.57 37.77
C THR C 109 9.66 -2.90 36.65
N SER C 110 9.75 -2.25 35.49
CA SER C 110 8.84 -2.47 34.39
C SER C 110 9.59 -3.01 33.19
N THR C 111 8.98 -3.97 32.49
CA THR C 111 9.52 -4.47 31.25
C THR C 111 9.14 -3.53 30.10
N LEU C 112 9.77 -3.76 28.95
CA LEU C 112 9.45 -2.96 27.77
C LEU C 112 8.00 -3.16 27.34
N GLN C 113 7.50 -4.39 27.42
CA GLN C 113 6.13 -4.65 26.99
C GLN C 113 5.13 -3.95 27.91
N GLU C 114 5.42 -3.87 29.20
CA GLU C 114 4.55 -3.14 30.11
C GLU C 114 4.57 -1.64 29.80
N GLN C 115 5.75 -1.09 29.51
CA GLN C 115 5.83 0.33 29.16
C GLN C 115 5.05 0.62 27.88
N ILE C 116 5.20 -0.25 26.87
CA ILE C 116 4.44 -0.06 25.64
C ILE C 116 2.94 -0.21 25.89
N GLY C 117 2.55 -1.20 26.69
CA GLY C 117 1.15 -1.38 26.99
C GLY C 117 0.52 -0.15 27.64
N TRP C 118 1.27 0.51 28.54
CA TRP C 118 0.77 1.74 29.15
C TRP C 118 0.71 2.87 28.12
N MET C 119 1.78 3.03 27.33
CA MET C 119 1.85 4.18 26.42
C MET C 119 0.87 4.08 25.26
N THR C 120 0.43 2.88 24.89
CA THR C 120 -0.49 2.70 23.76
C THR C 120 -1.88 2.25 24.20
N HIS C 121 -2.15 2.25 25.50
CA HIS C 121 -3.50 1.97 25.97
C HIS C 121 -4.43 3.12 25.57
N ASN C 122 -5.73 2.83 25.58
CA ASN C 122 -6.76 3.83 25.29
C ASN C 122 -7.63 4.04 26.51
N PRO C 123 -7.50 5.15 27.23
CA PRO C 123 -6.57 6.27 27.02
C PRO C 123 -5.16 5.93 27.50
N PRO C 124 -4.15 6.63 26.99
CA PRO C 124 -2.77 6.27 27.33
C PRO C 124 -2.36 6.75 28.72
N ILE C 125 -1.48 5.98 29.33
CA ILE C 125 -0.72 6.43 30.50
C ILE C 125 0.70 6.67 30.01
N PRO C 126 1.08 7.92 29.72
CA PRO C 126 2.38 8.22 29.08
C PRO C 126 3.57 8.17 30.04
N VAL C 127 3.97 6.96 30.41
CA VAL C 127 5.07 6.80 31.36
C VAL C 127 6.38 7.35 30.80
N GLY C 128 6.53 7.36 29.47
CA GLY C 128 7.72 7.93 28.89
C GLY C 128 7.81 9.44 29.11
N GLU C 129 6.70 10.15 28.87
CA GLU C 129 6.69 11.59 29.07
C GLU C 129 6.73 11.96 30.55
N ILE C 130 6.13 11.13 31.42
CA ILE C 130 6.22 11.37 32.85
C ILE C 130 7.66 11.23 33.32
N TYR C 131 8.34 10.17 32.88
CA TYR C 131 9.73 9.98 33.26
C TYR C 131 10.61 11.10 32.74
N LYS C 132 10.42 11.50 31.47
CA LYS C 132 11.19 12.61 30.92
C LYS C 132 10.98 13.88 31.71
N ARG C 133 9.77 14.10 32.24
CA ARG C 133 9.52 15.23 33.11
C ARG C 133 10.44 15.19 34.33
N TRP C 134 10.51 14.03 34.99
CA TRP C 134 11.37 13.89 36.17
C TRP C 134 12.84 14.11 35.80
N ILE C 135 13.24 13.64 34.62
CA ILE C 135 14.64 13.78 34.20
C ILE C 135 14.98 15.24 33.92
N ILE C 136 14.08 15.95 33.24
CA ILE C 136 14.32 17.36 32.93
C ILE C 136 14.37 18.19 34.21
N LEU C 137 13.54 17.84 35.20
CA LEU C 137 13.65 18.48 36.51
C LEU C 137 15.05 18.30 37.09
N GLY C 138 15.61 17.10 36.97
CA GLY C 138 16.95 16.86 37.49
C GLY C 138 18.02 17.57 36.70
N LEU C 139 17.87 17.64 35.38
CA LEU C 139 18.82 18.37 34.55
C LEU C 139 18.81 19.86 34.88
N ASN C 140 17.64 20.43 35.20
CA ASN C 140 17.59 21.83 35.59
C ASN C 140 18.48 22.09 36.80
N LYS C 141 18.43 21.20 37.79
CA LYS C 141 19.28 21.36 38.98
C LYS C 141 20.75 21.25 38.63
N ILE C 142 21.09 20.33 37.74
CA ILE C 142 22.48 20.16 37.32
C ILE C 142 22.97 21.40 36.59
N VAL C 143 22.15 21.93 35.67
CA VAL C 143 22.53 23.14 34.93
C VAL C 143 22.71 24.32 35.88
N ARG C 144 21.81 24.46 36.85
CA ARG C 144 21.96 25.51 37.84
C ARG C 144 23.20 25.29 38.70
N MET C 145 23.53 24.02 38.98
CA MET C 145 24.73 23.70 39.72
C MET C 145 25.98 24.10 38.95
N TYR C 146 26.04 23.70 37.66
CA TYR C 146 27.19 23.98 36.82
C TYR C 146 27.35 25.44 36.44
N SER C 147 26.37 26.29 36.74
CA SER C 147 26.46 27.69 36.40
C SER C 147 27.62 28.33 37.15
N PRO C 148 28.63 28.86 36.45
CA PRO C 148 29.85 29.30 37.14
C PRO C 148 29.65 30.51 38.05
N THR C 149 28.73 31.41 37.72
CA THR C 149 28.61 32.67 38.43
C THR C 149 27.15 32.99 38.70
N SER C 150 26.92 33.67 39.83
CA SER C 150 25.59 34.18 40.16
C SER C 150 25.23 35.35 39.25
N ILE C 151 23.92 35.56 39.06
CA ILE C 151 23.46 36.65 38.21
C ILE C 151 23.79 38.00 38.83
N LEU C 152 23.87 38.06 40.17
CA LEU C 152 24.17 39.32 40.85
C LEU C 152 25.61 39.75 40.64
N ASP C 153 26.48 38.84 40.19
CA ASP C 153 27.89 39.17 39.98
C ASP C 153 28.26 39.35 38.52
N ILE C 154 27.28 39.32 37.61
CA ILE C 154 27.53 39.62 36.21
C ILE C 154 27.53 41.14 36.05
N ARG C 155 28.71 41.72 35.82
CA ARG C 155 28.87 43.16 35.78
C ARG C 155 29.61 43.55 34.51
N GLN C 156 29.16 44.62 33.88
CA GLN C 156 29.81 45.09 32.66
C GLN C 156 31.17 45.66 32.98
N GLY C 157 32.19 45.19 32.25
CA GLY C 157 33.52 45.72 32.40
C GLY C 157 33.60 47.14 31.91
N PRO C 158 34.62 47.88 32.35
CA PRO C 158 34.76 49.28 31.92
C PRO C 158 35.08 49.42 30.44
N LYS C 159 35.57 48.36 29.79
CA LYS C 159 35.86 48.38 28.37
C LYS C 159 35.10 47.28 27.62
N GLU C 160 34.09 46.69 28.25
CA GLU C 160 33.33 45.61 27.62
C GLU C 160 32.19 46.18 26.79
N PRO C 161 32.03 45.76 25.54
CA PRO C 161 30.86 46.19 24.76
C PRO C 161 29.57 45.77 25.46
N PHE C 162 28.60 46.68 25.45
CA PHE C 162 27.33 46.43 26.14
C PHE C 162 26.67 45.15 25.64
N ARG C 163 26.84 44.84 24.35
CA ARG C 163 26.27 43.62 23.80
C ARG C 163 26.87 42.38 24.43
N ASP C 164 28.18 42.39 24.66
CA ASP C 164 28.82 41.24 25.30
C ASP C 164 28.35 41.07 26.74
N TYR C 165 28.16 42.19 27.44
CA TYR C 165 27.65 42.12 28.81
C TYR C 165 26.24 41.53 28.85
N VAL C 166 25.39 41.93 27.89
CA VAL C 166 24.02 41.40 27.87
C VAL C 166 24.02 39.92 27.49
N ASP C 167 24.93 39.51 26.61
CA ASP C 167 25.07 38.08 26.28
C ASP C 167 25.39 37.26 27.53
N ARG C 168 26.38 37.70 28.32
CA ARG C 168 26.72 36.97 29.53
C ARG C 168 25.58 37.03 30.54
N PHE C 169 24.93 38.18 30.66
CA PHE C 169 23.86 38.36 31.62
C PHE C 169 22.74 37.34 31.39
N TYR C 170 22.20 37.28 30.17
CA TYR C 170 21.02 36.45 29.94
C TYR C 170 21.36 34.97 29.85
N LYS C 171 22.58 34.62 29.43
CA LYS C 171 23.00 33.22 29.50
C LYS C 171 23.14 32.78 30.95
N THR C 172 23.67 33.65 31.82
CA THR C 172 23.74 33.33 33.24
C THR C 172 22.35 33.16 33.84
N LEU C 173 21.42 34.05 33.49
CA LEU C 173 20.06 33.96 33.99
C LEU C 173 19.38 32.69 33.51
N ARG C 174 19.70 32.22 32.30
CA ARG C 174 19.06 31.01 31.79
C ARG C 174 19.44 29.79 32.62
N ALA C 175 20.72 29.67 32.97
CA ALA C 175 21.16 28.54 33.78
C ALA C 175 20.52 28.55 35.16
N GLU C 176 20.23 29.74 35.71
CA GLU C 176 19.60 29.83 37.02
C GLU C 176 18.09 29.65 36.97
N GLN C 177 17.47 29.89 35.82
CA GLN C 177 16.02 29.82 35.71
C GLN C 177 15.59 28.98 34.51
N ASN C 184 10.19 40.54 33.15
CA ASN C 184 10.38 40.65 34.59
C ASN C 184 11.08 41.97 34.93
N ALA C 185 10.46 42.73 35.85
CA ALA C 185 10.98 44.05 36.18
C ALA C 185 12.26 43.98 36.99
N ALA C 186 12.42 42.94 37.81
CA ALA C 186 13.61 42.83 38.65
C ALA C 186 14.86 42.59 37.81
N THR C 187 14.73 41.84 36.70
CA THR C 187 15.89 41.57 35.87
C THR C 187 16.31 42.82 35.09
N GLU C 188 15.34 43.63 34.65
CA GLU C 188 15.68 44.87 33.97
C GLU C 188 16.37 45.84 34.92
N THR C 189 15.94 45.87 36.18
CA THR C 189 16.61 46.68 37.18
C THR C 189 18.06 46.24 37.35
N LEU C 190 18.28 44.92 37.50
CA LEU C 190 19.62 44.41 37.70
C LEU C 190 20.50 44.62 36.47
N LEU C 191 19.92 44.54 35.27
CA LEU C 191 20.71 44.72 34.05
C LEU C 191 21.25 46.14 33.96
N VAL C 192 20.41 47.14 34.25
CA VAL C 192 20.84 48.53 34.23
C VAL C 192 21.78 48.82 35.40
N GLN C 193 21.51 48.22 36.56
CA GLN C 193 22.30 48.52 37.75
C GLN C 193 23.74 48.05 37.62
N ASN C 194 23.95 46.90 36.99
CA ASN C 194 25.29 46.32 36.89
C ASN C 194 26.03 46.72 35.62
N ALA C 195 25.48 47.66 34.85
CA ALA C 195 26.23 48.23 33.74
C ALA C 195 27.30 49.18 34.27
N ASN C 196 28.31 49.43 33.44
CA ASN C 196 29.36 50.35 33.85
C ASN C 196 28.80 51.78 33.92
N PRO C 197 29.46 52.68 34.64
CA PRO C 197 28.86 54.01 34.89
C PRO C 197 28.51 54.80 33.65
N ASP C 198 29.23 54.61 32.54
CA ASP C 198 28.92 55.32 31.30
C ASP C 198 27.61 54.83 30.70
N CYS C 199 27.51 53.51 30.44
CA CYS C 199 26.30 52.95 29.87
C CYS C 199 25.12 53.10 30.81
N LYS C 200 25.37 52.98 32.11
CA LYS C 200 24.30 53.09 33.11
C LYS C 200 23.63 54.46 33.02
N THR C 201 24.42 55.52 32.86
CA THR C 201 23.87 56.86 32.72
C THR C 201 23.00 56.97 31.47
N ILE C 202 23.45 56.38 30.35
CA ILE C 202 22.68 56.45 29.12
C ILE C 202 21.38 55.67 29.27
N LEU C 203 21.41 54.55 30.00
CA LEU C 203 20.21 53.74 30.16
C LEU C 203 19.18 54.44 31.05
N LYS C 204 19.64 55.05 32.14
CA LYS C 204 18.72 55.76 33.03
C LYS C 204 18.10 56.97 32.36
N ALA C 205 18.85 57.64 31.48
CA ALA C 205 18.31 58.79 30.78
C ALA C 205 17.20 58.39 29.81
N LEU C 206 17.24 57.15 29.30
CA LEU C 206 16.18 56.69 28.41
C LEU C 206 14.82 56.68 29.10
N GLY C 207 14.79 56.38 30.40
CA GLY C 207 13.56 56.34 31.14
C GLY C 207 12.91 54.97 31.09
N PRO C 208 11.70 54.87 31.61
CA PRO C 208 11.00 53.59 31.62
C PRO C 208 10.44 53.22 30.25
N GLY C 209 10.20 51.93 30.07
CA GLY C 209 9.59 51.43 28.85
C GLY C 209 10.52 51.18 27.70
N ALA C 210 11.83 51.25 27.90
CA ALA C 210 12.79 51.00 26.83
C ALA C 210 12.95 49.50 26.63
N THR C 211 12.85 49.05 25.38
CA THR C 211 13.12 47.66 25.05
C THR C 211 14.62 47.39 25.12
N LEU C 212 14.98 46.10 25.08
CA LEU C 212 16.40 45.74 25.01
C LEU C 212 17.03 46.27 23.73
N GLU C 213 16.27 46.34 22.64
CA GLU C 213 16.79 46.88 21.39
C GLU C 213 17.16 48.35 21.55
N GLU C 214 16.32 49.13 22.24
CA GLU C 214 16.64 50.52 22.52
C GLU C 214 17.86 50.64 23.42
N MET C 215 17.92 49.83 24.48
CA MET C 215 19.05 49.89 25.40
C MET C 215 20.36 49.57 24.70
N MET C 216 20.36 48.55 23.83
CA MET C 216 21.57 48.16 23.13
C MET C 216 21.96 49.18 22.07
N THR C 217 20.99 49.89 21.49
CA THR C 217 21.31 50.92 20.52
C THR C 217 21.93 52.14 21.18
N ALA C 218 21.40 52.55 22.35
CA ALA C 218 21.90 53.72 23.04
C ALA C 218 23.31 53.53 23.57
N CYS C 219 23.76 52.29 23.76
CA CYS C 219 25.08 52.00 24.31
C CYS C 219 26.01 51.32 23.30
N GLN C 220 25.62 51.26 22.03
CA GLN C 220 26.43 50.57 21.03
C GLN C 220 27.79 51.23 20.81
N GLY C 221 27.90 52.53 21.10
CA GLY C 221 29.15 53.25 20.90
C GLY C 221 30.34 52.65 21.63
N PRO D 2 7.58 18.10 13.07
CA PRO D 2 6.97 18.69 11.89
C PRO D 2 5.68 17.99 11.46
N ILE D 3 4.86 18.68 10.67
CA ILE D 3 3.65 18.13 10.08
C ILE D 3 3.91 17.98 8.60
N VAL D 4 4.18 16.76 8.15
CA VAL D 4 4.63 16.50 6.80
C VAL D 4 3.77 15.44 6.15
N GLN D 5 3.80 15.41 4.81
CA GLN D 5 3.09 14.40 4.05
C GLN D 5 3.66 13.01 4.36
N ASN D 6 2.76 12.05 4.54
CA ASN D 6 3.13 10.66 4.78
C ASN D 6 3.50 10.00 3.47
N LEU D 7 3.22 8.70 3.36
CA LEU D 7 3.25 8.01 2.08
C LEU D 7 1.85 7.59 1.63
N GLN D 8 0.86 7.66 2.51
CA GLN D 8 -0.53 7.38 2.20
C GLN D 8 -1.33 8.67 1.96
N GLY D 9 -0.66 9.76 1.61
CA GLY D 9 -1.33 11.00 1.31
C GLY D 9 -2.01 11.66 2.50
N GLN D 10 -1.41 11.56 3.68
CA GLN D 10 -1.98 12.10 4.89
C GLN D 10 -0.93 12.91 5.64
N MET D 11 -1.39 13.97 6.31
CA MET D 11 -0.50 14.82 7.11
C MET D 11 -0.41 14.24 8.52
N VAL D 12 0.82 13.93 8.94
CA VAL D 12 1.06 13.34 10.25
C VAL D 12 2.21 14.07 10.92
N HIS D 13 2.31 13.90 12.22
CA HIS D 13 3.37 14.52 13.00
C HIS D 13 4.58 13.60 13.07
N GLN D 14 5.76 14.16 12.81
CA GLN D 14 7.02 13.46 12.95
C GLN D 14 7.89 14.19 13.98
N CYS D 15 8.78 13.44 14.60
CA CYS D 15 9.77 14.05 15.49
C CYS D 15 10.77 14.86 14.68
N ILE D 16 11.25 15.94 15.28
CA ILE D 16 12.30 16.74 14.64
C ILE D 16 13.54 15.89 14.48
N SER D 17 14.14 15.95 13.30
CA SER D 17 15.26 15.08 12.97
C SER D 17 16.52 15.53 13.72
N PRO D 18 17.34 14.58 14.21
CA PRO D 18 18.64 14.97 14.78
C PRO D 18 19.53 15.68 13.77
N ARG D 19 19.48 15.27 12.50
CA ARG D 19 20.27 15.94 11.48
C ARG D 19 19.82 17.38 11.28
N THR D 20 18.52 17.65 11.41
CA THR D 20 18.02 19.01 11.29
C THR D 20 18.47 19.86 12.48
N LEU D 21 18.34 19.33 13.69
CA LEU D 21 18.81 20.04 14.88
C LEU D 21 20.29 20.37 14.77
N ASN D 22 21.10 19.41 14.33
CA ASN D 22 22.53 19.64 14.25
C ASN D 22 22.87 20.69 13.20
N ALA D 23 22.14 20.69 12.08
CA ALA D 23 22.41 21.66 11.02
C ALA D 23 22.09 23.08 11.47
N TRP D 24 20.97 23.27 12.19
CA TRP D 24 20.63 24.59 12.68
C TRP D 24 21.64 25.09 13.70
N VAL D 25 22.15 24.20 14.56
CA VAL D 25 23.14 24.60 15.55
C VAL D 25 24.43 25.05 14.88
N LYS D 26 24.90 24.28 13.89
CA LYS D 26 26.15 24.61 13.23
C LYS D 26 26.04 25.88 12.41
N VAL D 27 24.87 26.14 11.80
CA VAL D 27 24.69 27.35 11.01
C VAL D 27 24.85 28.59 11.88
N VAL D 28 24.20 28.60 13.04
CA VAL D 28 24.33 29.73 13.96
C VAL D 28 25.77 29.87 14.43
N GLU D 29 26.44 28.75 14.70
CA GLU D 29 27.82 28.80 15.19
C GLU D 29 28.76 29.39 14.16
N GLU D 30 28.59 29.04 12.88
CA GLU D 30 29.49 29.47 11.83
C GLU D 30 29.16 30.87 11.29
N LYS D 31 27.88 31.17 11.08
CA LYS D 31 27.48 32.39 10.40
C LYS D 31 26.93 33.45 11.34
N ALA D 32 26.74 33.14 12.63
CA ALA D 32 26.14 34.06 13.59
C ALA D 32 24.79 34.57 13.08
N PHE D 33 24.69 35.88 12.83
CA PHE D 33 23.47 36.44 12.28
C PHE D 33 23.74 37.15 10.96
N SER D 34 24.44 36.49 10.05
CA SER D 34 24.54 36.97 8.69
C SER D 34 23.17 36.82 8.01
N PRO D 35 22.88 37.65 7.00
CA PRO D 35 21.56 37.58 6.35
C PRO D 35 21.17 36.18 5.88
N GLU D 36 22.12 35.39 5.39
CA GLU D 36 21.79 34.08 4.85
C GLU D 36 21.36 33.09 5.92
N VAL D 37 21.50 33.44 7.20
CA VAL D 37 21.01 32.58 8.28
C VAL D 37 19.48 32.50 8.25
N ILE D 38 18.81 33.59 7.87
CA ILE D 38 17.34 33.61 7.90
C ILE D 38 16.74 32.60 6.92
N PRO D 39 17.12 32.58 5.64
CA PRO D 39 16.54 31.55 4.76
C PRO D 39 16.92 30.14 5.17
N MET D 40 18.11 29.96 5.77
CA MET D 40 18.47 28.64 6.26
C MET D 40 17.55 28.22 7.40
N PHE D 41 17.22 29.15 8.30
CA PHE D 41 16.27 28.83 9.37
C PHE D 41 14.91 28.47 8.80
N SER D 42 14.45 29.23 7.80
CA SER D 42 13.14 28.97 7.21
C SER D 42 13.11 27.60 6.53
N ALA D 43 14.20 27.21 5.88
CA ALA D 43 14.23 25.93 5.18
C ALA D 43 14.27 24.77 6.18
N LEU D 44 15.09 24.90 7.23
CA LEU D 44 15.21 23.82 8.21
C LEU D 44 13.98 23.67 9.08
N SER D 45 13.11 24.69 9.14
CA SER D 45 11.88 24.63 9.91
C SER D 45 10.66 24.37 9.04
N CYS D 46 10.86 23.69 7.90
CA CYS D 46 9.77 23.40 6.98
C CYS D 46 8.75 22.47 7.62
N GLY D 47 7.51 22.94 7.73
CA GLY D 47 6.45 22.16 8.34
C GLY D 47 6.41 22.17 9.84
N ALA D 48 7.25 22.98 10.49
CA ALA D 48 7.41 22.90 11.93
C ALA D 48 6.16 23.40 12.66
N THR D 49 5.84 22.74 13.77
CA THR D 49 4.84 23.25 14.70
C THR D 49 5.46 24.35 15.55
N PRO D 50 4.64 25.11 16.29
CA PRO D 50 5.22 26.04 17.26
C PRO D 50 6.16 25.38 18.25
N GLN D 51 5.90 24.13 18.62
CA GLN D 51 6.80 23.42 19.52
C GLN D 51 8.17 23.19 18.87
N ASP D 52 8.18 22.83 17.59
CA ASP D 52 9.46 22.62 16.89
C ASP D 52 10.24 23.92 16.75
N LEU D 53 9.53 25.03 16.53
CA LEU D 53 10.20 26.32 16.40
C LEU D 53 10.83 26.75 17.72
N ASN D 54 10.12 26.52 18.84
CA ASN D 54 10.72 26.80 20.14
C ASN D 54 11.90 25.87 20.43
N THR D 55 11.84 24.63 19.95
CA THR D 55 12.97 23.73 20.14
C THR D 55 14.20 24.24 19.41
N MET D 56 14.03 24.68 18.16
CA MET D 56 15.16 25.18 17.38
C MET D 56 15.79 26.41 18.04
N LEU D 57 14.96 27.36 18.48
CA LEU D 57 15.50 28.54 19.15
C LEU D 57 16.17 28.19 20.46
N ASN D 58 15.71 27.13 21.13
CA ASN D 58 16.28 26.75 22.42
C ASN D 58 17.65 26.09 22.27
N THR D 59 17.98 25.57 21.09
CA THR D 59 19.29 24.95 20.90
C THR D 59 20.39 25.98 20.65
N VAL D 60 20.03 27.25 20.46
CA VAL D 60 21.04 28.29 20.35
C VAL D 60 21.69 28.48 21.72
N GLY D 61 23.00 28.31 21.78
CA GLY D 61 23.73 28.36 23.04
C GLY D 61 24.11 29.75 23.48
N GLY D 62 24.81 30.48 22.63
CA GLY D 62 25.14 31.87 22.88
C GLY D 62 24.09 32.81 22.35
N HIS D 63 24.53 34.04 22.04
CA HIS D 63 23.69 35.06 21.41
C HIS D 63 22.43 35.35 22.24
N GLN D 64 22.55 35.32 23.56
CA GLN D 64 21.35 35.43 24.38
C GLN D 64 20.81 36.86 24.43
N ALA D 65 21.62 37.85 24.07
CA ALA D 65 21.10 39.20 23.88
C ALA D 65 20.15 39.24 22.69
N ALA D 66 20.56 38.63 21.57
CA ALA D 66 19.69 38.56 20.41
C ALA D 66 18.44 37.72 20.71
N MET D 67 18.59 36.65 21.50
CA MET D 67 17.44 35.80 21.78
C MET D 67 16.42 36.50 22.66
N GLN D 68 16.85 37.40 23.55
CA GLN D 68 15.90 38.15 24.35
C GLN D 68 15.17 39.20 23.51
N MET D 69 15.88 39.80 22.55
CA MET D 69 15.23 40.72 21.61
C MET D 69 14.23 39.98 20.74
N LEU D 70 14.58 38.78 20.29
CA LEU D 70 13.63 37.95 19.56
C LEU D 70 12.38 37.71 20.37
N LYS D 71 12.53 37.40 21.67
CA LYS D 71 11.36 37.20 22.53
C LYS D 71 10.51 38.46 22.59
N GLU D 72 11.15 39.65 22.60
CA GLU D 72 10.39 40.88 22.69
C GLU D 72 9.65 41.19 21.39
N THR D 73 10.24 40.83 20.24
CA THR D 73 9.51 40.96 18.97
C THR D 73 8.30 40.02 18.94
N ILE D 74 8.51 38.77 19.35
CA ILE D 74 7.43 37.79 19.39
C ILE D 74 6.29 38.27 20.27
N ASN D 75 6.61 38.84 21.44
CA ASN D 75 5.56 39.32 22.33
C ASN D 75 4.78 40.46 21.70
N GLU D 76 5.46 41.33 20.95
CA GLU D 76 4.76 42.44 20.30
C GLU D 76 3.80 41.92 19.22
N GLU D 77 4.29 40.99 18.38
CA GLU D 77 3.44 40.40 17.36
C GLU D 77 2.27 39.64 17.98
N ALA D 78 2.51 38.93 19.09
CA ALA D 78 1.45 38.20 19.76
C ALA D 78 0.40 39.14 20.34
N ALA D 79 0.84 40.28 20.88
CA ALA D 79 -0.12 41.24 21.42
C ALA D 79 -0.93 41.86 20.28
N GLU D 80 -0.30 42.11 19.14
CA GLU D 80 -1.03 42.66 18.00
C GLU D 80 -2.00 41.64 17.43
N TRP D 81 -1.66 40.36 17.48
CA TRP D 81 -2.60 39.32 17.06
C TRP D 81 -3.86 39.36 17.92
N ASP D 82 -3.69 39.48 19.24
CA ASP D 82 -4.86 39.49 20.13
C ASP D 82 -5.74 40.72 19.88
N ARG D 83 -5.12 41.86 19.60
CA ARG D 83 -5.90 43.07 19.34
C ARG D 83 -6.68 42.95 18.03
N LEU D 84 -6.09 42.33 17.02
CA LEU D 84 -6.75 42.17 15.73
C LEU D 84 -7.70 40.99 15.68
N HIS D 85 -7.71 40.14 16.70
CA HIS D 85 -8.62 39.00 16.79
C HIS D 85 -9.29 39.02 18.16
N PRO D 86 -10.20 39.96 18.38
CA PRO D 86 -10.80 40.10 19.72
C PRO D 86 -11.88 39.05 19.95
N VAL D 87 -12.15 38.81 21.23
CA VAL D 87 -13.16 37.84 21.64
C VAL D 87 -14.45 38.55 22.01
N MET D 97 -15.62 26.98 17.50
CA MET D 97 -14.21 26.80 17.16
C MET D 97 -13.34 27.87 17.83
N ARG D 98 -12.66 27.48 18.90
CA ARG D 98 -11.76 28.39 19.61
C ARG D 98 -10.56 28.71 18.74
N GLU D 99 -10.44 29.98 18.38
CA GLU D 99 -9.32 30.43 17.57
C GLU D 99 -8.10 30.68 18.45
N PRO D 100 -6.90 30.44 17.94
CA PRO D 100 -5.70 30.54 18.78
C PRO D 100 -5.39 31.98 19.17
N ARG D 101 -4.98 32.17 20.41
CA ARG D 101 -4.47 33.45 20.84
C ARG D 101 -2.98 33.56 20.46
N GLY D 102 -2.42 34.75 20.69
CA GLY D 102 -1.02 34.95 20.36
C GLY D 102 -0.09 34.00 21.12
N SER D 103 -0.38 33.79 22.41
CA SER D 103 0.44 32.87 23.20
C SER D 103 0.27 31.43 22.75
N ASP D 104 -0.88 31.10 22.13
CA ASP D 104 -1.05 29.77 21.55
C ASP D 104 -0.18 29.60 20.31
N ILE D 105 -0.09 30.63 19.48
CA ILE D 105 0.74 30.55 18.29
C ILE D 105 2.21 30.44 18.66
N ALA D 106 2.63 31.17 19.70
CA ALA D 106 4.02 31.13 20.14
C ALA D 106 4.34 29.90 20.98
N GLY D 107 3.33 29.10 21.33
CA GLY D 107 3.59 27.84 22.02
C GLY D 107 3.80 27.94 23.51
N THR D 108 3.44 29.06 24.14
CA THR D 108 3.55 29.18 25.59
C THR D 108 2.31 28.71 26.33
N THR D 109 1.14 28.74 25.68
CA THR D 109 -0.10 28.33 26.31
C THR D 109 -0.83 27.24 25.52
N SER D 110 -0.20 26.65 24.51
CA SER D 110 -0.84 25.66 23.67
C SER D 110 -0.11 24.33 23.77
N THR D 111 -0.88 23.24 23.77
CA THR D 111 -0.30 21.91 23.73
C THR D 111 0.01 21.53 22.28
N LEU D 112 0.82 20.49 22.13
CA LEU D 112 1.14 20.00 20.80
C LEU D 112 -0.12 19.51 20.09
N GLN D 113 -1.04 18.89 20.83
CA GLN D 113 -2.29 18.43 20.23
C GLN D 113 -3.15 19.60 19.75
N GLU D 114 -3.15 20.70 20.50
CA GLU D 114 -3.88 21.88 20.06
C GLU D 114 -3.24 22.50 18.82
N GLN D 115 -1.90 22.51 18.76
CA GLN D 115 -1.23 23.03 17.57
C GLN D 115 -1.56 22.20 16.34
N ILE D 116 -1.55 20.87 16.49
CA ILE D 116 -1.94 20.00 15.38
C ILE D 116 -3.41 20.17 15.05
N GLY D 117 -4.26 20.35 16.07
CA GLY D 117 -5.68 20.52 15.82
C GLY D 117 -5.98 21.77 15.01
N TRP D 118 -5.20 22.83 15.22
CA TRP D 118 -5.34 24.04 14.41
C TRP D 118 -4.74 23.85 13.03
N MET D 119 -3.57 23.22 12.95
CA MET D 119 -2.85 23.15 11.68
C MET D 119 -3.55 22.22 10.68
N THR D 120 -4.21 21.16 11.15
CA THR D 120 -4.81 20.18 10.27
C THR D 120 -6.32 20.32 10.14
N HIS D 121 -6.90 21.38 10.70
CA HIS D 121 -8.32 21.63 10.54
C HIS D 121 -8.63 21.99 9.09
N ASN D 122 -9.92 22.04 8.77
CA ASN D 122 -10.38 22.41 7.43
C ASN D 122 -11.49 23.44 7.56
N PRO D 123 -11.23 24.71 7.25
CA PRO D 123 -9.96 25.29 6.78
C PRO D 123 -8.92 25.40 7.90
N PRO D 124 -7.63 25.21 7.56
CA PRO D 124 -6.60 25.21 8.59
C PRO D 124 -6.29 26.60 9.11
N ILE D 125 -5.82 26.64 10.36
CA ILE D 125 -5.21 27.83 10.92
C ILE D 125 -3.72 27.53 11.12
N PRO D 126 -2.84 27.98 10.23
CA PRO D 126 -1.42 27.57 10.24
C PRO D 126 -0.59 28.26 11.33
N VAL D 127 -0.74 27.78 12.57
CA VAL D 127 -0.06 28.41 13.69
C VAL D 127 1.45 28.29 13.55
N GLY D 128 1.93 27.24 12.91
CA GLY D 128 3.36 27.10 12.69
C GLY D 128 3.91 28.14 11.73
N GLU D 129 3.17 28.42 10.65
CA GLU D 129 3.61 29.41 9.68
C GLU D 129 3.48 30.82 10.22
N ILE D 130 2.42 31.10 10.99
CA ILE D 130 2.25 32.40 11.60
C ILE D 130 3.41 32.68 12.57
N TYR D 131 3.70 31.70 13.43
CA TYR D 131 4.79 31.86 14.38
C TYR D 131 6.12 32.02 13.67
N LYS D 132 6.34 31.25 12.60
CA LYS D 132 7.58 31.38 11.84
C LYS D 132 7.72 32.77 11.25
N ARG D 133 6.61 33.37 10.82
CA ARG D 133 6.65 34.75 10.33
C ARG D 133 7.11 35.70 11.42
N TRP D 134 6.60 35.55 12.64
CA TRP D 134 7.02 36.39 13.75
C TRP D 134 8.50 36.22 14.04
N ILE D 135 8.99 34.98 14.01
CA ILE D 135 10.40 34.71 14.28
C ILE D 135 11.28 35.36 13.23
N ILE D 136 10.90 35.22 11.95
CA ILE D 136 11.69 35.80 10.87
C ILE D 136 11.71 37.31 10.95
N LEU D 137 10.57 37.93 11.30
CA LEU D 137 10.54 39.37 11.51
C LEU D 137 11.49 39.79 12.63
N GLY D 138 11.56 39.00 13.70
CA GLY D 138 12.48 39.32 14.78
C GLY D 138 13.92 39.10 14.41
N LEU D 139 14.18 38.06 13.62
CA LEU D 139 15.55 37.79 13.17
C LEU D 139 16.05 38.85 12.19
N ASN D 140 15.14 39.43 11.39
CA ASN D 140 15.55 40.49 10.48
C ASN D 140 16.02 41.72 11.25
N LYS D 141 15.33 42.07 12.34
CA LYS D 141 15.77 43.19 13.17
C LYS D 141 17.14 42.92 13.79
N ILE D 142 17.44 41.66 14.08
CA ILE D 142 18.75 41.32 14.67
C ILE D 142 19.84 41.42 13.63
N VAL D 143 19.59 40.90 12.42
CA VAL D 143 20.57 41.01 11.34
C VAL D 143 20.88 42.47 11.04
N ARG D 144 19.85 43.32 11.05
CA ARG D 144 20.06 44.74 10.77
C ARG D 144 20.89 45.40 11.86
N MET D 145 20.55 45.14 13.12
CA MET D 145 21.27 45.75 14.23
C MET D 145 22.72 45.30 14.30
N TYR D 146 22.98 44.04 13.97
CA TYR D 146 24.34 43.51 14.01
C TYR D 146 25.13 43.77 12.73
N SER D 147 24.52 44.43 11.75
CA SER D 147 25.25 44.78 10.54
C SER D 147 26.31 45.83 10.88
N PRO D 148 27.57 45.61 10.50
CA PRO D 148 28.63 46.53 10.94
C PRO D 148 28.56 47.91 10.30
N THR D 149 28.27 47.98 9.00
CA THR D 149 28.38 49.23 8.25
C THR D 149 27.05 49.61 7.63
N SER D 150 26.83 50.92 7.52
CA SER D 150 25.72 51.44 6.75
C SER D 150 26.05 51.44 5.26
N ILE D 151 25.00 51.42 4.43
CA ILE D 151 25.20 51.41 2.99
C ILE D 151 25.84 52.70 2.49
N LEU D 152 25.69 53.80 3.22
CA LEU D 152 26.23 55.09 2.78
C LEU D 152 27.74 55.18 2.95
N ASP D 153 28.35 54.29 3.72
CA ASP D 153 29.78 54.29 3.93
C ASP D 153 30.51 53.26 3.08
N ILE D 154 29.80 52.57 2.20
CA ILE D 154 30.43 51.63 1.27
C ILE D 154 30.89 52.43 0.06
N ARG D 155 32.20 52.66 -0.03
CA ARG D 155 32.79 53.44 -1.11
C ARG D 155 33.92 52.66 -1.74
N GLN D 156 34.04 52.74 -3.05
CA GLN D 156 35.02 51.94 -3.77
C GLN D 156 36.43 52.44 -3.50
N GLY D 157 37.33 51.52 -3.16
CA GLY D 157 38.72 51.84 -2.97
C GLY D 157 39.37 52.28 -4.27
N PRO D 158 40.36 53.16 -4.17
CA PRO D 158 41.04 53.64 -5.39
C PRO D 158 41.68 52.53 -6.21
N LYS D 159 42.22 51.51 -5.55
CA LYS D 159 42.80 50.36 -6.23
C LYS D 159 41.90 49.13 -6.17
N GLU D 160 40.69 49.27 -5.64
CA GLU D 160 39.78 48.14 -5.48
C GLU D 160 39.09 47.84 -6.81
N PRO D 161 39.10 46.59 -7.27
CA PRO D 161 38.35 46.25 -8.49
C PRO D 161 36.87 46.49 -8.30
N PHE D 162 36.20 46.90 -9.38
CA PHE D 162 34.78 47.25 -9.29
C PHE D 162 33.96 46.06 -8.83
N ARG D 163 34.32 44.85 -9.24
CA ARG D 163 33.60 43.66 -8.80
C ARG D 163 33.62 43.53 -7.28
N ASP D 164 34.77 43.79 -6.66
CA ASP D 164 34.86 43.70 -5.20
C ASP D 164 34.04 44.78 -4.52
N TYR D 165 33.94 45.96 -5.13
CA TYR D 165 33.13 47.03 -4.54
C TYR D 165 31.65 46.67 -4.58
N VAL D 166 31.18 46.12 -5.70
CA VAL D 166 29.77 45.72 -5.79
C VAL D 166 29.47 44.58 -4.84
N ASP D 167 30.44 43.68 -4.62
CA ASP D 167 30.26 42.62 -3.64
C ASP D 167 29.97 43.17 -2.25
N ARG D 168 30.78 44.15 -1.80
CA ARG D 168 30.55 44.73 -0.48
C ARG D 168 29.28 45.56 -0.43
N PHE D 169 28.93 46.21 -1.55
CA PHE D 169 27.73 47.06 -1.57
C PHE D 169 26.47 46.24 -1.34
N TYR D 170 26.31 45.15 -2.11
CA TYR D 170 25.07 44.38 -2.01
C TYR D 170 25.03 43.47 -0.78
N LYS D 171 26.20 43.04 -0.28
CA LYS D 171 26.20 42.30 0.98
C LYS D 171 25.78 43.21 2.13
N THR D 172 26.20 44.47 2.10
CA THR D 172 25.77 45.42 3.13
C THR D 172 24.31 45.80 2.96
N LEU D 173 23.87 46.02 1.72
CA LEU D 173 22.47 46.35 1.48
C LEU D 173 21.56 45.21 1.89
N ARG D 174 22.02 43.96 1.76
CA ARG D 174 21.21 42.82 2.17
C ARG D 174 20.97 42.84 3.67
N ALA D 175 22.01 43.08 4.47
CA ALA D 175 21.82 43.15 5.91
C ALA D 175 21.02 44.39 6.31
N GLU D 176 21.18 45.49 5.58
CA GLU D 176 20.47 46.71 5.91
C GLU D 176 18.99 46.59 5.57
N GLN D 177 18.67 46.31 4.32
CA GLN D 177 17.29 46.10 3.88
C GLN D 177 16.79 44.67 4.18
N ALA D 178 17.47 43.94 5.05
CA ALA D 178 17.01 42.66 5.61
C ALA D 178 16.42 41.75 4.53
N SER D 179 17.15 41.60 3.44
CA SER D 179 16.78 40.75 2.30
C SER D 179 15.39 41.12 1.76
N GLN D 180 15.25 42.39 1.40
CA GLN D 180 14.04 42.90 0.77
C GLN D 180 14.38 43.54 -0.57
N GLU D 181 13.45 43.43 -1.50
CA GLU D 181 13.68 43.96 -2.85
C GLU D 181 12.79 45.17 -3.12
N LYS D 183 15.44 46.50 -9.14
CA LYS D 183 16.50 47.48 -8.88
C LYS D 183 15.91 48.84 -8.51
N ASN D 184 16.16 49.27 -7.29
CA ASN D 184 15.68 50.55 -6.79
C ASN D 184 16.54 51.68 -7.36
N ALA D 185 15.90 52.84 -7.56
CA ALA D 185 16.59 53.97 -8.19
C ALA D 185 17.68 54.54 -7.27
N ALA D 186 17.35 54.72 -5.98
CA ALA D 186 18.33 55.27 -5.04
C ALA D 186 19.54 54.35 -4.87
N THR D 187 19.33 53.03 -4.96
CA THR D 187 20.45 52.10 -4.83
C THR D 187 21.31 52.11 -6.09
N GLU D 188 20.70 52.30 -7.26
CA GLU D 188 21.48 52.41 -8.49
C GLU D 188 22.29 53.70 -8.53
N THR D 189 21.73 54.79 -8.01
CA THR D 189 22.46 56.04 -7.96
C THR D 189 23.52 56.01 -6.87
N LEU D 190 23.22 55.38 -5.73
CA LEU D 190 24.18 55.29 -4.64
C LEU D 190 25.37 54.42 -5.02
N LEU D 191 25.14 53.36 -5.81
CA LEU D 191 26.25 52.51 -6.24
C LEU D 191 27.21 53.27 -7.15
N VAL D 192 26.69 54.10 -8.05
CA VAL D 192 27.56 54.88 -8.93
C VAL D 192 28.18 56.05 -8.18
N GLN D 193 27.39 56.70 -7.31
CA GLN D 193 27.85 57.89 -6.59
C GLN D 193 29.06 57.59 -5.70
N ASN D 194 29.17 56.37 -5.20
CA ASN D 194 30.24 56.02 -4.28
C ASN D 194 31.36 55.23 -4.93
N ALA D 195 31.35 55.09 -6.26
CA ALA D 195 32.47 54.48 -6.96
C ALA D 195 33.62 55.47 -7.07
N ASN D 196 34.82 54.95 -7.36
CA ASN D 196 35.97 55.81 -7.48
C ASN D 196 35.81 56.71 -8.71
N PRO D 197 36.48 57.87 -8.73
CA PRO D 197 36.24 58.84 -9.80
C PRO D 197 36.47 58.30 -11.21
N ASP D 198 37.34 57.30 -11.38
CA ASP D 198 37.59 56.77 -12.72
C ASP D 198 36.39 55.96 -13.22
N CYS D 199 35.98 54.94 -12.46
CA CYS D 199 34.83 54.14 -12.88
C CYS D 199 33.54 54.97 -12.85
N LYS D 200 33.44 55.93 -11.93
CA LYS D 200 32.29 56.82 -11.90
C LYS D 200 32.10 57.53 -13.24
N THR D 201 33.20 57.94 -13.88
CA THR D 201 33.12 58.56 -15.20
C THR D 201 32.65 57.55 -16.24
N ILE D 202 33.19 56.33 -16.21
CA ILE D 202 32.84 55.33 -17.20
C ILE D 202 31.38 54.91 -17.08
N LEU D 203 30.85 54.88 -15.85
CA LEU D 203 29.46 54.47 -15.66
C LEU D 203 28.50 55.51 -16.23
N LYS D 204 28.70 56.78 -15.90
CA LYS D 204 27.85 57.84 -16.43
C LYS D 204 28.02 57.99 -17.94
N ALA D 205 29.15 57.56 -18.50
CA ALA D 205 29.32 57.57 -19.95
C ALA D 205 28.42 56.53 -20.61
N LEU D 206 28.17 55.41 -19.93
CA LEU D 206 27.25 54.41 -20.48
C LEU D 206 25.83 54.94 -20.58
N GLY D 207 25.45 55.85 -19.68
CA GLY D 207 24.12 56.42 -19.68
C GLY D 207 23.23 55.78 -18.64
N PRO D 208 21.93 56.05 -18.73
CA PRO D 208 20.99 55.52 -17.75
C PRO D 208 20.49 54.12 -18.10
N GLY D 209 20.00 53.43 -17.08
CA GLY D 209 19.39 52.13 -17.28
C GLY D 209 20.31 51.06 -17.79
N ALA D 210 21.60 51.12 -17.44
CA ALA D 210 22.53 50.09 -17.85
C ALA D 210 22.42 48.87 -16.92
N THR D 211 22.69 47.70 -17.48
CA THR D 211 22.70 46.48 -16.67
C THR D 211 23.97 46.44 -15.81
N LEU D 212 23.89 45.71 -14.70
CA LEU D 212 25.07 45.52 -13.87
C LEU D 212 26.17 44.79 -14.63
N GLU D 213 25.80 43.89 -15.54
CA GLU D 213 26.79 43.21 -16.37
C GLU D 213 27.54 44.20 -17.25
N GLU D 214 26.85 45.25 -17.71
CA GLU D 214 27.51 46.27 -18.52
C GLU D 214 28.32 47.24 -17.67
N MET D 215 27.87 47.52 -16.44
CA MET D 215 28.65 48.37 -15.55
C MET D 215 29.96 47.68 -15.14
N MET D 216 29.92 46.36 -14.97
CA MET D 216 31.10 45.62 -14.52
C MET D 216 32.04 45.29 -15.67
N THR D 217 31.50 45.10 -16.88
CA THR D 217 32.38 44.87 -18.03
C THR D 217 33.13 46.15 -18.39
N ALA D 218 32.49 47.30 -18.23
CA ALA D 218 33.14 48.56 -18.55
C ALA D 218 34.29 48.85 -17.58
N CYS D 219 34.03 48.72 -16.27
CA CYS D 219 35.03 48.97 -15.25
C CYS D 219 35.82 47.72 -14.86
N GLN D 220 35.96 46.76 -15.78
CA GLN D 220 36.66 45.52 -15.47
C GLN D 220 38.17 45.71 -15.34
N GLY D 221 38.71 46.85 -15.76
CA GLY D 221 40.13 47.13 -15.65
C GLY D 221 41.00 46.26 -16.53
N PRO E 2 10.98 20.02 -2.57
CA PRO E 2 10.81 19.45 -3.91
C PRO E 2 9.55 18.60 -4.05
N ILE E 3 9.26 18.17 -5.27
CA ILE E 3 8.11 17.32 -5.57
C ILE E 3 8.63 15.93 -5.90
N VAL E 4 8.17 14.93 -5.16
CA VAL E 4 8.62 13.55 -5.33
C VAL E 4 7.40 12.63 -5.38
N GLN E 5 7.65 11.37 -5.69
CA GLN E 5 6.61 10.38 -5.90
C GLN E 5 6.40 9.55 -4.64
N ASN E 6 5.15 9.40 -4.22
CA ASN E 6 4.83 8.64 -3.01
C ASN E 6 4.41 7.22 -3.40
N LEU E 7 3.96 6.46 -2.41
CA LEU E 7 3.59 5.07 -2.63
C LEU E 7 2.16 4.90 -3.15
N GLN E 8 1.51 5.99 -3.54
CA GLN E 8 0.26 5.94 -4.29
C GLN E 8 0.44 6.41 -5.73
N GLY E 9 1.69 6.48 -6.21
CA GLY E 9 1.94 6.97 -7.54
C GLY E 9 1.65 8.44 -7.74
N GLN E 10 1.49 9.19 -6.66
CA GLN E 10 1.15 10.60 -6.72
C GLN E 10 2.36 11.45 -6.37
N MET E 11 2.46 12.61 -7.02
CA MET E 11 3.51 13.57 -6.76
C MET E 11 3.09 14.45 -5.58
N VAL E 12 3.91 14.46 -4.53
CA VAL E 12 3.61 15.20 -3.31
C VAL E 12 4.80 16.08 -2.95
N HIS E 13 4.53 17.11 -2.16
CA HIS E 13 5.57 18.03 -1.73
C HIS E 13 6.36 17.44 -0.58
N GLN E 14 7.67 17.66 -0.61
CA GLN E 14 8.58 17.18 0.40
C GLN E 14 9.50 18.33 0.79
N CYS E 15 9.79 18.45 2.08
CA CYS E 15 10.69 19.50 2.53
C CYS E 15 12.09 19.27 1.95
N ILE E 16 12.80 20.37 1.69
CA ILE E 16 14.17 20.26 1.23
C ILE E 16 15.04 19.75 2.37
N SER E 17 16.02 18.89 2.03
CA SER E 17 16.73 18.21 3.13
C SER E 17 17.97 18.99 3.55
N PRO E 18 18.36 18.85 4.82
CA PRO E 18 19.60 19.50 5.29
C PRO E 18 20.84 19.06 4.53
N ARG E 19 20.88 17.80 4.08
CA ARG E 19 22.01 17.34 3.26
C ARG E 19 22.10 18.13 1.97
N THR E 20 20.97 18.37 1.31
CA THR E 20 20.98 19.11 0.04
C THR E 20 21.40 20.55 0.25
N LEU E 21 20.89 21.19 1.30
CA LEU E 21 21.24 22.60 1.56
C LEU E 21 22.72 22.74 1.88
N ASN E 22 23.24 21.89 2.76
CA ASN E 22 24.65 21.96 3.10
C ASN E 22 25.53 21.63 1.91
N ALA E 23 25.08 20.72 1.05
CA ALA E 23 25.86 20.37 -0.13
C ALA E 23 26.00 21.58 -1.07
N TRP E 24 24.90 22.27 -1.34
CA TRP E 24 24.96 23.44 -2.21
C TRP E 24 25.79 24.55 -1.61
N VAL E 25 25.65 24.78 -0.30
CA VAL E 25 26.48 25.77 0.38
C VAL E 25 27.96 25.43 0.22
N LYS E 26 28.30 24.14 0.34
CA LYS E 26 29.71 23.73 0.31
C LYS E 26 30.33 23.91 -1.08
N VAL E 27 29.58 23.57 -2.15
CA VAL E 27 30.17 23.68 -3.48
C VAL E 27 30.43 25.13 -3.84
N VAL E 28 29.64 26.07 -3.29
CA VAL E 28 29.87 27.48 -3.55
C VAL E 28 31.06 27.98 -2.74
N GLU E 29 31.17 27.54 -1.48
CA GLU E 29 32.29 27.96 -0.65
C GLU E 29 33.61 27.43 -1.19
N GLU E 30 33.61 26.24 -1.76
CA GLU E 30 34.84 25.57 -2.17
C GLU E 30 35.20 25.79 -3.63
N LYS E 31 34.22 26.05 -4.50
CA LYS E 31 34.50 26.14 -5.93
C LYS E 31 33.95 27.42 -6.57
N ALA E 32 33.40 28.35 -5.78
CA ALA E 32 32.90 29.62 -6.28
C ALA E 32 31.94 29.42 -7.45
N PHE E 33 32.28 29.98 -8.61
CA PHE E 33 31.48 29.79 -9.81
C PHE E 33 32.30 29.17 -10.93
N SER E 34 33.05 28.13 -10.60
CA SER E 34 33.67 27.30 -11.62
C SER E 34 32.58 26.62 -12.45
N PRO E 35 32.90 26.23 -13.69
CA PRO E 35 31.85 25.67 -14.57
C PRO E 35 31.17 24.44 -13.99
N GLU E 36 31.88 23.60 -13.25
CA GLU E 36 31.29 22.39 -12.69
C GLU E 36 30.24 22.68 -11.61
N VAL E 37 30.17 23.92 -11.11
CA VAL E 37 29.17 24.27 -10.13
C VAL E 37 27.77 24.21 -10.73
N ILE E 38 27.63 24.55 -12.00
CA ILE E 38 26.31 24.65 -12.65
C ILE E 38 25.62 23.29 -12.71
N PRO E 39 26.25 22.22 -13.22
CA PRO E 39 25.58 20.91 -13.17
C PRO E 39 25.34 20.43 -11.75
N MET E 40 26.16 20.85 -10.79
CA MET E 40 25.91 20.48 -9.39
C MET E 40 24.64 21.15 -8.88
N PHE E 41 24.44 22.43 -9.21
CA PHE E 41 23.21 23.11 -8.86
C PHE E 41 22.00 22.42 -9.49
N SER E 42 22.14 21.96 -10.72
CA SER E 42 21.00 21.35 -11.41
C SER E 42 20.65 20.00 -10.81
N ALA E 43 21.66 19.23 -10.39
CA ALA E 43 21.42 17.93 -9.78
C ALA E 43 20.86 18.06 -8.36
N LEU E 44 21.37 19.02 -7.58
CA LEU E 44 20.87 19.18 -6.23
C LEU E 44 19.50 19.83 -6.18
N SER E 45 19.09 20.49 -7.26
CA SER E 45 17.77 21.11 -7.34
C SER E 45 16.78 20.25 -8.11
N CYS E 46 17.03 18.94 -8.18
CA CYS E 46 16.16 18.03 -8.91
C CYS E 46 14.79 17.97 -8.24
N GLY E 47 13.75 18.27 -9.01
CA GLY E 47 12.40 18.28 -8.49
C GLY E 47 12.01 19.52 -7.72
N ALA E 48 12.83 20.56 -7.73
CA ALA E 48 12.63 21.70 -6.86
C ALA E 48 11.50 22.60 -7.36
N THR E 49 10.73 23.12 -6.40
CA THR E 49 9.78 24.19 -6.67
C THR E 49 10.52 25.52 -6.77
N PRO E 50 9.87 26.54 -7.34
CA PRO E 50 10.47 27.88 -7.29
C PRO E 50 10.87 28.33 -5.88
N GLN E 51 10.12 27.93 -4.86
CA GLN E 51 10.50 28.27 -3.49
C GLN E 51 11.81 27.59 -3.09
N ASP E 52 11.98 26.32 -3.47
CA ASP E 52 13.23 25.63 -3.17
C ASP E 52 14.41 26.29 -3.88
N LEU E 53 14.22 26.69 -5.15
CA LEU E 53 15.30 27.31 -5.91
C LEU E 53 15.72 28.64 -5.28
N ASN E 54 14.74 29.42 -4.81
CA ASN E 54 15.08 30.67 -4.13
C ASN E 54 15.77 30.42 -2.80
N THR E 55 15.39 29.33 -2.10
CA THR E 55 16.09 28.98 -0.86
C THR E 55 17.56 28.72 -1.13
N MET E 56 17.85 27.91 -2.15
CA MET E 56 19.25 27.58 -2.46
C MET E 56 20.04 28.82 -2.81
N LEU E 57 19.46 29.73 -3.61
CA LEU E 57 20.14 30.96 -3.95
C LEU E 57 20.30 31.87 -2.73
N ASN E 58 19.35 31.82 -1.80
CA ASN E 58 19.44 32.67 -0.61
C ASN E 58 20.51 32.18 0.37
N THR E 59 20.88 30.90 0.32
CA THR E 59 21.92 30.41 1.23
C THR E 59 23.32 30.81 0.79
N VAL E 60 23.47 31.46 -0.36
CA VAL E 60 24.77 31.95 -0.79
C VAL E 60 25.09 33.22 0.00
N GLY E 61 26.17 33.18 0.78
CA GLY E 61 26.53 34.30 1.62
C GLY E 61 27.22 35.44 0.89
N GLY E 62 28.31 35.14 0.19
CA GLY E 62 29.03 36.13 -0.59
C GLY E 62 28.55 36.18 -2.02
N HIS E 63 29.45 36.66 -2.90
CA HIS E 63 29.20 36.72 -4.34
C HIS E 63 27.94 37.52 -4.66
N GLN E 64 27.71 38.60 -3.91
CA GLN E 64 26.47 39.34 -4.04
C GLN E 64 26.39 40.13 -5.34
N ALA E 65 27.53 40.50 -5.92
CA ALA E 65 27.51 41.14 -7.23
C ALA E 65 26.99 40.18 -8.28
N ALA E 66 27.41 38.92 -8.21
CA ALA E 66 26.91 37.91 -9.14
C ALA E 66 25.43 37.61 -8.89
N MET E 67 25.01 37.62 -7.63
CA MET E 67 23.61 37.35 -7.32
C MET E 67 22.69 38.45 -7.82
N GLN E 68 23.16 39.70 -7.81
CA GLN E 68 22.36 40.79 -8.37
C GLN E 68 22.28 40.67 -9.89
N MET E 69 23.37 40.28 -10.54
CA MET E 69 23.32 40.00 -11.98
C MET E 69 22.36 38.87 -12.29
N LEU E 70 22.32 37.85 -11.42
CA LEU E 70 21.40 36.75 -11.61
C LEU E 70 19.94 37.23 -11.53
N LYS E 71 19.66 38.15 -10.60
CA LYS E 71 18.30 38.69 -10.51
C LYS E 71 17.92 39.43 -11.78
N GLU E 72 18.87 40.19 -12.34
CA GLU E 72 18.57 40.95 -13.56
C GLU E 72 18.40 40.03 -14.77
N THR E 73 19.08 38.88 -14.78
CA THR E 73 18.83 37.90 -15.83
C THR E 73 17.46 37.25 -15.65
N ILE E 74 17.08 36.96 -14.40
CA ILE E 74 15.77 36.38 -14.15
C ILE E 74 14.67 37.36 -14.52
N ASN E 75 14.89 38.65 -14.23
CA ASN E 75 13.89 39.66 -14.57
C ASN E 75 13.67 39.76 -16.07
N GLU E 76 14.74 39.59 -16.86
CA GLU E 76 14.59 39.70 -18.31
C GLU E 76 13.93 38.46 -18.90
N GLU E 77 14.17 37.28 -18.32
CA GLU E 77 13.49 36.07 -18.77
C GLU E 77 12.03 36.07 -18.35
N ALA E 78 11.71 36.66 -17.19
CA ALA E 78 10.33 36.74 -16.76
C ALA E 78 9.55 37.74 -17.61
N ALA E 79 10.18 38.83 -18.02
CA ALA E 79 9.52 39.78 -18.90
C ALA E 79 9.27 39.16 -20.27
N GLU E 80 10.20 38.34 -20.75
CA GLU E 80 10.00 37.66 -22.02
C GLU E 80 8.94 36.57 -21.91
N TRP E 81 8.79 35.96 -20.74
CA TRP E 81 7.69 35.02 -20.53
C TRP E 81 6.35 35.73 -20.58
N ASP E 82 6.27 36.93 -19.98
CA ASP E 82 5.01 37.66 -19.97
C ASP E 82 4.63 38.15 -21.36
N ARG E 83 5.61 38.38 -22.22
CA ARG E 83 5.32 38.79 -23.58
C ARG E 83 4.79 37.63 -24.40
N LEU E 84 5.43 36.46 -24.29
CA LEU E 84 5.05 35.30 -25.09
C LEU E 84 3.86 34.55 -24.52
N HIS E 85 3.60 34.65 -23.22
CA HIS E 85 2.49 33.96 -22.56
C HIS E 85 1.70 34.98 -21.76
N PRO E 86 0.90 35.82 -22.42
CA PRO E 86 0.09 36.79 -21.69
C PRO E 86 -0.99 36.10 -20.87
N VAL E 87 -1.29 36.67 -19.71
CA VAL E 87 -2.34 36.16 -18.84
C VAL E 87 -3.67 36.73 -19.30
N HIS E 88 -4.67 35.87 -19.44
CA HIS E 88 -6.00 36.28 -19.88
C HIS E 88 -6.89 36.57 -18.68
N ALA E 89 -7.65 37.66 -18.77
CA ALA E 89 -8.52 38.06 -17.69
C ALA E 89 -9.76 37.17 -17.64
N GLY E 90 -10.42 37.16 -16.48
CA GLY E 90 -11.62 36.39 -16.30
C GLY E 90 -11.49 35.36 -15.20
N PRO E 91 -12.59 34.71 -14.85
CA PRO E 91 -12.55 33.70 -13.79
C PRO E 91 -11.88 32.42 -14.27
N ILE E 92 -11.25 31.72 -13.33
CA ILE E 92 -10.50 30.52 -13.63
C ILE E 92 -11.46 29.35 -13.75
N ALA E 93 -11.34 28.59 -14.84
CA ALA E 93 -12.22 27.45 -15.07
C ALA E 93 -12.15 26.47 -13.90
N PRO E 94 -13.25 25.77 -13.59
CA PRO E 94 -13.26 24.86 -12.45
C PRO E 94 -12.30 23.70 -12.66
N GLY E 95 -11.54 23.38 -11.62
CA GLY E 95 -10.55 22.34 -11.69
C GLY E 95 -9.26 22.74 -12.40
N GLN E 96 -9.07 24.02 -12.69
CA GLN E 96 -7.90 24.50 -13.39
C GLN E 96 -7.17 25.55 -12.54
N MET E 97 -5.92 25.80 -12.91
CA MET E 97 -5.07 26.78 -12.24
C MET E 97 -5.07 28.08 -13.03
N ARG E 98 -4.89 29.20 -12.31
CA ARG E 98 -4.68 30.46 -12.98
C ARG E 98 -3.35 30.45 -13.73
N GLU E 99 -3.28 31.20 -14.82
CA GLU E 99 -2.10 31.17 -15.66
C GLU E 99 -0.92 31.82 -14.93
N PRO E 100 0.25 31.19 -14.93
CA PRO E 100 1.40 31.76 -14.21
C PRO E 100 2.08 32.85 -15.04
N ARG E 101 2.35 33.98 -14.41
CA ARG E 101 3.17 35.00 -15.03
C ARG E 101 4.61 34.84 -14.57
N GLY E 102 5.49 35.70 -15.09
CA GLY E 102 6.92 35.53 -14.85
C GLY E 102 7.28 35.59 -13.38
N SER E 103 6.66 36.52 -12.65
CA SER E 103 6.92 36.64 -11.22
C SER E 103 6.37 35.44 -10.44
N ASP E 104 5.34 34.77 -10.98
CA ASP E 104 4.88 33.53 -10.38
C ASP E 104 5.91 32.43 -10.54
N ILE E 105 6.49 32.30 -11.73
CA ILE E 105 7.49 31.28 -11.99
C ILE E 105 8.72 31.52 -11.11
N ALA E 106 9.09 32.78 -10.92
CA ALA E 106 10.23 33.13 -10.07
C ALA E 106 9.91 33.10 -8.59
N GLY E 107 8.65 32.84 -8.22
CA GLY E 107 8.28 32.66 -6.84
C GLY E 107 8.10 33.92 -6.03
N THR E 108 8.11 35.10 -6.68
CA THR E 108 7.91 36.34 -5.93
C THR E 108 6.44 36.64 -5.66
N THR E 109 5.54 36.25 -6.57
CA THR E 109 4.12 36.53 -6.42
C THR E 109 3.25 35.29 -6.30
N SER E 110 3.83 34.10 -6.31
CA SER E 110 3.07 32.86 -6.17
C SER E 110 3.31 32.24 -4.80
N THR E 111 2.30 31.53 -4.31
CA THR E 111 2.41 30.77 -3.07
C THR E 111 2.95 29.37 -3.35
N LEU E 112 3.42 28.71 -2.29
CA LEU E 112 3.89 27.33 -2.44
C LEU E 112 2.78 26.42 -2.96
N GLN E 113 1.56 26.59 -2.46
CA GLN E 113 0.46 25.74 -2.90
C GLN E 113 0.12 25.98 -4.36
N GLU E 114 0.30 27.20 -4.86
CA GLU E 114 0.12 27.46 -6.29
C GLU E 114 1.22 26.79 -7.10
N GLN E 115 2.46 26.87 -6.64
CA GLN E 115 3.57 26.20 -7.33
C GLN E 115 3.34 24.70 -7.38
N ILE E 116 2.88 24.11 -6.28
CA ILE E 116 2.54 22.69 -6.26
C ILE E 116 1.39 22.42 -7.23
N GLY E 117 0.40 23.32 -7.27
CA GLY E 117 -0.74 23.11 -8.16
C GLY E 117 -0.35 23.03 -9.61
N TRP E 118 0.52 23.94 -10.07
CA TRP E 118 0.99 23.90 -11.44
C TRP E 118 1.83 22.65 -11.71
N MET E 119 2.74 22.32 -10.81
CA MET E 119 3.69 21.23 -11.06
C MET E 119 3.04 19.86 -11.02
N THR E 120 1.91 19.71 -10.32
CA THR E 120 1.23 18.42 -10.21
C THR E 120 -0.08 18.37 -10.99
N HIS E 121 -0.39 19.41 -11.75
CA HIS E 121 -1.56 19.38 -12.61
C HIS E 121 -1.37 18.36 -13.73
N ASN E 122 -2.48 18.01 -14.37
CA ASN E 122 -2.46 17.09 -15.52
C ASN E 122 -3.18 17.77 -16.68
N PRO E 123 -2.44 18.29 -17.67
CA PRO E 123 -0.98 18.28 -17.82
C PRO E 123 -0.28 19.26 -16.87
N PRO E 124 0.99 19.03 -16.54
CA PRO E 124 1.69 19.90 -15.58
C PRO E 124 2.37 21.07 -16.24
N ILE E 125 2.30 22.22 -15.56
CA ILE E 125 3.06 23.40 -15.93
C ILE E 125 4.33 23.39 -15.10
N PRO E 126 5.49 23.02 -15.66
CA PRO E 126 6.71 22.83 -14.85
C PRO E 126 7.40 24.14 -14.49
N VAL E 127 6.77 24.89 -13.57
CA VAL E 127 7.28 26.20 -13.21
C VAL E 127 8.64 26.10 -12.52
N GLY E 128 8.94 24.96 -11.90
CA GLY E 128 10.26 24.77 -11.32
C GLY E 128 11.32 24.55 -12.40
N GLU E 129 10.98 23.78 -13.44
CA GLU E 129 11.93 23.57 -14.53
C GLU E 129 12.11 24.84 -15.35
N ILE E 130 11.02 25.60 -15.55
CA ILE E 130 11.12 26.87 -16.26
C ILE E 130 12.02 27.83 -15.50
N TYR E 131 11.76 28.00 -14.20
CA TYR E 131 12.59 28.89 -13.39
C TYR E 131 14.05 28.44 -13.37
N LYS E 132 14.29 27.13 -13.24
CA LYS E 132 15.67 26.64 -13.18
C LYS E 132 16.44 26.95 -14.46
N ARG E 133 15.77 26.89 -15.61
CA ARG E 133 16.42 27.26 -16.86
C ARG E 133 16.87 28.71 -16.84
N TRP E 134 15.99 29.61 -16.36
CA TRP E 134 16.37 31.02 -16.24
C TRP E 134 17.58 31.19 -15.34
N ILE E 135 17.60 30.47 -14.21
CA ILE E 135 18.71 30.58 -13.27
C ILE E 135 20.00 30.10 -13.90
N ILE E 136 19.94 28.97 -14.61
CA ILE E 136 21.15 28.44 -15.24
C ILE E 136 21.64 29.36 -16.34
N LEU E 137 20.73 30.06 -17.02
CA LEU E 137 21.14 31.06 -18.01
C LEU E 137 21.95 32.18 -17.36
N GLY E 138 21.50 32.67 -16.21
CA GLY E 138 22.25 33.69 -15.52
C GLY E 138 23.55 33.19 -14.93
N LEU E 139 23.55 31.96 -14.41
CA LEU E 139 24.77 31.41 -13.83
C LEU E 139 25.83 31.19 -14.91
N ASN E 140 25.41 30.84 -16.12
CA ASN E 140 26.35 30.68 -17.22
C ASN E 140 27.02 32.00 -17.58
N LYS E 141 26.24 33.09 -17.56
CA LYS E 141 26.82 34.42 -17.76
C LYS E 141 27.76 34.81 -16.63
N ILE E 142 27.59 34.24 -15.44
CA ILE E 142 28.51 34.51 -14.34
C ILE E 142 29.80 33.72 -14.51
N VAL E 143 29.71 32.48 -14.99
CA VAL E 143 30.90 31.66 -15.20
C VAL E 143 31.83 32.31 -16.21
N ARG E 144 31.27 32.94 -17.24
CA ARG E 144 32.10 33.59 -18.25
C ARG E 144 32.73 34.88 -17.72
N MET E 145 31.96 35.67 -16.97
CA MET E 145 32.53 36.89 -16.38
C MET E 145 33.62 36.57 -15.37
N TYR E 146 33.48 35.46 -14.65
CA TYR E 146 34.46 35.08 -13.64
C TYR E 146 35.68 34.39 -14.23
N SER E 147 35.60 33.92 -15.47
CA SER E 147 36.71 33.21 -16.09
C SER E 147 37.92 34.13 -16.23
N PRO E 148 39.08 33.75 -15.69
CA PRO E 148 40.24 34.65 -15.73
C PRO E 148 40.92 34.69 -17.08
N THR E 149 41.43 33.54 -17.52
CA THR E 149 42.20 33.46 -18.74
C THR E 149 41.31 33.25 -19.96
N SER E 150 41.80 33.67 -21.11
CA SER E 150 41.13 33.47 -22.38
C SER E 150 41.65 32.21 -23.05
N ILE E 151 40.81 31.61 -23.90
CA ILE E 151 41.24 30.41 -24.62
C ILE E 151 42.38 30.72 -25.59
N LEU E 152 42.52 31.97 -26.02
CA LEU E 152 43.61 32.32 -26.91
C LEU E 152 44.93 32.43 -26.15
N ASP E 153 44.89 32.86 -24.89
CA ASP E 153 46.08 33.07 -24.09
C ASP E 153 46.57 31.81 -23.38
N ILE E 154 45.98 30.65 -23.69
CA ILE E 154 46.41 29.38 -23.13
C ILE E 154 47.38 28.75 -24.12
N ARG E 155 48.67 28.84 -23.83
CA ARG E 155 49.72 28.33 -24.70
C ARG E 155 50.61 27.39 -23.91
N GLN E 156 51.06 26.32 -24.58
CA GLN E 156 51.88 25.31 -23.93
C GLN E 156 53.25 25.85 -23.57
N GLY E 157 53.72 25.51 -22.38
CA GLY E 157 55.02 25.92 -21.91
C GLY E 157 56.16 25.18 -22.59
N PRO E 158 57.39 25.44 -22.14
CA PRO E 158 58.55 24.81 -22.77
C PRO E 158 58.62 23.31 -22.48
N LYS E 159 58.80 22.95 -21.21
CA LYS E 159 58.92 21.57 -20.80
C LYS E 159 57.64 21.03 -20.16
N GLU E 160 56.51 21.68 -20.40
CA GLU E 160 55.24 21.23 -19.86
C GLU E 160 54.69 20.07 -20.69
N PRO E 161 54.33 18.94 -20.07
CA PRO E 161 53.78 17.83 -20.83
C PRO E 161 52.52 18.23 -21.60
N PHE E 162 52.29 17.56 -22.73
CA PHE E 162 51.16 17.91 -23.58
C PHE E 162 49.84 17.67 -22.88
N ARG E 163 49.77 16.67 -21.99
CA ARG E 163 48.52 16.38 -21.29
C ARG E 163 48.16 17.51 -20.34
N ASP E 164 49.15 18.13 -19.69
CA ASP E 164 48.88 19.25 -18.80
C ASP E 164 48.39 20.46 -19.59
N TYR E 165 48.94 20.67 -20.80
CA TYR E 165 48.50 21.78 -21.64
C TYR E 165 47.05 21.59 -22.10
N VAL E 166 46.69 20.36 -22.47
CA VAL E 166 45.31 20.09 -22.88
C VAL E 166 44.37 20.20 -21.67
N ASP E 167 44.84 19.77 -20.50
CA ASP E 167 44.06 19.94 -19.27
C ASP E 167 43.66 21.38 -19.06
N ARG E 168 44.64 22.29 -19.10
CA ARG E 168 44.36 23.71 -18.95
C ARG E 168 43.56 24.26 -20.13
N PHE E 169 43.74 23.68 -21.31
CA PHE E 169 43.06 24.18 -22.51
C PHE E 169 41.55 23.97 -22.40
N TYR E 170 41.13 22.72 -22.23
CA TYR E 170 39.70 22.42 -22.20
C TYR E 170 39.02 22.90 -20.91
N LYS E 171 39.77 23.10 -19.83
CA LYS E 171 39.15 23.66 -18.64
C LYS E 171 38.82 25.14 -18.84
N THR E 172 39.71 25.88 -19.48
CA THR E 172 39.41 27.28 -19.80
C THR E 172 38.30 27.38 -20.83
N LEU E 173 38.33 26.50 -21.85
CA LEU E 173 37.26 26.47 -22.84
C LEU E 173 35.91 26.17 -22.20
N ARG E 174 35.90 25.37 -21.14
CA ARG E 174 34.65 25.09 -20.45
C ARG E 174 34.08 26.34 -19.78
N ALA E 175 34.95 27.21 -19.26
CA ALA E 175 34.48 28.45 -18.65
C ALA E 175 34.05 29.46 -19.70
N GLU E 176 34.77 29.54 -20.81
CA GLU E 176 34.45 30.51 -21.86
C GLU E 176 33.11 30.20 -22.52
N GLN E 177 32.77 28.92 -22.67
CA GLN E 177 31.48 28.52 -23.23
C GLN E 177 30.44 28.19 -22.17
N ALA E 178 30.82 28.18 -20.89
CA ALA E 178 29.93 27.80 -19.78
C ALA E 178 29.39 26.38 -19.99
N SER E 179 30.32 25.44 -20.13
CA SER E 179 30.02 24.01 -20.31
C SER E 179 29.14 23.77 -21.53
N GLN E 180 29.39 24.50 -22.62
CA GLN E 180 28.68 24.34 -23.86
C GLN E 180 29.60 23.72 -24.91
N GLU E 181 29.13 22.65 -25.55
CA GLU E 181 29.94 21.95 -26.55
C GLU E 181 29.09 21.64 -27.79
N ASN E 184 35.13 20.11 -32.88
CA ASN E 184 35.14 21.44 -33.49
C ASN E 184 36.54 21.78 -33.98
N ALA E 185 36.70 21.93 -35.30
CA ALA E 185 38.00 22.22 -35.88
C ALA E 185 38.54 23.57 -35.45
N ALA E 186 37.67 24.49 -35.02
CA ALA E 186 38.12 25.78 -34.53
C ALA E 186 38.94 25.61 -33.25
N THR E 187 38.39 24.91 -32.27
CA THR E 187 39.14 24.61 -31.05
C THR E 187 40.28 23.65 -31.32
N GLU E 188 40.13 22.78 -32.32
CA GLU E 188 41.19 21.83 -32.64
C GLU E 188 42.42 22.53 -33.21
N THR E 189 42.22 23.53 -34.07
CA THR E 189 43.34 24.25 -34.64
C THR E 189 43.96 25.23 -33.65
N LEU E 190 43.17 25.75 -32.71
CA LEU E 190 43.74 26.59 -31.66
C LEU E 190 44.59 25.77 -30.69
N LEU E 191 44.25 24.49 -30.52
CA LEU E 191 45.04 23.61 -29.67
C LEU E 191 46.42 23.35 -30.27
N VAL E 192 46.48 23.07 -31.57
CA VAL E 192 47.76 22.78 -32.21
C VAL E 192 48.57 24.06 -32.41
N GLN E 193 47.90 25.19 -32.66
CA GLN E 193 48.62 26.44 -32.90
C GLN E 193 49.32 26.93 -31.65
N ASN E 194 48.69 26.75 -30.48
CA ASN E 194 49.21 27.29 -29.23
C ASN E 194 50.08 26.30 -28.47
N ALA E 195 50.51 25.21 -29.12
CA ALA E 195 51.37 24.23 -28.47
C ALA E 195 52.82 24.72 -28.51
N ASN E 196 53.75 23.84 -28.15
CA ASN E 196 55.17 24.16 -28.29
C ASN E 196 55.69 23.65 -29.64
N PRO E 197 56.79 24.20 -30.14
CA PRO E 197 57.23 23.81 -31.50
C PRO E 197 57.61 22.35 -31.63
N ASP E 198 58.05 21.71 -30.54
CA ASP E 198 58.45 20.30 -30.62
C ASP E 198 57.25 19.41 -30.89
N CYS E 199 56.16 19.59 -30.14
CA CYS E 199 54.98 18.76 -30.35
C CYS E 199 54.13 19.24 -31.53
N LYS E 200 54.08 20.55 -31.77
CA LYS E 200 53.29 21.06 -32.90
C LYS E 200 53.79 20.48 -34.23
N THR E 201 55.10 20.31 -34.36
CA THR E 201 55.65 19.70 -35.58
C THR E 201 55.11 18.28 -35.76
N ILE E 202 55.12 17.49 -34.69
CA ILE E 202 54.62 16.13 -34.77
C ILE E 202 53.11 16.08 -34.93
N LEU E 203 52.39 17.12 -34.49
CA LEU E 203 50.94 17.13 -34.60
C LEU E 203 50.50 17.25 -36.06
N LYS E 204 51.16 18.12 -36.83
CA LYS E 204 50.84 18.23 -38.25
C LYS E 204 51.18 16.93 -39.00
N ALA E 205 52.24 16.24 -38.58
CA ALA E 205 52.63 15.00 -39.24
C ALA E 205 51.65 13.86 -38.95
N LEU E 206 50.87 13.96 -37.87
CA LEU E 206 49.88 12.94 -37.59
C LEU E 206 48.86 12.81 -38.71
N GLY E 207 48.53 13.92 -39.36
CA GLY E 207 47.60 13.90 -40.46
C GLY E 207 46.36 14.74 -40.20
N PRO E 208 45.28 14.45 -40.92
CA PRO E 208 44.06 15.24 -40.76
C PRO E 208 43.06 14.61 -39.81
N GLY E 209 42.47 15.41 -38.93
CA GLY E 209 41.42 14.94 -38.04
C GLY E 209 41.83 13.82 -37.13
N ALA E 210 43.04 13.91 -36.56
CA ALA E 210 43.50 12.89 -35.63
C ALA E 210 42.76 13.03 -34.30
N THR E 211 42.47 11.89 -33.68
CA THR E 211 41.82 11.90 -32.37
C THR E 211 42.78 12.41 -31.31
N LEU E 212 42.22 12.99 -30.24
CA LEU E 212 43.05 13.48 -29.15
C LEU E 212 43.88 12.37 -28.53
N GLU E 213 43.37 11.13 -28.55
CA GLU E 213 44.17 10.00 -28.09
C GLU E 213 45.44 9.85 -28.93
N GLU E 214 45.29 9.88 -30.26
CA GLU E 214 46.46 9.81 -31.13
C GLU E 214 47.39 10.98 -30.91
N MET E 215 46.82 12.17 -30.63
CA MET E 215 47.66 13.36 -30.47
C MET E 215 48.50 13.27 -29.20
N MET E 216 47.91 12.83 -28.09
CA MET E 216 48.67 12.77 -26.84
C MET E 216 49.62 11.58 -26.79
N THR E 217 49.34 10.51 -27.53
CA THR E 217 50.31 9.43 -27.64
C THR E 217 51.48 9.84 -28.51
N ALA E 218 51.26 10.72 -29.49
CA ALA E 218 52.35 11.19 -30.33
C ALA E 218 53.29 12.13 -29.58
N CYS E 219 52.77 12.85 -28.59
CA CYS E 219 53.57 13.76 -27.77
C CYS E 219 53.63 13.28 -26.33
N GLN E 220 53.70 11.95 -26.15
CA GLN E 220 53.75 11.38 -24.80
C GLN E 220 55.03 11.80 -24.08
N GLY E 221 56.15 11.83 -24.79
CA GLY E 221 57.41 12.23 -24.21
C GLY E 221 57.98 13.47 -24.88
N PRO F 2 18.28 8.15 -10.87
CA PRO F 2 18.17 6.74 -11.29
C PRO F 2 16.72 6.24 -11.32
N ILE F 3 16.54 5.01 -11.77
CA ILE F 3 15.22 4.37 -11.82
C ILE F 3 15.27 3.15 -10.91
N VAL F 4 14.44 3.17 -9.86
CA VAL F 4 14.49 2.16 -8.81
C VAL F 4 13.12 1.53 -8.63
N GLN F 5 13.12 0.38 -7.96
CA GLN F 5 11.88 -0.33 -7.66
C GLN F 5 11.08 0.42 -6.61
N ASN F 6 9.79 0.58 -6.85
CA ASN F 6 8.91 1.20 -5.87
C ASN F 6 8.56 0.19 -4.78
N LEU F 7 7.90 0.69 -3.74
CA LEU F 7 7.34 -0.22 -2.75
C LEU F 7 6.02 -0.82 -3.21
N GLN F 8 5.42 -0.26 -4.27
CA GLN F 8 4.47 -1.03 -5.06
C GLN F 8 5.18 -2.10 -5.88
N GLY F 9 6.41 -1.80 -6.32
CA GLY F 9 7.16 -2.67 -7.19
C GLY F 9 7.35 -2.15 -8.60
N GLN F 10 7.17 -0.85 -8.84
CA GLN F 10 7.22 -0.28 -10.18
C GLN F 10 8.46 0.61 -10.34
N MET F 11 9.03 0.59 -11.53
CA MET F 11 10.23 1.37 -11.81
C MET F 11 9.86 2.84 -11.91
N VAL F 12 10.27 3.63 -10.91
CA VAL F 12 10.00 5.06 -10.86
C VAL F 12 11.33 5.80 -10.83
N HIS F 13 11.27 7.07 -11.22
CA HIS F 13 12.45 7.93 -11.26
C HIS F 13 12.68 8.57 -9.90
N GLN F 14 13.91 8.43 -9.39
CA GLN F 14 14.37 9.14 -8.21
C GLN F 14 15.49 10.09 -8.59
N CYS F 15 15.56 11.21 -7.90
CA CYS F 15 16.65 12.13 -8.10
C CYS F 15 17.96 11.50 -7.63
N ILE F 16 19.06 11.92 -8.26
CA ILE F 16 20.37 11.46 -7.81
C ILE F 16 20.63 12.02 -6.42
N SER F 17 21.21 11.19 -5.55
CA SER F 17 21.24 11.70 -4.20
C SER F 17 22.49 12.53 -3.94
N PRO F 18 22.42 13.48 -3.00
CA PRO F 18 23.62 14.26 -2.66
C PRO F 18 24.77 13.40 -2.15
N ARG F 19 24.48 12.26 -1.52
CA ARG F 19 25.55 11.39 -1.05
C ARG F 19 26.24 10.70 -2.23
N THR F 20 25.46 10.20 -3.19
CA THR F 20 26.05 9.61 -4.38
C THR F 20 26.86 10.63 -5.18
N LEU F 21 26.32 11.84 -5.36
CA LEU F 21 27.06 12.89 -6.06
C LEU F 21 28.39 13.18 -5.37
N ASN F 22 28.36 13.38 -4.06
CA ASN F 22 29.59 13.72 -3.35
C ASN F 22 30.56 12.53 -3.32
N ALA F 23 30.03 11.31 -3.31
CA ALA F 23 30.91 10.14 -3.30
C ALA F 23 31.73 10.04 -4.57
N TRP F 24 31.07 10.24 -5.73
CA TRP F 24 31.78 10.19 -7.00
C TRP F 24 32.80 11.31 -7.12
N VAL F 25 32.47 12.50 -6.61
CA VAL F 25 33.42 13.61 -6.65
C VAL F 25 34.67 13.29 -5.83
N LYS F 26 34.48 12.62 -4.69
CA LYS F 26 35.62 12.34 -3.82
C LYS F 26 36.51 11.25 -4.39
N VAL F 27 35.92 10.23 -5.01
CA VAL F 27 36.72 9.14 -5.56
C VAL F 27 37.64 9.64 -6.66
N VAL F 28 37.21 10.65 -7.42
CA VAL F 28 38.06 11.19 -8.48
C VAL F 28 39.11 12.12 -7.90
N GLU F 29 38.75 12.91 -6.89
CA GLU F 29 39.75 13.79 -6.27
C GLU F 29 40.83 13.00 -5.53
N GLU F 30 40.48 11.84 -4.98
CA GLU F 30 41.42 11.06 -4.18
C GLU F 30 42.20 10.05 -5.02
N LYS F 31 41.50 9.30 -5.87
CA LYS F 31 42.09 8.19 -6.59
C LYS F 31 42.40 8.50 -8.06
N ALA F 32 42.06 9.69 -8.54
CA ALA F 32 42.24 10.05 -9.93
C ALA F 32 41.60 9.00 -10.84
N PHE F 33 42.42 8.30 -11.62
CA PHE F 33 41.92 7.26 -12.53
C PHE F 33 42.68 5.96 -12.30
N SER F 34 42.83 5.59 -11.04
CA SER F 34 43.29 4.25 -10.70
C SER F 34 42.26 3.24 -11.20
N PRO F 35 42.69 2.00 -11.49
CA PRO F 35 41.76 1.02 -12.07
C PRO F 35 40.51 0.77 -11.25
N GLU F 36 40.59 0.83 -9.91
CA GLU F 36 39.41 0.55 -9.11
C GLU F 36 38.37 1.66 -9.16
N VAL F 37 38.67 2.77 -9.85
CA VAL F 37 37.69 3.85 -9.99
C VAL F 37 36.54 3.43 -10.89
N ILE F 38 36.80 2.55 -11.85
CA ILE F 38 35.78 2.16 -12.84
C ILE F 38 34.69 1.33 -12.17
N PRO F 39 34.99 0.27 -11.41
CA PRO F 39 33.92 -0.44 -10.70
C PRO F 39 33.21 0.43 -9.67
N MET F 40 33.87 1.46 -9.14
CA MET F 40 33.20 2.38 -8.25
C MET F 40 32.25 3.30 -9.01
N PHE F 41 32.64 3.72 -10.22
CA PHE F 41 31.74 4.51 -11.05
C PHE F 41 30.50 3.71 -11.40
N SER F 42 30.68 2.46 -11.82
CA SER F 42 29.54 1.61 -12.18
C SER F 42 28.63 1.36 -10.99
N ALA F 43 29.21 1.21 -9.79
CA ALA F 43 28.40 0.93 -8.61
C ALA F 43 27.60 2.15 -8.18
N LEU F 44 28.20 3.34 -8.25
CA LEU F 44 27.51 4.56 -7.86
C LEU F 44 26.48 5.01 -8.90
N SER F 45 26.51 4.45 -10.10
CA SER F 45 25.56 4.78 -11.15
C SER F 45 24.61 3.62 -11.43
N CYS F 46 24.37 2.78 -10.42
CA CYS F 46 23.42 1.69 -10.57
C CYS F 46 22.02 2.24 -10.82
N GLY F 47 21.41 1.81 -11.92
CA GLY F 47 20.10 2.28 -12.32
C GLY F 47 20.06 3.65 -12.96
N ALA F 48 21.21 4.22 -13.31
CA ALA F 48 21.26 5.60 -13.76
C ALA F 48 20.66 5.76 -15.15
N THR F 49 20.02 6.91 -15.36
CA THR F 49 19.62 7.36 -16.68
C THR F 49 20.81 8.00 -17.36
N PRO F 50 20.74 8.20 -18.68
CA PRO F 50 21.81 8.98 -19.34
C PRO F 50 22.00 10.36 -18.73
N GLN F 51 20.91 11.02 -18.33
CA GLN F 51 21.03 12.32 -17.67
C GLN F 51 21.85 12.20 -16.38
N ASP F 52 21.62 11.14 -15.61
CA ASP F 52 22.41 10.91 -14.39
C ASP F 52 23.88 10.69 -14.72
N LEU F 53 24.16 9.84 -15.72
CA LEU F 53 25.53 9.60 -16.12
C LEU F 53 26.22 10.88 -16.56
N ASN F 54 25.51 11.72 -17.31
CA ASN F 54 26.07 13.00 -17.72
C ASN F 54 26.31 13.90 -16.50
N THR F 55 25.42 13.85 -15.52
CA THR F 55 25.60 14.65 -14.30
C THR F 55 26.89 14.24 -13.58
N MET F 56 27.10 12.94 -13.42
CA MET F 56 28.30 12.46 -12.74
C MET F 56 29.56 12.87 -13.50
N LEU F 57 29.56 12.76 -14.83
CA LEU F 57 30.73 13.17 -15.61
C LEU F 57 30.95 14.67 -15.53
N ASN F 58 29.88 15.46 -15.40
CA ASN F 58 30.00 16.90 -15.34
C ASN F 58 30.54 17.41 -14.01
N THR F 59 30.43 16.62 -12.94
CA THR F 59 30.95 17.05 -11.65
C THR F 59 32.46 16.91 -11.56
N VAL F 60 33.12 16.37 -12.57
CA VAL F 60 34.57 16.29 -12.60
C VAL F 60 35.13 17.66 -12.96
N GLY F 61 35.92 18.23 -12.06
CA GLY F 61 36.46 19.57 -12.25
C GLY F 61 37.69 19.60 -13.13
N GLY F 62 38.69 18.78 -12.80
CA GLY F 62 39.91 18.69 -13.57
C GLY F 62 39.85 17.56 -14.59
N HIS F 63 41.05 17.08 -14.95
CA HIS F 63 41.20 15.95 -15.87
C HIS F 63 40.46 16.18 -17.19
N GLN F 64 40.42 17.43 -17.65
CA GLN F 64 39.60 17.76 -18.81
C GLN F 64 40.14 17.17 -20.11
N ALA F 65 41.44 16.87 -20.17
CA ALA F 65 41.96 16.14 -21.33
C ALA F 65 41.35 14.74 -21.41
N ALA F 66 41.30 14.04 -20.28
CA ALA F 66 40.68 12.73 -20.24
C ALA F 66 39.18 12.81 -20.52
N MET F 67 38.54 13.90 -20.10
CA MET F 67 37.10 14.06 -20.34
C MET F 67 36.80 14.31 -21.81
N GLN F 68 37.68 15.04 -22.51
CA GLN F 68 37.52 15.20 -23.95
C GLN F 68 37.73 13.88 -24.68
N MET F 69 38.76 13.11 -24.28
CA MET F 69 38.96 11.78 -24.82
C MET F 69 37.72 10.91 -24.60
N LEU F 70 37.11 11.01 -23.43
CA LEU F 70 35.89 10.26 -23.15
C LEU F 70 34.76 10.67 -24.10
N LYS F 71 34.62 11.97 -24.36
CA LYS F 71 33.62 12.42 -25.32
C LYS F 71 33.86 11.81 -26.69
N GLU F 72 35.13 11.74 -27.12
CA GLU F 72 35.43 11.19 -28.43
C GLU F 72 35.11 9.70 -28.49
N THR F 73 35.41 8.97 -27.42
CA THR F 73 35.06 7.55 -27.37
C THR F 73 33.56 7.35 -27.45
N ILE F 74 32.78 8.18 -26.76
CA ILE F 74 31.33 8.07 -26.79
C ILE F 74 30.80 8.37 -28.19
N ASN F 75 31.39 9.37 -28.85
CA ASN F 75 30.97 9.72 -30.20
C ASN F 75 31.15 8.55 -31.17
N GLU F 76 32.26 7.82 -31.03
CA GLU F 76 32.49 6.67 -31.92
C GLU F 76 31.54 5.53 -31.62
N GLU F 77 31.19 5.32 -30.34
CA GLU F 77 30.22 4.29 -30.03
C GLU F 77 28.81 4.68 -30.49
N ALA F 78 28.49 5.97 -30.43
CA ALA F 78 27.18 6.42 -30.88
C ALA F 78 27.02 6.25 -32.38
N ALA F 79 28.07 6.61 -33.14
CA ALA F 79 28.02 6.41 -34.59
C ALA F 79 27.86 4.93 -34.93
N GLU F 80 28.53 4.06 -34.17
CA GLU F 80 28.38 2.63 -34.40
C GLU F 80 26.96 2.16 -34.09
N TRP F 81 26.33 2.72 -33.07
CA TRP F 81 24.94 2.38 -32.77
C TRP F 81 24.04 2.77 -33.93
N ASP F 82 24.27 3.94 -34.53
CA ASP F 82 23.45 4.39 -35.65
C ASP F 82 23.62 3.50 -36.87
N ARG F 83 24.82 2.95 -37.08
CA ARG F 83 25.03 2.06 -38.22
C ARG F 83 24.28 0.74 -38.04
N LEU F 84 24.17 0.24 -36.81
CA LEU F 84 23.53 -1.03 -36.55
C LEU F 84 22.04 -0.92 -36.27
N HIS F 85 21.59 0.23 -35.76
CA HIS F 85 20.18 0.43 -35.39
C HIS F 85 19.70 1.78 -35.94
N PRO F 86 19.51 1.87 -37.26
CA PRO F 86 18.95 3.09 -37.83
C PRO F 86 17.49 3.23 -37.48
N VAL F 87 17.05 4.46 -37.25
CA VAL F 87 15.67 4.72 -36.86
C VAL F 87 14.78 4.69 -38.09
N HIS F 88 13.79 3.80 -38.08
CA HIS F 88 12.78 3.77 -39.12
C HIS F 88 11.96 5.05 -39.07
N ALA F 89 11.95 5.81 -40.17
CA ALA F 89 11.22 7.06 -40.20
C ALA F 89 9.72 6.81 -40.21
N GLY F 90 8.96 7.79 -39.71
CA GLY F 90 7.52 7.71 -39.71
C GLY F 90 6.91 7.97 -38.35
N PRO F 91 5.58 7.87 -38.27
CA PRO F 91 4.91 8.09 -36.98
C PRO F 91 5.02 6.88 -36.07
N ILE F 92 5.05 7.16 -34.77
CA ILE F 92 5.22 6.14 -33.74
C ILE F 92 3.86 5.60 -33.33
N ALA F 93 3.74 4.27 -33.29
CA ALA F 93 2.49 3.64 -32.90
C ALA F 93 2.07 4.07 -31.49
N PRO F 94 0.76 4.15 -31.22
CA PRO F 94 0.31 4.55 -29.89
C PRO F 94 0.76 3.55 -28.83
N GLY F 95 1.22 4.09 -27.69
CA GLY F 95 1.77 3.27 -26.64
C GLY F 95 3.17 2.77 -26.89
N GLN F 96 3.86 3.28 -27.89
CA GLN F 96 5.22 2.88 -28.21
C GLN F 96 6.16 4.06 -28.09
N MET F 97 7.45 3.76 -28.01
CA MET F 97 8.50 4.76 -27.98
C MET F 97 9.19 4.82 -29.35
N ARG F 98 9.62 6.02 -29.73
CA ARG F 98 10.44 6.16 -30.92
C ARG F 98 11.78 5.47 -30.71
N GLU F 99 12.35 4.98 -31.80
CA GLU F 99 13.63 4.27 -31.73
C GLU F 99 14.75 5.24 -31.37
N PRO F 100 15.59 4.92 -30.40
CA PRO F 100 16.66 5.85 -29.99
C PRO F 100 17.84 5.81 -30.94
N ARG F 101 18.39 7.00 -31.22
CA ARG F 101 19.66 7.09 -31.93
C ARG F 101 20.79 7.18 -30.91
N GLY F 102 22.04 7.19 -31.41
CA GLY F 102 23.19 7.21 -30.53
C GLY F 102 23.23 8.42 -29.62
N SER F 103 22.80 9.58 -30.12
CA SER F 103 22.79 10.79 -29.31
C SER F 103 21.67 10.78 -28.27
N ASP F 104 20.61 10.00 -28.50
CA ASP F 104 19.60 9.84 -27.47
C ASP F 104 20.13 8.99 -26.31
N ILE F 105 20.88 7.95 -26.63
CA ILE F 105 21.49 7.11 -25.61
C ILE F 105 22.48 7.93 -24.78
N ALA F 106 23.27 8.78 -25.44
CA ALA F 106 24.22 9.61 -24.72
C ALA F 106 23.58 10.83 -24.07
N GLY F 107 22.29 11.05 -24.29
CA GLY F 107 21.56 12.09 -23.59
C GLY F 107 21.68 13.48 -24.15
N THR F 108 22.24 13.64 -25.35
CA THR F 108 22.38 14.96 -25.96
C THR F 108 21.12 15.43 -26.69
N THR F 109 20.32 14.51 -27.25
CA THR F 109 19.12 14.89 -27.98
C THR F 109 17.87 14.20 -27.44
N SER F 110 17.92 13.69 -26.22
CA SER F 110 16.77 13.06 -25.59
C SER F 110 16.43 13.78 -24.29
N THR F 111 15.15 13.79 -23.94
CA THR F 111 14.71 14.38 -22.69
C THR F 111 14.72 13.32 -21.59
N LEU F 112 14.58 13.79 -20.34
CA LEU F 112 14.46 12.87 -19.22
C LEU F 112 13.23 11.99 -19.37
N GLN F 113 12.12 12.56 -19.86
CA GLN F 113 10.89 11.79 -20.00
C GLN F 113 11.05 10.68 -21.02
N GLU F 114 11.79 10.93 -22.10
CA GLU F 114 12.03 9.89 -23.09
C GLU F 114 12.92 8.78 -22.52
N GLN F 115 13.98 9.16 -21.79
CA GLN F 115 14.87 8.16 -21.21
C GLN F 115 14.11 7.26 -20.23
N ILE F 116 13.21 7.85 -19.43
CA ILE F 116 12.40 7.05 -18.52
C ILE F 116 11.50 6.10 -19.29
N GLY F 117 10.85 6.61 -20.33
CA GLY F 117 9.97 5.76 -21.13
C GLY F 117 10.69 4.59 -21.77
N TRP F 118 11.95 4.80 -22.18
CA TRP F 118 12.74 3.71 -22.74
C TRP F 118 13.08 2.68 -21.68
N MET F 119 13.52 3.14 -20.50
CA MET F 119 14.05 2.23 -19.49
C MET F 119 12.96 1.46 -18.75
N THR F 120 11.72 1.95 -18.76
CA THR F 120 10.61 1.28 -18.10
C THR F 120 9.62 0.66 -19.07
N HIS F 121 9.94 0.65 -20.36
CA HIS F 121 9.05 0.07 -21.36
C HIS F 121 8.99 -1.45 -21.19
N ASN F 122 8.02 -2.07 -21.85
CA ASN F 122 7.85 -3.51 -21.83
C ASN F 122 7.95 -4.04 -23.24
N PRO F 123 9.08 -4.65 -23.64
CA PRO F 123 10.31 -4.86 -22.86
C PRO F 123 11.14 -3.57 -22.76
N PRO F 124 12.04 -3.47 -21.78
CA PRO F 124 12.79 -2.22 -21.61
C PRO F 124 13.94 -2.12 -22.60
N ILE F 125 14.19 -0.89 -23.04
CA ILE F 125 15.37 -0.58 -23.83
C ILE F 125 16.34 0.14 -22.90
N PRO F 126 17.43 -0.51 -22.46
CA PRO F 126 18.26 0.02 -21.36
C PRO F 126 19.24 1.08 -21.84
N VAL F 127 18.72 2.26 -22.19
CA VAL F 127 19.57 3.34 -22.68
C VAL F 127 20.58 3.75 -21.63
N GLY F 128 20.24 3.58 -20.34
CA GLY F 128 21.20 3.87 -19.29
C GLY F 128 22.33 2.87 -19.23
N GLU F 129 22.01 1.59 -19.37
CA GLU F 129 23.05 0.55 -19.36
C GLU F 129 23.92 0.63 -20.61
N ILE F 130 23.32 0.91 -21.76
CA ILE F 130 24.09 1.02 -23.00
C ILE F 130 25.06 2.19 -22.92
N TYR F 131 24.57 3.34 -22.44
CA TYR F 131 25.44 4.51 -22.32
C TYR F 131 26.58 4.26 -21.33
N LYS F 132 26.28 3.63 -20.19
CA LYS F 132 27.33 3.29 -19.22
C LYS F 132 28.36 2.36 -19.84
N ARG F 133 27.95 1.44 -20.71
CA ARG F 133 28.90 0.58 -21.41
C ARG F 133 29.87 1.42 -22.24
N TRP F 134 29.36 2.43 -22.96
CA TRP F 134 30.24 3.30 -23.74
C TRP F 134 31.16 4.11 -22.83
N ILE F 135 30.64 4.57 -21.69
CA ILE F 135 31.45 5.36 -20.77
C ILE F 135 32.59 4.53 -20.22
N ILE F 136 32.31 3.28 -19.84
CA ILE F 136 33.35 2.41 -19.29
C ILE F 136 34.40 2.10 -20.35
N LEU F 137 34.00 1.97 -21.62
CA LEU F 137 34.99 1.79 -22.68
C LEU F 137 35.95 2.98 -22.75
N GLY F 138 35.42 4.20 -22.66
CA GLY F 138 36.29 5.36 -22.63
C GLY F 138 37.12 5.46 -21.37
N LEU F 139 36.57 4.99 -20.25
CA LEU F 139 37.32 5.03 -19.00
C LEU F 139 38.47 4.03 -19.00
N ASN F 140 38.29 2.88 -19.67
CA ASN F 140 39.39 1.93 -19.82
C ASN F 140 40.59 2.59 -20.48
N LYS F 141 40.36 3.40 -21.52
CA LYS F 141 41.45 4.12 -22.17
C LYS F 141 42.13 5.08 -21.21
N ILE F 142 41.34 5.80 -20.40
CA ILE F 142 41.90 6.80 -19.49
C ILE F 142 42.75 6.12 -18.41
N VAL F 143 42.30 4.97 -17.91
CA VAL F 143 43.06 4.25 -16.89
C VAL F 143 44.44 3.87 -17.43
N ARG F 144 44.51 3.42 -18.69
CA ARG F 144 45.79 3.07 -19.28
C ARG F 144 46.67 4.29 -19.49
N MET F 145 46.07 5.42 -19.91
CA MET F 145 46.85 6.63 -20.13
C MET F 145 47.45 7.15 -18.83
N TYR F 146 46.74 7.01 -17.71
CA TYR F 146 47.25 7.47 -16.42
C TYR F 146 48.18 6.45 -15.76
N SER F 147 48.27 5.25 -16.29
CA SER F 147 49.20 4.25 -15.77
C SER F 147 50.28 3.98 -16.82
N PRO F 148 51.33 4.81 -16.85
CA PRO F 148 52.33 4.68 -17.92
C PRO F 148 53.27 3.50 -17.75
N THR F 149 53.65 3.20 -16.50
CA THR F 149 54.68 2.20 -16.24
C THR F 149 54.27 0.84 -16.78
N SER F 150 55.11 0.28 -17.64
CA SER F 150 54.83 -1.03 -18.22
C SER F 150 55.04 -2.13 -17.20
N ILE F 151 54.32 -3.24 -17.40
CA ILE F 151 54.50 -4.41 -16.54
C ILE F 151 55.91 -4.96 -16.67
N LEU F 152 56.55 -4.76 -17.83
CA LEU F 152 57.91 -5.23 -18.05
C LEU F 152 58.92 -4.49 -17.19
N ASP F 153 58.57 -3.31 -16.67
CA ASP F 153 59.45 -2.50 -15.85
C ASP F 153 59.15 -2.60 -14.36
N ILE F 154 58.35 -3.58 -13.95
CA ILE F 154 58.09 -3.83 -12.54
C ILE F 154 59.08 -4.88 -12.05
N ARG F 155 60.06 -4.46 -11.26
CA ARG F 155 61.12 -5.35 -10.79
C ARG F 155 61.27 -5.22 -9.28
N GLN F 156 61.30 -6.36 -8.59
CA GLN F 156 61.42 -6.37 -7.14
C GLN F 156 62.76 -5.77 -6.70
N GLY F 157 62.69 -4.85 -5.73
CA GLY F 157 63.88 -4.26 -5.19
C GLY F 157 64.73 -5.27 -4.46
N PRO F 158 66.03 -4.99 -4.33
CA PRO F 158 66.93 -5.93 -3.63
C PRO F 158 66.45 -6.28 -2.23
N LYS F 159 65.86 -5.33 -1.50
CA LYS F 159 65.31 -5.60 -0.17
C LYS F 159 63.81 -5.37 -0.12
N GLU F 160 63.13 -5.28 -1.25
CA GLU F 160 61.69 -5.10 -1.23
C GLU F 160 61.02 -6.43 -0.88
N PRO F 161 60.06 -6.43 0.05
CA PRO F 161 59.35 -7.68 0.35
C PRO F 161 58.61 -8.19 -0.88
N PHE F 162 58.56 -9.52 -1.01
CA PHE F 162 57.94 -10.13 -2.18
C PHE F 162 56.47 -9.72 -2.29
N ARG F 163 55.76 -9.66 -1.17
CA ARG F 163 54.34 -9.29 -1.21
C ARG F 163 54.13 -7.90 -1.78
N ASP F 164 55.01 -6.95 -1.43
CA ASP F 164 54.88 -5.60 -1.98
C ASP F 164 55.20 -5.58 -3.47
N TYR F 165 56.15 -6.40 -3.90
CA TYR F 165 56.46 -6.51 -5.32
C TYR F 165 55.28 -7.07 -6.11
N VAL F 166 54.63 -8.11 -5.57
CA VAL F 166 53.47 -8.67 -6.27
C VAL F 166 52.31 -7.69 -6.27
N ASP F 167 52.16 -6.88 -5.20
CA ASP F 167 51.14 -5.84 -5.21
C ASP F 167 51.34 -4.88 -6.38
N ARG F 168 52.57 -4.40 -6.58
CA ARG F 168 52.82 -3.48 -7.68
C ARG F 168 52.64 -4.17 -9.02
N PHE F 169 53.01 -5.45 -9.09
CA PHE F 169 52.92 -6.20 -10.34
C PHE F 169 51.46 -6.29 -10.80
N TYR F 170 50.58 -6.81 -9.95
CA TYR F 170 49.21 -7.03 -10.37
C TYR F 170 48.39 -5.75 -10.42
N LYS F 171 48.78 -4.71 -9.70
CA LYS F 171 48.11 -3.43 -9.87
C LYS F 171 48.46 -2.81 -11.22
N THR F 172 49.73 -2.93 -11.64
CA THR F 172 50.10 -2.47 -12.98
C THR F 172 49.40 -3.30 -14.05
N LEU F 173 49.35 -4.63 -13.87
CA LEU F 173 48.68 -5.50 -14.83
C LEU F 173 47.18 -5.18 -14.91
N ARG F 174 46.56 -4.81 -13.79
CA ARG F 174 45.12 -4.51 -13.82
C ARG F 174 44.82 -3.32 -14.71
N ALA F 175 45.64 -2.27 -14.60
CA ALA F 175 45.45 -1.09 -15.45
C ALA F 175 45.66 -1.43 -16.92
N GLU F 176 46.68 -2.23 -17.23
CA GLU F 176 46.97 -2.56 -18.63
C GLU F 176 45.85 -3.39 -19.25
N GLN F 177 45.24 -4.28 -18.46
CA GLN F 177 44.27 -5.23 -18.98
C GLN F 177 42.82 -4.82 -18.71
N ALA F 178 42.59 -3.55 -18.36
CA ALA F 178 41.23 -3.02 -18.17
C ALA F 178 40.42 -3.85 -17.18
N SER F 179 41.09 -4.41 -16.17
CA SER F 179 40.46 -5.23 -15.13
C SER F 179 39.79 -6.48 -15.70
N GLN F 180 40.28 -6.98 -16.82
CA GLN F 180 39.72 -8.17 -17.45
C GLN F 180 40.41 -9.42 -16.91
N GLU F 181 39.61 -10.40 -16.50
CA GLU F 181 40.15 -11.66 -16.01
C GLU F 181 40.91 -12.37 -17.13
N VAL F 182 42.19 -12.64 -16.90
CA VAL F 182 43.06 -13.23 -17.91
C VAL F 182 43.91 -14.31 -17.26
N LYS F 183 43.71 -15.55 -17.67
CA LYS F 183 44.57 -16.66 -17.26
C LYS F 183 45.64 -16.86 -18.31
N ASN F 184 46.91 -16.69 -17.92
CA ASN F 184 48.01 -16.76 -18.87
C ASN F 184 49.28 -17.14 -18.14
N ALA F 185 50.01 -18.12 -18.68
CA ALA F 185 51.21 -18.60 -18.01
C ALA F 185 52.37 -17.63 -18.16
N ALA F 186 52.42 -16.87 -19.25
CA ALA F 186 53.56 -15.99 -19.49
C ALA F 186 53.67 -14.90 -18.43
N THR F 187 52.54 -14.31 -18.04
CA THR F 187 52.58 -13.25 -17.03
C THR F 187 52.99 -13.81 -15.67
N GLU F 188 52.71 -15.08 -15.40
CA GLU F 188 53.13 -15.68 -14.14
C GLU F 188 54.61 -16.03 -14.14
N THR F 189 55.18 -16.32 -15.32
CA THR F 189 56.63 -16.50 -15.40
C THR F 189 57.36 -15.17 -15.44
N LEU F 190 56.72 -14.11 -15.94
CA LEU F 190 57.31 -12.78 -15.86
C LEU F 190 57.42 -12.30 -14.42
N LEU F 191 56.48 -12.71 -13.56
CA LEU F 191 56.56 -12.36 -12.15
C LEU F 191 57.80 -12.96 -11.51
N VAL F 192 58.07 -14.24 -11.79
CA VAL F 192 59.29 -14.87 -11.28
C VAL F 192 60.51 -14.26 -11.95
N GLN F 193 60.40 -13.93 -13.24
CA GLN F 193 61.54 -13.43 -13.99
C GLN F 193 62.07 -12.11 -13.44
N ASN F 194 61.18 -11.26 -12.91
CA ASN F 194 61.57 -9.94 -12.43
C ASN F 194 61.62 -9.86 -10.91
N ALA F 195 61.59 -10.99 -10.21
CA ALA F 195 61.87 -11.00 -8.78
C ALA F 195 63.36 -10.77 -8.54
N ASN F 196 63.70 -10.40 -7.31
CA ASN F 196 65.09 -10.10 -6.97
C ASN F 196 65.88 -11.41 -6.91
N PRO F 197 67.22 -11.34 -6.87
CA PRO F 197 68.01 -12.59 -6.90
C PRO F 197 67.69 -13.58 -5.79
N ASP F 198 67.49 -13.10 -4.56
CA ASP F 198 67.26 -14.01 -3.44
C ASP F 198 65.96 -14.78 -3.59
N CYS F 199 64.84 -14.08 -3.82
CA CYS F 199 63.57 -14.78 -3.96
CA CYS F 199 63.55 -14.75 -3.97
C CYS F 199 63.49 -15.57 -5.26
N LYS F 200 64.15 -15.08 -6.32
CA LYS F 200 64.14 -15.82 -7.59
C LYS F 200 64.83 -17.17 -7.44
N THR F 201 65.87 -17.25 -6.61
CA THR F 201 66.49 -18.54 -6.33
C THR F 201 65.52 -19.48 -5.62
N ILE F 202 64.80 -18.97 -4.62
CA ILE F 202 63.85 -19.79 -3.87
C ILE F 202 62.68 -20.21 -4.75
N LEU F 203 62.21 -19.31 -5.61
CA LEU F 203 61.07 -19.65 -6.48
C LEU F 203 61.43 -20.75 -7.47
N LYS F 204 62.61 -20.66 -8.09
CA LYS F 204 63.05 -21.71 -9.00
C LYS F 204 63.25 -23.03 -8.26
N ALA F 205 63.64 -22.98 -6.99
CA ALA F 205 63.80 -24.19 -6.19
C ALA F 205 62.46 -24.82 -5.81
N LEU F 206 61.34 -24.12 -6.05
CA LEU F 206 60.03 -24.71 -5.81
C LEU F 206 59.60 -25.63 -6.94
N GLY F 207 60.03 -25.34 -8.16
CA GLY F 207 59.59 -26.08 -9.32
C GLY F 207 58.53 -25.32 -10.09
N PRO F 208 58.32 -25.71 -11.35
CA PRO F 208 57.34 -25.00 -12.17
C PRO F 208 55.92 -25.28 -11.71
N GLY F 209 55.00 -24.44 -12.19
CA GLY F 209 53.60 -24.60 -11.88
C GLY F 209 53.25 -24.48 -10.41
N ALA F 210 53.84 -23.49 -9.73
CA ALA F 210 53.56 -23.25 -8.33
C ALA F 210 52.52 -22.15 -8.19
N THR F 211 51.60 -22.32 -7.25
CA THR F 211 50.57 -21.32 -7.02
C THR F 211 51.16 -20.07 -6.37
N LEU F 212 50.42 -18.97 -6.47
CA LEU F 212 50.88 -17.73 -5.88
C LEU F 212 51.02 -17.84 -4.37
N GLU F 213 50.09 -18.57 -3.73
CA GLU F 213 50.18 -18.77 -2.28
C GLU F 213 51.46 -19.48 -1.90
N GLU F 214 51.85 -20.50 -2.67
CA GLU F 214 53.09 -21.20 -2.39
C GLU F 214 54.30 -20.31 -2.62
N MET F 215 54.23 -19.44 -3.64
CA MET F 215 55.37 -18.57 -3.94
C MET F 215 55.55 -17.51 -2.86
N MET F 216 54.47 -16.89 -2.39
CA MET F 216 54.60 -15.85 -1.38
C MET F 216 55.01 -16.43 -0.04
N THR F 217 54.57 -17.65 0.28
CA THR F 217 55.02 -18.29 1.52
C THR F 217 56.51 -18.61 1.46
N ALA F 218 57.00 -19.04 0.30
CA ALA F 218 58.41 -19.40 0.17
C ALA F 218 59.31 -18.18 0.31
N CYS F 219 58.88 -17.03 -0.21
CA CYS F 219 59.67 -15.81 -0.13
C CYS F 219 59.25 -14.91 1.02
N GLN F 220 58.52 -15.47 2.01
CA GLN F 220 58.04 -14.66 3.12
C GLN F 220 59.18 -14.10 3.98
N GLY F 221 60.36 -14.71 3.92
CA GLY F 221 61.50 -14.21 4.66
C GLY F 221 61.97 -12.85 4.16
N PRO G 2 -20.27 8.83 -9.82
CA PRO G 2 -20.23 9.47 -8.49
C PRO G 2 -18.81 9.73 -8.00
N ILE G 3 -18.68 10.72 -7.13
CA ILE G 3 -17.42 11.05 -6.47
C ILE G 3 -17.43 10.37 -5.11
N VAL G 4 -16.54 9.39 -4.92
CA VAL G 4 -16.54 8.54 -3.73
C VAL G 4 -15.14 8.51 -3.12
N GLN G 5 -15.08 7.99 -1.91
CA GLN G 5 -13.82 7.80 -1.21
C GLN G 5 -13.14 6.52 -1.69
N ASN G 6 -11.84 6.62 -1.95
CA ASN G 6 -11.06 5.51 -2.48
C ASN G 6 -10.83 4.45 -1.41
N LEU G 7 -10.09 3.41 -1.77
CA LEU G 7 -9.54 2.46 -0.80
C LEU G 7 -8.28 2.99 -0.14
N GLN G 8 -7.84 4.21 -0.50
CA GLN G 8 -6.63 4.79 0.05
C GLN G 8 -6.83 6.24 0.51
N GLY G 9 -8.06 6.62 0.87
CA GLY G 9 -8.33 7.96 1.35
C GLY G 9 -8.22 9.05 0.31
N GLN G 10 -8.78 8.82 -0.87
CA GLN G 10 -8.75 9.78 -1.97
C GLN G 10 -10.16 9.97 -2.51
N MET G 11 -10.45 11.18 -3.00
CA MET G 11 -11.74 11.49 -3.61
C MET G 11 -11.63 11.33 -5.13
N VAL G 12 -12.11 10.21 -5.65
CA VAL G 12 -11.98 9.88 -7.07
C VAL G 12 -13.38 9.83 -7.69
N HIS G 13 -13.40 9.82 -9.01
CA HIS G 13 -14.63 9.67 -9.77
C HIS G 13 -14.77 8.21 -10.21
N GLN G 14 -15.96 7.66 -10.02
CA GLN G 14 -16.25 6.30 -10.43
C GLN G 14 -17.50 6.30 -11.32
N CYS G 15 -17.59 5.28 -12.16
CA CYS G 15 -18.77 5.10 -12.99
C CYS G 15 -19.95 4.65 -12.15
N ILE G 16 -21.16 4.96 -12.62
CA ILE G 16 -22.36 4.46 -11.96
C ILE G 16 -22.38 2.94 -12.04
N SER G 17 -22.69 2.30 -10.91
CA SER G 17 -22.73 0.84 -10.88
C SER G 17 -23.93 0.33 -11.67
N PRO G 18 -23.77 -0.77 -12.41
CA PRO G 18 -24.96 -1.39 -13.03
C PRO G 18 -25.99 -1.82 -12.00
N ARG G 19 -25.53 -2.29 -10.84
CA ARG G 19 -26.44 -2.63 -9.75
C ARG G 19 -27.26 -1.42 -9.33
N THR G 20 -26.62 -0.26 -9.21
CA THR G 20 -27.32 0.95 -8.82
C THR G 20 -28.36 1.36 -9.86
N LEU G 21 -28.02 1.21 -11.14
CA LEU G 21 -28.93 1.62 -12.21
C LEU G 21 -30.15 0.72 -12.28
N ASN G 22 -29.95 -0.60 -12.21
CA ASN G 22 -31.08 -1.52 -12.21
C ASN G 22 -31.96 -1.32 -10.99
N ALA G 23 -31.37 -0.92 -9.86
CA ALA G 23 -32.17 -0.70 -8.65
C ALA G 23 -33.13 0.47 -8.84
N TRP G 24 -32.62 1.60 -9.34
CA TRP G 24 -33.47 2.77 -9.53
C TRP G 24 -34.56 2.51 -10.56
N VAL G 25 -34.24 1.75 -11.61
CA VAL G 25 -35.23 1.41 -12.63
C VAL G 25 -36.33 0.54 -12.04
N LYS G 26 -35.94 -0.48 -11.26
CA LYS G 26 -36.94 -1.37 -10.67
C LYS G 26 -37.83 -0.63 -9.67
N VAL G 27 -37.26 0.33 -8.93
CA VAL G 27 -38.05 1.07 -7.94
C VAL G 27 -39.15 1.88 -8.62
N VAL G 28 -38.82 2.55 -9.73
CA VAL G 28 -39.82 3.34 -10.43
C VAL G 28 -40.88 2.42 -11.04
N GLU G 29 -40.48 1.27 -11.57
CA GLU G 29 -41.44 0.37 -12.19
C GLU G 29 -42.36 -0.28 -11.17
N GLU G 30 -41.86 -0.59 -9.98
CA GLU G 30 -42.64 -1.28 -8.96
C GLU G 30 -43.49 -0.33 -8.11
N LYS G 31 -42.98 0.87 -7.80
CA LYS G 31 -43.62 1.76 -6.85
C LYS G 31 -44.11 3.06 -7.46
N ALA G 32 -43.87 3.30 -8.75
CA ALA G 32 -44.25 4.55 -9.41
C ALA G 32 -43.74 5.76 -8.64
N PHE G 33 -44.66 6.61 -8.19
CA PHE G 33 -44.29 7.80 -7.42
C PHE G 33 -44.90 7.74 -6.02
N SER G 34 -44.95 6.55 -5.44
CA SER G 34 -45.25 6.43 -4.02
C SER G 34 -44.19 7.21 -3.24
N PRO G 35 -44.56 7.81 -2.11
CA PRO G 35 -43.62 8.70 -1.41
C PRO G 35 -42.27 8.09 -1.11
N GLU G 36 -42.20 6.78 -0.84
CA GLU G 36 -40.92 6.18 -0.49
C GLU G 36 -39.94 6.12 -1.64
N VAL G 37 -40.35 6.52 -2.84
CA VAL G 37 -39.45 6.54 -3.99
C VAL G 37 -38.39 7.63 -3.84
N ILE G 38 -38.75 8.76 -3.23
CA ILE G 38 -37.87 9.92 -3.14
C ILE G 38 -36.66 9.62 -2.26
N PRO G 39 -36.82 9.08 -1.04
CA PRO G 39 -35.62 8.71 -0.28
C PRO G 39 -34.82 7.60 -0.93
N MET G 40 -35.46 6.74 -1.72
CA MET G 40 -34.71 5.73 -2.45
C MET G 40 -33.85 6.36 -3.55
N PHE G 41 -34.37 7.40 -4.21
CA PHE G 41 -33.59 8.11 -5.22
C PHE G 41 -32.41 8.83 -4.58
N SER G 42 -32.62 9.43 -3.41
CA SER G 42 -31.53 10.13 -2.73
C SER G 42 -30.43 9.16 -2.31
N ALA G 43 -30.81 7.97 -1.84
CA ALA G 43 -29.82 7.01 -1.38
C ALA G 43 -29.05 6.40 -2.55
N LEU G 44 -29.75 6.12 -3.66
CA LEU G 44 -29.10 5.54 -4.82
C LEU G 44 -28.23 6.53 -5.58
N SER G 45 -28.35 7.82 -5.29
CA SER G 45 -27.55 8.86 -5.94
C SER G 45 -26.54 9.49 -4.98
N CYS G 46 -26.03 8.72 -4.03
CA CYS G 46 -25.07 9.24 -3.07
C CYS G 46 -23.74 9.54 -3.76
N GLY G 47 -23.25 10.76 -3.58
CA GLY G 47 -22.04 11.21 -4.25
C GLY G 47 -22.21 11.51 -5.73
N ALA G 48 -23.44 11.57 -6.23
CA ALA G 48 -23.64 11.68 -7.67
C ALA G 48 -23.24 13.06 -8.18
N THR G 49 -22.68 13.06 -9.39
CA THR G 49 -22.48 14.29 -10.13
C THR G 49 -23.78 14.66 -10.83
N PRO G 50 -23.90 15.90 -11.33
CA PRO G 50 -25.05 16.23 -12.18
C PRO G 50 -25.22 15.29 -13.38
N GLN G 51 -24.11 14.82 -13.96
CA GLN G 51 -24.19 13.85 -15.05
C GLN G 51 -24.83 12.55 -14.59
N ASP G 52 -24.52 12.12 -13.36
CA ASP G 52 -25.10 10.89 -12.85
C ASP G 52 -26.59 11.06 -12.56
N LEU G 53 -26.98 12.22 -12.04
CA LEU G 53 -28.40 12.47 -11.77
C LEU G 53 -29.20 12.44 -13.07
N ASN G 54 -28.70 13.09 -14.13
CA ASN G 54 -29.38 13.06 -15.42
C ASN G 54 -29.43 11.66 -15.99
N THR G 55 -28.40 10.85 -15.73
CA THR G 55 -28.40 9.46 -16.20
C THR G 55 -29.54 8.67 -15.56
N MET G 56 -29.66 8.79 -14.23
CA MET G 56 -30.74 8.09 -13.53
C MET G 56 -32.11 8.54 -14.01
N LEU G 57 -32.30 9.85 -14.18
CA LEU G 57 -33.58 10.33 -14.70
C LEU G 57 -33.83 9.84 -16.12
N ASN G 58 -32.77 9.69 -16.92
CA ASN G 58 -32.93 9.25 -18.31
C ASN G 58 -33.28 7.79 -18.44
N THR G 59 -32.97 6.97 -17.43
CA THR G 59 -33.31 5.55 -17.49
C THR G 59 -34.78 5.28 -17.22
N VAL G 60 -35.52 6.26 -16.69
CA VAL G 60 -36.96 6.10 -16.49
C VAL G 60 -37.62 5.97 -17.86
N GLY G 61 -38.29 4.84 -18.08
CA GLY G 61 -38.93 4.57 -19.36
C GLY G 61 -40.23 5.30 -19.57
N GLY G 62 -41.18 5.11 -18.66
CA GLY G 62 -42.48 5.75 -18.74
C GLY G 62 -42.53 7.04 -17.94
N HIS G 63 -43.76 7.41 -17.56
CA HIS G 63 -44.02 8.59 -16.73
C HIS G 63 -43.45 9.86 -17.37
N GLN G 64 -43.55 9.96 -18.68
CA GLN G 64 -42.94 11.09 -19.38
C GLN G 64 -43.67 12.40 -19.11
N ALA G 65 -44.93 12.36 -18.66
CA ALA G 65 -45.58 13.57 -18.20
C ALA G 65 -44.92 14.10 -16.94
N ALA G 66 -44.63 13.21 -15.98
CA ALA G 66 -43.96 13.63 -14.77
C ALA G 66 -42.55 14.14 -15.05
N MET G 67 -41.85 13.52 -16.00
CA MET G 67 -40.49 13.95 -16.30
C MET G 67 -40.46 15.36 -16.89
N GLN G 68 -41.45 15.69 -17.72
CA GLN G 68 -41.54 17.05 -18.25
C GLN G 68 -41.82 18.05 -17.13
N MET G 69 -42.72 17.71 -16.20
CA MET G 69 -42.95 18.56 -15.04
C MET G 69 -41.68 18.73 -14.22
N LEU G 70 -40.92 17.65 -14.05
CA LEU G 70 -39.66 17.72 -13.32
C LEU G 70 -38.70 18.70 -13.99
N LYS G 71 -38.60 18.63 -15.32
CA LYS G 71 -37.73 19.55 -16.05
C LYS G 71 -38.13 21.01 -15.80
N GLU G 72 -39.43 21.29 -15.81
CA GLU G 72 -39.89 22.66 -15.59
C GLU G 72 -39.60 23.12 -14.17
N THR G 73 -39.75 22.23 -13.19
CA THR G 73 -39.35 22.57 -11.83
C THR G 73 -37.85 22.86 -11.76
N ILE G 74 -37.04 22.02 -12.40
CA ILE G 74 -35.59 22.25 -12.45
C ILE G 74 -35.29 23.59 -13.10
N ASN G 75 -36.08 23.97 -14.10
CA ASN G 75 -35.80 25.19 -14.84
C ASN G 75 -36.04 26.43 -13.99
N GLU G 76 -37.12 26.44 -13.20
CA GLU G 76 -37.37 27.60 -12.35
C GLU G 76 -36.45 27.63 -11.14
N GLU G 77 -36.01 26.47 -10.66
CA GLU G 77 -34.99 26.47 -9.60
C GLU G 77 -33.66 26.98 -10.16
N ALA G 78 -33.37 26.69 -11.42
CA ALA G 78 -32.12 27.17 -12.02
C ALA G 78 -32.17 28.68 -12.24
N ALA G 79 -33.30 29.19 -12.75
CA ALA G 79 -33.43 30.63 -12.96
C ALA G 79 -33.39 31.39 -11.64
N GLU G 80 -33.89 30.78 -10.56
CA GLU G 80 -33.82 31.42 -9.25
C GLU G 80 -32.38 31.43 -8.73
N TRP G 81 -31.61 30.38 -9.04
CA TRP G 81 -30.21 30.36 -8.65
C TRP G 81 -29.44 31.51 -9.27
N ASP G 82 -29.67 31.76 -10.56
CA ASP G 82 -29.00 32.87 -11.23
C ASP G 82 -29.43 34.22 -10.67
N ARG G 83 -30.65 34.30 -10.14
CA ARG G 83 -31.09 35.56 -9.53
C ARG G 83 -30.39 35.81 -8.21
N LEU G 84 -30.26 34.77 -7.37
CA LEU G 84 -29.56 34.92 -6.10
C LEU G 84 -28.07 35.16 -6.31
N HIS G 85 -27.51 34.66 -7.41
CA HIS G 85 -26.08 34.79 -7.72
C HIS G 85 -25.94 35.58 -9.01
N PRO G 86 -25.89 36.92 -8.94
CA PRO G 86 -25.77 37.79 -10.13
C PRO G 86 -24.51 37.52 -10.96
N ILE G 92 -11.62 41.26 -10.60
CA ILE G 92 -11.50 39.82 -10.40
C ILE G 92 -10.15 39.46 -9.80
N ALA G 93 -10.14 38.59 -8.79
CA ALA G 93 -8.91 38.09 -8.23
C ALA G 93 -8.22 37.17 -9.23
N PRO G 94 -6.88 37.08 -9.18
CA PRO G 94 -6.18 36.22 -10.16
C PRO G 94 -6.60 34.77 -10.10
N GLY G 95 -6.86 34.24 -8.90
CA GLY G 95 -7.23 32.85 -8.76
C GLY G 95 -8.68 32.63 -8.39
N GLN G 96 -9.53 33.60 -8.73
CA GLN G 96 -10.96 33.47 -8.46
C GLN G 96 -11.59 32.50 -9.45
N MET G 97 -12.22 31.45 -8.92
CA MET G 97 -12.81 30.40 -9.74
C MET G 97 -14.16 30.84 -10.30
N ARG G 98 -14.45 30.36 -11.51
CA ARG G 98 -15.75 30.63 -12.11
C ARG G 98 -16.84 29.89 -11.36
N GLU G 99 -17.88 30.63 -10.94
CA GLU G 99 -18.97 30.00 -10.20
C GLU G 99 -20.03 29.48 -11.15
N PRO G 100 -20.70 28.38 -10.79
CA PRO G 100 -21.64 27.76 -11.73
C PRO G 100 -22.93 28.55 -11.86
N ARG G 101 -23.51 28.49 -13.06
CA ARG G 101 -24.84 29.02 -13.30
C ARG G 101 -25.86 27.89 -13.11
N GLY G 102 -27.14 28.22 -13.24
CA GLY G 102 -28.18 27.21 -13.07
C GLY G 102 -28.04 26.06 -14.06
N SER G 103 -27.75 26.39 -15.32
CA SER G 103 -27.59 25.34 -16.33
C SER G 103 -26.34 24.51 -16.09
N ASP G 104 -25.35 25.06 -15.40
CA ASP G 104 -24.17 24.27 -15.03
C ASP G 104 -24.49 23.27 -13.93
N ILE G 105 -25.39 23.63 -13.00
CA ILE G 105 -25.77 22.72 -11.94
C ILE G 105 -26.63 21.58 -12.48
N ALA G 106 -27.53 21.90 -13.43
CA ALA G 106 -28.39 20.88 -14.03
C ALA G 106 -27.66 20.05 -15.07
N GLY G 107 -26.40 20.34 -15.36
CA GLY G 107 -25.64 19.55 -16.30
C GLY G 107 -26.00 19.75 -17.76
N THR G 108 -26.59 20.89 -18.12
CA THR G 108 -26.91 21.16 -19.52
C THR G 108 -25.82 21.95 -20.23
N THR G 109 -25.06 22.76 -19.50
CA THR G 109 -23.97 23.54 -20.08
C THR G 109 -22.63 23.25 -19.42
N SER G 110 -22.53 22.20 -18.63
CA SER G 110 -21.30 21.87 -17.94
C SER G 110 -20.81 20.49 -18.36
N THR G 111 -19.49 20.35 -18.40
CA THR G 111 -18.86 19.06 -18.65
C THR G 111 -18.68 18.31 -17.33
N LEU G 112 -18.46 17.00 -17.43
CA LEU G 112 -18.17 16.20 -16.25
C LEU G 112 -16.92 16.71 -15.53
N GLN G 113 -15.93 17.19 -16.28
CA GLN G 113 -14.72 17.67 -15.64
C GLN G 113 -14.96 18.98 -14.89
N GLU G 114 -15.84 19.83 -15.41
CA GLU G 114 -16.19 21.05 -14.68
C GLU G 114 -16.98 20.73 -13.41
N GLN G 115 -17.90 19.77 -13.49
CA GLN G 115 -18.65 19.35 -12.30
C GLN G 115 -17.70 18.79 -11.23
N ILE G 116 -16.78 17.93 -11.65
CA ILE G 116 -15.79 17.38 -10.71
C ILE G 116 -14.95 18.50 -10.12
N GLY G 117 -14.57 19.49 -10.95
CA GLY G 117 -13.80 20.61 -10.44
C GLY G 117 -14.51 21.37 -9.33
N TRP G 118 -15.81 21.64 -9.50
CA TRP G 118 -16.56 22.31 -8.45
C TRP G 118 -16.71 21.43 -7.22
N MET G 119 -16.99 20.14 -7.41
CA MET G 119 -17.31 19.28 -6.28
C MET G 119 -16.08 18.95 -5.45
N THR G 120 -14.89 18.92 -6.05
CA THR G 120 -13.68 18.59 -5.34
C THR G 120 -12.83 19.82 -5.00
N HIS G 121 -13.38 21.01 -5.23
CA HIS G 121 -12.62 22.22 -4.95
C HIS G 121 -12.48 22.44 -3.44
N ASN G 122 -11.57 23.32 -3.07
CA ASN G 122 -11.34 23.69 -1.67
C ASN G 122 -11.43 25.20 -1.55
N PRO G 123 -12.57 25.74 -1.10
CA PRO G 123 -13.79 25.04 -0.65
C PRO G 123 -14.63 24.53 -1.81
N PRO G 124 -15.41 23.47 -1.61
CA PRO G 124 -16.19 22.89 -2.70
C PRO G 124 -17.54 23.57 -2.91
N ILE G 125 -17.95 23.60 -4.18
CA ILE G 125 -19.30 23.98 -4.55
C ILE G 125 -20.06 22.70 -4.91
N PRO G 126 -20.96 22.21 -4.06
CA PRO G 126 -21.58 20.88 -4.25
C PRO G 126 -22.69 20.89 -5.30
N VAL G 127 -22.29 21.00 -6.57
CA VAL G 127 -23.26 21.12 -7.66
C VAL G 127 -24.13 19.88 -7.77
N GLY G 128 -23.58 18.71 -7.40
CA GLY G 128 -24.40 17.51 -7.38
C GLY G 128 -25.46 17.52 -6.30
N GLU G 129 -25.10 18.02 -5.11
CA GLU G 129 -26.07 18.09 -4.03
C GLU G 129 -27.07 19.21 -4.25
N ILE G 130 -26.66 20.29 -4.91
CA ILE G 130 -27.59 21.36 -5.24
C ILE G 130 -28.60 20.89 -6.29
N TYR G 131 -28.12 20.18 -7.30
CA TYR G 131 -29.02 19.66 -8.32
C TYR G 131 -30.00 18.65 -7.71
N LYS G 132 -29.50 17.76 -6.85
CA LYS G 132 -30.37 16.77 -6.23
C LYS G 132 -31.49 17.42 -5.42
N ARG G 133 -31.21 18.56 -4.79
CA ARG G 133 -32.26 19.28 -4.07
C ARG G 133 -33.35 19.75 -5.04
N TRP G 134 -32.96 20.26 -6.21
CA TRP G 134 -33.95 20.69 -7.19
C TRP G 134 -34.79 19.51 -7.67
N ILE G 135 -34.13 18.37 -7.93
CA ILE G 135 -34.84 17.18 -8.40
C ILE G 135 -35.84 16.70 -7.35
N ILE G 136 -35.42 16.66 -6.08
CA ILE G 136 -36.30 16.19 -5.02
C ILE G 136 -37.50 17.12 -4.85
N LEU G 137 -37.31 18.42 -5.04
CA LEU G 137 -38.45 19.34 -5.02
C LEU G 137 -39.44 19.00 -6.12
N GLY G 138 -38.95 18.71 -7.32
CA GLY G 138 -39.84 18.32 -8.41
C GLY G 138 -40.50 16.98 -8.18
N LEU G 139 -39.75 16.03 -7.61
CA LEU G 139 -40.33 14.72 -7.33
C LEU G 139 -41.43 14.81 -6.27
N ASN G 140 -41.30 15.74 -5.33
CA ASN G 140 -42.34 15.91 -4.31
C ASN G 140 -43.63 16.44 -4.94
N LYS G 141 -43.50 17.34 -5.93
CA LYS G 141 -44.69 17.79 -6.65
C LYS G 141 -45.35 16.64 -7.40
N ILE G 142 -44.55 15.74 -7.97
CA ILE G 142 -45.11 14.61 -8.70
C ILE G 142 -45.80 13.65 -7.74
N VAL G 143 -45.28 13.50 -6.52
CA VAL G 143 -45.90 12.62 -5.55
C VAL G 143 -47.24 13.18 -5.09
N ARG G 144 -47.32 14.49 -4.83
CA ARG G 144 -48.58 15.07 -4.38
C ARG G 144 -49.64 15.03 -5.48
N MET G 145 -49.23 15.14 -6.74
CA MET G 145 -50.20 15.07 -7.84
C MET G 145 -50.67 13.64 -8.05
N TYR G 146 -49.75 12.69 -8.04
CA TYR G 146 -50.09 11.28 -8.19
C TYR G 146 -50.85 10.72 -6.99
N SER G 147 -50.95 11.47 -5.90
CA SER G 147 -51.68 11.02 -4.72
C SER G 147 -53.17 10.91 -5.05
N PRO G 148 -53.76 9.72 -4.98
CA PRO G 148 -55.17 9.56 -5.39
C PRO G 148 -56.14 10.30 -4.48
N THR G 149 -55.97 10.14 -3.18
CA THR G 149 -56.95 10.60 -2.20
C THR G 149 -56.39 11.77 -1.41
N SER G 150 -57.26 12.73 -1.10
CA SER G 150 -56.92 13.80 -0.18
C SER G 150 -57.07 13.31 1.27
N ILE G 151 -56.30 13.95 2.17
CA ILE G 151 -56.35 13.55 3.58
C ILE G 151 -57.73 13.85 4.17
N LEU G 152 -58.51 14.71 3.54
CA LEU G 152 -59.85 15.03 4.04
C LEU G 152 -60.86 13.93 3.71
N ASP G 153 -60.56 13.05 2.76
CA ASP G 153 -61.44 11.95 2.40
C ASP G 153 -61.02 10.62 3.04
N ILE G 154 -59.96 10.62 3.84
CA ILE G 154 -59.54 9.41 4.55
C ILE G 154 -60.40 9.30 5.81
N ARG G 155 -61.30 8.33 5.82
CA ARG G 155 -62.21 8.13 6.95
C ARG G 155 -62.28 6.64 7.27
N GLN G 156 -62.33 6.31 8.56
CA GLN G 156 -62.33 4.93 9.00
C GLN G 156 -63.62 4.24 8.58
N GLY G 157 -63.49 3.07 7.97
CA GLY G 157 -64.63 2.26 7.60
C GLY G 157 -65.40 1.79 8.81
N PRO G 158 -66.64 1.33 8.60
CA PRO G 158 -67.45 0.87 9.74
C PRO G 158 -66.86 -0.35 10.44
N LYS G 159 -66.30 -1.28 9.67
CA LYS G 159 -65.68 -2.48 10.23
C LYS G 159 -64.18 -2.53 9.95
N GLU G 160 -63.55 -1.38 9.68
CA GLU G 160 -62.12 -1.38 9.41
C GLU G 160 -61.33 -1.23 10.71
N PRO G 161 -60.31 -2.05 10.95
CA PRO G 161 -59.50 -1.89 12.15
C PRO G 161 -58.83 -0.52 12.19
N PHE G 162 -58.74 0.02 13.41
CA PHE G 162 -58.16 1.36 13.59
C PHE G 162 -56.72 1.43 13.10
N ARG G 163 -55.96 0.33 13.26
CA ARG G 163 -54.58 0.33 12.79
C ARG G 163 -54.50 0.49 11.27
N ASP G 164 -55.45 -0.14 10.55
CA ASP G 164 -55.47 0.00 9.10
C ASP G 164 -55.85 1.41 8.69
N TYR G 165 -56.78 2.03 9.43
CA TYR G 165 -57.19 3.39 9.12
C TYR G 165 -56.06 4.39 9.35
N VAL G 166 -55.25 4.17 10.40
CA VAL G 166 -54.11 5.05 10.63
C VAL G 166 -53.04 4.85 9.57
N ASP G 167 -52.87 3.60 9.11
CA ASP G 167 -51.91 3.32 8.04
C ASP G 167 -52.25 4.11 6.79
N ARG G 168 -53.53 4.13 6.40
CA ARG G 168 -53.93 4.90 5.23
C ARG G 168 -53.83 6.40 5.47
N PHE G 169 -54.11 6.84 6.70
CA PHE G 169 -54.05 8.27 7.01
C PHE G 169 -52.66 8.82 6.83
N TYR G 170 -51.66 8.21 7.49
CA TYR G 170 -50.30 8.74 7.45
C TYR G 170 -49.60 8.50 6.13
N LYS G 171 -49.99 7.49 5.35
CA LYS G 171 -49.41 7.33 4.03
C LYS G 171 -49.95 8.38 3.06
N THR G 172 -51.23 8.72 3.19
CA THR G 172 -51.79 9.83 2.41
C THR G 172 -51.18 11.16 2.83
N LEU G 173 -50.98 11.35 4.14
CA LEU G 173 -50.38 12.58 4.62
C LEU G 173 -48.94 12.73 4.15
N ARG G 174 -48.22 11.60 4.03
CA ARG G 174 -46.84 11.67 3.55
C ARG G 174 -46.77 12.17 2.12
N ALA G 175 -47.73 11.76 1.28
CA ALA G 175 -47.75 12.20 -0.12
C ALA G 175 -48.09 13.67 -0.27
N GLU G 176 -48.79 14.28 0.69
CA GLU G 176 -49.18 15.67 0.58
C GLU G 176 -48.21 16.62 1.26
N GLN G 177 -47.24 16.10 2.01
CA GLN G 177 -46.27 16.94 2.70
C GLN G 177 -44.84 16.47 2.42
N ALA G 185 -48.23 19.31 13.19
CA ALA G 185 -49.24 18.26 13.32
C ALA G 185 -50.62 18.86 13.53
N ALA G 186 -51.10 19.62 12.54
CA ALA G 186 -52.41 20.23 12.62
C ALA G 186 -53.53 19.27 12.22
N THR G 187 -53.24 18.30 11.36
CA THR G 187 -54.22 17.31 10.93
C THR G 187 -54.37 16.16 11.93
N GLU G 188 -53.71 16.22 13.08
CA GLU G 188 -53.91 15.19 14.09
C GLU G 188 -55.33 15.24 14.65
N THR G 189 -55.94 16.43 14.67
CA THR G 189 -57.35 16.53 15.02
C THR G 189 -58.25 15.94 13.94
N LEU G 190 -57.75 15.85 12.69
CA LEU G 190 -58.51 15.22 11.62
C LEU G 190 -58.46 13.70 11.69
N LEU G 191 -57.44 13.14 12.36
CA LEU G 191 -57.38 11.69 12.54
C LEU G 191 -58.49 11.22 13.48
N VAL G 192 -58.68 11.92 14.60
CA VAL G 192 -59.74 11.57 15.53
C VAL G 192 -61.11 11.89 14.93
N GLN G 193 -61.22 13.02 14.23
CA GLN G 193 -62.50 13.46 13.70
C GLN G 193 -63.08 12.45 12.71
N ASN G 194 -62.24 11.83 11.89
CA ASN G 194 -62.69 10.94 10.83
C ASN G 194 -62.63 9.47 11.21
N ALA G 195 -62.48 9.16 12.50
CA ALA G 195 -62.62 7.79 12.96
C ALA G 195 -64.10 7.45 13.14
N ASN G 196 -64.39 6.14 13.17
CA ASN G 196 -65.78 5.72 13.35
C ASN G 196 -66.26 6.07 14.76
N PRO G 197 -67.59 6.16 14.95
CA PRO G 197 -68.14 6.64 16.23
C PRO G 197 -67.51 6.08 17.49
N ASP G 198 -67.49 4.75 17.62
CA ASP G 198 -67.07 4.13 18.88
C ASP G 198 -65.61 4.46 19.20
N CYS G 199 -64.72 4.34 18.22
CA CYS G 199 -63.32 4.65 18.51
CA CYS G 199 -63.31 4.65 18.46
C CYS G 199 -63.10 6.15 18.68
N LYS G 200 -63.91 7.00 18.05
CA LYS G 200 -63.75 8.44 18.25
C LYS G 200 -64.08 8.84 19.68
N THR G 201 -65.09 8.20 20.27
CA THR G 201 -65.41 8.46 21.67
C THR G 201 -64.25 8.06 22.58
N ILE G 202 -63.61 6.94 22.28
CA ILE G 202 -62.46 6.50 23.08
C ILE G 202 -61.31 7.49 22.94
N LEU G 203 -61.05 7.95 21.72
CA LEU G 203 -59.93 8.87 21.48
C LEU G 203 -60.16 10.21 22.19
N LYS G 204 -61.40 10.67 22.24
CA LYS G 204 -61.69 11.94 22.92
C LYS G 204 -61.49 11.82 24.42
N ALA G 205 -61.88 10.69 25.01
CA ALA G 205 -61.64 10.48 26.44
C ALA G 205 -60.15 10.42 26.74
N LEU G 206 -59.38 9.78 25.87
CA LEU G 206 -57.92 9.82 26.00
C LEU G 206 -57.41 11.25 25.92
N GLY G 207 -58.02 12.07 25.06
CA GLY G 207 -57.67 13.46 24.94
C GLY G 207 -56.30 13.67 24.32
N PRO G 208 -56.02 14.90 23.94
CA PRO G 208 -54.66 15.24 23.49
C PRO G 208 -53.64 14.95 24.58
N GLY G 209 -52.40 14.76 24.15
CA GLY G 209 -51.36 14.27 25.04
C GLY G 209 -51.26 12.77 25.11
N ALA G 210 -52.24 12.05 24.56
CA ALA G 210 -52.14 10.60 24.44
C ALA G 210 -51.29 10.25 23.22
N THR G 211 -50.32 9.37 23.42
CA THR G 211 -49.48 8.93 22.32
C THR G 211 -50.30 8.11 21.31
N LEU G 212 -49.71 7.90 20.13
CA LEU G 212 -50.38 7.04 19.16
C LEU G 212 -50.45 5.60 19.65
N GLU G 213 -49.45 5.16 20.40
CA GLU G 213 -49.48 3.80 20.94
C GLU G 213 -50.66 3.61 21.90
N GLU G 214 -50.96 4.63 22.71
CA GLU G 214 -52.12 4.56 23.59
C GLU G 214 -53.43 4.64 22.81
N MET G 215 -53.45 5.42 21.73
CA MET G 215 -54.66 5.52 20.92
C MET G 215 -54.96 4.20 20.20
N MET G 216 -53.93 3.58 19.61
CA MET G 216 -54.15 2.35 18.87
C MET G 216 -54.46 1.18 19.80
N THR G 217 -53.84 1.15 20.98
CA THR G 217 -54.14 0.11 21.95
C THR G 217 -55.59 0.19 22.40
N ALA G 218 -56.09 1.41 22.61
CA ALA G 218 -57.45 1.59 23.12
C ALA G 218 -58.51 1.17 22.12
N CYS G 219 -58.25 1.37 20.81
CA CYS G 219 -59.22 1.01 19.78
C CYS G 219 -58.93 -0.35 19.16
N GLN G 220 -57.98 -1.11 19.70
CA GLN G 220 -57.56 -2.35 19.07
C GLN G 220 -58.70 -3.35 18.95
N GLY G 221 -59.32 -3.70 20.08
CA GLY G 221 -60.42 -4.65 20.07
C GLY G 221 -61.69 -4.11 19.45
N PRO H 2 -22.49 4.00 5.64
CA PRO H 2 -21.92 3.56 6.91
C PRO H 2 -20.42 3.83 7.01
N ILE H 3 -19.85 3.55 8.18
CA ILE H 3 -18.42 3.74 8.43
C ILE H 3 -17.74 2.39 8.37
N VAL H 4 -16.75 2.25 7.48
CA VAL H 4 -16.03 1.01 7.29
C VAL H 4 -14.54 1.25 7.49
N GLN H 5 -13.78 0.16 7.57
CA GLN H 5 -12.36 0.21 7.84
C GLN H 5 -11.59 0.33 6.52
N ASN H 6 -10.80 1.39 6.41
CA ASN H 6 -9.97 1.62 5.25
C ASN H 6 -8.81 0.61 5.23
N LEU H 7 -8.27 0.38 4.04
CA LEU H 7 -7.08 -0.46 3.92
C LEU H 7 -5.85 0.20 4.52
N GLN H 8 -5.96 1.46 4.94
CA GLN H 8 -4.92 2.16 5.69
C GLN H 8 -5.28 2.30 7.17
N GLY H 9 -6.28 1.56 7.62
CA GLY H 9 -6.69 1.57 9.02
C GLY H 9 -7.50 2.77 9.45
N GLN H 10 -8.15 3.47 8.51
CA GLN H 10 -8.88 4.68 8.80
C GLN H 10 -10.39 4.42 8.78
N MET H 11 -11.13 5.20 9.56
CA MET H 11 -12.59 5.16 9.55
C MET H 11 -13.09 6.16 8.51
N VAL H 12 -13.69 5.65 7.44
CA VAL H 12 -14.12 6.49 6.32
C VAL H 12 -15.59 6.21 6.02
N HIS H 13 -16.20 7.15 5.31
CA HIS H 13 -17.60 7.03 4.93
C HIS H 13 -17.75 6.16 3.67
N GLN H 14 -18.88 5.48 3.59
CA GLN H 14 -19.24 4.68 2.41
C GLN H 14 -20.72 4.87 2.14
N CYS H 15 -21.09 4.86 0.85
CA CYS H 15 -22.50 4.92 0.49
C CYS H 15 -23.20 3.65 0.91
N ILE H 16 -24.43 3.79 1.42
CA ILE H 16 -25.24 2.63 1.73
C ILE H 16 -25.50 1.87 0.43
N SER H 17 -25.32 0.55 0.48
CA SER H 17 -25.34 -0.22 -0.75
C SER H 17 -26.76 -0.53 -1.20
N PRO H 18 -26.97 -0.72 -2.50
CA PRO H 18 -28.29 -1.18 -2.96
C PRO H 18 -28.68 -2.54 -2.40
N ARG H 19 -27.70 -3.41 -2.17
CA ARG H 19 -28.00 -4.71 -1.56
C ARG H 19 -28.56 -4.54 -0.15
N THR H 20 -28.04 -3.56 0.60
CA THR H 20 -28.51 -3.36 1.97
C THR H 20 -29.89 -2.71 1.99
N LEU H 21 -30.09 -1.68 1.17
CA LEU H 21 -31.40 -1.03 1.10
C LEU H 21 -32.48 -2.01 0.67
N ASN H 22 -32.21 -2.79 -0.38
CA ASN H 22 -33.20 -3.75 -0.85
C ASN H 22 -33.46 -4.84 0.18
N ALA H 23 -32.43 -5.27 0.91
CA ALA H 23 -32.61 -6.31 1.92
C ALA H 23 -33.53 -5.84 3.03
N TRP H 24 -33.40 -4.58 3.45
CA TRP H 24 -34.25 -4.06 4.51
C TRP H 24 -35.68 -3.88 4.03
N VAL H 25 -35.89 -3.56 2.75
CA VAL H 25 -37.23 -3.42 2.22
C VAL H 25 -37.94 -4.76 2.19
N LYS H 26 -37.23 -5.82 1.77
CA LYS H 26 -37.85 -7.14 1.67
C LYS H 26 -38.31 -7.65 3.04
N VAL H 27 -37.44 -7.52 4.06
CA VAL H 27 -37.78 -8.05 5.38
C VAL H 27 -39.03 -7.40 5.92
N VAL H 28 -39.20 -6.10 5.69
CA VAL H 28 -40.41 -5.42 6.13
C VAL H 28 -41.62 -5.91 5.35
N GLU H 29 -41.45 -6.16 4.05
CA GLU H 29 -42.58 -6.61 3.24
C GLU H 29 -42.97 -8.06 3.54
N GLU H 30 -42.00 -8.90 3.88
CA GLU H 30 -42.26 -10.33 4.06
C GLU H 30 -42.58 -10.71 5.49
N LYS H 31 -41.84 -10.18 6.46
CA LYS H 31 -41.98 -10.55 7.86
C LYS H 31 -42.71 -9.50 8.69
N ALA H 32 -43.04 -8.35 8.10
CA ALA H 32 -43.70 -7.26 8.80
C ALA H 32 -42.95 -6.89 10.08
N PHE H 33 -43.61 -6.98 11.22
CA PHE H 33 -42.99 -6.69 12.51
C PHE H 33 -42.95 -7.93 13.39
N SER H 34 -42.62 -9.06 12.79
CA SER H 34 -42.27 -10.23 13.56
C SER H 34 -40.99 -9.96 14.36
N PRO H 35 -40.80 -10.63 15.51
CA PRO H 35 -39.66 -10.29 16.37
C PRO H 35 -38.31 -10.39 15.68
N GLU H 36 -38.15 -11.29 14.71
CA GLU H 36 -36.86 -11.46 14.05
C GLU H 36 -36.50 -10.31 13.14
N VAL H 37 -37.42 -9.37 12.90
CA VAL H 37 -37.10 -8.22 12.05
C VAL H 37 -36.14 -7.27 12.75
N ILE H 38 -36.20 -7.19 14.07
CA ILE H 38 -35.38 -6.26 14.84
C ILE H 38 -33.90 -6.63 14.76
N PRO H 39 -33.50 -7.90 15.00
CA PRO H 39 -32.08 -8.23 14.79
C PRO H 39 -31.63 -8.07 13.35
N MET H 40 -32.54 -8.24 12.39
CA MET H 40 -32.18 -8.01 10.98
C MET H 40 -31.91 -6.53 10.73
N PHE H 41 -32.72 -5.64 11.33
CA PHE H 41 -32.48 -4.22 11.19
C PHE H 41 -31.14 -3.82 11.78
N SER H 42 -30.79 -4.39 12.94
CA SER H 42 -29.53 -4.04 13.59
C SER H 42 -28.34 -4.53 12.78
N ALA H 43 -28.43 -5.74 12.21
CA ALA H 43 -27.34 -6.27 11.42
C ALA H 43 -27.18 -5.51 10.11
N LEU H 44 -28.28 -5.20 9.43
CA LEU H 44 -28.22 -4.48 8.17
C LEU H 44 -27.80 -3.02 8.36
N SER H 45 -27.93 -2.49 9.56
CA SER H 45 -27.50 -1.13 9.87
C SER H 45 -26.17 -1.10 10.63
N CYS H 46 -25.34 -2.12 10.45
CA CYS H 46 -24.05 -2.15 11.11
C CYS H 46 -23.15 -1.03 10.59
N GLY H 47 -22.70 -0.16 11.49
CA GLY H 47 -21.84 0.94 11.11
C GLY H 47 -22.57 2.15 10.55
N ALA H 48 -23.90 2.12 10.53
CA ALA H 48 -24.68 3.17 9.89
C ALA H 48 -24.61 4.47 10.68
N THR H 49 -24.78 5.57 9.96
CA THR H 49 -24.85 6.91 10.54
C THR H 49 -26.29 7.28 10.83
N PRO H 50 -26.52 8.34 11.61
CA PRO H 50 -27.91 8.81 11.80
C PRO H 50 -28.62 9.13 10.49
N GLN H 51 -27.87 9.51 9.45
CA GLN H 51 -28.49 9.73 8.15
C GLN H 51 -28.88 8.41 7.50
N ASP H 52 -27.99 7.41 7.58
CA ASP H 52 -28.29 6.09 7.02
C ASP H 52 -29.49 5.47 7.71
N LEU H 53 -29.61 5.67 9.03
CA LEU H 53 -30.76 5.12 9.75
C LEU H 53 -32.06 5.75 9.28
N ASN H 54 -32.08 7.07 9.10
CA ASN H 54 -33.28 7.74 8.59
C ASN H 54 -33.58 7.31 7.16
N THR H 55 -32.55 6.99 6.38
CA THR H 55 -32.78 6.50 5.02
C THR H 55 -33.49 5.15 5.03
N MET H 56 -33.04 4.22 5.86
CA MET H 56 -33.67 2.90 5.91
C MET H 56 -35.10 3.00 6.40
N LEU H 57 -35.35 3.84 7.40
CA LEU H 57 -36.72 4.03 7.88
C LEU H 57 -37.59 4.68 6.81
N ASN H 58 -37.01 5.55 5.97
CA ASN H 58 -37.78 6.23 4.94
C ASN H 58 -38.13 5.32 3.77
N THR H 59 -37.35 4.26 3.52
CA THR H 59 -37.67 3.34 2.43
C THR H 59 -38.83 2.43 2.76
N VAL H 60 -39.30 2.40 4.01
CA VAL H 60 -40.48 1.61 4.36
C VAL H 60 -41.70 2.24 3.72
N GLY H 61 -42.43 1.47 2.92
CA GLY H 61 -43.59 1.98 2.22
C GLY H 61 -44.84 2.03 3.07
N GLY H 62 -45.30 0.87 3.51
CA GLY H 62 -46.48 0.77 4.35
C GLY H 62 -46.17 0.97 5.82
N HIS H 63 -47.06 0.43 6.66
CA HIS H 63 -46.89 0.44 8.12
C HIS H 63 -46.64 1.85 8.65
N GLN H 64 -47.33 2.83 8.06
CA GLN H 64 -47.09 4.22 8.44
C GLN H 64 -47.64 4.55 9.82
N ALA H 65 -48.53 3.73 10.37
CA ALA H 65 -48.91 3.91 11.77
C ALA H 65 -47.76 3.54 12.70
N ALA H 66 -47.05 2.46 12.38
CA ALA H 66 -45.89 2.07 13.16
C ALA H 66 -44.76 3.09 13.03
N MET H 67 -44.60 3.66 11.83
CA MET H 67 -43.54 4.64 11.62
C MET H 67 -43.81 5.92 12.39
N GLN H 68 -45.09 6.32 12.49
CA GLN H 68 -45.43 7.47 13.33
C GLN H 68 -45.18 7.18 14.81
N MET H 69 -45.52 5.96 15.26
CA MET H 69 -45.21 5.59 16.64
C MET H 69 -43.71 5.59 16.88
N LEU H 70 -42.94 5.13 15.89
CA LEU H 70 -41.49 5.16 16.00
C LEU H 70 -40.96 6.58 16.14
N LYS H 71 -41.62 7.53 15.47
CA LYS H 71 -41.21 8.93 15.61
C LYS H 71 -41.47 9.43 17.03
N GLU H 72 -42.61 9.06 17.61
CA GLU H 72 -42.94 9.54 18.95
C GLU H 72 -42.04 8.93 20.01
N THR H 73 -41.58 7.68 19.82
CA THR H 73 -40.60 7.11 20.72
C THR H 73 -39.27 7.85 20.61
N ILE H 74 -38.86 8.19 19.40
CA ILE H 74 -37.58 8.87 19.20
C ILE H 74 -37.62 10.27 19.80
N ASN H 75 -38.77 10.95 19.73
CA ASN H 75 -38.88 12.28 20.32
C ASN H 75 -38.76 12.23 21.84
N GLU H 76 -39.25 11.17 22.48
CA GLU H 76 -39.14 11.05 23.92
C GLU H 76 -37.75 10.59 24.35
N GLU H 77 -37.09 9.74 23.57
CA GLU H 77 -35.73 9.36 23.88
C GLU H 77 -34.75 10.50 23.64
N ALA H 78 -35.09 11.42 22.73
CA ALA H 78 -34.24 12.57 22.48
C ALA H 78 -34.42 13.64 23.55
N ALA H 79 -35.65 13.82 24.05
CA ALA H 79 -35.86 14.77 25.14
C ALA H 79 -35.17 14.30 26.41
N GLU H 80 -35.07 12.98 26.60
CA GLU H 80 -34.33 12.45 27.75
C GLU H 80 -32.84 12.73 27.63
N TRP H 81 -32.31 12.64 26.41
CA TRP H 81 -30.90 12.94 26.20
C TRP H 81 -30.60 14.41 26.46
N ASP H 82 -31.59 15.30 26.26
CA ASP H 82 -31.37 16.72 26.44
C ASP H 82 -31.22 17.11 27.91
N ARG H 83 -31.75 16.30 28.83
CA ARG H 83 -31.51 16.54 30.25
C ARG H 83 -30.25 15.82 30.74
N LEU H 84 -30.03 14.59 30.31
CA LEU H 84 -28.93 13.81 30.85
C LEU H 84 -27.59 14.28 30.30
N HIS H 85 -27.55 14.68 29.03
CA HIS H 85 -26.33 15.22 28.41
C HIS H 85 -26.65 16.55 27.74
N PRO H 86 -26.87 17.61 28.52
CA PRO H 86 -27.11 18.92 27.92
C PRO H 86 -25.84 19.46 27.27
N VAL H 87 -26.04 20.34 26.29
CA VAL H 87 -24.94 20.92 25.53
C VAL H 87 -24.49 22.21 26.19
N HIS H 88 -23.18 22.37 26.35
CA HIS H 88 -22.62 23.55 26.98
C HIS H 88 -22.44 24.66 25.95
N ALA H 89 -22.16 25.87 26.45
CA ALA H 89 -21.90 27.03 25.61
C ALA H 89 -20.41 27.34 25.59
N GLY H 90 -20.02 28.13 24.59
CA GLY H 90 -18.64 28.56 24.47
C GLY H 90 -17.98 28.02 23.21
N PRO H 91 -16.68 28.23 23.10
CA PRO H 91 -15.96 27.79 21.90
C PRO H 91 -15.64 26.31 21.94
N ILE H 92 -15.32 25.78 20.77
CA ILE H 92 -15.00 24.36 20.59
C ILE H 92 -13.49 24.23 20.50
N ALA H 93 -12.90 23.45 21.40
CA ALA H 93 -11.45 23.29 21.43
C ALA H 93 -10.95 22.70 20.11
N PRO H 94 -9.77 23.11 19.66
CA PRO H 94 -9.24 22.58 18.39
C PRO H 94 -8.99 21.08 18.48
N GLY H 95 -9.27 20.38 17.38
CA GLY H 95 -9.23 18.94 17.35
C GLY H 95 -10.44 18.26 17.94
N GLN H 96 -11.34 18.99 18.60
CA GLN H 96 -12.55 18.46 19.20
C GLN H 96 -13.76 18.86 18.36
N MET H 97 -14.95 18.62 18.89
CA MET H 97 -16.17 18.98 18.21
C MET H 97 -17.27 19.30 19.21
N ARG H 98 -18.36 19.87 18.70
CA ARG H 98 -19.48 20.28 19.53
C ARG H 98 -20.23 19.09 20.10
N GLU H 99 -20.91 19.32 21.22
CA GLU H 99 -21.64 18.25 21.89
C GLU H 99 -22.93 17.95 21.14
N PRO H 100 -23.25 16.68 20.90
CA PRO H 100 -24.45 16.35 20.11
C PRO H 100 -25.72 16.51 20.94
N ARG H 101 -26.71 17.20 20.37
CA ARG H 101 -28.03 17.27 20.96
C ARG H 101 -28.82 16.02 20.61
N GLY H 102 -30.04 15.92 21.14
CA GLY H 102 -30.89 14.79 20.79
C GLY H 102 -31.27 14.79 19.32
N SER H 103 -31.64 15.96 18.80
CA SER H 103 -31.96 16.08 17.37
C SER H 103 -30.74 15.82 16.50
N ASP H 104 -29.54 16.10 17.00
CA ASP H 104 -28.33 15.80 16.24
C ASP H 104 -28.11 14.30 16.12
N ILE H 105 -28.46 13.54 17.17
CA ILE H 105 -28.35 12.09 17.10
C ILE H 105 -29.44 11.52 16.20
N ALA H 106 -30.61 12.14 16.18
CA ALA H 106 -31.71 11.71 15.32
C ALA H 106 -31.56 12.18 13.88
N GLY H 107 -30.46 12.85 13.53
CA GLY H 107 -30.23 13.25 12.16
C GLY H 107 -31.16 14.32 11.62
N THR H 108 -31.82 15.08 12.50
CA THR H 108 -32.70 16.15 12.08
C THR H 108 -32.04 17.52 12.08
N THR H 109 -30.97 17.71 12.86
CA THR H 109 -30.28 18.99 12.93
C THR H 109 -28.77 18.88 12.70
N SER H 110 -28.26 17.69 12.41
CA SER H 110 -26.84 17.48 12.17
C SER H 110 -26.60 17.16 10.70
N THR H 111 -25.41 17.50 10.22
CA THR H 111 -25.01 17.19 8.85
C THR H 111 -24.27 15.87 8.82
N LEU H 112 -24.11 15.32 7.61
CA LEU H 112 -23.39 14.06 7.46
C LEU H 112 -21.96 14.18 8.00
N GLN H 113 -21.27 15.26 7.65
CA GLN H 113 -19.87 15.40 8.06
C GLN H 113 -19.73 15.51 9.57
N GLU H 114 -20.70 16.15 10.25
CA GLU H 114 -20.69 16.16 11.70
C GLU H 114 -20.83 14.75 12.26
N GLN H 115 -21.74 13.96 11.67
CA GLN H 115 -21.88 12.57 12.11
C GLN H 115 -20.63 11.76 11.82
N ILE H 116 -19.95 12.06 10.70
CA ILE H 116 -18.69 11.39 10.40
C ILE H 116 -17.66 11.64 11.50
N GLY H 117 -17.48 12.91 11.87
CA GLY H 117 -16.47 13.25 12.86
C GLY H 117 -16.75 12.63 14.21
N TRP H 118 -18.01 12.60 14.62
CA TRP H 118 -18.37 12.03 15.92
C TRP H 118 -18.00 10.54 15.97
N MET H 119 -18.25 9.81 14.89
CA MET H 119 -17.99 8.38 14.86
C MET H 119 -16.54 8.05 14.55
N THR H 120 -15.78 8.99 13.98
CA THR H 120 -14.37 8.78 13.69
C THR H 120 -13.44 9.39 14.72
N HIS H 121 -13.97 10.23 15.62
CA HIS H 121 -13.16 10.87 16.64
C HIS H 121 -12.59 9.81 17.59
N ASN H 122 -11.52 10.17 18.28
CA ASN H 122 -10.90 9.32 19.30
C ASN H 122 -10.78 10.13 20.59
N PRO H 123 -11.64 9.87 21.59
CA PRO H 123 -12.67 8.83 21.66
C PRO H 123 -13.92 9.14 20.84
N PRO H 124 -14.56 8.11 20.27
CA PRO H 124 -15.74 8.34 19.43
C PRO H 124 -17.00 8.50 20.26
N ILE H 125 -17.88 9.39 19.80
CA ILE H 125 -19.26 9.46 20.27
C ILE H 125 -20.13 8.72 19.26
N PRO H 126 -20.61 7.52 19.57
CA PRO H 126 -21.34 6.71 18.57
C PRO H 126 -22.78 7.17 18.40
N VAL H 127 -22.94 8.30 17.69
CA VAL H 127 -24.27 8.84 17.45
C VAL H 127 -25.12 7.87 16.64
N GLY H 128 -24.49 7.06 15.79
CA GLY H 128 -25.25 6.08 15.05
C GLY H 128 -25.77 4.96 15.93
N GLU H 129 -24.95 4.49 16.87
CA GLU H 129 -25.37 3.43 17.76
C GLU H 129 -26.34 3.91 18.83
N ILE H 130 -26.23 5.17 19.25
CA ILE H 130 -27.19 5.72 20.21
C ILE H 130 -28.55 5.89 19.56
N TYR H 131 -28.58 6.41 18.33
CA TYR H 131 -29.85 6.54 17.62
C TYR H 131 -30.45 5.18 17.32
N LYS H 132 -29.62 4.21 16.94
CA LYS H 132 -30.11 2.86 16.70
C LYS H 132 -30.75 2.28 17.95
N ARG H 133 -30.22 2.60 19.12
CA ARG H 133 -30.83 2.15 20.37
C ARG H 133 -32.23 2.71 20.53
N TRP H 134 -32.40 4.01 20.26
CA TRP H 134 -33.72 4.63 20.35
C TRP H 134 -34.68 3.99 19.34
N ILE H 135 -34.20 3.69 18.14
CA ILE H 135 -35.04 3.09 17.11
C ILE H 135 -35.47 1.69 17.52
N ILE H 136 -34.54 0.90 18.05
CA ILE H 136 -34.86 -0.46 18.48
C ILE H 136 -35.83 -0.44 19.65
N LEU H 137 -35.77 0.56 20.52
CA LEU H 137 -36.75 0.67 21.59
C LEU H 137 -38.15 0.88 21.04
N GLY H 138 -38.29 1.71 20.00
CA GLY H 138 -39.58 1.89 19.37
C GLY H 138 -40.03 0.66 18.60
N LEU H 139 -39.08 -0.06 17.98
CA LEU H 139 -39.42 -1.29 17.27
C LEU H 139 -39.90 -2.37 18.22
N ASN H 140 -39.31 -2.44 19.41
CA ASN H 140 -39.78 -3.39 20.43
C ASN H 140 -41.24 -3.14 20.79
N LYS H 141 -41.61 -1.86 20.95
CA LYS H 141 -43.00 -1.53 21.25
C LYS H 141 -43.93 -1.87 20.10
N ILE H 142 -43.46 -1.75 18.86
CA ILE H 142 -44.30 -2.07 17.71
C ILE H 142 -44.49 -3.58 17.60
N VAL H 143 -43.43 -4.36 17.82
CA VAL H 143 -43.55 -5.81 17.79
C VAL H 143 -44.53 -6.30 18.85
N ARG H 144 -44.48 -5.70 20.05
CA ARG H 144 -45.40 -6.10 21.10
C ARG H 144 -46.85 -5.80 20.71
N MET H 145 -47.10 -4.59 20.21
CA MET H 145 -48.45 -4.23 19.78
C MET H 145 -48.94 -5.12 18.65
N TYR H 146 -48.04 -5.49 17.75
CA TYR H 146 -48.42 -6.31 16.59
C TYR H 146 -48.55 -7.78 16.91
N SER H 147 -48.13 -8.22 18.09
CA SER H 147 -48.27 -9.61 18.47
C SER H 147 -49.74 -9.99 18.50
N PRO H 148 -50.16 -10.96 17.67
CA PRO H 148 -51.61 -11.23 17.53
C PRO H 148 -52.23 -11.97 18.70
N THR H 149 -51.44 -12.49 19.64
CA THR H 149 -51.97 -13.30 20.72
C THR H 149 -51.16 -13.08 21.98
N SER H 150 -51.85 -13.09 23.13
CA SER H 150 -51.18 -13.04 24.41
C SER H 150 -50.62 -14.41 24.78
N ILE H 151 -49.59 -14.41 25.63
CA ILE H 151 -49.00 -15.67 26.05
C ILE H 151 -50.00 -16.49 26.87
N LEU H 152 -50.95 -15.82 27.53
CA LEU H 152 -51.93 -16.55 28.35
C LEU H 152 -52.93 -17.32 27.51
N ASP H 153 -53.01 -17.05 26.21
CA ASP H 153 -53.90 -17.76 25.31
C ASP H 153 -53.24 -18.91 24.58
N ILE H 154 -51.94 -19.14 24.81
CA ILE H 154 -51.23 -20.23 24.13
C ILE H 154 -51.39 -21.49 24.97
N ARG H 155 -52.19 -22.43 24.48
CA ARG H 155 -52.49 -23.68 25.16
C ARG H 155 -52.32 -24.85 24.21
N GLN H 156 -51.76 -25.94 24.71
CA GLN H 156 -51.56 -27.13 23.88
C GLN H 156 -52.91 -27.79 23.59
N GLY H 157 -53.21 -27.99 22.31
CA GLY H 157 -54.42 -28.63 21.90
C GLY H 157 -54.47 -30.09 22.31
N PRO H 158 -55.64 -30.72 22.16
CA PRO H 158 -55.75 -32.14 22.55
C PRO H 158 -54.85 -33.05 21.73
N LYS H 159 -54.84 -32.88 20.41
CA LYS H 159 -54.03 -33.70 19.51
C LYS H 159 -52.84 -32.93 18.95
N GLU H 160 -52.37 -31.92 19.68
CA GLU H 160 -51.23 -31.14 19.21
C GLU H 160 -49.94 -31.69 19.80
N PRO H 161 -48.92 -31.94 18.99
CA PRO H 161 -47.63 -32.40 19.53
C PRO H 161 -47.02 -31.34 20.45
N PHE H 162 -46.35 -31.81 21.50
CA PHE H 162 -45.79 -30.89 22.49
C PHE H 162 -44.75 -29.96 21.87
N ARG H 163 -44.06 -30.41 20.82
CA ARG H 163 -43.08 -29.55 20.16
C ARG H 163 -43.75 -28.36 19.49
N ASP H 164 -44.86 -28.59 18.79
CA ASP H 164 -45.57 -27.49 18.15
C ASP H 164 -46.13 -26.51 19.18
N TYR H 165 -46.47 -27.00 20.37
CA TYR H 165 -46.97 -26.12 21.42
C TYR H 165 -45.86 -25.23 21.98
N VAL H 166 -44.68 -25.81 22.25
CA VAL H 166 -43.56 -25.01 22.73
C VAL H 166 -43.12 -24.00 21.66
N ASP H 167 -43.20 -24.37 20.39
CA ASP H 167 -42.87 -23.44 19.31
C ASP H 167 -43.73 -22.19 19.38
N ARG H 168 -45.05 -22.36 19.45
CA ARG H 168 -45.95 -21.21 19.54
C ARG H 168 -45.76 -20.47 20.86
N PHE H 169 -45.42 -21.18 21.94
CA PHE H 169 -45.24 -20.53 23.23
C PHE H 169 -44.09 -19.53 23.18
N TYR H 170 -42.89 -20.00 22.82
CA TYR H 170 -41.74 -19.11 22.84
C TYR H 170 -41.78 -18.10 21.70
N LYS H 171 -42.44 -18.43 20.59
CA LYS H 171 -42.65 -17.44 19.55
C LYS H 171 -43.50 -16.28 20.07
N THR H 172 -44.55 -16.58 20.82
CA THR H 172 -45.38 -15.53 21.42
C THR H 172 -44.62 -14.79 22.53
N LEU H 173 -43.83 -15.52 23.32
CA LEU H 173 -43.09 -14.89 24.40
C LEU H 173 -42.05 -13.92 23.88
N ARG H 174 -41.42 -14.25 22.75
CA ARG H 174 -40.41 -13.36 22.17
C ARG H 174 -41.03 -12.02 21.76
N ALA H 175 -42.28 -12.04 21.30
CA ALA H 175 -42.93 -10.79 20.90
C ALA H 175 -43.37 -9.99 22.12
N GLU H 176 -43.73 -10.65 23.22
CA GLU H 176 -44.18 -9.94 24.41
C GLU H 176 -43.01 -9.23 25.10
N GLN H 177 -41.91 -9.93 25.32
CA GLN H 177 -40.78 -9.41 26.08
C GLN H 177 -39.64 -8.94 25.18
N ALA H 178 -39.90 -8.76 23.89
CA ALA H 178 -38.99 -8.12 22.94
C ALA H 178 -37.58 -8.72 23.04
N SER H 179 -37.53 -10.05 23.03
CA SER H 179 -36.28 -10.80 23.14
C SER H 179 -35.60 -10.55 24.48
N GLN H 180 -36.25 -10.91 25.57
CA GLN H 180 -35.68 -10.76 26.91
C GLN H 180 -35.06 -12.07 27.41
N ASN H 184 -37.33 -17.56 33.48
CA ASN H 184 -38.20 -17.24 34.61
C ASN H 184 -39.05 -18.45 34.98
N ALA H 185 -39.17 -18.71 36.29
CA ALA H 185 -40.02 -19.80 36.75
C ALA H 185 -41.48 -19.59 36.38
N ALA H 186 -41.90 -18.33 36.17
CA ALA H 186 -43.27 -18.07 35.73
C ALA H 186 -43.52 -18.63 34.34
N THR H 187 -42.56 -18.48 33.42
CA THR H 187 -42.70 -19.06 32.10
C THR H 187 -42.70 -20.59 32.17
N GLU H 188 -41.94 -21.17 33.09
CA GLU H 188 -41.90 -22.62 33.21
C GLU H 188 -43.22 -23.15 33.76
N THR H 189 -43.82 -22.46 34.72
CA THR H 189 -45.10 -22.91 35.27
C THR H 189 -46.23 -22.68 34.28
N LEU H 190 -46.18 -21.59 33.52
CA LEU H 190 -47.22 -21.33 32.52
C LEU H 190 -47.14 -22.32 31.37
N LEU H 191 -45.93 -22.79 31.04
CA LEU H 191 -45.78 -23.76 29.96
C LEU H 191 -46.39 -25.11 30.35
N VAL H 192 -46.19 -25.53 31.60
CA VAL H 192 -46.78 -26.78 32.07
C VAL H 192 -48.27 -26.60 32.31
N GLN H 193 -48.67 -25.43 32.83
CA GLN H 193 -50.07 -25.20 33.16
C GLN H 193 -50.96 -25.27 31.93
N ASN H 194 -50.50 -24.74 30.80
CA ASN H 194 -51.29 -24.70 29.58
C ASN H 194 -51.00 -25.86 28.65
N ALA H 195 -50.32 -26.90 29.13
CA ALA H 195 -50.19 -28.13 28.36
C ALA H 195 -51.45 -28.98 28.52
N ASN H 196 -51.70 -29.83 27.53
CA ASN H 196 -52.89 -30.67 27.55
C ASN H 196 -52.80 -31.67 28.71
N PRO H 197 -53.96 -32.16 29.19
CA PRO H 197 -53.96 -33.06 30.36
C PRO H 197 -52.95 -34.20 30.30
N ASP H 198 -52.73 -34.78 29.13
CA ASP H 198 -51.84 -35.94 29.03
C ASP H 198 -50.39 -35.54 29.30
N CYS H 199 -49.84 -34.65 28.46
CA CYS H 199 -48.45 -34.24 28.63
C CYS H 199 -48.24 -33.47 29.92
N LYS H 200 -49.26 -32.77 30.41
CA LYS H 200 -49.12 -32.02 31.65
C LYS H 200 -48.86 -32.95 32.83
N THR H 201 -49.47 -34.14 32.82
CA THR H 201 -49.23 -35.10 33.89
C THR H 201 -47.87 -35.79 33.72
N ILE H 202 -47.46 -36.03 32.47
CA ILE H 202 -46.16 -36.63 32.21
C ILE H 202 -45.04 -35.68 32.62
N LEU H 203 -45.25 -34.37 32.41
CA LEU H 203 -44.26 -33.39 32.84
C LEU H 203 -44.23 -33.28 34.36
N LYS H 204 -45.39 -33.35 35.01
CA LYS H 204 -45.42 -33.39 36.47
C LYS H 204 -44.78 -34.67 37.00
N ALA H 205 -44.85 -35.75 36.22
CA ALA H 205 -44.17 -37.00 36.59
C ALA H 205 -42.67 -36.91 36.39
N LEU H 206 -42.21 -36.15 35.39
CA LEU H 206 -40.77 -35.90 35.25
C LEU H 206 -40.22 -35.17 36.45
N GLY H 207 -41.05 -34.42 37.16
CA GLY H 207 -40.60 -33.64 38.29
C GLY H 207 -40.23 -32.23 37.90
N PRO H 208 -39.85 -31.42 38.87
CA PRO H 208 -39.45 -30.04 38.58
C PRO H 208 -37.98 -29.96 38.17
N GLY H 209 -37.59 -28.76 37.75
CA GLY H 209 -36.20 -28.49 37.41
C GLY H 209 -35.66 -29.29 36.24
N ALA H 210 -36.54 -29.82 35.39
CA ALA H 210 -36.09 -30.60 34.25
C ALA H 210 -35.73 -29.70 33.08
N THR H 211 -34.85 -30.20 32.22
CA THR H 211 -34.49 -29.48 31.01
C THR H 211 -35.62 -29.56 30.00
N LEU H 212 -35.66 -28.57 29.10
CA LEU H 212 -36.66 -28.59 28.03
C LEU H 212 -36.49 -29.79 27.13
N GLU H 213 -35.24 -30.23 26.92
CA GLU H 213 -34.99 -31.44 26.14
C GLU H 213 -35.65 -32.65 26.77
N GLU H 214 -35.57 -32.76 28.10
CA GLU H 214 -36.24 -33.86 28.79
C GLU H 214 -37.76 -33.71 28.73
N MET H 215 -38.25 -32.47 28.82
CA MET H 215 -39.68 -32.24 28.75
C MET H 215 -40.25 -32.68 27.41
N MET H 216 -39.57 -32.35 26.31
CA MET H 216 -40.05 -32.73 24.99
C MET H 216 -39.79 -34.19 24.67
N THR H 217 -38.82 -34.82 25.32
CA THR H 217 -38.59 -36.25 25.13
C THR H 217 -39.69 -37.06 25.80
N ALA H 218 -40.15 -36.64 26.98
CA ALA H 218 -41.19 -37.38 27.68
C ALA H 218 -42.53 -37.30 26.95
N CYS H 219 -42.86 -36.13 26.40
CA CYS H 219 -44.09 -35.96 25.64
C CYS H 219 -43.88 -36.20 24.15
N GLN H 220 -42.93 -37.07 23.79
CA GLN H 220 -42.64 -37.34 22.39
C GLN H 220 -43.79 -38.08 21.71
N GLY H 221 -44.39 -39.03 22.41
CA GLY H 221 -45.47 -39.83 21.85
C GLY H 221 -46.72 -39.03 21.54
N PRO I 2 -17.79 -10.23 11.20
CA PRO I 2 -16.64 -11.13 11.30
C PRO I 2 -15.30 -10.41 11.39
N ILE I 3 -14.23 -11.15 11.68
CA ILE I 3 -12.87 -10.63 11.71
C ILE I 3 -12.17 -11.16 10.47
N VAL I 4 -11.65 -10.24 9.64
CA VAL I 4 -11.04 -10.59 8.37
C VAL I 4 -9.71 -9.88 8.21
N GLN I 5 -8.90 -10.38 7.28
CA GLN I 5 -7.62 -9.77 6.95
C GLN I 5 -7.83 -8.63 5.97
N ASN I 6 -7.44 -7.42 6.34
CA ASN I 6 -7.18 -6.42 5.32
C ASN I 6 -5.86 -6.76 4.64
N LEU I 7 -5.67 -6.26 3.42
CA LEU I 7 -4.45 -6.60 2.69
C LEU I 7 -3.21 -6.15 3.46
N GLN I 8 -3.35 -5.12 4.29
CA GLN I 8 -2.27 -4.55 5.06
C GLN I 8 -1.84 -5.44 6.23
N GLY I 9 -2.30 -6.69 6.30
CA GLY I 9 -1.83 -7.66 7.25
C GLY I 9 -2.52 -7.65 8.60
N GLN I 10 -3.37 -6.68 8.88
CA GLN I 10 -4.04 -6.56 10.17
C GLN I 10 -5.42 -7.22 10.14
N MET I 11 -5.78 -7.80 11.28
CA MET I 11 -7.12 -8.37 11.48
C MET I 11 -8.05 -7.24 11.93
N VAL I 12 -9.10 -7.00 11.15
CA VAL I 12 -10.02 -5.90 11.41
C VAL I 12 -11.46 -6.41 11.41
N HIS I 13 -12.33 -5.65 12.07
CA HIS I 13 -13.73 -6.02 12.18
C HIS I 13 -14.50 -5.60 10.94
N GLN I 14 -15.40 -6.47 10.50
CA GLN I 14 -16.23 -6.25 9.33
C GLN I 14 -17.68 -6.58 9.67
N CYS I 15 -18.60 -5.85 9.08
CA CYS I 15 -20.01 -6.14 9.27
C CYS I 15 -20.41 -7.40 8.50
N ILE I 16 -21.44 -8.08 9.00
CA ILE I 16 -21.99 -9.22 8.26
C ILE I 16 -22.61 -8.72 6.97
N SER I 17 -22.33 -9.41 5.87
CA SER I 17 -22.90 -9.02 4.60
C SER I 17 -24.39 -9.37 4.57
N PRO I 18 -25.19 -8.59 3.83
CA PRO I 18 -26.60 -8.98 3.65
C PRO I 18 -26.76 -10.34 3.00
N ARG I 19 -25.82 -10.73 2.14
CA ARG I 19 -25.91 -12.03 1.48
C ARG I 19 -25.72 -13.17 2.47
N THR I 20 -24.85 -12.98 3.47
CA THR I 20 -24.66 -14.00 4.49
C THR I 20 -25.90 -14.14 5.37
N LEU I 21 -26.51 -13.02 5.77
CA LEU I 21 -27.70 -13.06 6.59
C LEU I 21 -28.85 -13.75 5.87
N ASN I 22 -29.06 -13.40 4.59
CA ASN I 22 -30.16 -14.01 3.84
C ASN I 22 -29.91 -15.49 3.59
N ALA I 23 -28.65 -15.87 3.37
CA ALA I 23 -28.34 -17.28 3.11
C ALA I 23 -28.67 -18.13 4.33
N TRP I 24 -28.33 -17.66 5.52
CA TRP I 24 -28.61 -18.44 6.73
C TRP I 24 -30.11 -18.52 6.99
N VAL I 25 -30.82 -17.41 6.81
CA VAL I 25 -32.27 -17.43 6.96
C VAL I 25 -32.90 -18.42 5.99
N LYS I 26 -32.34 -18.52 4.78
CA LYS I 26 -32.94 -19.37 3.75
C LYS I 26 -32.69 -20.85 4.04
N VAL I 27 -31.49 -21.20 4.52
CA VAL I 27 -31.20 -22.62 4.72
C VAL I 27 -32.05 -23.20 5.85
N VAL I 28 -32.41 -22.38 6.84
CA VAL I 28 -33.24 -22.90 7.92
C VAL I 28 -34.71 -22.91 7.51
N GLU I 29 -35.11 -22.01 6.60
CA GLU I 29 -36.48 -22.05 6.08
C GLU I 29 -36.70 -23.23 5.16
N GLU I 30 -35.66 -23.65 4.43
CA GLU I 30 -35.78 -24.71 3.43
C GLU I 30 -35.35 -26.08 3.94
N LYS I 31 -34.44 -26.15 4.91
CA LYS I 31 -33.94 -27.42 5.41
C LYS I 31 -34.26 -27.67 6.87
N ALA I 32 -34.82 -26.69 7.58
CA ALA I 32 -35.07 -26.79 9.02
C ALA I 32 -33.79 -27.19 9.75
N PHE I 33 -33.80 -28.34 10.42
CA PHE I 33 -32.62 -28.85 11.11
C PHE I 33 -32.21 -30.20 10.54
N SER I 34 -32.21 -30.32 9.22
CA SER I 34 -31.57 -31.46 8.58
C SER I 34 -30.07 -31.42 8.87
N PRO I 35 -29.41 -32.57 8.91
CA PRO I 35 -28.00 -32.59 9.32
C PRO I 35 -27.10 -31.69 8.49
N GLU I 36 -27.41 -31.48 7.21
CA GLU I 36 -26.58 -30.63 6.36
C GLU I 36 -26.66 -29.16 6.74
N VAL I 37 -27.57 -28.78 7.63
CA VAL I 37 -27.65 -27.40 8.09
C VAL I 37 -26.46 -27.05 8.96
N ILE I 38 -25.96 -28.01 9.74
CA ILE I 38 -24.89 -27.71 10.70
C ILE I 38 -23.61 -27.24 9.99
N PRO I 39 -23.07 -27.97 9.00
CA PRO I 39 -21.87 -27.45 8.32
C PRO I 39 -22.12 -26.16 7.55
N MET I 40 -23.36 -25.91 7.11
CA MET I 40 -23.65 -24.66 6.42
C MET I 40 -23.63 -23.49 7.40
N PHE I 41 -24.09 -23.71 8.63
CA PHE I 41 -23.98 -22.67 9.66
C PHE I 41 -22.53 -22.33 9.95
N SER I 42 -21.68 -23.35 10.05
CA SER I 42 -20.26 -23.12 10.36
C SER I 42 -19.57 -22.36 9.24
N ALA I 43 -19.90 -22.65 7.99
CA ALA I 43 -19.26 -21.95 6.88
C ALA I 43 -19.73 -20.50 6.77
N LEU I 44 -21.02 -20.26 6.96
CA LEU I 44 -21.54 -18.90 6.91
C LEU I 44 -21.10 -18.07 8.11
N SER I 45 -20.70 -18.72 9.21
CA SER I 45 -20.20 -18.02 10.38
C SER I 45 -18.67 -18.04 10.45
N CYS I 46 -18.00 -18.18 9.31
CA CYS I 46 -16.55 -18.19 9.29
C CYS I 46 -16.01 -16.84 9.75
N GLY I 47 -15.14 -16.87 10.75
CA GLY I 47 -14.57 -15.67 11.33
C GLY I 47 -15.52 -14.84 12.16
N ALA I 48 -16.66 -15.40 12.57
CA ALA I 48 -17.66 -14.62 13.28
C ALA I 48 -17.23 -14.30 14.70
N THR I 49 -17.54 -13.08 15.13
CA THR I 49 -17.49 -12.74 16.53
C THR I 49 -18.71 -13.32 17.25
N PRO I 50 -18.67 -13.43 18.58
CA PRO I 50 -19.88 -13.86 19.30
C PRO I 50 -21.10 -13.02 19.00
N GLN I 51 -20.93 -11.71 18.77
CA GLN I 51 -22.06 -10.86 18.41
C GLN I 51 -22.66 -11.29 17.07
N ASP I 52 -21.82 -11.69 16.12
CA ASP I 52 -22.31 -12.16 14.84
C ASP I 52 -23.06 -13.48 14.98
N LEU I 53 -22.56 -14.37 15.85
CA LEU I 53 -23.22 -15.65 16.06
C LEU I 53 -24.60 -15.44 16.68
N ASN I 54 -24.73 -14.49 17.60
CA ASN I 54 -26.03 -14.20 18.18
C ASN I 54 -26.97 -13.55 17.17
N THR I 55 -26.42 -12.77 16.25
CA THR I 55 -27.26 -12.19 15.19
C THR I 55 -27.85 -13.29 14.30
N MET I 56 -27.00 -14.22 13.85
CA MET I 56 -27.48 -15.32 13.01
C MET I 56 -28.55 -16.14 13.73
N LEU I 57 -28.33 -16.47 15.00
CA LEU I 57 -29.35 -17.21 15.75
C LEU I 57 -30.61 -16.38 15.93
N ASN I 58 -30.49 -15.06 16.02
CA ASN I 58 -31.65 -14.19 16.20
C ASN I 58 -32.47 -14.02 14.93
N THR I 59 -31.88 -14.25 13.75
CA THR I 59 -32.65 -14.09 12.51
C THR I 59 -33.61 -15.25 12.28
N VAL I 60 -33.46 -16.36 13.01
CA VAL I 60 -34.37 -17.49 12.87
C VAL I 60 -35.74 -17.09 13.42
N GLY I 61 -36.76 -17.20 12.58
CA GLY I 61 -38.11 -16.79 12.96
C GLY I 61 -38.86 -17.84 13.77
N GLY I 62 -38.91 -19.06 13.27
CA GLY I 62 -39.60 -20.15 13.93
C GLY I 62 -38.66 -21.02 14.75
N HIS I 63 -39.11 -22.24 15.02
CA HIS I 63 -38.31 -23.24 15.75
C HIS I 63 -37.85 -22.70 17.10
N GLN I 64 -38.73 -21.94 17.78
CA GLN I 64 -38.35 -21.32 19.03
C GLN I 64 -38.21 -22.33 20.16
N ALA I 65 -38.76 -23.54 20.01
CA ALA I 65 -38.49 -24.59 20.97
C ALA I 65 -37.05 -25.05 20.89
N ALA I 66 -36.55 -25.28 19.68
CA ALA I 66 -35.16 -25.65 19.48
C ALA I 66 -34.21 -24.52 19.87
N MET I 67 -34.64 -23.28 19.70
CA MET I 67 -33.81 -22.15 20.09
C MET I 67 -33.68 -22.06 21.61
N GLN I 68 -34.76 -22.36 22.33
CA GLN I 68 -34.68 -22.37 23.79
C GLN I 68 -33.77 -23.51 24.27
N MET I 69 -33.85 -24.67 23.61
CA MET I 69 -32.95 -25.77 23.93
C MET I 69 -31.51 -25.39 23.63
N LEU I 70 -31.28 -24.63 22.56
CA LEU I 70 -29.94 -24.18 22.24
C LEU I 70 -29.38 -23.29 23.33
N LYS I 71 -30.21 -22.39 23.88
CA LYS I 71 -29.76 -21.55 24.98
C LYS I 71 -29.37 -22.37 26.20
N GLU I 72 -30.15 -23.41 26.51
CA GLU I 72 -29.85 -24.24 27.68
C GLU I 72 -28.53 -24.99 27.50
N THR I 73 -28.27 -25.49 26.28
CA THR I 73 -26.99 -26.14 26.01
C THR I 73 -25.84 -25.16 26.14
N ILE I 74 -26.03 -23.92 25.67
CA ILE I 74 -24.98 -22.92 25.77
C ILE I 74 -24.71 -22.57 27.23
N ASN I 75 -25.75 -22.53 28.05
CA ASN I 75 -25.55 -22.22 29.47
C ASN I 75 -24.76 -23.32 30.17
N GLU I 76 -24.97 -24.58 29.77
CA GLU I 76 -24.18 -25.67 30.34
C GLU I 76 -22.73 -25.58 29.92
N GLU I 77 -22.47 -25.29 28.65
CA GLU I 77 -21.10 -25.18 28.17
C GLU I 77 -20.39 -23.98 28.78
N ALA I 78 -21.11 -22.89 29.02
CA ALA I 78 -20.51 -21.72 29.67
C ALA I 78 -20.14 -22.04 31.11
N ALA I 79 -20.98 -22.79 31.81
CA ALA I 79 -20.67 -23.18 33.19
C ALA I 79 -19.46 -24.10 33.24
N GLU I 80 -19.32 -24.99 32.26
CA GLU I 80 -18.15 -25.86 32.22
C GLU I 80 -16.89 -25.05 31.92
N TRP I 81 -16.99 -24.05 31.05
CA TRP I 81 -15.85 -23.16 30.81
C TRP I 81 -15.44 -22.44 32.09
N ASP I 82 -16.42 -21.97 32.87
CA ASP I 82 -16.10 -21.33 34.14
C ASP I 82 -15.44 -22.30 35.11
N ARG I 83 -15.82 -23.58 35.05
CA ARG I 83 -15.20 -24.56 35.94
C ARG I 83 -13.76 -24.82 35.57
N LEU I 84 -13.47 -24.92 34.27
CA LEU I 84 -12.12 -25.22 33.79
C LEU I 84 -11.21 -24.00 33.73
N HIS I 85 -11.75 -22.81 33.45
CA HIS I 85 -10.96 -21.60 33.30
C HIS I 85 -11.53 -20.52 34.19
N PRO I 86 -11.26 -20.57 35.49
CA PRO I 86 -11.74 -19.53 36.40
C PRO I 86 -10.99 -18.23 36.20
N VAL I 87 -11.71 -17.12 36.35
CA VAL I 87 -11.08 -15.80 36.25
C VAL I 87 -10.28 -15.53 37.51
N HIS I 88 -9.01 -15.20 37.34
CA HIS I 88 -8.13 -14.85 38.46
C HIS I 88 -8.29 -13.37 38.78
N ALA I 89 -8.49 -13.07 40.06
CA ALA I 89 -8.70 -11.69 40.48
C ALA I 89 -7.40 -10.89 40.37
N GLY I 90 -7.53 -9.58 40.53
CA GLY I 90 -6.40 -8.68 40.48
C GLY I 90 -6.46 -7.78 39.27
N PRO I 91 -5.54 -6.82 39.19
CA PRO I 91 -5.53 -5.90 38.05
C PRO I 91 -4.94 -6.56 36.82
N ILE I 92 -5.34 -6.03 35.66
CA ILE I 92 -4.90 -6.57 34.38
C ILE I 92 -3.55 -5.96 34.02
N ALA I 93 -2.60 -6.80 33.65
CA ALA I 93 -1.28 -6.31 33.25
C ALA I 93 -1.43 -5.39 32.03
N PRO I 94 -0.62 -4.34 31.94
CA PRO I 94 -0.73 -3.42 30.78
C PRO I 94 -0.45 -4.16 29.48
N GLY I 95 -1.32 -3.95 28.50
CA GLY I 95 -1.22 -4.61 27.22
C GLY I 95 -1.99 -5.91 27.11
N GLN I 96 -2.58 -6.40 28.20
CA GLN I 96 -3.30 -7.67 28.20
C GLN I 96 -4.80 -7.43 28.30
N MET I 97 -5.55 -8.51 28.08
CA MET I 97 -7.00 -8.51 28.19
C MET I 97 -7.41 -9.26 29.46
N ARG I 98 -8.53 -8.84 30.04
CA ARG I 98 -9.11 -9.61 31.14
C ARG I 98 -9.57 -10.97 30.64
N GLU I 99 -9.49 -11.96 31.52
CA GLU I 99 -9.87 -13.31 31.14
C GLU I 99 -11.37 -13.39 30.84
N PRO I 100 -11.77 -14.06 29.76
CA PRO I 100 -13.19 -14.19 29.45
C PRO I 100 -13.84 -15.33 30.22
N ARG I 101 -15.02 -15.06 30.76
CA ARG I 101 -15.84 -16.10 31.35
C ARG I 101 -16.86 -16.59 30.33
N GLY I 102 -17.65 -17.59 30.73
CA GLY I 102 -18.58 -18.21 29.80
C GLY I 102 -19.60 -17.24 29.23
N SER I 103 -20.07 -16.28 30.04
CA SER I 103 -21.02 -15.30 29.56
C SER I 103 -20.37 -14.30 28.60
N ASP I 104 -19.07 -14.07 28.73
CA ASP I 104 -18.36 -13.23 27.77
C ASP I 104 -18.28 -13.91 26.41
N ILE I 105 -17.96 -15.22 26.41
CA ILE I 105 -17.84 -15.95 25.15
C ILE I 105 -19.18 -16.01 24.43
N ALA I 106 -20.27 -16.13 25.17
CA ALA I 106 -21.60 -16.18 24.58
C ALA I 106 -22.13 -14.81 24.19
N GLY I 107 -21.40 -13.74 24.48
CA GLY I 107 -21.80 -12.40 24.09
C GLY I 107 -22.88 -11.75 24.93
N THR I 108 -23.16 -12.26 26.13
CA THR I 108 -24.18 -11.65 26.99
C THR I 108 -23.61 -10.59 27.91
N THR I 109 -22.35 -10.71 28.31
CA THR I 109 -21.72 -9.75 29.20
C THR I 109 -20.49 -9.08 28.60
N SER I 110 -20.13 -9.39 27.36
CA SER I 110 -18.97 -8.79 26.72
C SER I 110 -19.40 -7.85 25.61
N THR I 111 -18.64 -6.77 25.44
CA THR I 111 -18.86 -5.82 24.35
C THR I 111 -18.15 -6.30 23.09
N LEU I 112 -18.54 -5.71 21.96
CA LEU I 112 -17.90 -6.04 20.69
C LEU I 112 -16.42 -5.70 20.73
N GLN I 113 -16.06 -4.57 21.34
CA GLN I 113 -14.65 -4.18 21.41
C GLN I 113 -13.84 -5.21 22.20
N GLU I 114 -14.44 -5.80 23.25
CA GLU I 114 -13.74 -6.83 24.00
C GLU I 114 -13.58 -8.10 23.18
N GLN I 115 -14.65 -8.53 22.49
CA GLN I 115 -14.55 -9.70 21.64
C GLN I 115 -13.49 -9.51 20.55
N ILE I 116 -13.42 -8.31 19.97
CA ILE I 116 -12.37 -8.02 18.99
C ILE I 116 -11.00 -8.09 19.66
N GLY I 117 -10.87 -7.56 20.88
CA GLY I 117 -9.59 -7.56 21.55
C GLY I 117 -9.07 -8.96 21.84
N TRP I 118 -9.97 -9.88 22.16
CA TRP I 118 -9.54 -11.26 22.38
C TRP I 118 -9.13 -11.93 21.07
N MET I 119 -9.92 -11.74 20.01
CA MET I 119 -9.67 -12.48 18.77
C MET I 119 -8.47 -11.94 18.03
N THR I 120 -8.15 -10.65 18.18
CA THR I 120 -7.01 -10.05 17.51
C THR I 120 -5.79 -9.94 18.42
N HIS I 121 -5.85 -10.53 19.62
CA HIS I 121 -4.71 -10.52 20.52
C HIS I 121 -3.62 -11.46 20.00
N ASN I 122 -2.41 -11.28 20.53
CA ASN I 122 -1.27 -12.13 20.17
C ASN I 122 -0.68 -12.76 21.42
N PRO I 123 -0.90 -14.06 21.67
CA PRO I 123 -1.72 -15.00 20.89
C PRO I 123 -3.21 -14.74 21.12
N PRO I 124 -4.07 -15.14 20.18
CA PRO I 124 -5.49 -14.81 20.31
C PRO I 124 -6.25 -15.82 21.17
N ILE I 125 -7.28 -15.32 21.83
CA ILE I 125 -8.26 -16.16 22.50
C ILE I 125 -9.47 -16.23 21.58
N PRO I 126 -9.70 -17.34 20.88
CA PRO I 126 -10.74 -17.38 19.84
C PRO I 126 -12.14 -17.58 20.42
N VAL I 127 -12.67 -16.52 21.02
CA VAL I 127 -13.99 -16.60 21.65
C VAL I 127 -15.07 -16.85 20.60
N GLY I 128 -14.84 -16.44 19.36
CA GLY I 128 -15.79 -16.76 18.30
C GLY I 128 -15.86 -18.25 18.02
N GLU I 129 -14.69 -18.91 17.92
CA GLU I 129 -14.65 -20.34 17.66
C GLU I 129 -15.13 -21.14 18.86
N ILE I 130 -14.79 -20.69 20.07
CA ILE I 130 -15.24 -21.38 21.28
C ILE I 130 -16.76 -21.33 21.39
N TYR I 131 -17.34 -20.15 21.16
CA TYR I 131 -18.80 -20.05 21.17
C TYR I 131 -19.42 -20.90 20.07
N LYS I 132 -18.78 -20.95 18.90
CA LYS I 132 -19.34 -21.70 17.78
C LYS I 132 -19.38 -23.19 18.08
N ARG I 133 -18.37 -23.71 18.80
CA ARG I 133 -18.41 -25.13 19.17
C ARG I 133 -19.56 -25.43 20.11
N TRP I 134 -19.87 -24.49 21.01
CA TRP I 134 -21.02 -24.67 21.90
C TRP I 134 -22.32 -24.68 21.12
N ILE I 135 -22.45 -23.79 20.13
CA ILE I 135 -23.66 -23.74 19.33
C ILE I 135 -23.83 -25.02 18.52
N ILE I 136 -22.74 -25.48 17.89
CA ILE I 136 -22.82 -26.70 17.08
C ILE I 136 -23.16 -27.90 17.94
N LEU I 137 -22.73 -27.90 19.21
CA LEU I 137 -23.09 -28.98 20.12
C LEU I 137 -24.60 -29.02 20.34
N GLY I 138 -25.21 -27.86 20.57
CA GLY I 138 -26.65 -27.83 20.77
C GLY I 138 -27.43 -28.09 19.50
N LEU I 139 -26.93 -27.59 18.37
CA LEU I 139 -27.59 -27.84 17.09
C LEU I 139 -27.60 -29.33 16.75
N ASN I 140 -26.51 -30.03 17.07
CA ASN I 140 -26.47 -31.47 16.82
C ASN I 140 -27.50 -32.20 17.68
N LYS I 141 -27.69 -31.77 18.92
CA LYS I 141 -28.73 -32.35 19.76
C LYS I 141 -30.12 -32.07 19.19
N ILE I 142 -30.28 -30.93 18.50
CA ILE I 142 -31.56 -30.63 17.87
C ILE I 142 -31.77 -31.53 16.66
N VAL I 143 -30.71 -31.87 15.94
CA VAL I 143 -30.83 -32.72 14.76
C VAL I 143 -31.27 -34.13 15.16
N ARG I 144 -30.78 -34.63 16.29
CA ARG I 144 -31.14 -35.98 16.72
C ARG I 144 -32.62 -36.06 17.10
N MET I 145 -33.10 -35.12 17.91
CA MET I 145 -34.50 -35.15 18.31
C MET I 145 -35.43 -34.87 17.13
N TYR I 146 -34.97 -34.08 16.16
CA TYR I 146 -35.75 -33.85 14.96
C TYR I 146 -35.68 -35.01 13.98
N SER I 147 -34.81 -35.97 14.20
CA SER I 147 -34.77 -37.15 13.35
C SER I 147 -36.05 -37.97 13.53
N PRO I 148 -36.78 -38.28 12.46
CA PRO I 148 -38.05 -38.98 12.62
C PRO I 148 -37.91 -40.46 12.95
N THR I 149 -36.89 -41.11 12.40
CA THR I 149 -36.73 -42.54 12.51
C THR I 149 -35.36 -42.89 13.10
N SER I 150 -35.32 -43.99 13.83
CA SER I 150 -34.06 -44.53 14.34
C SER I 150 -33.46 -45.47 13.30
N ILE I 151 -32.16 -45.72 13.45
CA ILE I 151 -31.45 -46.54 12.47
C ILE I 151 -31.88 -48.01 12.54
N LEU I 152 -32.42 -48.45 13.68
CA LEU I 152 -32.89 -49.82 13.79
C LEU I 152 -34.17 -50.05 13.00
N ASP I 153 -34.95 -48.99 12.77
CA ASP I 153 -36.21 -49.08 12.05
C ASP I 153 -36.03 -48.85 10.54
N ILE I 154 -34.80 -48.70 10.06
CA ILE I 154 -34.54 -48.50 8.64
C ILE I 154 -34.33 -49.88 8.02
N ARG I 155 -35.31 -50.33 7.23
CA ARG I 155 -35.27 -51.66 6.63
C ARG I 155 -35.59 -51.57 5.15
N GLN I 156 -34.83 -52.33 4.35
CA GLN I 156 -35.05 -52.35 2.91
C GLN I 156 -36.40 -52.96 2.59
N GLY I 157 -37.13 -52.31 1.68
CA GLY I 157 -38.42 -52.79 1.26
C GLY I 157 -38.32 -54.07 0.46
N PRO I 158 -39.44 -54.77 0.29
CA PRO I 158 -39.42 -56.00 -0.53
C PRO I 158 -38.99 -55.74 -1.96
N LYS I 159 -39.42 -54.62 -2.55
CA LYS I 159 -39.07 -54.27 -3.92
C LYS I 159 -38.26 -52.98 -4.00
N GLU I 160 -37.68 -52.55 -2.88
CA GLU I 160 -36.89 -51.33 -2.89
C GLU I 160 -35.48 -51.62 -3.39
N PRO I 161 -34.95 -50.83 -4.33
CA PRO I 161 -33.57 -51.02 -4.77
C PRO I 161 -32.59 -50.83 -3.62
N PHE I 162 -31.43 -51.47 -3.73
CA PHE I 162 -30.46 -51.42 -2.65
C PHE I 162 -29.83 -50.05 -2.52
N ARG I 163 -29.63 -49.33 -3.62
CA ARG I 163 -29.09 -47.97 -3.55
C ARG I 163 -30.02 -47.05 -2.78
N ASP I 164 -31.33 -47.17 -3.01
CA ASP I 164 -32.29 -46.35 -2.28
C ASP I 164 -32.26 -46.68 -0.79
N TYR I 165 -32.15 -47.96 -0.44
CA TYR I 165 -32.11 -48.36 0.96
C TYR I 165 -30.87 -47.82 1.65
N VAL I 166 -29.71 -47.84 0.97
CA VAL I 166 -28.49 -47.30 1.57
C VAL I 166 -28.59 -45.80 1.72
N ASP I 167 -29.22 -45.12 0.75
CA ASP I 167 -29.46 -43.69 0.87
C ASP I 167 -30.26 -43.37 2.14
N ARG I 168 -31.34 -44.11 2.38
CA ARG I 168 -32.14 -43.87 3.57
C ARG I 168 -31.40 -44.29 4.84
N PHE I 169 -30.51 -45.27 4.73
CA PHE I 169 -29.79 -45.76 5.90
C PHE I 169 -28.82 -44.72 6.43
N TYR I 170 -27.94 -44.21 5.57
CA TYR I 170 -26.91 -43.29 6.03
C TYR I 170 -27.45 -41.88 6.27
N LYS I 171 -28.51 -41.49 5.57
CA LYS I 171 -29.15 -40.21 5.88
C LYS I 171 -29.74 -40.23 7.29
N THR I 172 -30.34 -41.35 7.68
CA THR I 172 -30.80 -41.50 9.06
C THR I 172 -29.62 -41.57 10.03
N LEU I 173 -28.57 -42.30 9.65
CA LEU I 173 -27.40 -42.43 10.50
C LEU I 173 -26.75 -41.07 10.77
N ARG I 174 -26.75 -40.19 9.77
CA ARG I 174 -26.11 -38.89 9.93
C ARG I 174 -26.82 -38.03 10.96
N ALA I 175 -28.15 -38.13 11.02
CA ALA I 175 -28.90 -37.36 12.01
C ALA I 175 -28.76 -37.91 13.41
N GLU I 176 -28.57 -39.23 13.55
CA GLU I 176 -28.51 -39.84 14.87
C GLU I 176 -27.13 -39.73 15.48
N GLN I 177 -26.08 -40.00 14.70
CA GLN I 177 -24.70 -39.88 15.16
C GLN I 177 -24.10 -38.51 14.84
N ALA I 178 -24.92 -37.47 14.77
CA ALA I 178 -24.48 -36.12 14.39
C ALA I 178 -23.73 -36.11 13.07
N ALA I 186 -19.77 -51.67 13.37
CA ALA I 186 -21.05 -51.93 14.01
C ALA I 186 -22.19 -51.45 13.13
N THR I 187 -21.93 -50.41 12.33
CA THR I 187 -22.96 -49.89 11.43
C THR I 187 -23.16 -50.82 10.24
N GLU I 188 -22.08 -51.45 9.75
CA GLU I 188 -22.22 -52.37 8.63
C GLU I 188 -23.01 -53.61 9.01
N THR I 189 -22.94 -54.03 10.28
CA THR I 189 -23.73 -55.18 10.73
C THR I 189 -25.21 -54.85 10.73
N LEU I 190 -25.58 -53.62 11.14
CA LEU I 190 -26.97 -53.19 11.12
C LEU I 190 -27.45 -52.88 9.71
N LEU I 191 -26.53 -52.62 8.77
CA LEU I 191 -26.92 -52.38 7.39
C LEU I 191 -27.30 -53.68 6.69
N VAL I 192 -26.57 -54.77 6.96
CA VAL I 192 -26.88 -56.02 6.30
C VAL I 192 -28.03 -56.74 7.01
N GLN I 193 -28.15 -56.58 8.33
CA GLN I 193 -29.22 -57.27 9.06
C GLN I 193 -30.59 -56.63 8.85
N ASN I 194 -30.63 -55.43 8.27
CA ASN I 194 -31.89 -54.74 7.97
C ASN I 194 -32.15 -54.66 6.47
N ALA I 195 -31.39 -55.38 5.65
CA ALA I 195 -31.69 -55.49 4.24
C ALA I 195 -32.76 -56.56 4.00
N ASN I 196 -33.29 -56.60 2.78
CA ASN I 196 -34.28 -57.62 2.46
C ASN I 196 -33.59 -58.99 2.36
N PRO I 197 -34.34 -60.07 2.59
CA PRO I 197 -33.70 -61.39 2.64
C PRO I 197 -32.90 -61.76 1.39
N ASP I 198 -33.34 -61.34 0.20
CA ASP I 198 -32.61 -61.67 -1.02
C ASP I 198 -31.22 -61.09 -1.02
N CYS I 199 -31.12 -59.76 -0.92
CA CYS I 199 -29.80 -59.13 -0.92
C CYS I 199 -29.02 -59.44 0.35
N LYS I 200 -29.72 -59.70 1.46
CA LYS I 200 -29.05 -59.96 2.72
C LYS I 200 -28.18 -61.21 2.64
N THR I 201 -28.69 -62.26 2.01
CA THR I 201 -27.89 -63.47 1.84
C THR I 201 -26.71 -63.23 0.90
N ILE I 202 -26.88 -62.34 -0.09
CA ILE I 202 -25.78 -62.03 -1.00
C ILE I 202 -24.67 -61.31 -0.26
N LEU I 203 -25.02 -60.41 0.66
CA LEU I 203 -24.01 -59.63 1.38
C LEU I 203 -23.28 -60.49 2.39
N LYS I 204 -23.99 -61.41 3.05
CA LYS I 204 -23.36 -62.28 4.04
C LYS I 204 -22.31 -63.18 3.40
N ALA I 205 -22.54 -63.61 2.15
CA ALA I 205 -21.65 -64.53 1.46
C ALA I 205 -20.60 -63.83 0.61
N LEU I 206 -20.65 -62.50 0.52
CA LEU I 206 -19.68 -61.77 -0.30
C LEU I 206 -18.26 -61.96 0.22
N GLY I 207 -18.09 -61.78 1.53
CA GLY I 207 -16.78 -61.81 2.15
C GLY I 207 -16.64 -60.73 3.18
N PRO I 208 -17.08 -61.01 4.42
CA PRO I 208 -17.16 -59.98 5.47
C PRO I 208 -15.94 -59.07 5.55
N GLY I 209 -16.12 -57.83 5.12
CA GLY I 209 -15.03 -56.88 4.97
C GLY I 209 -15.04 -56.28 3.57
N ALA I 210 -16.24 -56.20 2.99
CA ALA I 210 -16.42 -55.74 1.62
C ALA I 210 -16.73 -54.25 1.59
N THR I 211 -16.29 -53.60 0.51
CA THR I 211 -16.57 -52.18 0.32
C THR I 211 -18.04 -51.97 -0.04
N LEU I 212 -18.50 -50.72 0.11
CA LEU I 212 -19.90 -50.42 -0.17
C LEU I 212 -20.23 -50.62 -1.65
N GLU I 213 -19.25 -50.39 -2.54
CA GLU I 213 -19.45 -50.70 -3.95
C GLU I 213 -19.79 -52.16 -4.14
N GLU I 214 -18.98 -53.04 -3.55
CA GLU I 214 -19.16 -54.48 -3.73
C GLU I 214 -20.51 -54.95 -3.22
N MET I 215 -21.04 -54.31 -2.18
CA MET I 215 -22.35 -54.67 -1.66
C MET I 215 -23.48 -54.13 -2.53
N MET I 216 -23.22 -53.08 -3.32
CA MET I 216 -24.26 -52.49 -4.17
C MET I 216 -24.25 -53.04 -5.59
N THR I 217 -23.07 -53.26 -6.17
CA THR I 217 -23.00 -53.92 -7.47
C THR I 217 -23.47 -55.37 -7.40
N ALA I 218 -23.38 -56.00 -6.22
CA ALA I 218 -23.92 -57.35 -6.06
C ALA I 218 -25.44 -57.35 -6.03
N CYS I 219 -26.05 -56.32 -5.46
CA CYS I 219 -27.50 -56.21 -5.36
C CYS I 219 -28.06 -55.16 -6.30
N GLN I 220 -27.36 -54.87 -7.40
CA GLN I 220 -27.84 -53.87 -8.34
C GLN I 220 -29.00 -54.39 -9.18
N GLY I 221 -29.18 -55.70 -9.25
CA GLY I 221 -30.25 -56.38 -9.97
C GLY I 221 -31.19 -55.59 -10.87
N PRO J 2 -10.61 -20.74 1.54
CA PRO J 2 -9.61 -20.88 0.48
C PRO J 2 -8.43 -19.91 0.64
N ILE J 3 -7.26 -20.32 0.17
CA ILE J 3 -6.07 -19.47 0.18
C ILE J 3 -6.02 -18.71 -1.14
N VAL J 4 -5.94 -17.38 -1.05
CA VAL J 4 -5.90 -16.52 -2.22
C VAL J 4 -4.70 -15.57 -2.10
N GLN J 5 -4.60 -14.62 -3.03
CA GLN J 5 -3.46 -13.71 -3.09
C GLN J 5 -3.84 -12.36 -2.49
N ASN J 6 -2.98 -11.84 -1.63
CA ASN J 6 -3.11 -10.51 -1.08
C ASN J 6 -2.68 -9.48 -2.12
N LEU J 7 -3.05 -8.21 -1.87
CA LEU J 7 -2.41 -7.11 -2.58
C LEU J 7 -0.95 -6.95 -2.16
N GLN J 8 -0.58 -7.52 -1.02
CA GLN J 8 0.81 -7.61 -0.60
C GLN J 8 1.49 -8.89 -1.10
N GLY J 9 1.00 -9.47 -2.18
CA GLY J 9 1.64 -10.63 -2.79
C GLY J 9 1.80 -11.84 -1.89
N GLN J 10 1.10 -11.89 -0.77
CA GLN J 10 1.20 -12.99 0.18
C GLN J 10 -0.08 -13.83 0.14
N MET J 11 0.08 -15.14 0.26
CA MET J 11 -1.07 -16.03 0.24
C MET J 11 -1.75 -16.01 1.61
N VAL J 12 -2.99 -15.54 1.64
CA VAL J 12 -3.75 -15.40 2.87
C VAL J 12 -5.01 -16.25 2.79
N HIS J 13 -5.58 -16.53 3.96
CA HIS J 13 -6.80 -17.33 4.04
C HIS J 13 -8.02 -16.43 3.91
N GLN J 14 -9.02 -16.93 3.18
CA GLN J 14 -10.29 -16.25 2.99
C GLN J 14 -11.41 -17.22 3.33
N CYS J 15 -12.53 -16.69 3.81
CA CYS J 15 -13.68 -17.54 4.09
C CYS J 15 -14.34 -17.98 2.79
N ILE J 16 -14.83 -19.22 2.76
CA ILE J 16 -15.58 -19.69 1.60
C ILE J 16 -16.85 -18.85 1.46
N SER J 17 -17.09 -18.34 0.25
CA SER J 17 -18.15 -17.36 0.07
C SER J 17 -19.52 -18.02 0.06
N PRO J 18 -20.56 -17.28 0.46
CA PRO J 18 -21.93 -17.83 0.35
C PRO J 18 -22.33 -18.16 -1.07
N ARG J 19 -21.78 -17.43 -2.06
CA ARG J 19 -22.13 -17.70 -3.45
C ARG J 19 -21.52 -19.02 -3.93
N THR J 20 -20.32 -19.35 -3.45
CA THR J 20 -19.71 -20.62 -3.85
C THR J 20 -20.44 -21.80 -3.22
N LEU J 21 -20.77 -21.71 -1.93
CA LEU J 21 -21.50 -22.78 -1.27
C LEU J 21 -22.85 -23.03 -1.94
N ASN J 22 -23.57 -21.95 -2.25
CA ASN J 22 -24.88 -22.10 -2.88
C ASN J 22 -24.75 -22.68 -4.29
N ALA J 23 -23.71 -22.29 -5.04
CA ALA J 23 -23.53 -22.80 -6.39
C ALA J 23 -23.26 -24.30 -6.38
N TRP J 24 -22.49 -24.78 -5.40
CA TRP J 24 -22.22 -26.21 -5.31
C TRP J 24 -23.46 -26.98 -4.88
N VAL J 25 -24.27 -26.39 -4.00
CA VAL J 25 -25.49 -27.06 -3.55
C VAL J 25 -26.48 -27.21 -4.70
N LYS J 26 -26.65 -26.14 -5.48
CA LYS J 26 -27.62 -26.16 -6.58
C LYS J 26 -27.18 -27.11 -7.68
N VAL J 27 -25.87 -27.19 -7.94
CA VAL J 27 -25.36 -28.08 -8.99
C VAL J 27 -25.72 -29.53 -8.68
N VAL J 28 -25.55 -29.95 -7.42
CA VAL J 28 -25.87 -31.32 -7.06
C VAL J 28 -27.38 -31.54 -7.08
N GLU J 29 -28.16 -30.54 -6.68
CA GLU J 29 -29.61 -30.71 -6.61
C GLU J 29 -30.23 -30.80 -8.00
N GLU J 30 -29.61 -30.20 -9.02
CA GLU J 30 -30.16 -30.19 -10.36
C GLU J 30 -29.49 -31.18 -11.30
N LYS J 31 -28.19 -31.39 -11.16
CA LYS J 31 -27.45 -32.28 -12.05
C LYS J 31 -27.11 -33.63 -11.42
N ALA J 32 -27.29 -33.78 -10.11
CA ALA J 32 -26.91 -34.99 -9.38
C ALA J 32 -25.45 -35.33 -9.65
N PHE J 33 -25.18 -36.48 -10.27
CA PHE J 33 -23.83 -36.92 -10.56
C PHE J 33 -23.64 -37.19 -12.05
N SER J 34 -24.17 -36.29 -12.89
CA SER J 34 -23.80 -36.30 -14.29
C SER J 34 -22.36 -35.82 -14.45
N PRO J 35 -21.68 -36.22 -15.53
CA PRO J 35 -20.23 -35.98 -15.62
C PRO J 35 -19.83 -34.52 -15.48
N GLU J 36 -20.67 -33.57 -15.91
CA GLU J 36 -20.31 -32.16 -15.83
C GLU J 36 -20.26 -31.63 -14.41
N VAL J 37 -20.59 -32.45 -13.40
CA VAL J 37 -20.53 -32.01 -12.02
C VAL J 37 -19.09 -31.98 -11.52
N ILE J 38 -18.26 -32.94 -11.96
CA ILE J 38 -16.87 -32.99 -11.48
C ILE J 38 -16.08 -31.75 -11.86
N PRO J 39 -16.09 -31.28 -13.12
CA PRO J 39 -15.38 -30.03 -13.42
C PRO J 39 -15.95 -28.82 -12.70
N MET J 40 -17.24 -28.85 -12.35
CA MET J 40 -17.81 -27.75 -11.59
C MET J 40 -17.35 -27.78 -10.14
N PHE J 41 -17.22 -28.98 -9.56
CA PHE J 41 -16.69 -29.09 -8.20
C PHE J 41 -15.25 -28.59 -8.14
N SER J 42 -14.42 -29.02 -9.09
CA SER J 42 -13.02 -28.61 -9.10
C SER J 42 -12.89 -27.10 -9.29
N ALA J 43 -13.72 -26.51 -10.14
CA ALA J 43 -13.66 -25.08 -10.37
C ALA J 43 -14.11 -24.30 -9.14
N LEU J 44 -15.24 -24.72 -8.54
CA LEU J 44 -15.76 -24.04 -7.36
C LEU J 44 -14.89 -24.25 -6.13
N SER J 45 -13.96 -25.20 -6.16
CA SER J 45 -13.06 -25.45 -5.04
C SER J 45 -11.64 -24.98 -5.35
N CYS J 46 -11.51 -23.96 -6.20
CA CYS J 46 -10.21 -23.43 -6.55
C CYS J 46 -9.56 -22.76 -5.34
N GLY J 47 -8.35 -23.20 -5.03
CA GLY J 47 -7.62 -22.66 -3.90
C GLY J 47 -8.12 -23.11 -2.54
N ALA J 48 -8.87 -24.20 -2.48
CA ALA J 48 -9.53 -24.60 -1.25
C ALA J 48 -8.59 -25.39 -0.34
N THR J 49 -8.78 -25.20 0.96
CA THR J 49 -8.13 -26.03 1.97
C THR J 49 -8.89 -27.34 2.12
N PRO J 50 -8.30 -28.35 2.75
CA PRO J 50 -9.07 -29.56 3.07
C PRO J 50 -10.33 -29.26 3.87
N GLN J 51 -10.28 -28.27 4.76
CA GLN J 51 -11.48 -27.88 5.49
C GLN J 51 -12.57 -27.36 4.55
N ASP J 52 -12.19 -26.60 3.53
CA ASP J 52 -13.17 -26.12 2.55
C ASP J 52 -13.77 -27.28 1.77
N LEU J 53 -12.95 -28.27 1.42
CA LEU J 53 -13.45 -29.42 0.68
C LEU J 53 -14.43 -30.25 1.52
N ASN J 54 -14.14 -30.41 2.81
CA ASN J 54 -15.07 -31.11 3.69
C ASN J 54 -16.35 -30.32 3.89
N THR J 55 -16.26 -28.99 3.91
CA THR J 55 -17.47 -28.16 3.99
C THR J 55 -18.36 -28.37 2.78
N MET J 56 -17.77 -28.43 1.58
CA MET J 56 -18.57 -28.60 0.37
C MET J 56 -19.20 -29.98 0.31
N LEU J 57 -18.44 -31.02 0.67
CA LEU J 57 -19.01 -32.36 0.68
C LEU J 57 -20.08 -32.50 1.76
N ASN J 58 -19.97 -31.73 2.85
CA ASN J 58 -20.96 -31.83 3.92
C ASN J 58 -22.28 -31.17 3.56
N THR J 59 -22.26 -30.19 2.67
CA THR J 59 -23.50 -29.52 2.30
C THR J 59 -24.39 -30.35 1.40
N VAL J 60 -23.96 -31.54 1.01
CA VAL J 60 -24.81 -32.45 0.23
C VAL J 60 -25.78 -33.15 1.17
N GLY J 61 -27.08 -32.97 0.94
CA GLY J 61 -28.09 -33.54 1.81
C GLY J 61 -28.47 -34.96 1.47
N GLY J 62 -28.60 -35.26 0.18
CA GLY J 62 -28.90 -36.60 -0.29
C GLY J 62 -27.67 -37.33 -0.79
N HIS J 63 -27.92 -38.39 -1.57
CA HIS J 63 -26.85 -39.19 -2.18
C HIS J 63 -25.87 -39.71 -1.14
N GLN J 64 -26.38 -40.06 0.04
CA GLN J 64 -25.51 -40.49 1.12
C GLN J 64 -24.85 -41.84 0.85
N ALA J 65 -25.45 -42.66 -0.02
CA ALA J 65 -24.77 -43.88 -0.45
C ALA J 65 -23.49 -43.55 -1.20
N ALA J 66 -23.58 -42.63 -2.16
CA ALA J 66 -22.39 -42.19 -2.89
C ALA J 66 -21.40 -41.48 -1.97
N MET J 67 -21.89 -40.79 -0.94
CA MET J 67 -21.00 -40.10 -0.01
C MET J 67 -20.21 -41.09 0.83
N GLN J 68 -20.84 -42.18 1.26
CA GLN J 68 -20.12 -43.21 2.01
C GLN J 68 -19.09 -43.89 1.12
N MET J 69 -19.40 -44.08 -0.17
CA MET J 69 -18.41 -44.59 -1.12
C MET J 69 -17.23 -43.63 -1.22
N LEU J 70 -17.51 -42.33 -1.31
CA LEU J 70 -16.44 -41.35 -1.43
C LEU J 70 -15.53 -41.38 -0.21
N LYS J 71 -16.10 -41.61 0.97
CA LYS J 71 -15.27 -41.73 2.17
C LYS J 71 -14.34 -42.93 2.08
N GLU J 72 -14.86 -44.07 1.60
CA GLU J 72 -14.03 -45.26 1.50
C GLU J 72 -12.94 -45.12 0.45
N THR J 73 -13.22 -44.39 -0.64
CA THR J 73 -12.18 -44.12 -1.62
C THR J 73 -11.12 -43.19 -1.04
N ILE J 74 -11.54 -42.20 -0.26
CA ILE J 74 -10.59 -41.29 0.37
C ILE J 74 -9.74 -42.04 1.40
N ASN J 75 -10.34 -43.02 2.09
CA ASN J 75 -9.58 -43.81 3.06
C ASN J 75 -8.50 -44.64 2.38
N GLU J 76 -8.80 -45.19 1.20
CA GLU J 76 -7.80 -45.96 0.48
C GLU J 76 -6.64 -45.10 0.03
N GLU J 77 -6.94 -43.90 -0.51
CA GLU J 77 -5.88 -43.01 -0.95
C GLU J 77 -5.05 -42.49 0.20
N ALA J 78 -5.66 -42.32 1.38
CA ALA J 78 -4.91 -41.87 2.54
C ALA J 78 -3.96 -42.94 3.05
N ALA J 79 -4.41 -44.20 3.04
CA ALA J 79 -3.51 -45.29 3.42
C ALA J 79 -2.38 -45.46 2.42
N GLU J 80 -2.64 -45.21 1.14
CA GLU J 80 -1.58 -45.26 0.13
C GLU J 80 -0.57 -44.14 0.37
N TRP J 81 -1.04 -42.95 0.73
CA TRP J 81 -0.13 -41.84 1.01
C TRP J 81 0.78 -42.16 2.20
N ASP J 82 0.23 -42.81 3.22
CA ASP J 82 1.01 -43.16 4.41
C ASP J 82 2.12 -44.15 4.06
N ARG J 83 1.91 -44.99 3.04
CA ARG J 83 2.95 -45.92 2.61
C ARG J 83 4.11 -45.18 1.96
N LEU J 84 3.81 -44.41 0.91
CA LEU J 84 4.87 -43.74 0.15
C LEU J 84 5.54 -42.62 0.92
N HIS J 85 4.87 -42.02 1.89
CA HIS J 85 5.39 -40.88 2.64
C HIS J 85 5.18 -41.12 4.13
N PRO J 86 6.03 -41.94 4.76
CA PRO J 86 5.92 -42.14 6.20
C PRO J 86 6.34 -40.90 6.96
N VAL J 87 5.63 -40.62 8.05
CA VAL J 87 5.91 -39.46 8.88
C VAL J 87 7.13 -39.77 9.74
N HIS J 88 8.26 -39.13 9.41
CA HIS J 88 9.48 -39.33 10.19
C HIS J 88 9.28 -38.82 11.61
N ALA J 89 9.43 -39.70 12.59
CA ALA J 89 9.18 -39.33 13.97
C ALA J 89 10.32 -38.47 14.51
N GLY J 90 9.98 -37.58 15.43
CA GLY J 90 10.94 -36.71 16.07
C GLY J 90 10.42 -35.30 16.24
N PRO J 91 11.23 -34.43 16.85
CA PRO J 91 10.83 -33.03 17.02
C PRO J 91 10.93 -32.25 15.72
N ILE J 92 10.10 -31.22 15.61
CA ILE J 92 10.02 -30.40 14.40
C ILE J 92 10.99 -29.24 14.52
N ALA J 93 11.85 -29.09 13.52
CA ALA J 93 12.82 -28.00 13.54
C ALA J 93 12.10 -26.65 13.58
N PRO J 94 12.69 -25.65 14.23
CA PRO J 94 12.02 -24.35 14.33
C PRO J 94 11.86 -23.71 12.96
N GLY J 95 10.67 -23.16 12.71
CA GLY J 95 10.35 -22.59 11.42
C GLY J 95 9.88 -23.60 10.39
N GLN J 96 9.85 -24.89 10.72
CA GLN J 96 9.40 -25.93 9.82
C GLN J 96 8.04 -26.45 10.25
N MET J 97 7.40 -27.18 9.34
CA MET J 97 6.10 -27.80 9.58
C MET J 97 6.27 -29.30 9.78
N ARG J 98 5.40 -29.89 10.60
CA ARG J 98 5.38 -31.33 10.74
C ARG J 98 4.92 -31.98 9.43
N GLU J 99 5.44 -33.17 9.15
CA GLU J 99 5.09 -33.85 7.92
C GLU J 99 3.65 -34.36 7.99
N PRO J 100 2.88 -34.19 6.91
CA PRO J 100 1.45 -34.56 6.97
C PRO J 100 1.19 -36.02 6.67
N ARG J 101 0.24 -36.58 7.40
CA ARG J 101 -0.27 -37.92 7.13
C ARG J 101 -1.52 -37.83 6.25
N GLY J 102 -1.99 -38.99 5.80
CA GLY J 102 -3.18 -39.01 4.96
C GLY J 102 -4.38 -38.42 5.67
N SER J 103 -4.52 -38.69 6.96
CA SER J 103 -5.62 -38.11 7.73
C SER J 103 -5.51 -36.60 7.83
N ASP J 104 -4.28 -36.07 7.82
CA ASP J 104 -4.09 -34.62 7.80
C ASP J 104 -4.56 -34.02 6.48
N ILE J 105 -4.23 -34.67 5.37
CA ILE J 105 -4.66 -34.16 4.06
C ILE J 105 -6.17 -34.23 3.92
N ALA J 106 -6.81 -35.24 4.49
CA ALA J 106 -8.27 -35.35 4.43
C ALA J 106 -8.97 -34.43 5.41
N GLY J 107 -8.23 -33.70 6.25
CA GLY J 107 -8.83 -32.77 7.18
C GLY J 107 -9.51 -33.38 8.38
N THR J 108 -9.11 -34.59 8.79
CA THR J 108 -9.69 -35.22 9.97
C THR J 108 -8.86 -35.00 11.22
N THR J 109 -7.53 -35.06 11.11
CA THR J 109 -6.63 -34.87 12.24
C THR J 109 -5.77 -33.62 12.10
N SER J 110 -6.11 -32.72 11.19
CA SER J 110 -5.36 -31.50 10.97
C SER J 110 -6.22 -30.29 11.30
N THR J 111 -5.57 -29.22 11.73
CA THR J 111 -6.24 -27.95 11.99
C THR J 111 -6.14 -27.05 10.77
N LEU J 112 -6.99 -26.02 10.73
CA LEU J 112 -6.93 -25.06 9.64
C LEU J 112 -5.58 -24.34 9.62
N GLN J 113 -5.02 -24.04 10.79
CA GLN J 113 -3.74 -23.35 10.85
C GLN J 113 -2.61 -24.23 10.31
N GLU J 114 -2.68 -25.53 10.56
CA GLU J 114 -1.70 -26.44 9.98
C GLU J 114 -1.87 -26.55 8.46
N GLN J 115 -3.11 -26.62 7.99
CA GLN J 115 -3.36 -26.66 6.55
C GLN J 115 -2.84 -25.39 5.87
N ILE J 116 -3.14 -24.23 6.46
CA ILE J 116 -2.62 -22.97 5.95
C ILE J 116 -1.10 -22.97 5.95
N GLY J 117 -0.50 -23.52 7.01
CA GLY J 117 0.95 -23.58 7.08
C GLY J 117 1.57 -24.40 5.98
N TRP J 118 0.97 -25.56 5.68
CA TRP J 118 1.49 -26.41 4.61
C TRP J 118 1.36 -25.74 3.25
N MET J 119 0.19 -25.16 2.98
CA MET J 119 -0.09 -24.59 1.67
C MET J 119 0.65 -23.30 1.39
N THR J 120 1.03 -22.54 2.43
CA THR J 120 1.78 -21.30 2.25
C THR J 120 3.25 -21.44 2.59
N HIS J 121 3.71 -22.62 2.98
CA HIS J 121 5.13 -22.84 3.23
C HIS J 121 5.92 -22.69 1.92
N ASN J 122 7.23 -22.55 2.07
CA ASN J 122 8.11 -22.42 0.92
C ASN J 122 9.20 -23.48 0.98
N PRO J 123 9.19 -24.49 0.10
CA PRO J 123 8.18 -24.77 -0.95
C PRO J 123 6.86 -25.23 -0.33
N PRO J 124 5.75 -25.10 -1.07
CA PRO J 124 4.45 -25.44 -0.49
C PRO J 124 4.11 -26.91 -0.65
N ILE J 125 3.52 -27.47 0.40
CA ILE J 125 2.94 -28.80 0.37
C ILE J 125 1.43 -28.64 0.15
N PRO J 126 0.92 -28.92 -1.04
CA PRO J 126 -0.51 -28.63 -1.36
C PRO J 126 -1.47 -29.71 -0.87
N VAL J 127 -1.82 -29.64 0.40
CA VAL J 127 -2.76 -30.60 0.97
C VAL J 127 -4.15 -30.40 0.38
N GLY J 128 -4.47 -29.20 -0.08
CA GLY J 128 -5.76 -28.96 -0.69
C GLY J 128 -5.89 -29.61 -2.05
N GLU J 129 -4.80 -29.60 -2.84
CA GLU J 129 -4.84 -30.20 -4.17
C GLU J 129 -4.68 -31.71 -4.11
N ILE J 130 -3.89 -32.22 -3.17
CA ILE J 130 -3.77 -33.67 -3.01
C ILE J 130 -5.10 -34.26 -2.57
N TYR J 131 -5.77 -33.62 -1.62
CA TYR J 131 -7.07 -34.10 -1.16
C TYR J 131 -8.11 -34.01 -2.27
N LYS J 132 -8.13 -32.90 -3.02
CA LYS J 132 -9.09 -32.77 -4.11
C LYS J 132 -8.86 -33.81 -5.19
N ARG J 133 -7.61 -34.20 -5.42
CA ARG J 133 -7.33 -35.27 -6.37
C ARG J 133 -7.96 -36.58 -5.91
N TRP J 134 -7.91 -36.87 -4.62
CA TRP J 134 -8.55 -38.07 -4.09
C TRP J 134 -10.07 -37.99 -4.22
N ILE J 135 -10.64 -36.80 -4.05
CA ILE J 135 -12.09 -36.65 -4.13
C ILE J 135 -12.57 -36.84 -5.56
N ILE J 136 -11.83 -36.30 -6.54
CA ILE J 136 -12.21 -36.49 -7.94
C ILE J 136 -12.19 -37.97 -8.31
N LEU J 137 -11.27 -38.73 -7.74
CA LEU J 137 -11.22 -40.17 -8.00
C LEU J 137 -12.49 -40.86 -7.52
N GLY J 138 -12.92 -40.53 -6.30
CA GLY J 138 -14.14 -41.15 -5.79
C GLY J 138 -15.38 -40.69 -6.51
N LEU J 139 -15.43 -39.41 -6.90
CA LEU J 139 -16.59 -38.91 -7.63
C LEU J 139 -16.66 -39.48 -9.03
N ASN J 140 -15.52 -39.78 -9.66
CA ASN J 140 -15.51 -40.40 -10.97
C ASN J 140 -16.11 -41.80 -10.92
N LYS J 141 -15.79 -42.56 -9.87
CA LYS J 141 -16.40 -43.87 -9.69
C LYS J 141 -17.91 -43.74 -9.53
N ILE J 142 -18.37 -42.72 -8.81
CA ILE J 142 -19.80 -42.52 -8.60
C ILE J 142 -20.49 -42.23 -9.92
N VAL J 143 -19.88 -41.38 -10.75
CA VAL J 143 -20.47 -41.05 -12.05
C VAL J 143 -20.61 -42.29 -12.92
N ARG J 144 -19.64 -43.21 -12.83
CA ARG J 144 -19.70 -44.42 -13.65
C ARG J 144 -20.78 -45.37 -13.18
N MET J 145 -21.08 -45.40 -11.87
CA MET J 145 -22.14 -46.26 -11.39
C MET J 145 -23.52 -45.66 -11.66
N TYR J 146 -23.65 -44.35 -11.46
CA TYR J 146 -24.91 -43.67 -11.78
C TYR J 146 -25.19 -43.61 -13.28
N SER J 147 -24.21 -43.94 -14.11
CA SER J 147 -24.41 -43.97 -15.55
C SER J 147 -25.46 -45.01 -15.90
N PRO J 148 -26.59 -44.63 -16.50
CA PRO J 148 -27.70 -45.57 -16.68
C PRO J 148 -27.53 -46.52 -17.87
N THR J 149 -26.84 -46.09 -18.92
CA THR J 149 -26.80 -46.83 -20.17
C THR J 149 -25.37 -47.06 -20.60
N SER J 150 -25.16 -48.19 -21.29
CA SER J 150 -23.87 -48.53 -21.88
C SER J 150 -23.78 -47.98 -23.29
N ILE J 151 -22.56 -47.64 -23.71
CA ILE J 151 -22.33 -47.05 -25.02
C ILE J 151 -22.71 -48.01 -26.14
N LEU J 152 -22.76 -49.32 -25.85
CA LEU J 152 -23.17 -50.30 -26.83
C LEU J 152 -24.68 -50.31 -27.08
N ASP J 153 -25.46 -49.62 -26.25
CA ASP J 153 -26.91 -49.64 -26.35
C ASP J 153 -27.49 -48.39 -27.00
N ILE J 154 -26.65 -47.49 -27.51
CA ILE J 154 -27.10 -46.29 -28.20
C ILE J 154 -27.04 -46.55 -29.70
N ARG J 155 -28.19 -46.50 -30.35
CA ARG J 155 -28.27 -46.67 -31.79
C ARG J 155 -29.22 -45.64 -32.38
N GLN J 156 -28.89 -45.14 -33.57
CA GLN J 156 -29.68 -44.10 -34.20
C GLN J 156 -31.04 -44.63 -34.60
N GLY J 157 -32.09 -43.86 -34.31
CA GLY J 157 -33.43 -44.22 -34.70
C GLY J 157 -33.62 -44.15 -36.20
N PRO J 158 -34.67 -44.78 -36.71
CA PRO J 158 -34.91 -44.75 -38.16
C PRO J 158 -35.17 -43.35 -38.70
N LYS J 159 -35.73 -42.45 -37.89
CA LYS J 159 -35.99 -41.09 -38.31
C LYS J 159 -35.33 -40.06 -37.40
N GLU J 160 -34.50 -40.50 -36.46
CA GLU J 160 -33.86 -39.57 -35.53
C GLU J 160 -32.74 -38.81 -36.24
N PRO J 161 -32.64 -37.49 -36.07
CA PRO J 161 -31.56 -36.73 -36.71
C PRO J 161 -30.20 -37.22 -36.25
N PHE J 162 -29.23 -37.13 -37.15
CA PHE J 162 -27.88 -37.62 -36.84
C PHE J 162 -27.24 -36.80 -35.73
N ARG J 163 -27.57 -35.52 -35.63
CA ARG J 163 -27.02 -34.69 -34.56
C ARG J 163 -27.47 -35.18 -33.19
N ASP J 164 -28.75 -35.51 -33.05
CA ASP J 164 -29.26 -36.00 -31.78
C ASP J 164 -28.67 -37.37 -31.42
N TYR J 165 -28.36 -38.19 -32.42
CA TYR J 165 -27.75 -39.48 -32.16
C TYR J 165 -26.31 -39.32 -31.64
N VAL J 166 -25.55 -38.39 -32.24
CA VAL J 166 -24.19 -38.15 -31.77
C VAL J 166 -24.20 -37.47 -30.41
N ASP J 167 -25.21 -36.63 -30.14
CA ASP J 167 -25.35 -36.04 -28.81
C ASP J 167 -25.50 -37.12 -27.75
N ARG J 168 -26.37 -38.11 -27.99
CA ARG J 168 -26.58 -39.15 -27.00
C ARG J 168 -25.39 -40.10 -26.92
N PHE J 169 -24.66 -40.27 -28.03
CA PHE J 169 -23.51 -41.15 -28.05
C PHE J 169 -22.40 -40.63 -27.12
N TYR J 170 -21.93 -39.41 -27.38
CA TYR J 170 -20.81 -38.88 -26.60
C TYR J 170 -21.21 -38.50 -25.18
N LYS J 171 -22.48 -38.22 -24.93
CA LYS J 171 -22.90 -37.95 -23.55
C LYS J 171 -22.86 -39.22 -22.72
N THR J 172 -23.23 -40.36 -23.32
CA THR J 172 -23.12 -41.64 -22.63
C THR J 172 -21.66 -42.05 -22.49
N LEU J 173 -20.86 -41.81 -23.54
CA LEU J 173 -19.44 -42.13 -23.48
C LEU J 173 -18.75 -41.35 -22.37
N ARG J 174 -19.14 -40.09 -22.18
CA ARG J 174 -18.54 -39.28 -21.13
C ARG J 174 -18.87 -39.84 -19.75
N ALA J 175 -20.11 -40.31 -19.55
CA ALA J 175 -20.49 -40.83 -18.24
C ALA J 175 -19.86 -42.19 -17.98
N GLU J 176 -19.75 -43.02 -19.01
CA GLU J 176 -19.22 -44.37 -18.81
C GLU J 176 -17.74 -44.34 -18.43
N GLN J 177 -17.00 -43.32 -18.86
CA GLN J 177 -15.57 -43.24 -18.61
C GLN J 177 -15.19 -42.05 -17.75
N ALA J 178 -16.17 -41.34 -17.17
CA ALA J 178 -15.91 -40.22 -16.27
C ALA J 178 -15.07 -39.12 -16.93
N SER J 179 -15.51 -38.70 -18.11
CA SER J 179 -14.92 -37.56 -18.83
C SER J 179 -13.46 -37.79 -19.18
N GLN J 180 -13.07 -39.05 -19.38
CA GLN J 180 -11.68 -39.38 -19.70
C GLN J 180 -11.52 -39.67 -21.19
N GLU J 181 -10.29 -39.54 -21.66
CA GLU J 181 -9.97 -39.79 -23.06
C GLU J 181 -10.04 -41.28 -23.38
N ASN J 184 -10.67 -42.81 -29.29
CA ASN J 184 -10.03 -43.85 -30.07
C ASN J 184 -10.88 -44.23 -31.27
N ALA J 185 -10.25 -44.84 -32.28
CA ALA J 185 -10.98 -45.27 -33.46
C ALA J 185 -11.99 -46.37 -33.13
N ALA J 186 -11.81 -47.07 -32.01
CA ALA J 186 -12.81 -48.06 -31.60
C ALA J 186 -14.15 -47.42 -31.28
N THR J 187 -14.15 -46.16 -30.84
CA THR J 187 -15.39 -45.45 -30.61
C THR J 187 -15.95 -44.85 -31.90
N GLU J 188 -15.08 -44.47 -32.83
CA GLU J 188 -15.54 -43.90 -34.09
C GLU J 188 -16.12 -44.98 -35.00
N THR J 189 -15.68 -46.23 -34.85
CA THR J 189 -16.28 -47.32 -35.60
C THR J 189 -17.63 -47.72 -35.02
N LEU J 190 -17.75 -47.70 -33.68
CA LEU J 190 -19.04 -48.00 -33.06
C LEU J 190 -20.08 -46.93 -33.38
N LEU J 191 -19.64 -45.70 -33.62
CA LEU J 191 -20.57 -44.63 -33.97
C LEU J 191 -21.19 -44.87 -35.34
N VAL J 192 -20.36 -45.20 -36.33
CA VAL J 192 -20.88 -45.46 -37.67
C VAL J 192 -21.69 -46.75 -37.70
N GLN J 193 -21.24 -47.76 -36.96
CA GLN J 193 -21.91 -49.06 -37.00
C GLN J 193 -23.32 -48.99 -36.40
N ASN J 194 -23.47 -48.27 -35.29
CA ASN J 194 -24.75 -48.18 -34.61
C ASN J 194 -25.66 -47.10 -35.17
N ALA J 195 -25.27 -46.47 -36.29
CA ALA J 195 -26.14 -45.53 -36.97
C ALA J 195 -27.15 -46.31 -37.84
N ASN J 196 -28.18 -45.60 -38.30
CA ASN J 196 -29.19 -46.23 -39.10
C ASN J 196 -28.65 -46.55 -40.50
N PRO J 197 -29.30 -47.45 -41.24
CA PRO J 197 -28.76 -47.86 -42.54
C PRO J 197 -28.64 -46.74 -43.56
N ASP J 198 -29.55 -45.76 -43.56
CA ASP J 198 -29.52 -44.74 -44.61
C ASP J 198 -28.34 -43.79 -44.43
N CYS J 199 -28.04 -43.39 -43.18
CA CYS J 199 -26.88 -42.52 -42.98
C CYS J 199 -25.58 -43.32 -43.07
N LYS J 200 -25.60 -44.58 -42.65
CA LYS J 200 -24.41 -45.42 -42.74
C LYS J 200 -23.93 -45.56 -44.18
N THR J 201 -24.86 -45.61 -45.13
CA THR J 201 -24.48 -45.66 -46.54
C THR J 201 -23.73 -44.40 -46.95
N ILE J 202 -24.18 -43.24 -46.47
CA ILE J 202 -23.50 -41.99 -46.80
C ILE J 202 -22.11 -41.95 -46.16
N LEU J 203 -21.99 -42.44 -44.93
CA LEU J 203 -20.72 -42.39 -44.22
C LEU J 203 -19.69 -43.33 -44.86
N LYS J 204 -20.12 -44.54 -45.24
CA LYS J 204 -19.20 -45.49 -45.87
C LYS J 204 -18.70 -44.99 -47.22
N ALA J 205 -19.38 -44.02 -47.83
CA ALA J 205 -18.95 -43.46 -49.11
C ALA J 205 -18.26 -42.12 -48.98
N LEU J 206 -18.25 -41.51 -47.79
CA LEU J 206 -17.67 -40.18 -47.64
C LEU J 206 -16.16 -40.20 -47.84
N GLY J 207 -15.50 -41.31 -47.54
CA GLY J 207 -14.07 -41.40 -47.65
C GLY J 207 -13.40 -41.50 -46.30
N PRO J 208 -12.24 -42.14 -46.26
CA PRO J 208 -11.54 -42.32 -44.98
C PRO J 208 -11.02 -41.00 -44.43
N GLY J 209 -10.93 -40.93 -43.11
CA GLY J 209 -10.47 -39.72 -42.46
C GLY J 209 -11.46 -38.59 -42.40
N ALA J 210 -12.75 -38.89 -42.51
CA ALA J 210 -13.77 -37.85 -42.49
C ALA J 210 -13.95 -37.32 -41.07
N THR J 211 -13.91 -35.99 -40.94
CA THR J 211 -14.16 -35.36 -39.65
C THR J 211 -15.61 -35.55 -39.23
N LEU J 212 -15.87 -35.39 -37.93
CA LEU J 212 -17.24 -35.47 -37.45
C LEU J 212 -18.10 -34.37 -38.05
N GLU J 213 -17.52 -33.20 -38.34
CA GLU J 213 -18.25 -32.15 -39.03
C GLU J 213 -18.73 -32.62 -40.40
N GLU J 214 -17.82 -33.19 -41.19
CA GLU J 214 -18.18 -33.69 -42.51
C GLU J 214 -19.19 -34.83 -42.42
N MET J 215 -19.05 -35.68 -41.41
CA MET J 215 -19.98 -36.79 -41.22
C MET J 215 -21.39 -36.28 -40.92
N MET J 216 -21.50 -35.23 -40.12
CA MET J 216 -22.82 -34.71 -39.74
C MET J 216 -23.41 -33.84 -40.84
N THR J 217 -22.58 -33.09 -41.56
CA THR J 217 -23.06 -32.34 -42.71
C THR J 217 -23.58 -33.28 -43.79
N ALA J 218 -23.03 -34.50 -43.87
CA ALA J 218 -23.46 -35.44 -44.90
C ALA J 218 -24.82 -36.04 -44.56
N CYS J 219 -25.08 -36.29 -43.28
CA CYS J 219 -26.34 -36.88 -42.84
C CYS J 219 -27.30 -35.85 -42.25
N GLN J 220 -27.29 -34.63 -42.78
CA GLN J 220 -28.14 -33.56 -42.27
C GLN J 220 -29.57 -33.61 -42.80
N GLY J 221 -29.96 -34.72 -43.44
CA GLY J 221 -31.30 -34.85 -43.97
C GLY J 221 -32.22 -35.65 -43.07
N PRO K 2 -8.25 -16.97 -14.26
CA PRO K 2 -7.62 -16.00 -15.17
C PRO K 2 -6.38 -15.33 -14.57
N ILE K 3 -5.69 -14.54 -15.40
CA ILE K 3 -4.52 -13.77 -14.97
C ILE K 3 -4.84 -12.31 -15.20
N VAL K 4 -5.11 -11.58 -14.11
CA VAL K 4 -5.53 -10.19 -14.18
C VAL K 4 -4.46 -9.32 -13.54
N GLN K 5 -4.65 -8.00 -13.66
CA GLN K 5 -3.78 -7.03 -13.00
C GLN K 5 -4.33 -6.73 -11.61
N ASN K 6 -3.46 -6.85 -10.61
CA ASN K 6 -3.85 -6.53 -9.25
C ASN K 6 -4.17 -5.04 -9.13
N LEU K 7 -4.73 -4.67 -7.98
CA LEU K 7 -4.97 -3.24 -7.77
C LEU K 7 -3.69 -2.44 -7.51
N GLN K 8 -2.51 -3.02 -7.74
CA GLN K 8 -1.26 -2.27 -7.75
C GLN K 8 -0.48 -2.40 -9.05
N GLY K 9 -0.70 -3.45 -9.82
CA GLY K 9 -0.07 -3.54 -11.13
C GLY K 9 0.78 -4.77 -11.34
N GLN K 10 0.49 -5.85 -10.61
CA GLN K 10 1.17 -7.12 -10.75
C GLN K 10 0.22 -8.14 -11.35
N MET K 11 0.70 -8.88 -12.35
CA MET K 11 -0.11 -9.92 -12.99
C MET K 11 -0.23 -11.11 -12.04
N VAL K 12 -1.45 -11.35 -11.55
CA VAL K 12 -1.71 -12.36 -10.54
C VAL K 12 -2.79 -13.30 -11.04
N HIS K 13 -2.69 -14.57 -10.65
CA HIS K 13 -3.68 -15.58 -11.01
C HIS K 13 -4.85 -15.53 -10.03
N GLN K 14 -6.05 -15.35 -10.56
CA GLN K 14 -7.28 -15.40 -9.79
C GLN K 14 -8.10 -16.62 -10.21
N CYS K 15 -8.90 -17.14 -9.27
CA CYS K 15 -9.81 -18.21 -9.59
C CYS K 15 -10.95 -17.69 -10.46
N ILE K 16 -11.56 -18.60 -11.23
CA ILE K 16 -12.77 -18.24 -11.97
C ILE K 16 -13.89 -17.98 -10.98
N SER K 17 -14.57 -16.85 -11.15
CA SER K 17 -15.62 -16.50 -10.21
C SER K 17 -16.84 -17.39 -10.44
N PRO K 18 -17.56 -17.78 -9.39
CA PRO K 18 -18.80 -18.54 -9.58
C PRO K 18 -19.82 -17.81 -10.43
N ARG K 19 -19.76 -16.48 -10.49
CA ARG K 19 -20.69 -15.75 -11.35
C ARG K 19 -20.31 -15.89 -12.82
N THR K 20 -19.02 -16.01 -13.12
CA THR K 20 -18.61 -16.25 -14.50
C THR K 20 -18.92 -17.68 -14.92
N LEU K 21 -18.71 -18.64 -14.04
CA LEU K 21 -19.03 -20.03 -14.35
C LEU K 21 -20.52 -20.20 -14.65
N ASN K 22 -21.38 -19.63 -13.81
CA ASN K 22 -22.81 -19.74 -14.03
C ASN K 22 -23.24 -18.99 -15.28
N ALA K 23 -22.62 -17.85 -15.55
CA ALA K 23 -23.00 -17.06 -16.73
C ALA K 23 -22.79 -17.85 -18.02
N TRP K 24 -21.65 -18.53 -18.15
CA TRP K 24 -21.38 -19.29 -19.36
C TRP K 24 -22.32 -20.48 -19.49
N VAL K 25 -22.61 -21.16 -18.37
CA VAL K 25 -23.55 -22.27 -18.40
C VAL K 25 -24.94 -21.79 -18.81
N LYS K 26 -25.37 -20.66 -18.27
CA LYS K 26 -26.68 -20.12 -18.62
C LYS K 26 -26.75 -19.73 -20.09
N VAL K 27 -25.67 -19.17 -20.63
CA VAL K 27 -25.66 -18.75 -22.04
C VAL K 27 -25.83 -19.94 -22.96
N VAL K 28 -25.17 -21.06 -22.64
CA VAL K 28 -25.29 -22.25 -23.49
C VAL K 28 -26.66 -22.88 -23.34
N GLU K 29 -27.23 -22.87 -22.13
CA GLU K 29 -28.54 -23.46 -21.93
C GLU K 29 -29.64 -22.66 -22.61
N GLU K 30 -29.51 -21.33 -22.64
CA GLU K 30 -30.58 -20.46 -23.11
C GLU K 30 -30.44 -20.06 -24.57
N LYS K 31 -29.21 -19.97 -25.10
CA LYS K 31 -28.98 -19.52 -26.46
C LYS K 31 -28.38 -20.59 -27.36
N ALA K 32 -28.07 -21.77 -26.82
CA ALA K 32 -27.44 -22.86 -27.58
C ALA K 32 -26.18 -22.36 -28.28
N PHE K 33 -26.16 -22.44 -29.61
CA PHE K 33 -25.04 -21.96 -30.41
C PHE K 33 -25.50 -20.91 -31.41
N SER K 34 -26.32 -19.97 -30.93
CA SER K 34 -26.61 -18.77 -31.68
C SER K 34 -25.31 -17.98 -31.86
N PRO K 35 -25.20 -17.18 -32.93
CA PRO K 35 -23.94 -16.47 -33.19
C PRO K 35 -23.46 -15.61 -32.03
N GLU K 36 -24.37 -15.01 -31.25
CA GLU K 36 -23.95 -14.14 -30.15
C GLU K 36 -23.31 -14.90 -29.00
N VAL K 37 -23.31 -16.24 -29.04
CA VAL K 37 -22.67 -17.02 -27.97
C VAL K 37 -21.16 -16.87 -28.02
N ILE K 38 -20.59 -16.72 -29.21
CA ILE K 38 -19.14 -16.65 -29.38
C ILE K 38 -18.56 -15.39 -28.76
N PRO K 39 -19.07 -14.19 -29.04
CA PRO K 39 -18.54 -13.00 -28.35
C PRO K 39 -18.78 -13.04 -26.85
N MET K 40 -19.83 -13.75 -26.40
CA MET K 40 -20.06 -13.89 -24.97
C MET K 40 -19.04 -14.82 -24.33
N PHE K 41 -18.59 -15.84 -25.07
CA PHE K 41 -17.55 -16.72 -24.56
C PHE K 41 -16.23 -15.96 -24.40
N SER K 42 -15.85 -15.19 -25.43
CA SER K 42 -14.62 -14.43 -25.37
C SER K 42 -14.65 -13.41 -24.25
N ALA K 43 -15.81 -12.77 -24.02
CA ALA K 43 -15.90 -11.77 -22.96
C ALA K 43 -15.81 -12.41 -21.58
N LEU K 44 -16.42 -13.58 -21.40
CA LEU K 44 -16.38 -14.27 -20.11
C LEU K 44 -15.06 -15.00 -19.85
N SER K 45 -14.22 -15.16 -20.88
CA SER K 45 -12.92 -15.80 -20.74
C SER K 45 -11.79 -14.79 -20.86
N CYS K 46 -12.06 -13.53 -20.54
CA CYS K 46 -11.05 -12.48 -20.60
C CYS K 46 -9.93 -12.77 -19.61
N GLY K 47 -8.71 -12.94 -20.14
CA GLY K 47 -7.56 -13.23 -19.31
C GLY K 47 -7.42 -14.67 -18.87
N ALA K 48 -8.23 -15.58 -19.42
CA ALA K 48 -8.24 -16.95 -18.94
C ALA K 48 -7.00 -17.72 -19.38
N THR K 49 -6.61 -18.68 -18.56
CA THR K 49 -5.56 -19.63 -18.89
C THR K 49 -6.14 -20.79 -19.66
N PRO K 50 -5.29 -21.63 -20.28
CA PRO K 50 -5.82 -22.87 -20.89
C PRO K 50 -6.63 -23.73 -19.93
N GLN K 51 -6.22 -23.81 -18.67
CA GLN K 51 -6.99 -24.57 -17.68
C GLN K 51 -8.37 -23.96 -17.48
N ASP K 52 -8.47 -22.63 -17.50
CA ASP K 52 -9.76 -21.97 -17.35
C ASP K 52 -10.65 -22.22 -18.56
N LEU K 53 -10.08 -22.14 -19.76
CA LEU K 53 -10.86 -22.40 -20.96
C LEU K 53 -11.39 -23.82 -20.98
N ASN K 54 -10.58 -24.79 -20.57
CA ASN K 54 -11.05 -26.16 -20.46
C ASN K 54 -12.12 -26.32 -19.39
N THR K 55 -12.04 -25.52 -18.32
CA THR K 55 -13.07 -25.55 -17.28
C THR K 55 -14.42 -25.10 -17.84
N MET K 56 -14.42 -24.00 -18.60
CA MET K 56 -15.67 -23.48 -19.16
C MET K 56 -16.28 -24.45 -20.17
N LEU K 57 -15.43 -25.12 -20.96
CA LEU K 57 -15.94 -26.08 -21.93
C LEU K 57 -16.45 -27.35 -21.26
N ASN K 58 -15.86 -27.72 -20.12
CA ASN K 58 -16.27 -28.93 -19.41
C ASN K 58 -17.60 -28.76 -18.68
N THR K 59 -17.95 -27.53 -18.29
CA THR K 59 -19.22 -27.32 -17.62
C THR K 59 -20.42 -27.45 -18.54
N VAL K 60 -20.21 -27.56 -19.85
CA VAL K 60 -21.31 -27.77 -20.79
C VAL K 60 -21.81 -29.19 -20.63
N GLY K 61 -23.10 -29.33 -20.31
CA GLY K 61 -23.68 -30.64 -20.06
C GLY K 61 -24.08 -31.38 -21.33
N GLY K 62 -24.79 -30.70 -22.21
CA GLY K 62 -25.21 -31.26 -23.48
C GLY K 62 -24.33 -30.84 -24.63
N HIS K 63 -24.90 -30.90 -25.84
CA HIS K 63 -24.20 -30.49 -27.06
C HIS K 63 -22.88 -31.22 -27.23
N GLN K 64 -22.83 -32.48 -26.82
CA GLN K 64 -21.59 -33.24 -26.87
C GLN K 64 -21.14 -33.56 -28.29
N ALA K 65 -22.04 -33.47 -29.28
CA ALA K 65 -21.62 -33.57 -30.66
C ALA K 65 -20.80 -32.35 -31.08
N ALA K 66 -21.27 -31.15 -30.71
CA ALA K 66 -20.49 -29.95 -30.98
C ALA K 66 -19.20 -29.92 -30.19
N MET K 67 -19.19 -30.51 -28.98
CA MET K 67 -17.96 -30.53 -28.18
C MET K 67 -16.91 -31.44 -28.80
N GLN K 68 -17.32 -32.55 -29.41
CA GLN K 68 -16.36 -33.39 -30.13
C GLN K 68 -15.84 -32.69 -31.37
N MET K 69 -16.72 -31.96 -32.08
CA MET K 69 -16.26 -31.17 -33.22
C MET K 69 -15.23 -30.12 -32.79
N LEU K 70 -15.48 -29.48 -31.65
CA LEU K 70 -14.53 -28.49 -31.13
C LEU K 70 -13.19 -29.14 -30.82
N LYS K 71 -13.21 -30.34 -30.23
CA LYS K 71 -11.96 -31.04 -29.94
C LYS K 71 -11.18 -31.32 -31.23
N GLU K 72 -11.88 -31.71 -32.30
CA GLU K 72 -11.20 -32.03 -33.55
C GLU K 72 -10.60 -30.77 -34.17
N THR K 73 -11.29 -29.63 -34.06
CA THR K 73 -10.73 -28.37 -34.55
C THR K 73 -9.50 -27.97 -33.75
N ILE K 74 -9.54 -28.18 -32.43
CA ILE K 74 -8.38 -27.85 -31.59
C ILE K 74 -7.19 -28.73 -31.95
N ASN K 75 -7.41 -30.03 -32.13
CA ASN K 75 -6.30 -30.91 -32.52
C ASN K 75 -5.72 -30.51 -33.87
N GLU K 76 -6.55 -29.99 -34.77
CA GLU K 76 -6.04 -29.50 -36.05
C GLU K 76 -5.15 -28.29 -35.87
N GLU K 77 -5.58 -27.33 -35.04
CA GLU K 77 -4.80 -26.12 -34.83
C GLU K 77 -3.52 -26.40 -34.05
N ALA K 78 -3.56 -27.38 -33.14
CA ALA K 78 -2.37 -27.75 -32.39
C ALA K 78 -1.32 -28.38 -33.29
N ALA K 79 -1.74 -29.11 -34.32
CA ALA K 79 -0.78 -29.71 -35.25
C ALA K 79 -0.10 -28.65 -36.11
N GLU K 80 -0.81 -27.58 -36.46
CA GLU K 80 -0.19 -26.50 -37.23
C GLU K 80 0.79 -25.71 -36.38
N TRP K 81 0.48 -25.53 -35.10
CA TRP K 81 1.42 -24.85 -34.20
C TRP K 81 2.69 -25.66 -34.02
N ASP K 82 2.60 -27.00 -34.11
CA ASP K 82 3.79 -27.84 -34.02
C ASP K 82 4.55 -27.86 -35.34
N ARG K 83 3.82 -27.81 -36.46
CA ARG K 83 4.44 -27.72 -37.78
C ARG K 83 5.07 -26.36 -38.03
N LEU K 84 4.82 -25.38 -37.17
CA LEU K 84 5.35 -24.03 -37.30
C LEU K 84 6.34 -23.65 -36.21
N HIS K 85 6.08 -24.07 -34.96
CA HIS K 85 6.89 -23.72 -33.80
C HIS K 85 7.48 -25.00 -33.20
N PRO K 86 8.52 -25.57 -33.82
CA PRO K 86 9.21 -26.70 -33.19
C PRO K 86 9.86 -26.28 -31.89
N VAL K 87 9.68 -27.09 -30.85
CA VAL K 87 10.24 -26.81 -29.53
C VAL K 87 11.68 -27.29 -29.49
N HIS K 88 12.61 -26.36 -29.25
CA HIS K 88 14.03 -26.69 -29.21
C HIS K 88 14.35 -27.57 -28.01
N ALA K 89 15.50 -28.24 -28.08
CA ALA K 89 15.96 -29.09 -26.99
C ALA K 89 17.04 -28.37 -26.18
N GLN K 96 17.52 -20.81 -22.65
CA GLN K 96 16.98 -21.82 -23.55
C GLN K 96 15.58 -22.23 -23.13
N MET K 97 14.62 -21.35 -23.40
CA MET K 97 13.24 -21.57 -23.01
C MET K 97 12.63 -22.72 -23.80
N ARG K 98 12.14 -23.74 -23.09
CA ARG K 98 11.39 -24.83 -23.72
C ARG K 98 10.10 -24.27 -24.30
N GLU K 99 10.05 -24.12 -25.61
CA GLU K 99 8.90 -23.49 -26.25
C GLU K 99 7.67 -24.39 -26.12
N PRO K 100 6.47 -23.80 -26.03
CA PRO K 100 5.27 -24.61 -25.83
C PRO K 100 4.87 -25.37 -27.08
N ARG K 101 4.30 -26.54 -26.86
CA ARG K 101 3.68 -27.32 -27.93
C ARG K 101 2.18 -27.08 -27.95
N GLY K 102 1.54 -27.57 -29.00
CA GLY K 102 0.10 -27.42 -29.12
C GLY K 102 -0.64 -28.09 -27.98
N SER K 103 -0.17 -29.27 -27.57
CA SER K 103 -0.78 -29.94 -26.42
C SER K 103 -0.58 -29.15 -25.13
N ASP K 104 0.47 -28.33 -25.06
CA ASP K 104 0.65 -27.47 -23.89
C ASP K 104 -0.31 -26.28 -23.94
N ILE K 105 -0.56 -25.75 -25.14
CA ILE K 105 -1.47 -24.61 -25.28
C ILE K 105 -2.91 -25.04 -24.99
N ALA K 106 -3.26 -26.28 -25.35
CA ALA K 106 -4.61 -26.78 -25.11
C ALA K 106 -4.80 -27.31 -23.68
N GLY K 107 -3.75 -27.31 -22.86
CA GLY K 107 -3.89 -27.75 -21.49
C GLY K 107 -3.95 -29.25 -21.30
N THR K 108 -3.51 -30.03 -22.28
CA THR K 108 -3.50 -31.49 -22.15
C THR K 108 -2.19 -32.03 -21.61
N THR K 109 -1.06 -31.35 -21.89
CA THR K 109 0.24 -31.78 -21.40
C THR K 109 0.95 -30.70 -20.60
N SER K 110 0.25 -29.63 -20.22
CA SER K 110 0.83 -28.55 -19.45
C SER K 110 0.13 -28.42 -18.11
N THR K 111 0.88 -27.96 -17.11
CA THR K 111 0.35 -27.69 -15.78
C THR K 111 -0.01 -26.22 -15.67
N LEU K 112 -0.75 -25.88 -14.61
CA LEU K 112 -1.11 -24.49 -14.38
C LEU K 112 0.11 -23.62 -14.14
N GLN K 113 1.14 -24.16 -13.49
CA GLN K 113 2.35 -23.39 -13.25
C GLN K 113 3.07 -23.06 -14.55
N GLU K 114 3.13 -24.02 -15.47
CA GLU K 114 3.74 -23.76 -16.77
C GLU K 114 2.93 -22.74 -17.56
N GLN K 115 1.60 -22.80 -17.46
CA GLN K 115 0.76 -21.85 -18.18
C GLN K 115 0.88 -20.45 -17.60
N ILE K 116 0.88 -20.34 -16.27
CA ILE K 116 1.02 -19.03 -15.62
C ILE K 116 2.35 -18.39 -15.98
N GLY K 117 3.39 -19.23 -16.13
CA GLY K 117 4.70 -18.69 -16.45
C GLY K 117 4.78 -18.14 -17.87
N TRP K 118 4.29 -18.90 -18.84
CA TRP K 118 4.31 -18.46 -20.23
C TRP K 118 3.62 -17.11 -20.40
N MET K 119 2.48 -16.93 -19.73
CA MET K 119 1.68 -15.72 -19.90
C MET K 119 2.23 -14.52 -19.15
N THR K 120 3.27 -14.69 -18.34
CA THR K 120 3.82 -13.60 -17.55
C THR K 120 5.32 -13.40 -17.75
N HIS K 121 5.91 -14.01 -18.77
CA HIS K 121 7.32 -13.83 -19.05
C HIS K 121 7.60 -12.41 -19.53
N ASN K 122 8.89 -12.04 -19.55
CA ASN K 122 9.25 -10.74 -20.09
C ASN K 122 9.13 -10.78 -21.61
N PRO K 123 9.50 -11.88 -22.27
CA PRO K 123 8.93 -12.19 -23.58
C PRO K 123 7.69 -13.05 -23.41
N PRO K 124 6.51 -12.44 -23.27
CA PRO K 124 5.33 -13.22 -22.90
C PRO K 124 4.82 -14.06 -24.06
N ILE K 125 4.43 -15.29 -23.74
CA ILE K 125 3.83 -16.21 -24.71
C ILE K 125 2.37 -16.37 -24.34
N PRO K 126 1.43 -15.74 -25.05
CA PRO K 126 0.01 -15.75 -24.66
C PRO K 126 -0.70 -17.05 -25.04
N VAL K 127 -0.36 -18.12 -24.33
CA VAL K 127 -0.95 -19.42 -24.63
C VAL K 127 -2.44 -19.43 -24.37
N GLY K 128 -2.91 -18.58 -23.45
CA GLY K 128 -4.34 -18.48 -23.21
C GLY K 128 -5.08 -17.84 -24.39
N GLU K 129 -4.47 -16.84 -25.02
CA GLU K 129 -5.08 -16.20 -26.17
C GLU K 129 -4.97 -17.05 -27.43
N ILE K 130 -3.88 -17.82 -27.56
CA ILE K 130 -3.73 -18.71 -28.71
C ILE K 130 -4.74 -19.85 -28.62
N TYR K 131 -4.90 -20.45 -27.45
CA TYR K 131 -5.89 -21.50 -27.28
C TYR K 131 -7.30 -20.95 -27.53
N LYS K 132 -7.59 -19.76 -27.01
CA LYS K 132 -8.91 -19.17 -27.21
C LYS K 132 -9.18 -18.92 -28.69
N ARG K 133 -8.16 -18.55 -29.46
CA ARG K 133 -8.35 -18.36 -30.90
C ARG K 133 -8.72 -19.67 -31.56
N TRP K 134 -8.09 -20.77 -31.15
CA TRP K 134 -8.43 -22.09 -31.69
C TRP K 134 -9.86 -22.48 -31.31
N ILE K 135 -10.28 -22.14 -30.09
CA ILE K 135 -11.62 -22.50 -29.65
C ILE K 135 -12.67 -21.70 -30.42
N ILE K 136 -12.44 -20.41 -30.61
CA ILE K 136 -13.39 -19.58 -31.33
C ILE K 136 -13.50 -20.02 -32.78
N LEU K 137 -12.39 -20.49 -33.36
CA LEU K 137 -12.44 -21.06 -34.70
C LEU K 137 -13.34 -22.29 -34.74
N GLY K 138 -13.30 -23.10 -33.69
CA GLY K 138 -14.20 -24.26 -33.63
C GLY K 138 -15.64 -23.86 -33.42
N LEU K 139 -15.88 -22.86 -32.57
CA LEU K 139 -17.24 -22.38 -32.35
C LEU K 139 -17.85 -21.78 -33.61
N ASN K 140 -17.01 -21.18 -34.46
CA ASN K 140 -17.51 -20.64 -35.73
C ASN K 140 -18.10 -21.74 -36.59
N LYS K 141 -17.45 -22.92 -36.60
CA LYS K 141 -17.99 -24.03 -37.38
C LYS K 141 -19.23 -24.63 -36.73
N ILE K 142 -19.32 -24.57 -35.41
CA ILE K 142 -20.50 -25.07 -34.71
C ILE K 142 -21.70 -24.18 -34.99
N VAL K 143 -21.49 -22.86 -35.03
CA VAL K 143 -22.59 -21.95 -35.31
C VAL K 143 -23.07 -22.10 -36.75
N ARG K 144 -22.13 -22.20 -37.70
CA ARG K 144 -22.50 -22.47 -39.09
C ARG K 144 -23.23 -23.80 -39.22
N MET K 145 -22.76 -24.83 -38.52
CA MET K 145 -23.44 -26.13 -38.51
C MET K 145 -24.86 -26.00 -38.01
N TYR K 146 -25.05 -25.38 -36.85
CA TYR K 146 -26.35 -25.23 -36.22
C TYR K 146 -27.30 -24.31 -36.98
N SER K 147 -26.79 -23.51 -37.91
CA SER K 147 -27.64 -22.62 -38.69
C SER K 147 -28.63 -23.46 -39.52
N PRO K 148 -29.93 -23.36 -39.27
CA PRO K 148 -30.89 -24.25 -39.94
C PRO K 148 -30.99 -24.01 -41.43
N THR K 149 -31.24 -22.76 -41.82
CA THR K 149 -31.53 -22.41 -43.20
C THR K 149 -30.35 -21.67 -43.84
N SER K 150 -30.12 -21.92 -45.12
CA SER K 150 -29.13 -21.18 -45.87
C SER K 150 -29.61 -19.76 -46.15
N ILE K 151 -28.66 -18.87 -46.43
CA ILE K 151 -29.01 -17.49 -46.71
C ILE K 151 -29.78 -17.39 -48.03
N LEU K 152 -29.58 -18.35 -48.93
CA LEU K 152 -30.28 -18.32 -50.21
C LEU K 152 -31.77 -18.65 -50.04
N ASP K 153 -32.13 -19.38 -48.99
CA ASP K 153 -33.50 -19.78 -48.74
C ASP K 153 -34.21 -18.87 -47.74
N ILE K 154 -33.67 -17.67 -47.51
CA ILE K 154 -34.32 -16.67 -46.67
C ILE K 154 -35.10 -15.74 -47.58
N ARG K 155 -36.43 -15.85 -47.56
CA ARG K 155 -37.29 -15.10 -48.47
C ARG K 155 -38.39 -14.40 -47.68
N GLN K 156 -38.61 -13.13 -47.97
CA GLN K 156 -39.66 -12.37 -47.29
C GLN K 156 -41.03 -12.95 -47.61
N GLY K 157 -41.79 -13.25 -46.56
CA GLY K 157 -43.13 -13.79 -46.71
C GLY K 157 -44.07 -12.79 -47.34
N PRO K 158 -45.22 -13.27 -47.81
CA PRO K 158 -46.18 -12.36 -48.48
C PRO K 158 -46.66 -11.23 -47.58
N LYS K 159 -46.92 -11.52 -46.31
CA LYS K 159 -47.36 -10.51 -45.36
C LYS K 159 -46.30 -10.20 -44.31
N GLU K 160 -45.09 -10.72 -44.47
CA GLU K 160 -44.03 -10.49 -43.49
C GLU K 160 -43.52 -9.06 -43.59
N PRO K 161 -43.45 -8.32 -42.48
CA PRO K 161 -42.89 -6.97 -42.54
C PRO K 161 -41.43 -7.01 -42.97
N PHE K 162 -41.02 -5.97 -43.70
CA PHE K 162 -39.68 -5.94 -44.27
C PHE K 162 -38.61 -5.99 -43.18
N ARG K 163 -38.84 -5.29 -42.07
CA ARG K 163 -37.86 -5.26 -40.99
C ARG K 163 -37.67 -6.66 -40.40
N ASP K 164 -38.76 -7.43 -40.27
CA ASP K 164 -38.63 -8.78 -39.77
C ASP K 164 -37.81 -9.65 -40.72
N TYR K 165 -37.98 -9.44 -42.03
CA TYR K 165 -37.25 -10.21 -43.01
C TYR K 165 -35.77 -9.86 -42.99
N VAL K 166 -35.44 -8.57 -42.88
CA VAL K 166 -34.04 -8.17 -42.77
C VAL K 166 -33.43 -8.72 -41.49
N ASP K 167 -34.22 -8.84 -40.41
CA ASP K 167 -33.72 -9.45 -39.18
C ASP K 167 -33.31 -10.89 -39.41
N ARG K 168 -34.19 -11.69 -40.03
CA ARG K 168 -33.85 -13.07 -40.31
C ARG K 168 -32.71 -13.18 -41.31
N PHE K 169 -32.61 -12.23 -42.23
CA PHE K 169 -31.57 -12.29 -43.26
C PHE K 169 -30.19 -12.09 -42.65
N TYR K 170 -30.01 -11.00 -41.90
CA TYR K 170 -28.69 -10.69 -41.37
C TYR K 170 -28.29 -11.60 -40.21
N LYS K 171 -29.25 -12.22 -39.52
CA LYS K 171 -28.88 -13.18 -38.49
C LYS K 171 -28.39 -14.48 -39.12
N THR K 172 -29.04 -14.91 -40.20
CA THR K 172 -28.55 -16.07 -40.95
C THR K 172 -27.19 -15.79 -41.55
N LEU K 173 -27.01 -14.60 -42.12
CA LEU K 173 -25.71 -14.23 -42.69
C LEU K 173 -24.64 -14.19 -41.61
N ARG K 174 -25.00 -13.82 -40.38
CA ARG K 174 -24.03 -13.82 -39.29
C ARG K 174 -23.57 -15.24 -38.98
N ALA K 175 -24.52 -16.19 -38.93
CA ALA K 175 -24.16 -17.57 -38.58
C ALA K 175 -23.31 -18.23 -39.65
N GLU K 176 -23.41 -17.79 -40.90
CA GLU K 176 -22.67 -18.42 -41.98
C GLU K 176 -21.34 -17.71 -42.26
N GLN K 177 -21.31 -16.39 -42.21
CA GLN K 177 -20.06 -15.64 -42.38
C GLN K 177 -19.20 -15.66 -41.13
N ALA K 178 -19.57 -16.42 -40.10
CA ALA K 178 -18.80 -16.54 -38.85
C ALA K 178 -18.57 -15.18 -38.21
N SER K 179 -19.57 -14.30 -38.28
CA SER K 179 -19.49 -12.94 -37.72
C SER K 179 -18.31 -12.16 -38.30
N GLN K 180 -18.06 -12.35 -39.59
CA GLN K 180 -16.95 -11.68 -40.27
C GLN K 180 -17.48 -11.02 -41.54
N GLU K 181 -17.46 -9.69 -41.56
CA GLU K 181 -17.94 -8.93 -42.71
C GLU K 181 -17.05 -9.16 -43.93
N ASN K 184 -20.83 -6.07 -48.72
CA ASN K 184 -20.81 -6.85 -49.96
C ASN K 184 -21.95 -6.41 -50.87
N ALA K 185 -21.63 -6.21 -52.16
CA ALA K 185 -22.67 -5.91 -53.14
C ALA K 185 -23.49 -7.14 -53.48
N ALA K 186 -22.88 -8.33 -53.43
CA ALA K 186 -23.60 -9.57 -53.72
C ALA K 186 -24.67 -9.83 -52.66
N THR K 187 -24.39 -9.50 -51.40
CA THR K 187 -25.40 -9.66 -50.36
C THR K 187 -26.48 -8.59 -50.48
N GLU K 188 -26.12 -7.40 -50.96
CA GLU K 188 -27.14 -6.35 -51.17
C GLU K 188 -28.09 -6.74 -52.28
N THR K 189 -27.59 -7.38 -53.34
CA THR K 189 -28.47 -7.82 -54.41
C THR K 189 -29.34 -8.99 -53.97
N LEU K 190 -28.83 -9.86 -53.10
CA LEU K 190 -29.62 -10.98 -52.60
C LEU K 190 -30.72 -10.52 -51.64
N LEU K 191 -30.46 -9.46 -50.88
CA LEU K 191 -31.48 -8.93 -49.98
C LEU K 191 -32.67 -8.38 -50.76
N VAL K 192 -32.39 -7.66 -51.86
CA VAL K 192 -33.46 -7.15 -52.72
C VAL K 192 -34.12 -8.29 -53.48
N GLN K 193 -33.32 -9.28 -53.92
CA GLN K 193 -33.84 -10.35 -54.76
C GLN K 193 -34.89 -11.19 -54.02
N ASN K 194 -34.65 -11.47 -52.74
CA ASN K 194 -35.52 -12.36 -51.97
C ASN K 194 -36.59 -11.62 -51.16
N ALA K 195 -36.69 -10.30 -51.32
CA ALA K 195 -37.85 -9.59 -50.79
C ALA K 195 -39.09 -9.94 -51.60
N ASN K 196 -40.27 -9.70 -51.02
CA ASN K 196 -41.51 -9.97 -51.72
C ASN K 196 -41.66 -9.02 -52.90
N PRO K 197 -42.53 -9.36 -53.86
CA PRO K 197 -42.61 -8.55 -55.10
C PRO K 197 -42.87 -7.07 -54.87
N ASP K 198 -43.71 -6.70 -53.90
CA ASP K 198 -44.04 -5.29 -53.71
C ASP K 198 -42.86 -4.49 -53.20
N CYS K 199 -42.23 -4.94 -52.11
CA CYS K 199 -41.08 -4.22 -51.60
C CYS K 199 -39.90 -4.28 -52.55
N LYS K 200 -39.72 -5.40 -53.26
CA LYS K 200 -38.65 -5.50 -54.25
C LYS K 200 -38.80 -4.42 -55.32
N THR K 201 -40.02 -4.16 -55.77
CA THR K 201 -40.23 -3.11 -56.76
C THR K 201 -39.90 -1.74 -56.19
N ILE K 202 -40.28 -1.49 -54.93
CA ILE K 202 -39.98 -0.22 -54.29
C ILE K 202 -38.47 -0.03 -54.13
N LEU K 203 -37.76 -1.09 -53.73
CA LEU K 203 -36.32 -0.97 -53.53
C LEU K 203 -35.59 -0.76 -54.85
N LYS K 204 -35.97 -1.52 -55.89
CA LYS K 204 -35.35 -1.32 -57.19
C LYS K 204 -35.66 0.06 -57.76
N ALA K 205 -36.84 0.59 -57.47
CA ALA K 205 -37.19 1.95 -57.90
C ALA K 205 -36.49 3.02 -57.08
N LEU K 206 -35.99 2.68 -55.90
CA LEU K 206 -35.34 3.67 -55.04
C LEU K 206 -34.04 4.17 -55.63
N GLY K 207 -33.41 3.40 -56.50
CA GLY K 207 -32.11 3.75 -57.03
C GLY K 207 -30.99 3.13 -56.23
N PRO K 208 -29.87 2.83 -56.89
CA PRO K 208 -28.75 2.22 -56.20
C PRO K 208 -28.11 3.18 -55.20
N GLY K 209 -27.16 2.65 -54.43
CA GLY K 209 -26.49 3.43 -53.41
C GLY K 209 -27.33 3.81 -52.22
N ALA K 210 -28.52 3.21 -52.06
CA ALA K 210 -29.39 3.54 -50.96
C ALA K 210 -28.95 2.85 -49.68
N THR K 211 -29.04 3.57 -48.56
CA THR K 211 -28.71 2.99 -47.28
C THR K 211 -29.84 2.06 -46.81
N LEU K 212 -29.51 1.16 -45.88
CA LEU K 212 -30.52 0.27 -45.35
C LEU K 212 -31.64 1.03 -44.66
N GLU K 213 -31.32 2.15 -44.02
CA GLU K 213 -32.35 2.98 -43.40
C GLU K 213 -33.34 3.49 -44.45
N GLU K 214 -32.83 3.94 -45.59
CA GLU K 214 -33.71 4.38 -46.67
C GLU K 214 -34.53 3.22 -47.22
N MET K 215 -33.92 2.04 -47.33
CA MET K 215 -34.64 0.87 -47.84
C MET K 215 -35.81 0.51 -46.93
N MET K 216 -35.58 0.51 -45.61
CA MET K 216 -36.63 0.11 -44.68
C MET K 216 -37.69 1.19 -44.50
N THR K 217 -37.30 2.46 -44.61
CA THR K 217 -38.29 3.53 -44.62
C THR K 217 -39.22 3.40 -45.82
N ALA K 218 -38.68 2.97 -46.97
CA ALA K 218 -39.49 2.86 -48.18
C ALA K 218 -40.45 1.68 -48.12
N CYS K 219 -40.08 0.60 -47.44
CA CYS K 219 -40.93 -0.58 -47.31
C CYS K 219 -41.58 -0.68 -45.94
N GLN K 220 -41.77 0.45 -45.25
CA GLN K 220 -42.35 0.39 -43.91
C GLN K 220 -43.79 -0.09 -43.95
N GLY K 221 -44.61 0.51 -44.81
CA GLY K 221 -45.99 0.07 -45.00
C GLY K 221 -46.83 -0.03 -43.74
N PRO L 2 -12.91 -1.92 -19.85
CA PRO L 2 -12.77 -0.46 -19.73
C PRO L 2 -11.44 -0.03 -19.12
N ILE L 3 -11.17 1.27 -19.15
CA ILE L 3 -9.98 1.84 -18.52
C ILE L 3 -10.42 2.50 -17.23
N VAL L 4 -9.92 1.99 -16.10
CA VAL L 4 -10.30 2.48 -14.78
C VAL L 4 -9.04 2.93 -14.04
N GLN L 5 -9.25 3.52 -12.86
CA GLN L 5 -8.18 4.12 -12.09
C GLN L 5 -7.59 3.12 -11.10
N ASN L 6 -6.27 3.05 -11.05
CA ASN L 6 -5.55 2.13 -10.17
C ASN L 6 -5.22 2.82 -8.84
N LEU L 7 -4.79 2.01 -7.88
CA LEU L 7 -4.37 2.56 -6.59
C LEU L 7 -3.06 3.31 -6.68
N GLN L 8 -2.28 3.10 -7.74
CA GLN L 8 -1.12 3.92 -8.05
C GLN L 8 -1.46 5.10 -8.95
N GLY L 9 -2.76 5.40 -9.11
CA GLY L 9 -3.21 6.49 -9.96
C GLY L 9 -3.21 6.20 -11.43
N GLN L 10 -2.52 5.15 -11.88
CA GLN L 10 -2.40 4.88 -13.30
C GLN L 10 -3.72 4.37 -13.86
N MET L 11 -4.09 4.87 -15.03
CA MET L 11 -5.27 4.37 -15.74
C MET L 11 -4.94 3.03 -16.38
N VAL L 12 -5.63 1.98 -15.95
CA VAL L 12 -5.30 0.62 -16.35
C VAL L 12 -6.53 -0.05 -16.95
N HIS L 13 -6.28 -0.97 -17.88
CA HIS L 13 -7.34 -1.75 -18.49
C HIS L 13 -7.92 -2.76 -17.51
N GLN L 14 -9.18 -3.11 -17.73
CA GLN L 14 -9.90 -4.06 -16.90
C GLN L 14 -10.90 -4.80 -17.78
N CYS L 15 -11.03 -6.10 -17.55
CA CYS L 15 -11.99 -6.89 -18.31
C CYS L 15 -13.42 -6.39 -18.03
N ILE L 16 -14.23 -6.35 -19.09
CA ILE L 16 -15.63 -5.96 -18.91
C ILE L 16 -16.30 -6.99 -18.01
N SER L 17 -17.18 -6.51 -17.10
CA SER L 17 -17.62 -7.48 -16.11
C SER L 17 -18.81 -8.28 -16.62
N PRO L 18 -18.93 -9.53 -16.18
CA PRO L 18 -20.10 -10.35 -16.59
C PRO L 18 -21.43 -9.73 -16.19
N ARG L 19 -21.47 -9.03 -15.05
CA ARG L 19 -22.69 -8.36 -14.63
C ARG L 19 -23.05 -7.24 -15.59
N THR L 20 -22.04 -6.52 -16.10
CA THR L 20 -22.30 -5.45 -17.06
C THR L 20 -22.79 -6.01 -18.39
N LEU L 21 -22.19 -7.11 -18.86
CA LEU L 21 -22.62 -7.73 -20.10
C LEU L 21 -24.05 -8.23 -20.01
N ASN L 22 -24.37 -8.95 -18.93
CA ASN L 22 -25.72 -9.48 -18.77
C ASN L 22 -26.75 -8.36 -18.66
N ALA L 23 -26.37 -7.23 -18.07
CA ALA L 23 -27.30 -6.11 -17.95
C ALA L 23 -27.67 -5.55 -19.32
N TRP L 24 -26.67 -5.32 -20.17
CA TRP L 24 -26.96 -4.79 -21.51
C TRP L 24 -27.79 -5.77 -22.33
N VAL L 25 -27.55 -7.07 -22.16
CA VAL L 25 -28.36 -8.07 -22.86
C VAL L 25 -29.81 -8.01 -22.38
N LYS L 26 -30.00 -7.87 -21.06
CA LYS L 26 -31.35 -7.77 -20.52
C LYS L 26 -32.08 -6.54 -21.04
N VAL L 27 -31.40 -5.40 -21.11
CA VAL L 27 -32.05 -4.15 -21.50
C VAL L 27 -32.55 -4.24 -22.93
N VAL L 28 -31.77 -4.85 -23.82
CA VAL L 28 -32.19 -4.98 -25.22
C VAL L 28 -33.33 -5.99 -25.34
N GLU L 29 -33.26 -7.08 -24.58
CA GLU L 29 -34.31 -8.09 -24.64
C GLU L 29 -35.63 -7.57 -24.09
N GLU L 30 -35.59 -6.68 -23.10
CA GLU L 30 -36.80 -6.23 -22.42
C GLU L 30 -37.39 -4.97 -23.03
N LYS L 31 -36.55 -3.99 -23.34
CA LYS L 31 -37.01 -2.69 -23.82
C LYS L 31 -36.82 -2.48 -25.32
N ALA L 32 -36.20 -3.46 -26.00
CA ALA L 32 -35.90 -3.35 -27.43
C ALA L 32 -35.13 -2.07 -27.72
N PHE L 33 -35.73 -1.15 -28.47
CA PHE L 33 -35.12 0.13 -28.79
C PHE L 33 -36.01 1.28 -28.36
N SER L 34 -36.66 1.13 -27.21
CA SER L 34 -37.28 2.25 -26.54
C SER L 34 -36.21 3.31 -26.24
N PRO L 35 -36.58 4.60 -26.21
CA PRO L 35 -35.56 5.65 -26.10
C PRO L 35 -34.65 5.52 -24.88
N GLU L 36 -35.15 4.97 -23.77
CA GLU L 36 -34.35 4.88 -22.55
C GLU L 36 -33.26 3.81 -22.64
N VAL L 37 -33.15 3.08 -23.75
CA VAL L 37 -32.08 2.11 -23.90
C VAL L 37 -30.76 2.80 -24.18
N ILE L 38 -30.80 3.95 -24.84
CA ILE L 38 -29.59 4.68 -25.22
C ILE L 38 -28.89 5.25 -23.98
N PRO L 39 -29.58 5.92 -23.05
CA PRO L 39 -28.87 6.33 -21.81
C PRO L 39 -28.38 5.16 -20.99
N MET L 40 -29.07 4.02 -21.04
CA MET L 40 -28.58 2.83 -20.35
C MET L 40 -27.30 2.33 -21.01
N PHE L 41 -27.22 2.39 -22.34
CA PHE L 41 -26.01 1.93 -23.03
C PHE L 41 -24.82 2.82 -22.70
N SER L 42 -25.02 4.14 -22.68
CA SER L 42 -23.94 5.06 -22.39
C SER L 42 -23.43 4.92 -20.96
N ALA L 43 -24.33 4.60 -20.02
CA ALA L 43 -23.91 4.44 -18.64
C ALA L 43 -23.22 3.09 -18.42
N LEU L 44 -23.72 2.03 -19.07
CA LEU L 44 -23.08 0.72 -18.96
C LEU L 44 -21.76 0.64 -19.72
N SER L 45 -21.45 1.61 -20.58
CA SER L 45 -20.20 1.63 -21.34
C SER L 45 -19.24 2.68 -20.82
N CYS L 46 -19.37 3.08 -19.56
CA CYS L 46 -18.51 4.10 -18.98
C CYS L 46 -17.07 3.60 -18.95
N GLY L 47 -16.15 4.43 -19.47
CA GLY L 47 -14.75 4.09 -19.55
C GLY L 47 -14.37 3.08 -20.61
N ALA L 48 -15.26 2.75 -21.54
CA ALA L 48 -15.02 1.63 -22.43
C ALA L 48 -14.02 1.97 -23.52
N THR L 49 -13.27 0.95 -23.94
CA THR L 49 -12.46 1.03 -25.14
C THR L 49 -13.32 0.67 -26.34
N PRO L 50 -12.86 0.94 -27.56
CA PRO L 50 -13.59 0.47 -28.74
C PRO L 50 -13.84 -1.03 -28.73
N GLN L 51 -12.88 -1.81 -28.25
CA GLN L 51 -13.07 -3.26 -28.14
C GLN L 51 -14.24 -3.61 -27.22
N ASP L 52 -14.41 -2.86 -26.12
CA ASP L 52 -15.54 -3.12 -25.23
C ASP L 52 -16.86 -2.74 -25.89
N LEU L 53 -16.89 -1.60 -26.59
CA LEU L 53 -18.10 -1.19 -27.29
C LEU L 53 -18.51 -2.24 -28.32
N ASN L 54 -17.54 -2.83 -29.02
CA ASN L 54 -17.86 -3.86 -30.00
C ASN L 54 -18.33 -5.14 -29.33
N THR L 55 -17.77 -5.48 -28.16
CA THR L 55 -18.23 -6.64 -27.43
C THR L 55 -19.69 -6.50 -27.03
N MET L 56 -20.09 -5.30 -26.60
CA MET L 56 -21.47 -5.09 -26.18
C MET L 56 -22.43 -5.18 -27.36
N LEU L 57 -22.07 -4.57 -28.49
CA LEU L 57 -22.91 -4.69 -29.68
C LEU L 57 -22.98 -6.13 -30.17
N ASN L 58 -21.91 -6.91 -29.98
CA ASN L 58 -21.90 -8.29 -30.46
C ASN L 58 -22.77 -9.21 -29.63
N THR L 59 -23.00 -8.89 -28.36
CA THR L 59 -23.84 -9.74 -27.53
C THR L 59 -25.32 -9.61 -27.89
N VAL L 60 -25.70 -8.61 -28.68
CA VAL L 60 -27.08 -8.49 -29.13
C VAL L 60 -27.40 -9.63 -30.07
N GLY L 61 -28.40 -10.43 -29.72
CA GLY L 61 -28.76 -11.60 -30.51
C GLY L 61 -29.63 -11.27 -31.71
N GLY L 62 -30.78 -10.66 -31.47
CA GLY L 62 -31.68 -10.27 -32.53
C GLY L 62 -31.41 -8.87 -33.02
N HIS L 63 -32.44 -8.26 -33.60
CA HIS L 63 -32.39 -6.88 -34.08
C HIS L 63 -31.23 -6.68 -35.07
N GLN L 64 -30.95 -7.70 -35.88
CA GLN L 64 -29.81 -7.63 -36.79
C GLN L 64 -30.02 -6.61 -37.90
N ALA L 65 -31.26 -6.23 -38.19
CA ALA L 65 -31.49 -5.13 -39.13
C ALA L 65 -31.03 -3.81 -38.54
N ALA L 66 -31.33 -3.57 -37.26
CA ALA L 66 -30.84 -2.37 -36.60
C ALA L 66 -29.32 -2.40 -36.45
N MET L 67 -28.74 -3.58 -36.23
CA MET L 67 -27.29 -3.67 -36.08
C MET L 67 -26.57 -3.33 -37.38
N GLN L 68 -27.11 -3.79 -38.52
CA GLN L 68 -26.52 -3.42 -39.80
C GLN L 68 -26.64 -1.92 -40.05
N MET L 69 -27.79 -1.34 -39.71
CA MET L 69 -27.97 0.09 -39.86
C MET L 69 -27.02 0.86 -38.97
N LEU L 70 -26.76 0.35 -37.76
CA LEU L 70 -25.77 0.97 -36.90
C LEU L 70 -24.38 0.91 -37.52
N LYS L 71 -24.02 -0.23 -38.09
CA LYS L 71 -22.75 -0.34 -38.81
C LYS L 71 -22.63 0.71 -39.90
N GLU L 72 -23.71 0.96 -40.64
CA GLU L 72 -23.65 1.89 -41.75
C GLU L 72 -23.50 3.33 -41.26
N THR L 73 -24.09 3.65 -40.10
CA THR L 73 -23.89 4.98 -39.53
C THR L 73 -22.45 5.17 -39.07
N ILE L 74 -21.87 4.14 -38.45
CA ILE L 74 -20.48 4.21 -38.01
C ILE L 74 -19.54 4.43 -39.19
N ASN L 75 -19.83 3.75 -40.32
CA ASN L 75 -19.02 3.96 -41.52
C ASN L 75 -19.05 5.42 -41.97
N GLU L 76 -20.22 6.06 -41.90
CA GLU L 76 -20.32 7.46 -42.32
C GLU L 76 -19.49 8.36 -41.43
N GLU L 77 -19.59 8.17 -40.11
CA GLU L 77 -18.83 9.01 -39.19
C GLU L 77 -17.33 8.74 -39.30
N ALA L 78 -16.95 7.50 -39.60
CA ALA L 78 -15.53 7.19 -39.78
C ALA L 78 -14.98 7.85 -41.04
N ALA L 79 -15.76 7.87 -42.12
CA ALA L 79 -15.33 8.56 -43.33
C ALA L 79 -15.26 10.06 -43.11
N GLU L 80 -16.25 10.63 -42.41
CA GLU L 80 -16.19 12.06 -42.09
C GLU L 80 -14.99 12.37 -41.21
N TRP L 81 -14.64 11.45 -40.31
CA TRP L 81 -13.43 11.63 -39.51
C TRP L 81 -12.19 11.63 -40.38
N ASP L 82 -12.13 10.74 -41.37
CA ASP L 82 -10.94 10.64 -42.21
C ASP L 82 -10.77 11.86 -43.11
N ARG L 83 -11.87 12.47 -43.55
CA ARG L 83 -11.76 13.65 -44.41
C ARG L 83 -11.49 14.92 -43.60
N LEU L 84 -11.98 14.99 -42.36
CA LEU L 84 -11.66 16.11 -41.50
C LEU L 84 -10.32 15.97 -40.81
N HIS L 85 -9.74 14.76 -40.82
CA HIS L 85 -8.39 14.50 -40.30
C HIS L 85 -7.57 13.92 -41.45
N PRO L 86 -7.14 14.75 -42.40
CA PRO L 86 -6.41 14.23 -43.55
C PRO L 86 -5.07 13.62 -43.14
N VAL L 87 -4.55 12.76 -44.02
CA VAL L 87 -3.26 12.13 -43.80
C VAL L 87 -2.16 13.09 -44.23
N HIS L 88 -1.93 14.12 -43.42
CA HIS L 88 -0.91 15.13 -43.74
C HIS L 88 0.48 14.50 -43.74
N ALA L 89 1.11 14.47 -44.91
CA ALA L 89 2.47 13.97 -45.04
C ALA L 89 3.45 15.12 -44.90
N GLY L 90 4.72 14.86 -45.19
CA GLY L 90 5.74 15.88 -45.13
C GLY L 90 6.64 15.75 -43.91
N PRO L 91 6.80 16.84 -43.16
CA PRO L 91 7.71 16.85 -42.01
C PRO L 91 7.10 16.12 -40.82
N ILE L 92 7.60 14.91 -40.56
CA ILE L 92 7.16 14.10 -39.44
C ILE L 92 8.16 14.29 -38.30
N ALA L 93 7.69 14.84 -37.18
CA ALA L 93 8.55 14.98 -36.01
C ALA L 93 8.99 13.61 -35.52
N PRO L 94 10.18 13.50 -34.92
CA PRO L 94 10.68 12.19 -34.51
C PRO L 94 9.75 11.46 -33.55
N GLY L 95 9.19 12.16 -32.57
CA GLY L 95 8.28 11.54 -31.62
C GLY L 95 6.83 11.82 -31.90
N GLN L 96 6.45 11.86 -33.18
CA GLN L 96 5.07 12.13 -33.57
C GLN L 96 4.27 10.85 -33.54
N MET L 97 3.25 10.80 -32.68
CA MET L 97 2.41 9.63 -32.57
C MET L 97 1.48 9.50 -33.77
N ARG L 98 1.33 8.27 -34.26
CA ARG L 98 0.40 8.00 -35.34
C ARG L 98 -1.03 8.21 -34.85
N GLU L 99 -1.74 9.14 -35.48
CA GLU L 99 -3.09 9.46 -35.08
C GLU L 99 -4.08 8.45 -35.67
N PRO L 100 -5.19 8.18 -34.98
CA PRO L 100 -6.09 7.11 -35.41
C PRO L 100 -6.92 7.50 -36.62
N ARG L 101 -7.19 6.49 -37.46
CA ARG L 101 -8.12 6.64 -38.57
C ARG L 101 -9.53 6.31 -38.09
N GLY L 102 -10.51 6.49 -38.98
CA GLY L 102 -11.89 6.16 -38.61
C GLY L 102 -12.06 4.69 -38.28
N SER L 103 -11.34 3.82 -38.99
CA SER L 103 -11.39 2.38 -38.71
C SER L 103 -10.66 2.03 -37.42
N ASP L 104 -9.75 2.89 -36.95
CA ASP L 104 -9.08 2.63 -35.67
C ASP L 104 -10.00 2.94 -34.50
N ILE L 105 -10.75 4.04 -34.59
CA ILE L 105 -11.70 4.39 -33.54
C ILE L 105 -12.78 3.33 -33.41
N ALA L 106 -13.16 2.69 -34.52
CA ALA L 106 -14.21 1.69 -34.51
C ALA L 106 -13.70 0.29 -34.17
N GLY L 107 -12.40 0.11 -34.02
CA GLY L 107 -11.87 -1.17 -33.61
C GLY L 107 -11.78 -2.23 -34.68
N THR L 108 -11.85 -1.84 -35.96
CA THR L 108 -11.67 -2.80 -37.04
C THR L 108 -10.21 -3.00 -37.41
N THR L 109 -9.40 -1.95 -37.31
CA THR L 109 -7.99 -2.00 -37.68
C THR L 109 -7.06 -1.63 -36.53
N SER L 110 -7.54 -1.66 -35.29
CA SER L 110 -6.73 -1.27 -34.14
C SER L 110 -6.76 -2.36 -33.08
N THR L 111 -5.61 -2.61 -32.48
CA THR L 111 -5.51 -3.56 -31.38
C THR L 111 -5.90 -2.90 -30.07
N LEU L 112 -6.07 -3.73 -29.03
CA LEU L 112 -6.40 -3.19 -27.71
C LEU L 112 -5.27 -2.32 -27.19
N GLN L 113 -4.02 -2.71 -27.44
CA GLN L 113 -2.89 -1.92 -26.97
C GLN L 113 -2.87 -0.53 -27.62
N GLU L 114 -3.19 -0.47 -28.91
CA GLU L 114 -3.24 0.82 -29.60
C GLU L 114 -4.36 1.70 -29.05
N GLN L 115 -5.52 1.10 -28.77
CA GLN L 115 -6.64 1.85 -28.22
C GLN L 115 -6.30 2.42 -26.85
N ILE L 116 -5.69 1.60 -25.98
CA ILE L 116 -5.26 2.09 -24.68
C ILE L 116 -4.17 3.14 -24.81
N GLY L 117 -3.30 2.98 -25.81
CA GLY L 117 -2.23 3.95 -26.02
C GLY L 117 -2.76 5.33 -26.35
N TRP L 118 -3.80 5.40 -27.19
CA TRP L 118 -4.41 6.69 -27.50
C TRP L 118 -5.16 7.25 -26.30
N MET L 119 -5.86 6.39 -25.56
CA MET L 119 -6.71 6.85 -24.47
C MET L 119 -5.90 7.33 -23.26
N THR L 120 -4.65 6.88 -23.12
CA THR L 120 -3.82 7.24 -21.97
C THR L 120 -2.62 8.10 -22.35
N HIS L 121 -2.62 8.66 -23.57
CA HIS L 121 -1.51 9.47 -24.03
C HIS L 121 -1.57 10.87 -23.42
N ASN L 122 -0.47 11.60 -23.58
CA ASN L 122 -0.37 12.99 -23.15
C ASN L 122 0.09 13.83 -24.34
N PRO L 123 -0.82 14.55 -25.01
CA PRO L 123 -2.26 14.65 -24.76
C PRO L 123 -3.05 13.43 -25.24
N PRO L 124 -4.16 13.10 -24.59
CA PRO L 124 -4.89 11.89 -24.94
C PRO L 124 -5.83 12.09 -26.12
N ILE L 125 -6.04 11.00 -26.85
CA ILE L 125 -7.05 10.93 -27.91
C ILE L 125 -8.10 9.91 -27.47
N PRO L 126 -9.28 10.36 -27.00
CA PRO L 126 -10.28 9.45 -26.42
C PRO L 126 -11.09 8.68 -27.48
N VAL L 127 -10.43 7.69 -28.09
CA VAL L 127 -11.06 6.92 -29.16
C VAL L 127 -12.27 6.13 -28.68
N GLY L 128 -12.34 5.83 -27.38
CA GLY L 128 -13.53 5.17 -26.87
C GLY L 128 -14.71 6.11 -26.77
N GLU L 129 -14.46 7.37 -26.43
CA GLU L 129 -15.53 8.36 -26.36
C GLU L 129 -15.96 8.81 -27.75
N ILE L 130 -15.01 8.93 -28.67
CA ILE L 130 -15.34 9.26 -30.06
C ILE L 130 -16.23 8.17 -30.65
N TYR L 131 -15.83 6.91 -30.46
CA TYR L 131 -16.61 5.80 -30.99
C TYR L 131 -17.99 5.74 -30.37
N LYS L 132 -18.08 5.99 -29.06
CA LYS L 132 -19.38 5.98 -28.39
C LYS L 132 -20.32 7.05 -28.94
N ARG L 133 -19.77 8.21 -29.32
CA ARG L 133 -20.61 9.23 -29.94
C ARG L 133 -21.16 8.76 -31.29
N TRP L 134 -20.36 8.00 -32.04
CA TRP L 134 -20.85 7.45 -33.31
C TRP L 134 -21.95 6.42 -33.08
N ILE L 135 -21.77 5.56 -32.05
CA ILE L 135 -22.75 4.53 -31.78
C ILE L 135 -24.07 5.13 -31.32
N ILE L 136 -24.02 6.20 -30.52
CA ILE L 136 -25.24 6.82 -30.02
C ILE L 136 -26.00 7.50 -31.15
N LEU L 137 -25.28 8.11 -32.10
CA LEU L 137 -25.94 8.69 -33.27
C LEU L 137 -26.69 7.63 -34.05
N GLY L 138 -26.11 6.43 -34.19
CA GLY L 138 -26.79 5.36 -34.89
C GLY L 138 -27.98 4.83 -34.12
N LEU L 139 -27.82 4.69 -32.80
CA LEU L 139 -28.94 4.22 -31.97
C LEU L 139 -30.10 5.20 -32.02
N ASN L 140 -29.80 6.50 -32.08
CA ASN L 140 -30.86 7.50 -32.16
C ASN L 140 -31.69 7.33 -33.42
N LYS L 141 -31.05 7.00 -34.54
CA LYS L 141 -31.79 6.72 -35.77
C LYS L 141 -32.66 5.47 -35.62
N ILE L 142 -32.14 4.45 -34.93
CA ILE L 142 -32.91 3.23 -34.74
C ILE L 142 -34.14 3.49 -33.89
N VAL L 143 -34.03 4.37 -32.89
CA VAL L 143 -35.16 4.67 -32.03
C VAL L 143 -36.26 5.39 -32.81
N ARG L 144 -35.88 6.31 -33.70
CA ARG L 144 -36.85 6.94 -34.58
C ARG L 144 -37.55 5.91 -35.45
N MET L 145 -36.77 4.96 -36.01
CA MET L 145 -37.35 3.95 -36.89
C MET L 145 -38.33 3.05 -36.15
N TYR L 146 -37.91 2.54 -34.98
CA TYR L 146 -38.73 1.66 -34.18
C TYR L 146 -39.96 2.35 -33.61
N SER L 147 -40.02 3.68 -33.63
CA SER L 147 -41.17 4.40 -33.08
C SER L 147 -42.43 4.06 -33.88
N PRO L 148 -43.43 3.40 -33.27
CA PRO L 148 -44.56 2.91 -34.06
C PRO L 148 -45.56 3.98 -34.48
N THR L 149 -45.54 5.16 -33.87
CA THR L 149 -46.53 6.19 -34.17
C THR L 149 -45.84 7.54 -34.23
N SER L 150 -46.38 8.42 -35.07
CA SER L 150 -45.88 9.78 -35.23
C SER L 150 -46.50 10.70 -34.19
N ILE L 151 -45.82 11.81 -33.93
CA ILE L 151 -46.29 12.79 -32.94
C ILE L 151 -47.60 13.43 -33.37
N LEU L 152 -47.93 13.38 -34.66
CA LEU L 152 -49.17 13.96 -35.14
C LEU L 152 -50.36 13.04 -34.93
N ASP L 153 -50.13 11.73 -34.90
CA ASP L 153 -51.18 10.75 -34.69
C ASP L 153 -51.44 10.46 -33.21
N ILE L 154 -50.81 11.19 -32.31
CA ILE L 154 -51.03 11.04 -30.87
C ILE L 154 -52.20 11.96 -30.52
N ARG L 155 -53.39 11.39 -30.35
CA ARG L 155 -54.59 12.14 -30.05
C ARG L 155 -55.27 11.56 -28.81
N GLN L 156 -55.79 12.43 -27.97
CA GLN L 156 -56.45 12.00 -26.74
C GLN L 156 -57.79 11.36 -27.07
N GLY L 157 -57.99 10.13 -26.59
CA GLY L 157 -59.24 9.43 -26.78
C GLY L 157 -60.39 10.11 -26.06
N PRO L 158 -61.62 9.64 -26.32
CA PRO L 158 -62.78 10.27 -25.67
C PRO L 158 -62.77 10.13 -24.15
N LYS L 159 -62.44 8.95 -23.63
CA LYS L 159 -62.41 8.70 -22.20
C LYS L 159 -61.00 8.56 -21.65
N GLU L 160 -59.98 8.91 -22.43
CA GLU L 160 -58.61 8.80 -21.96
C GLU L 160 -58.28 9.97 -21.05
N PRO L 161 -57.80 9.72 -19.82
CA PRO L 161 -57.39 10.83 -18.96
C PRO L 161 -56.23 11.61 -19.56
N PHE L 162 -56.17 12.89 -19.19
CA PHE L 162 -55.15 13.77 -19.76
C PHE L 162 -53.73 13.32 -19.41
N ARG L 163 -53.57 12.60 -18.29
CA ARG L 163 -52.24 12.14 -17.89
C ARG L 163 -51.74 11.06 -18.84
N ASP L 164 -52.59 10.08 -19.15
CA ASP L 164 -52.19 9.03 -20.09
C ASP L 164 -51.93 9.58 -21.47
N TYR L 165 -52.53 10.72 -21.82
CA TYR L 165 -52.33 11.33 -23.12
C TYR L 165 -51.00 12.06 -23.21
N VAL L 166 -50.64 12.81 -22.16
CA VAL L 166 -49.33 13.46 -22.14
C VAL L 166 -48.23 12.42 -22.01
N ASP L 167 -48.49 11.31 -21.31
CA ASP L 167 -47.50 10.24 -21.21
C ASP L 167 -47.13 9.70 -22.60
N ARG L 168 -48.14 9.43 -23.43
CA ARG L 168 -47.86 8.95 -24.78
C ARG L 168 -47.28 10.05 -25.67
N PHE L 169 -47.73 11.29 -25.47
CA PHE L 169 -47.25 12.40 -26.29
C PHE L 169 -45.75 12.60 -26.12
N TYR L 170 -45.28 12.72 -24.88
CA TYR L 170 -43.87 13.00 -24.65
C TYR L 170 -42.99 11.78 -24.85
N LYS L 171 -43.53 10.57 -24.68
CA LYS L 171 -42.75 9.38 -24.98
C LYS L 171 -42.52 9.24 -26.47
N THR L 172 -43.55 9.51 -27.28
CA THR L 172 -43.38 9.55 -28.72
C THR L 172 -42.44 10.69 -29.13
N LEU L 173 -42.63 11.86 -28.52
CA LEU L 173 -41.74 12.99 -28.81
C LEU L 173 -40.29 12.66 -28.48
N ARG L 174 -40.07 11.84 -27.44
CA ARG L 174 -38.71 11.47 -27.09
C ARG L 174 -38.08 10.56 -28.14
N ALA L 175 -38.86 9.63 -28.69
CA ALA L 175 -38.32 8.72 -29.70
C ALA L 175 -38.00 9.43 -31.01
N GLU L 176 -38.69 10.51 -31.33
CA GLU L 176 -38.47 11.18 -32.61
C GLU L 176 -37.40 12.26 -32.52
N GLN L 177 -37.35 13.01 -31.41
CA GLN L 177 -36.30 13.99 -31.21
C GLN L 177 -35.03 13.39 -30.63
N ALA L 178 -34.95 12.05 -30.55
CA ALA L 178 -33.77 11.34 -30.06
C ALA L 178 -33.37 11.77 -28.66
N SER L 179 -34.38 11.99 -27.81
CA SER L 179 -34.18 12.42 -26.41
C SER L 179 -33.46 13.76 -26.33
N GLN L 180 -33.65 14.62 -27.33
CA GLN L 180 -33.11 15.97 -27.33
C GLN L 180 -34.25 16.97 -27.31
N GLU L 181 -34.00 18.13 -26.72
CA GLU L 181 -35.01 19.17 -26.58
C GLU L 181 -35.64 19.58 -27.91
N ALA L 186 -44.58 25.67 -30.08
CA ALA L 186 -44.49 24.70 -31.17
C ALA L 186 -45.11 23.38 -30.77
N THR L 187 -44.33 22.54 -30.10
CA THR L 187 -44.87 21.29 -29.58
C THR L 187 -45.92 21.54 -28.49
N GLU L 188 -45.83 22.68 -27.81
CA GLU L 188 -46.86 23.05 -26.83
C GLU L 188 -48.22 23.20 -27.49
N THR L 189 -48.26 23.93 -28.61
CA THR L 189 -49.52 24.12 -29.32
C THR L 189 -50.04 22.80 -29.90
N LEU L 190 -49.15 21.89 -30.29
CA LEU L 190 -49.58 20.59 -30.76
C LEU L 190 -50.21 19.77 -29.64
N LEU L 191 -49.74 19.95 -28.40
CA LEU L 191 -50.29 19.20 -27.28
C LEU L 191 -51.74 19.60 -27.02
N VAL L 192 -52.05 20.89 -27.08
CA VAL L 192 -53.42 21.31 -26.84
C VAL L 192 -54.31 20.95 -28.00
N GLN L 193 -53.76 20.93 -29.23
CA GLN L 193 -54.59 20.70 -30.41
C GLN L 193 -55.14 19.29 -30.46
N ASN L 194 -54.35 18.30 -30.03
CA ASN L 194 -54.74 16.90 -30.13
C ASN L 194 -55.37 16.36 -28.85
N ALA L 195 -55.75 17.25 -27.93
CA ALA L 195 -56.57 16.84 -26.79
C ALA L 195 -58.03 16.82 -27.20
N ASN L 196 -58.81 15.96 -26.55
CA ASN L 196 -60.24 15.90 -26.85
C ASN L 196 -60.88 17.26 -26.54
N PRO L 197 -61.88 17.67 -27.32
CA PRO L 197 -62.33 19.06 -27.26
C PRO L 197 -62.84 19.50 -25.89
N ASP L 198 -63.44 18.59 -25.12
CA ASP L 198 -63.96 18.96 -23.81
C ASP L 198 -62.83 19.38 -22.86
N CYS L 199 -61.65 18.75 -22.99
CA CYS L 199 -60.48 19.18 -22.21
C CYS L 199 -59.66 20.23 -22.93
N LYS L 200 -59.66 20.23 -24.27
CA LYS L 200 -58.92 21.24 -25.02
C LYS L 200 -59.48 22.64 -24.75
N THR L 201 -60.80 22.75 -24.56
CA THR L 201 -61.39 24.03 -24.20
C THR L 201 -60.83 24.54 -22.88
N ILE L 202 -60.54 23.63 -21.94
CA ILE L 202 -60.01 24.05 -20.65
C ILE L 202 -58.57 24.53 -20.77
N LEU L 203 -57.79 23.95 -21.69
CA LEU L 203 -56.43 24.43 -21.90
C LEU L 203 -56.43 25.81 -22.56
N LYS L 204 -57.30 26.01 -23.55
CA LYS L 204 -57.44 27.34 -24.14
C LYS L 204 -57.99 28.33 -23.13
N ALA L 205 -58.83 27.87 -22.20
CA ALA L 205 -59.32 28.74 -21.14
C ALA L 205 -58.18 29.15 -20.22
N LEU L 206 -57.34 28.20 -19.83
CA LEU L 206 -56.15 28.52 -19.04
C LEU L 206 -55.24 29.46 -19.82
N GLY L 207 -55.17 29.30 -21.14
CA GLY L 207 -54.43 30.21 -21.98
C GLY L 207 -52.95 29.90 -22.04
N PRO L 208 -52.17 30.85 -22.53
CA PRO L 208 -50.72 30.62 -22.66
C PRO L 208 -49.98 30.86 -21.36
N GLY L 209 -48.64 30.77 -21.42
CA GLY L 209 -47.81 31.02 -20.25
C GLY L 209 -48.00 30.03 -19.13
N ALA L 210 -48.79 28.98 -19.39
CA ALA L 210 -49.12 28.01 -18.35
C ALA L 210 -48.03 26.96 -18.22
N THR L 211 -47.92 26.39 -17.03
CA THR L 211 -47.04 25.26 -16.80
C THR L 211 -47.81 23.97 -17.02
N LEU L 212 -47.06 22.89 -17.28
CA LEU L 212 -47.69 21.59 -17.44
C LEU L 212 -48.45 21.18 -16.18
N GLU L 213 -47.92 21.56 -15.01
CA GLU L 213 -48.63 21.28 -13.76
C GLU L 213 -50.00 21.96 -13.75
N GLU L 214 -50.06 23.22 -14.16
CA GLU L 214 -51.34 23.92 -14.25
C GLU L 214 -52.25 23.27 -15.27
N MET L 215 -51.69 22.71 -16.35
CA MET L 215 -52.51 22.10 -17.39
C MET L 215 -53.10 20.77 -16.95
N MET L 216 -52.29 19.92 -16.32
CA MET L 216 -52.75 18.59 -15.96
C MET L 216 -53.79 18.64 -14.85
N THR L 217 -53.74 19.66 -13.98
CA THR L 217 -54.76 19.80 -12.94
C THR L 217 -56.11 20.15 -13.53
N ALA L 218 -56.12 20.96 -14.60
CA ALA L 218 -57.37 21.40 -15.19
C ALA L 218 -58.20 20.25 -15.75
N CYS L 219 -57.54 19.22 -16.30
CA CYS L 219 -58.23 18.07 -16.86
C CYS L 219 -58.02 16.81 -16.02
N GLN L 220 -57.88 16.96 -14.70
CA GLN L 220 -57.63 15.81 -13.84
C GLN L 220 -58.90 15.00 -13.58
N GLY L 221 -60.07 15.57 -13.80
CA GLY L 221 -61.33 14.89 -13.53
C GLY L 221 -61.54 13.63 -14.34
C10 A1CH5 M . 37.65 -11.39 -7.70
C13 A1CH5 M . 39.29 -9.24 -7.06
C15 A1CH5 M . 35.29 -13.51 -10.42
C17 A1CH5 M . 37.19 -14.98 -10.58
C20 A1CH5 M . 38.53 -8.78 -11.68
C21 A1CH5 M . 39.16 -7.42 -11.97
C22 A1CH5 M . 40.57 -7.39 -11.43
C24 A1CH5 M . 42.88 -7.51 -11.26
C26 A1CH5 M . 44.22 -7.68 -11.65
C28 A1CH5 M . 43.40 -8.11 -13.90
C01 A1CH5 M . 33.15 -10.59 -13.19
C02 A1CH5 M . 33.86 -11.70 -12.76
C03 A1CH5 M . 35.00 -11.56 -11.94
C04 A1CH5 M . 35.37 -10.24 -11.59
C05 A1CH5 M . 33.58 -9.33 -12.79
C06 A1CH5 M . 35.76 -12.75 -11.48
C07 A1CH5 M . 36.58 -9.98 -10.69
C08 A1CH5 M . 36.19 -9.93 -9.18
C09 A1CH5 M . 37.38 -10.13 -8.24
C11 A1CH5 M . 38.72 -11.58 -6.84
C12 A1CH5 M . 39.55 -10.50 -6.52
C14 A1CH5 M . 38.21 -9.05 -7.91
C16 A1CH5 M . 35.99 -14.62 -9.96
C18 A1CH5 M . 37.69 -14.22 -11.65
C19 A1CH5 M . 36.97 -13.11 -12.09
C23 A1CH5 M . 40.98 -7.14 -10.13
C25 A1CH5 M . 41.79 -7.64 -12.17
C27 A1CH5 M . 44.44 -7.99 -13.00
C29 A1CH5 M . 42.07 -7.94 -13.51
F01 A1CH5 M . 40.08 -8.19 -6.74
F02 A1CH5 M . 38.97 -12.80 -6.33
N01 A1CH5 M . 34.67 -9.15 -11.99
N02 A1CH5 M . 37.33 -8.79 -11.07
N03 A1CH5 M . 42.35 -7.21 -10.03
O01 A1CH5 M . 39.12 -9.81 -12.00
O02 A1CH5 M . 43.65 -8.41 -15.22
CL01 A1CH5 M . 38.06 -16.35 -10.02
C10 A1CH5 N . 32.19 -14.60 20.66
C13 A1CH5 N . 34.36 -12.93 20.16
C15 A1CH5 N . 29.83 -17.95 19.78
C17 A1CH5 N . 31.04 -19.05 21.56
C20 A1CH5 N . 34.76 -16.70 16.93
C21 A1CH5 N . 35.92 -16.20 16.05
C22 A1CH5 N . 37.07 -15.75 16.92
C24 A1CH5 N . 39.07 -15.64 18.08
C26 A1CH5 N . 40.32 -16.05 18.57
C28 A1CH5 N . 40.01 -18.14 17.36
C01 A1CH5 N . 29.60 -18.47 15.26
C02 A1CH5 N . 29.72 -18.78 16.61
C03 A1CH5 N . 30.63 -18.09 17.42
C04 A1CH5 N . 31.39 -17.07 16.82
C05 A1CH5 N . 30.39 -17.44 14.74
C06 A1CH5 N . 30.77 -18.43 18.86
C07 A1CH5 N . 32.40 -16.25 17.64
C08 A1CH5 N . 31.78 -14.94 18.20
C09 A1CH5 N . 32.56 -14.33 19.35
C11 A1CH5 N . 32.89 -14.04 21.73
C12 A1CH5 N . 33.98 -13.21 21.48
C14 A1CH5 N . 33.65 -13.49 19.09
C16 A1CH5 N . 29.96 -18.26 21.14
C18 A1CH5 N . 31.98 -19.52 20.65
C19 A1CH5 N . 31.83 -19.21 19.30
C23 A1CH5 N . 37.18 -14.54 17.58
C25 A1CH5 N . 38.28 -16.47 17.23
C27 A1CH5 N . 40.76 -17.32 18.19
C29 A1CH5 N . 38.76 -17.74 16.87
F01 A1CH5 N . 35.42 -12.13 19.90
F02 A1CH5 N . 32.51 -14.32 23.00
N01 A1CH5 N . 31.27 -16.74 15.50
N02 A1CH5 N . 33.62 -15.98 16.88
N03 A1CH5 N . 38.37 -14.47 18.27
O01 A1CH5 N . 34.92 -17.70 17.63
O02 A1CH5 N . 40.50 -19.37 17.02
CL01 A1CH5 N . 31.21 -19.42 23.24
C10 A1CH5 O . 19.69 7.05 35.49
C13 A1CH5 O . 22.35 7.65 34.85
C15 A1CH5 O . 16.81 4.48 36.57
C17 A1CH5 O . 17.14 5.30 38.81
C20 A1CH5 O . 22.42 2.97 36.14
C21 A1CH5 O . 23.84 2.54 35.77
C22 A1CH5 O . 24.85 3.55 36.28
C24 A1CH5 O . 26.48 4.64 37.53
C26 A1CH5 O . 27.42 4.86 38.54
C28 A1CH5 O . 26.84 2.67 39.43
C01 A1CH5 O . 17.38 0.44 34.50
C02 A1CH5 O . 17.08 1.37 35.50
C03 A1CH5 O . 17.98 2.41 35.77
C04 A1CH5 O . 19.16 2.47 35.01
C05 A1CH5 O . 18.58 0.57 33.79
C06 A1CH5 O . 17.67 3.41 36.82
C07 A1CH5 O . 20.17 3.60 35.25
C08 A1CH5 O . 19.86 4.81 34.32
C09 A1CH5 O . 20.47 6.13 34.76
C11 A1CH5 O . 20.25 8.26 35.88
C12 A1CH5 O . 21.58 8.56 35.57
C14 A1CH5 O . 21.78 6.43 34.45
C16 A1CH5 O . 16.53 5.42 37.56
C18 A1CH5 O . 18.01 4.24 39.07
C19 A1CH5 O . 18.28 3.30 38.09
C23 A1CH5 O . 25.14 4.79 35.74
C25 A1CH5 O . 25.71 3.44 37.44
C27 A1CH5 O . 27.58 3.85 39.49
C29 A1CH5 O . 25.90 2.45 38.41
F01 A1CH5 O . 23.63 7.92 34.53
F02 A1CH5 O . 19.50 9.13 36.58
N01 A1CH5 O . 19.46 1.57 34.03
N02 A1CH5 O . 21.57 3.17 35.12
N03 A1CH5 O . 26.10 5.44 36.47
O01 A1CH5 O . 22.11 3.11 37.33
O02 A1CH5 O . 27.05 1.71 40.37
CL01 A1CH5 O . 16.81 6.47 40.04
C10 A1CH5 P . 12.15 31.89 22.08
C13 A1CH5 P . 14.91 31.75 22.47
C15 A1CH5 P . 8.26 31.36 23.26
C17 A1CH5 P . 8.38 33.68 23.93
C20 A1CH5 P . 12.85 29.97 26.62
C21 A1CH5 P . 14.07 29.42 27.36
C22 A1CH5 P . 15.17 30.46 27.35
C24 A1CH5 P . 16.65 32.15 27.95
C26 A1CH5 P . 17.27 33.11 28.76
C28 A1CH5 P . 15.73 32.47 30.55
C01 A1CH5 P . 7.88 27.36 25.40
C02 A1CH5 P . 7.73 28.71 25.12
C03 A1CH5 P . 8.84 29.52 24.86
C04 A1CH5 P . 10.11 28.90 24.88
C05 A1CH5 P . 9.17 26.82 25.41
C06 A1CH5 P . 8.68 30.96 24.54
C07 A1CH5 P . 11.39 29.70 24.60
C08 A1CH5 P . 11.82 29.61 23.10
C09 A1CH5 P . 12.71 30.75 22.67
C11 A1CH5 P . 12.95 32.95 21.69
C12 A1CH5 P . 14.34 32.88 21.88
C14 A1CH5 P . 14.09 30.69 22.87
C16 A1CH5 P . 8.11 32.72 22.96
C18 A1CH5 P . 8.80 33.29 25.20
C19 A1CH5 P . 8.95 31.94 25.51
C23 A1CH5 P . 16.01 30.78 26.29
C25 A1CH5 P . 15.57 31.34 28.42
C27 A1CH5 P . 16.78 33.25 30.07
C29 A1CH5 P . 15.12 31.52 29.74
F01 A1CH5 P . 16.24 31.67 22.67
F02 A1CH5 P . 12.39 34.03 21.12
N01 A1CH5 P . 10.28 27.57 25.16
N02 A1CH5 P . 12.51 29.34 25.47
N03 A1CH5 P . 16.89 31.78 26.65
O01 A1CH5 P . 12.25 30.93 27.08
O02 A1CH5 P . 15.29 32.65 31.83
CL01 A1CH5 P . 8.21 35.36 23.56
C10 A1CH5 Q . 17.49 35.24 -6.41
C13 A1CH5 Q . 19.85 35.51 -4.92
C15 A1CH5 Q . 13.49 35.77 -6.87
C17 A1CH5 Q . 14.16 37.65 -8.21
C20 A1CH5 Q . 16.35 37.91 -2.30
C21 A1CH5 Q . 17.10 38.23 -1.00
C22 A1CH5 Q . 18.48 38.79 -1.30
C24 A1CH5 Q . 20.27 40.23 -1.59
C26 A1CH5 Q . 20.98 41.43 -1.64
C28 A1CH5 Q . 18.96 42.57 -0.91
C01 A1CH5 Q . 11.31 35.24 -2.87
C02 A1CH5 Q . 11.64 35.77 -4.13
C03 A1CH5 Q . 12.97 36.05 -4.44
C04 A1CH5 Q . 13.95 35.78 -3.46
C05 A1CH5 Q . 12.33 35.00 -1.96
C06 A1CH5 Q . 13.38 36.61 -5.76
C07 A1CH5 Q . 15.44 36.05 -3.73
C08 A1CH5 Q . 16.16 34.80 -4.32
C09 A1CH5 Q . 17.47 35.10 -5.01
C11 A1CH5 Q . 18.71 35.52 -7.05
C12 A1CH5 Q . 19.87 35.65 -6.31
C14 A1CH5 Q . 18.65 35.24 -4.27
C16 A1CH5 Q . 13.88 36.29 -8.10
C18 A1CH5 Q . 14.06 38.49 -7.11
C19 A1CH5 Q . 13.66 37.98 -5.88
C23 A1CH5 Q . 19.60 38.09 -1.71
C25 A1CH5 Q . 18.89 40.17 -1.22
C27 A1CH5 Q . 20.29 42.59 -1.27
C29 A1CH5 Q . 18.24 41.37 -0.88
F01 A1CH5 Q . 20.99 35.64 -4.21
F02 A1CH5 Q . 18.71 35.65 -8.40
N01 A1CH5 Q . 13.64 35.26 -2.23
N02 A1CH5 Q . 16.12 36.60 -2.55
N03 A1CH5 Q . 20.66 38.94 -1.89
O01 A1CH5 Q . 16.00 38.82 -3.04
O02 A1CH5 Q . 18.32 43.73 -0.57
CL01 A1CH5 Q . 14.65 38.30 -9.74
C10 A1CH5 R . 30.70 13.75 -21.13
C13 A1CH5 R . 32.54 15.00 -19.46
C15 A1CH5 R . 27.29 13.77 -23.61
C17 A1CH5 R . 28.95 13.66 -25.36
C20 A1CH5 R . 29.61 18.70 -21.37
C21 A1CH5 R . 30.09 19.93 -20.56
C22 A1CH5 R . 31.60 19.98 -20.51
C24 A1CH5 R . 33.83 20.52 -20.91
C26 A1CH5 R . 34.93 21.16 -21.50
C28 A1CH5 R . 33.37 22.39 -22.90
C01 A1CH5 R . 24.34 16.88 -22.07
C02 A1CH5 R . 25.12 16.13 -22.96
C03 A1CH5 R . 26.49 15.96 -22.72
C04 A1CH5 R . 27.04 16.58 -21.56
C05 A1CH5 R . 24.96 17.45 -20.95
C06 A1CH5 R . 27.34 15.17 -23.65
C07 A1CH5 R . 28.53 16.45 -21.21
C08 A1CH5 R . 28.82 15.23 -20.30
C09 A1CH5 R . 30.28 14.79 -20.30
C11 A1CH5 R . 32.03 13.34 -21.13
C12 A1CH5 R . 32.96 13.96 -20.29
C14 A1CH5 R . 31.21 15.41 -19.45
C16 A1CH5 R . 28.09 13.01 -24.47
C18 A1CH5 R . 29.00 15.05 -25.41
C19 A1CH5 R . 28.20 15.81 -24.55
C23 A1CH5 R . 32.44 19.25 -19.68
C25 A1CH5 R . 32.48 20.81 -21.31
C27 A1CH5 R . 34.67 22.10 -22.49
C29 A1CH5 R . 32.26 21.75 -22.32
F01 A1CH5 R . 33.43 15.61 -18.63
F02 A1CH5 R . 32.43 12.33 -21.94
N01 A1CH5 R . 26.28 17.31 -20.69
N02 A1CH5 R . 29.04 17.71 -20.66
N03 A1CH5 R . 33.75 19.57 -19.92
O01 A1CH5 R . 29.73 18.67 -22.58
O02 A1CH5 R . 33.16 23.32 -23.89
CL01 A1CH5 R . 29.93 12.72 -26.43
C10 A1CH5 S . -34.23 15.51 -16.64
C13 A1CH5 S . -35.90 13.38 -17.37
C15 A1CH5 S . -31.42 18.31 -17.45
C17 A1CH5 S . -33.30 19.80 -17.78
C20 A1CH5 S . -33.53 14.72 -21.45
C21 A1CH5 S . -33.94 13.65 -22.46
C22 A1CH5 S . -35.43 13.41 -22.39
C24 A1CH5 S . -37.70 13.36 -22.86
C26 A1CH5 S . -38.89 13.60 -23.56
C28 A1CH5 S . -37.58 14.77 -25.25
C01 A1CH5 S . -28.19 16.54 -20.15
C02 A1CH5 S . -29.10 17.46 -19.64
C03 A1CH5 S . -30.42 17.07 -19.39
C04 A1CH5 S . -30.78 15.73 -19.67
C05 A1CH5 S . -28.61 15.24 -20.41
C06 A1CH5 S . -31.42 18.02 -18.82
C07 A1CH5 S . -32.20 15.22 -19.41
C08 A1CH5 S . -32.32 14.56 -18.00
C09 A1CH5 S . -33.76 14.50 -17.48
C11 A1CH5 S . -35.54 15.45 -16.16
C12 A1CH5 S . -36.37 14.39 -16.53
C14 A1CH5 S . -34.59 13.44 -17.85
C16 A1CH5 S . -32.37 19.19 -16.94
C18 A1CH5 S . -33.30 19.51 -19.15
C19 A1CH5 S . -32.36 18.63 -19.66
C23 A1CH5 S . -36.12 12.73 -21.40
C25 A1CH5 S . -36.44 13.82 -23.34
C27 A1CH5 S . -38.80 14.31 -24.76
C29 A1CH5 S . -36.40 14.52 -24.56
F01 A1CH5 S . -36.68 12.35 -17.74
F02 A1CH5 S . -35.99 16.43 -15.35
N01 A1CH5 S . -29.88 14.82 -20.18
N02 A1CH5 S . -32.69 14.35 -20.47
N03 A1CH5 S . -37.47 12.71 -21.68
O01 A1CH5 S . -33.98 15.87 -21.56
O02 A1CH5 S . -37.55 15.46 -26.43
CL01 A1CH5 S . -34.46 20.89 -17.13
C10 A1CH5 T . -38.24 8.30 11.15
C13 A1CH5 T . -39.96 6.82 9.53
C15 A1CH5 T . -36.08 11.58 12.15
C17 A1CH5 T . -37.83 12.01 13.74
C20 A1CH5 T . -39.81 11.55 7.74
C21 A1CH5 T . -40.61 11.49 6.44
C22 A1CH5 T . -41.87 10.66 6.63
C24 A1CH5 T . -44.07 9.98 6.93
C26 A1CH5 T . -45.45 10.08 7.09
C28 A1CH5 T . -45.21 12.50 6.91
C01 A1CH5 T . -34.51 13.63 8.41
C02 A1CH5 T . -35.07 13.48 9.67
C03 A1CH5 T . -36.12 12.57 9.87
C04 A1CH5 T . -36.57 11.83 8.76
C05 A1CH5 T . -35.02 12.87 7.35
C06 A1CH5 T . -36.72 12.39 11.22
C07 A1CH5 T . -37.71 10.81 8.89
C08 A1CH5 T . -37.17 9.37 9.12
C09 A1CH5 T . -38.18 8.43 9.76
C11 A1CH5 T . -39.17 7.44 11.73
C12 A1CH5 T . -40.03 6.69 10.92
C14 A1CH5 T . -39.04 7.69 8.95
C16 A1CH5 T . -36.63 11.39 13.42
C18 A1CH5 T . -38.49 12.82 12.81
C19 A1CH5 T . -37.93 13.01 11.55
C23 A1CH5 T . -41.94 9.28 6.72
C25 A1CH5 T . -43.22 11.13 6.76
C27 A1CH5 T . -46.00 11.37 7.08
C29 A1CH5 T . -43.82 12.39 6.76
F01 A1CH5 T . -40.79 6.10 8.74
F02 A1CH5 T . -39.23 7.31 13.07
N01 A1CH5 T . -36.03 11.98 7.52
N02 A1CH5 T . -38.63 10.90 7.75
N03 A1CH5 T . -43.25 8.88 6.90
O01 A1CH5 T . -40.24 12.17 8.72
O02 A1CH5 T . -45.79 13.73 6.91
CL01 A1CH5 T . -38.53 11.78 15.30
C10 A1CH5 U . -29.20 -17.71 21.28
C13 A1CH5 U . -31.53 -18.00 19.78
C15 A1CH5 U . -26.77 -15.63 23.95
C17 A1CH5 U . -27.71 -17.20 25.52
C20 A1CH5 U . -32.15 -13.97 22.42
C21 A1CH5 U . -33.46 -13.40 21.86
C22 A1CH5 U . -34.53 -14.47 21.68
C24 A1CH5 U . -36.41 -15.80 21.97
C26 A1CH5 U . -37.58 -16.28 22.56
C28 A1CH5 U . -37.34 -14.57 24.28
C01 A1CH5 U . -27.14 -11.16 23.18
C02 A1CH5 U . -27.06 -12.37 23.87
C03 A1CH5 U . -27.89 -13.45 23.49
C04 A1CH5 U . -28.78 -13.25 22.43
C05 A1CH5 U . -28.04 -11.05 22.13
C06 A1CH5 U . -27.82 -14.75 24.21
C07 A1CH5 U . -29.72 -14.37 21.95
C08 A1CH5 U . -29.11 -15.23 20.81
C09 A1CH5 U . -29.77 -16.60 20.66
C11 A1CH5 U . -29.79 -18.97 21.14
C12 A1CH5 U . -30.96 -19.11 20.39
C14 A1CH5 U . -30.93 -16.74 19.91
C16 A1CH5 U . -26.71 -16.86 24.60
C18 A1CH5 U . -28.76 -16.34 25.78
C19 A1CH5 U . -28.82 -15.11 25.13
C23 A1CH5 U . -34.61 -15.41 20.68
C25 A1CH5 U . -35.68 -14.70 22.52
C27 A1CH5 U . -38.03 -15.65 23.71
C29 A1CH5 U . -36.16 -14.10 23.69
F01 A1CH5 U . -32.65 -18.12 19.05
F02 A1CH5 U . -29.24 -20.04 21.74
N01 A1CH5 U . -28.86 -12.07 21.75
N02 A1CH5 U . -31.07 -13.89 21.62
N03 A1CH5 U . -35.72 -16.20 20.85
O01 A1CH5 U . -32.12 -14.47 23.55
O02 A1CH5 U . -37.80 -13.97 25.41
CL01 A1CH5 U . -27.63 -18.73 26.32
C10 A1CH5 V . -16.45 -36.53 3.27
C13 A1CH5 V . -19.20 -36.65 2.80
C15 A1CH5 V . -13.26 -36.41 5.67
C17 A1CH5 V . -13.28 -38.81 5.52
C20 A1CH5 V . -18.79 -36.33 7.62
C21 A1CH5 V . -20.21 -36.06 8.14
C22 A1CH5 V . -21.19 -36.98 7.45
C24 A1CH5 V . -22.65 -38.73 6.99
C26 A1CH5 V . -23.39 -39.89 7.18
C28 A1CH5 V . -22.43 -40.03 9.41
C01 A1CH5 V . -13.94 -33.41 9.06
C02 A1CH5 V . -13.55 -34.58 8.40
C03 A1CH5 V . -14.45 -35.24 7.55
C04 A1CH5 V . -15.75 -34.69 7.40
C05 A1CH5 V . -15.23 -32.93 8.86
C06 A1CH5 V . -14.04 -36.48 6.84
C07 A1CH5 V . -16.80 -35.34 6.50
C08 A1CH5 V . -16.78 -34.76 5.05
C09 A1CH5 V . -17.32 -35.72 4.00
C11 A1CH5 V . -16.95 -37.40 2.31
C12 A1CH5 V . -18.33 -37.46 2.07
C14 A1CH5 V . -18.69 -35.78 3.76
C16 A1CH5 V . -12.88 -37.57 5.01
C18 A1CH5 V . -14.06 -38.89 6.67
C19 A1CH5 V . -14.43 -37.74 7.33
C23 A1CH5 V . -21.71 -36.85 6.17
C25 A1CH5 V . -21.79 -38.18 7.99
C27 A1CH5 V . -23.25 -40.53 8.41
C29 A1CH5 V . -21.69 -38.86 9.22
F01 A1CH5 V . -20.54 -36.71 2.57
F02 A1CH5 V . -16.11 -38.19 1.60
N01 A1CH5 V . -16.13 -33.55 8.05
N02 A1CH5 V . -18.15 -35.30 7.07
N03 A1CH5 V . -22.57 -37.88 5.90
O01 A1CH5 V . -18.32 -37.46 7.73
O02 A1CH5 V . -22.33 -40.69 10.61
CL01 A1CH5 V . -12.82 -40.26 4.71
C10 A1CH5 W . -12.57 -29.45 -24.79
C13 A1CH5 W . -15.25 -30.02 -24.30
C15 A1CH5 W . -8.50 -30.05 -24.27
C17 A1CH5 W . -8.71 -31.26 -26.33
C20 A1CH5 W . -12.58 -33.40 -21.82
C21 A1CH5 W . -13.63 -34.16 -21.01
C22 A1CH5 W . -14.84 -34.44 -21.89
C24 A1CH5 W . -16.45 -35.48 -23.20
C26 A1CH5 W . -17.11 -36.51 -23.88
C28 A1CH5 W . -15.40 -38.03 -23.08
C01 A1CH5 W . -7.70 -31.13 -19.91
C02 A1CH5 W . -7.65 -31.15 -21.31
C03 A1CH5 W . -8.83 -31.18 -22.06
C04 A1CH5 W . -10.05 -31.19 -21.35
C05 A1CH5 W . -8.96 -31.13 -19.29
C06 A1CH5 W . -8.77 -31.21 -23.55
C07 A1CH5 W . -11.40 -31.22 -22.11
C08 A1CH5 W . -12.00 -29.80 -22.34
C09 A1CH5 W . -12.99 -29.77 -23.50
C11 A1CH5 W . -13.49 -29.42 -25.84
C12 A1CH5 W . -14.84 -29.69 -25.59
C14 A1CH5 W . -14.34 -30.05 -23.26
C16 A1CH5 W . -8.45 -30.07 -25.66
C18 A1CH5 W . -8.99 -32.43 -25.63
C19 A1CH5 W . -9.03 -32.40 -24.24
C23 A1CH5 W . -15.79 -33.53 -22.31
C25 A1CH5 W . -15.25 -35.70 -22.45
C27 A1CH5 W . -16.56 -37.78 -23.80
C29 A1CH5 W . -14.73 -37.01 -22.40
F01 A1CH5 W . -16.56 -30.30 -24.05
F02 A1CH5 W . -13.07 -29.11 -27.08
N01 A1CH5 W . -10.12 -31.16 -19.99
N02 A1CH5 W . -12.35 -32.12 -21.46
N03 A1CH5 W . -16.74 -34.14 -23.08
O01 A1CH5 W . -11.99 -33.95 -22.75
O02 A1CH5 W . -14.90 -39.31 -23.03
CL01 A1CH5 W . -8.66 -31.31 -28.06
C10 A1CH5 X . -21.09 -3.28 -34.59
C13 A1CH5 X . -23.19 -5.08 -34.27
C15 A1CH5 X . -17.08 -2.37 -35.83
C17 A1CH5 X . -18.21 -1.65 -37.84
C20 A1CH5 X . -19.56 -7.73 -36.28
C21 A1CH5 X . -20.14 -9.14 -36.19
C22 A1CH5 X . -21.56 -9.15 -36.70
C24 A1CH5 X . -23.44 -9.42 -38.04
C26 A1CH5 X . -24.19 -9.77 -39.16
C28 A1CH5 X . -22.14 -10.50 -40.23
C01 A1CH5 X . -14.45 -5.86 -34.59
C02 A1CH5 X . -15.03 -4.84 -35.35
C03 A1CH5 X . -16.42 -4.77 -35.51
C04 A1CH5 X . -17.19 -5.76 -34.86
C05 A1CH5 X . -15.29 -6.80 -33.99
C06 A1CH5 X . -17.03 -3.68 -36.31
C07 A1CH5 X . -18.73 -5.76 -34.96
C08 A1CH5 X . -19.40 -4.98 -33.80
C09 A1CH5 X . -20.83 -4.56 -34.12
C11 A1CH5 X . -22.39 -2.89 -34.89
C12 A1CH5 X . -23.44 -3.79 -34.73
C14 A1CH5 X . -21.88 -5.47 -33.97
C16 A1CH5 X . -17.66 -1.35 -36.58
C18 A1CH5 X . -18.17 -2.95 -38.34
C19 A1CH5 X . -17.58 -3.96 -37.57
C23 A1CH5 X . -22.69 -8.71 -36.04
C25 A1CH5 X . -22.02 -9.61 -37.99
C27 A1CH5 X . -23.51 -10.31 -40.25
C29 A1CH5 X . -21.38 -10.16 -39.11
F01 A1CH5 X . -24.20 -5.96 -34.11
F02 A1CH5 X . -22.63 -1.63 -35.34
N01 A1CH5 X . -16.64 -6.76 -34.11
N02 A1CH5 X . -19.27 -7.12 -35.12
N03 A1CH5 X . -23.80 -8.88 -36.82
O01 A1CH5 X . -19.39 -7.20 -37.38
O02 A1CH5 X . -21.50 -11.04 -41.32
CL01 A1CH5 X . -18.93 -0.40 -38.78
#